data_2EBZ
#
_entry.id   2EBZ
#
_entity_poly.entity_id   1
_entity_poly.type   'polypeptide(L)'
_entity_poly.pdbx_seq_one_letter_code
;GSSGSSGRERRVASWAVSFERLLQDPVGVRYFSDFLRKEFSEENILFWQACEYFNHVPAHDKKELSYRAREIFSKFLCSK
ATTPVNIDSQAQLADDVLRAPHPDMFKEQQLQIFNLMKFDSYTRFLKSPLYQECILAEVEGRALPDSQQVPSSPA
;
_entity_poly.pdbx_strand_id   A
#
# COMPACT_ATOMS: atom_id res chain seq x y z
N GLY A 1 -19.73 31.84 -15.15
CA GLY A 1 -19.37 31.04 -14.00
C GLY A 1 -18.25 30.06 -14.29
N SER A 2 -17.16 30.17 -13.56
CA SER A 2 -16.01 29.29 -13.75
C SER A 2 -16.38 27.84 -13.40
N SER A 3 -15.58 26.90 -13.88
CA SER A 3 -15.83 25.49 -13.63
C SER A 3 -14.52 24.77 -13.29
N GLY A 4 -14.57 23.93 -12.25
CA GLY A 4 -13.38 23.20 -11.84
C GLY A 4 -12.45 24.03 -10.99
N SER A 5 -11.23 23.55 -10.81
CA SER A 5 -10.24 24.25 -10.00
C SER A 5 -9.00 24.60 -10.83
N SER A 6 -8.38 25.72 -10.49
CA SER A 6 -7.19 26.17 -11.21
C SER A 6 -5.97 26.16 -10.30
N GLY A 7 -6.07 25.43 -9.19
CA GLY A 7 -4.96 25.35 -8.25
C GLY A 7 -3.80 24.54 -8.79
N ARG A 8 -3.92 23.22 -8.73
CA ARG A 8 -2.87 22.34 -9.22
C ARG A 8 -3.41 21.37 -10.26
N GLU A 9 -2.52 20.58 -10.85
CA GLU A 9 -2.91 19.61 -11.86
C GLU A 9 -3.91 18.62 -11.29
N ARG A 10 -4.55 17.86 -12.18
CA ARG A 10 -5.54 16.87 -11.77
C ARG A 10 -4.87 15.70 -11.06
N ARG A 11 -4.96 15.68 -9.74
CA ARG A 11 -4.37 14.62 -8.94
C ARG A 11 -5.39 13.52 -8.63
N VAL A 12 -6.63 13.94 -8.40
CA VAL A 12 -7.71 13.00 -8.10
C VAL A 12 -7.84 11.94 -9.17
N ALA A 13 -7.87 12.37 -10.43
CA ALA A 13 -8.00 11.46 -11.56
C ALA A 13 -6.68 10.74 -11.81
N SER A 14 -5.57 11.42 -11.56
CA SER A 14 -4.24 10.84 -11.78
C SER A 14 -4.13 9.49 -11.08
N TRP A 15 -5.03 9.24 -10.14
CA TRP A 15 -5.03 7.98 -9.40
C TRP A 15 -5.69 6.87 -10.21
N ALA A 16 -5.97 7.16 -11.48
CA ALA A 16 -6.60 6.18 -12.37
C ALA A 16 -5.68 5.85 -13.54
N VAL A 17 -4.82 6.79 -13.90
CA VAL A 17 -3.89 6.60 -15.01
C VAL A 17 -2.97 5.42 -14.76
N SER A 18 -2.55 5.26 -13.51
CA SER A 18 -1.66 4.16 -13.14
C SER A 18 -1.55 4.05 -11.61
N PHE A 19 -0.96 2.95 -11.15
CA PHE A 19 -0.80 2.71 -9.73
C PHE A 19 0.31 3.60 -9.15
N GLU A 20 1.45 3.62 -9.84
CA GLU A 20 2.58 4.44 -9.40
C GLU A 20 2.12 5.83 -8.97
N ARG A 21 1.06 6.31 -9.60
CA ARG A 21 0.52 7.63 -9.29
C ARG A 21 -0.27 7.61 -7.98
N LEU A 22 -0.90 6.47 -7.70
CA LEU A 22 -1.67 6.32 -6.48
C LEU A 22 -0.80 6.48 -5.24
N LEU A 23 0.36 5.84 -5.25
CA LEU A 23 1.29 5.92 -4.13
C LEU A 23 2.05 7.25 -4.15
N GLN A 24 2.75 7.52 -5.25
CA GLN A 24 3.51 8.76 -5.38
C GLN A 24 2.78 9.91 -4.71
N ASP A 25 1.47 9.98 -4.92
CA ASP A 25 0.66 11.05 -4.34
C ASP A 25 0.25 10.70 -2.91
N PRO A 26 0.40 11.67 -2.00
CA PRO A 26 0.05 11.49 -0.59
C PRO A 26 -1.45 11.38 -0.37
N VAL A 27 -2.22 11.92 -1.31
CA VAL A 27 -3.67 11.89 -1.22
C VAL A 27 -4.22 10.53 -1.66
N GLY A 28 -3.67 9.99 -2.74
CA GLY A 28 -4.11 8.71 -3.23
C GLY A 28 -3.94 7.60 -2.21
N VAL A 29 -2.95 7.75 -1.34
CA VAL A 29 -2.68 6.75 -0.31
C VAL A 29 -3.60 6.95 0.90
N ARG A 30 -3.74 8.20 1.33
CA ARG A 30 -4.59 8.52 2.47
C ARG A 30 -6.00 7.96 2.27
N TYR A 31 -6.47 7.97 1.04
CA TYR A 31 -7.79 7.47 0.72
C TYR A 31 -7.76 5.95 0.52
N PHE A 32 -6.80 5.48 -0.26
CA PHE A 32 -6.67 4.05 -0.52
C PHE A 32 -6.61 3.26 0.78
N SER A 33 -5.73 3.67 1.68
CA SER A 33 -5.57 3.00 2.96
C SER A 33 -6.92 2.82 3.65
N ASP A 34 -7.60 3.94 3.90
CA ASP A 34 -8.90 3.91 4.56
C ASP A 34 -9.79 2.83 3.95
N PHE A 35 -9.92 2.85 2.64
CA PHE A 35 -10.74 1.87 1.94
C PHE A 35 -10.49 0.46 2.47
N LEU A 36 -9.24 0.01 2.39
CA LEU A 36 -8.87 -1.31 2.86
C LEU A 36 -9.41 -1.56 4.26
N ARG A 37 -9.21 -0.59 5.14
CA ARG A 37 -9.67 -0.69 6.52
C ARG A 37 -11.16 -1.01 6.57
N LYS A 38 -11.92 -0.48 5.61
CA LYS A 38 -13.35 -0.71 5.53
C LYS A 38 -13.67 -2.20 5.68
N GLU A 39 -12.86 -3.03 5.03
CA GLU A 39 -13.06 -4.48 5.09
C GLU A 39 -11.94 -5.15 5.89
N PHE A 40 -11.22 -4.35 6.66
CA PHE A 40 -10.13 -4.88 7.48
C PHE A 40 -9.06 -5.51 6.60
N SER A 41 -8.67 -4.81 5.53
CA SER A 41 -7.66 -5.31 4.61
C SER A 41 -6.42 -4.42 4.63
N GLU A 42 -6.33 -3.58 5.65
CA GLU A 42 -5.19 -2.66 5.78
C GLU A 42 -3.87 -3.42 5.61
N GLU A 43 -3.74 -4.54 6.30
CA GLU A 43 -2.52 -5.35 6.23
C GLU A 43 -2.00 -5.41 4.80
N ASN A 44 -2.93 -5.41 3.84
CA ASN A 44 -2.57 -5.48 2.43
C ASN A 44 -1.57 -4.37 2.07
N ILE A 45 -1.94 -3.14 2.40
CA ILE A 45 -1.09 -1.98 2.11
C ILE A 45 0.02 -1.85 3.16
N LEU A 46 -0.32 -2.16 4.41
CA LEU A 46 0.65 -2.07 5.49
C LEU A 46 1.88 -2.91 5.20
N PHE A 47 1.66 -4.09 4.61
CA PHE A 47 2.76 -4.99 4.28
C PHE A 47 3.65 -4.39 3.19
N TRP A 48 3.02 -4.00 2.08
CA TRP A 48 3.74 -3.41 0.97
C TRP A 48 4.71 -2.33 1.45
N GLN A 49 4.18 -1.33 2.14
CA GLN A 49 4.99 -0.24 2.66
C GLN A 49 6.24 -0.77 3.35
N ALA A 50 6.04 -1.72 4.26
CA ALA A 50 7.14 -2.32 5.01
C ALA A 50 8.27 -2.72 4.07
N CYS A 51 7.96 -3.57 3.09
CA CYS A 51 8.95 -4.04 2.13
C CYS A 51 9.81 -2.88 1.64
N GLU A 52 9.16 -1.90 1.00
CA GLU A 52 9.87 -0.75 0.46
C GLU A 52 10.94 -0.27 1.43
N TYR A 53 10.63 -0.31 2.72
CA TYR A 53 11.57 0.11 3.75
C TYR A 53 12.70 -0.90 3.92
N PHE A 54 12.35 -2.17 3.83
CA PHE A 54 13.33 -3.24 3.97
C PHE A 54 14.19 -3.35 2.71
N ASN A 55 13.57 -3.69 1.59
CA ASN A 55 14.28 -3.83 0.33
C ASN A 55 15.29 -2.70 0.15
N HIS A 56 14.85 -1.48 0.42
CA HIS A 56 15.72 -0.31 0.28
C HIS A 56 17.06 -0.55 0.98
N VAL A 57 17.01 -1.12 2.18
CA VAL A 57 18.21 -1.40 2.95
C VAL A 57 19.18 -2.25 2.15
N PRO A 58 20.48 -1.90 2.23
CA PRO A 58 21.54 -2.62 1.52
C PRO A 58 21.78 -4.02 2.10
N ALA A 59 22.29 -4.91 1.27
CA ALA A 59 22.58 -6.27 1.69
C ALA A 59 23.66 -6.31 2.77
N HIS A 60 24.77 -5.62 2.51
CA HIS A 60 25.87 -5.58 3.46
C HIS A 60 25.36 -5.33 4.87
N ASP A 61 24.51 -4.32 5.03
CA ASP A 61 23.96 -3.98 6.34
C ASP A 61 23.01 -5.08 6.82
N LYS A 62 23.47 -5.87 7.77
CA LYS A 62 22.68 -6.96 8.33
C LYS A 62 21.87 -6.50 9.53
N LYS A 63 22.56 -5.82 10.46
CA LYS A 63 21.92 -5.31 11.67
C LYS A 63 20.49 -4.85 11.37
N GLU A 64 20.35 -4.03 10.32
CA GLU A 64 19.04 -3.52 9.94
C GLU A 64 18.20 -4.61 9.27
N LEU A 65 18.68 -5.10 8.13
CA LEU A 65 17.97 -6.15 7.40
C LEU A 65 17.27 -7.12 8.36
N SER A 66 18.06 -7.75 9.21
CA SER A 66 17.52 -8.71 10.18
C SER A 66 16.35 -8.10 10.94
N TYR A 67 16.63 -7.05 11.71
CA TYR A 67 15.59 -6.39 12.49
C TYR A 67 14.27 -6.32 11.71
N ARG A 68 14.35 -5.83 10.48
CA ARG A 68 13.17 -5.70 9.64
C ARG A 68 12.67 -7.08 9.21
N ALA A 69 13.46 -7.78 8.40
CA ALA A 69 13.09 -9.10 7.93
C ALA A 69 12.30 -9.86 8.98
N ARG A 70 12.88 -10.00 10.17
CA ARG A 70 12.23 -10.71 11.26
C ARG A 70 10.89 -10.06 11.60
N GLU A 71 10.94 -8.79 11.99
CA GLU A 71 9.73 -8.06 12.36
C GLU A 71 8.66 -8.21 11.28
N ILE A 72 8.95 -7.72 10.08
CA ILE A 72 8.02 -7.80 8.98
C ILE A 72 7.47 -9.20 8.82
N PHE A 73 8.35 -10.20 8.91
CA PHE A 73 7.95 -11.60 8.78
C PHE A 73 6.94 -11.97 9.86
N SER A 74 7.41 -12.07 11.10
CA SER A 74 6.55 -12.43 12.22
C SER A 74 5.36 -11.46 12.32
N LYS A 75 5.39 -10.41 11.51
CA LYS A 75 4.33 -9.41 11.51
C LYS A 75 3.18 -9.85 10.62
N PHE A 76 3.50 -10.16 9.36
CA PHE A 76 2.49 -10.58 8.39
C PHE A 76 2.72 -12.04 7.98
N LEU A 77 3.99 -12.42 7.86
CA LEU A 77 4.34 -13.78 7.47
C LEU A 77 4.80 -14.59 8.68
N CYS A 78 3.93 -15.43 9.19
CA CYS A 78 4.24 -16.27 10.35
C CYS A 78 3.13 -17.29 10.60
N SER A 79 3.34 -18.14 11.60
CA SER A 79 2.37 -19.17 11.94
C SER A 79 1.27 -18.60 12.82
N LYS A 80 1.62 -17.65 13.68
CA LYS A 80 0.67 -17.02 14.58
C LYS A 80 0.56 -15.53 14.29
N ALA A 81 1.01 -15.12 13.12
CA ALA A 81 0.96 -13.72 12.72
C ALA A 81 -0.44 -13.15 12.90
N THR A 82 -0.53 -11.95 13.46
CA THR A 82 -1.81 -11.30 13.68
C THR A 82 -2.72 -11.44 12.47
N THR A 83 -2.27 -10.93 11.33
CA THR A 83 -3.04 -11.00 10.10
C THR A 83 -2.15 -11.35 8.91
N PRO A 84 -2.20 -12.64 8.50
CA PRO A 84 -1.41 -13.13 7.37
C PRO A 84 -1.88 -12.57 6.04
N VAL A 85 -0.94 -12.03 5.26
CA VAL A 85 -1.27 -11.45 3.95
C VAL A 85 -1.43 -12.55 2.91
N ASN A 86 -2.21 -12.25 1.87
CA ASN A 86 -2.45 -13.20 0.79
C ASN A 86 -1.19 -14.00 0.48
N ILE A 87 -0.04 -13.32 0.52
CA ILE A 87 1.24 -13.96 0.24
C ILE A 87 1.41 -15.22 1.09
N ASP A 88 1.98 -16.26 0.48
CA ASP A 88 2.21 -17.51 1.18
C ASP A 88 3.66 -17.61 1.67
N SER A 89 3.83 -17.89 2.95
CA SER A 89 5.16 -18.00 3.55
C SER A 89 5.84 -19.30 3.11
N GLN A 90 5.22 -20.00 2.16
CA GLN A 90 5.76 -21.25 1.66
C GLN A 90 7.12 -21.04 1.02
N ALA A 91 7.53 -19.77 0.90
CA ALA A 91 8.81 -19.44 0.31
C ALA A 91 9.95 -19.71 1.28
N GLN A 92 9.65 -20.43 2.35
CA GLN A 92 10.65 -20.76 3.37
C GLN A 92 11.54 -19.54 3.66
N LEU A 93 10.96 -18.36 3.56
CA LEU A 93 11.69 -17.12 3.81
C LEU A 93 12.30 -17.13 5.22
N ALA A 94 11.47 -17.45 6.21
CA ALA A 94 11.93 -17.49 7.59
C ALA A 94 13.36 -18.03 7.69
N ASP A 95 13.52 -19.32 7.45
CA ASP A 95 14.84 -19.95 7.50
C ASP A 95 15.90 -19.03 6.92
N ASP A 96 15.50 -18.22 5.94
CA ASP A 96 16.42 -17.30 5.29
C ASP A 96 16.48 -15.97 6.05
N VAL A 97 15.42 -15.18 5.91
CA VAL A 97 15.36 -13.88 6.58
C VAL A 97 15.92 -13.95 7.99
N LEU A 98 15.72 -15.10 8.64
CA LEU A 98 16.21 -15.30 10.00
C LEU A 98 17.73 -15.35 10.03
N ARG A 99 18.30 -16.30 9.29
CA ARG A 99 19.75 -16.45 9.22
C ARG A 99 20.38 -15.33 8.40
N ALA A 100 19.94 -15.19 7.16
CA ALA A 100 20.46 -14.16 6.27
C ALA A 100 19.42 -13.73 5.25
N PRO A 101 18.79 -12.57 5.48
CA PRO A 101 17.75 -12.04 4.60
C PRO A 101 18.33 -11.56 3.27
N HIS A 102 17.48 -10.95 2.44
CA HIS A 102 17.91 -10.44 1.14
C HIS A 102 17.12 -9.20 0.76
N PRO A 103 17.84 -8.12 0.44
CA PRO A 103 17.22 -6.84 0.04
C PRO A 103 16.55 -6.91 -1.32
N ASP A 104 16.67 -8.08 -1.97
CA ASP A 104 16.06 -8.27 -3.28
C ASP A 104 15.00 -9.37 -3.23
N MET A 105 15.26 -10.41 -2.45
CA MET A 105 14.33 -11.52 -2.31
C MET A 105 12.90 -11.01 -2.11
N PHE A 106 12.73 -10.11 -1.14
CA PHE A 106 11.42 -9.55 -0.85
C PHE A 106 10.76 -9.01 -2.12
N LYS A 107 11.56 -8.34 -2.95
CA LYS A 107 11.05 -7.77 -4.19
C LYS A 107 9.94 -8.64 -4.77
N GLU A 108 10.09 -9.95 -4.67
CA GLU A 108 9.10 -10.88 -5.18
C GLU A 108 7.79 -10.77 -4.40
N GLN A 109 7.86 -11.07 -3.11
CA GLN A 109 6.68 -11.00 -2.25
C GLN A 109 5.98 -9.64 -2.38
N GLN A 110 6.73 -8.57 -2.12
CA GLN A 110 6.19 -7.23 -2.22
C GLN A 110 5.35 -7.05 -3.48
N LEU A 111 5.91 -7.48 -4.61
CA LEU A 111 5.24 -7.37 -5.89
C LEU A 111 3.90 -8.12 -5.85
N GLN A 112 3.90 -9.28 -5.24
CA GLN A 112 2.69 -10.09 -5.13
C GLN A 112 1.49 -9.24 -4.70
N ILE A 113 1.66 -8.52 -3.60
CA ILE A 113 0.61 -7.66 -3.08
C ILE A 113 0.31 -6.51 -4.03
N PHE A 114 1.36 -5.84 -4.48
CA PHE A 114 1.22 -4.71 -5.40
C PHE A 114 0.17 -5.01 -6.46
N ASN A 115 0.35 -6.14 -7.16
CA ASN A 115 -0.59 -6.54 -8.20
C ASN A 115 -1.94 -6.93 -7.61
N LEU A 116 -1.90 -7.75 -6.56
CA LEU A 116 -3.12 -8.20 -5.89
C LEU A 116 -4.10 -7.04 -5.71
N MET A 117 -3.69 -6.05 -4.92
CA MET A 117 -4.53 -4.89 -4.66
C MET A 117 -4.85 -4.15 -5.97
N LYS A 118 -3.82 -3.95 -6.79
CA LYS A 118 -3.99 -3.26 -8.07
C LYS A 118 -5.19 -3.81 -8.83
N PHE A 119 -5.53 -5.07 -8.56
CA PHE A 119 -6.66 -5.71 -9.23
C PHE A 119 -7.74 -6.09 -8.23
N ASP A 120 -7.38 -6.05 -6.95
CA ASP A 120 -8.33 -6.38 -5.88
C ASP A 120 -8.95 -5.12 -5.28
N SER A 121 -8.12 -4.33 -4.61
CA SER A 121 -8.59 -3.10 -3.98
C SER A 121 -8.60 -1.95 -4.98
N TYR A 122 -7.42 -1.61 -5.49
CA TYR A 122 -7.29 -0.52 -6.46
C TYR A 122 -8.50 -0.47 -7.38
N THR A 123 -8.95 -1.64 -7.83
CA THR A 123 -10.10 -1.72 -8.72
C THR A 123 -11.37 -1.24 -8.03
N ARG A 124 -11.71 -1.87 -6.92
CA ARG A 124 -12.90 -1.50 -6.16
C ARG A 124 -12.83 -0.04 -5.71
N PHE A 125 -11.70 0.33 -5.12
CA PHE A 125 -11.51 1.70 -4.64
C PHE A 125 -12.17 2.70 -5.58
N LEU A 126 -11.97 2.49 -6.88
CA LEU A 126 -12.54 3.38 -7.90
C LEU A 126 -14.04 3.14 -8.04
N LYS A 127 -14.45 1.88 -7.96
CA LYS A 127 -15.85 1.51 -8.08
C LYS A 127 -16.66 2.08 -6.92
N SER A 128 -16.02 2.20 -5.76
CA SER A 128 -16.69 2.71 -4.57
C SER A 128 -16.91 4.21 -4.69
N PRO A 129 -17.91 4.72 -3.94
CA PRO A 129 -18.26 6.15 -3.95
C PRO A 129 -17.18 7.01 -3.28
N LEU A 130 -16.44 6.41 -2.35
CA LEU A 130 -15.39 7.12 -1.64
C LEU A 130 -14.49 7.87 -2.61
N TYR A 131 -13.89 7.14 -3.54
CA TYR A 131 -13.00 7.73 -4.53
C TYR A 131 -13.69 8.89 -5.25
N GLN A 132 -14.96 8.69 -5.60
CA GLN A 132 -15.73 9.71 -6.30
C GLN A 132 -15.76 11.00 -5.50
N GLU A 133 -15.82 10.89 -4.17
CA GLU A 133 -15.85 12.05 -3.30
C GLU A 133 -14.89 13.13 -3.79
N CYS A 134 -13.66 12.73 -4.08
CA CYS A 134 -12.65 13.66 -4.57
C CYS A 134 -12.91 14.05 -6.02
N ILE A 135 -13.50 13.13 -6.77
CA ILE A 135 -13.81 13.37 -8.17
C ILE A 135 -14.75 14.58 -8.33
N LEU A 136 -15.86 14.55 -7.61
CA LEU A 136 -16.83 15.64 -7.67
C LEU A 136 -16.15 17.00 -7.45
N ALA A 137 -15.26 17.05 -6.47
CA ALA A 137 -14.53 18.28 -6.17
C ALA A 137 -13.62 18.67 -7.31
N GLU A 138 -13.12 17.68 -8.03
CA GLU A 138 -12.22 17.92 -9.16
C GLU A 138 -13.00 18.42 -10.37
N VAL A 139 -14.09 17.73 -10.70
CA VAL A 139 -14.92 18.11 -11.83
C VAL A 139 -15.72 19.37 -11.54
N GLU A 140 -16.11 19.54 -10.28
CA GLU A 140 -16.88 20.71 -9.86
C GLU A 140 -15.95 21.88 -9.52
N GLY A 141 -15.00 21.62 -8.63
CA GLY A 141 -14.06 22.65 -8.23
C GLY A 141 -14.15 22.98 -6.75
N ARG A 142 -14.34 21.95 -5.93
CA ARG A 142 -14.46 22.12 -4.49
C ARG A 142 -13.30 21.43 -3.76
N ALA A 143 -13.23 21.64 -2.46
CA ALA A 143 -12.18 21.03 -1.64
C ALA A 143 -12.41 19.53 -1.48
N LEU A 144 -11.37 18.83 -1.02
CA LEU A 144 -11.45 17.39 -0.82
C LEU A 144 -11.79 17.06 0.63
N PRO A 145 -12.70 16.09 0.82
CA PRO A 145 -13.13 15.66 2.16
C PRO A 145 -12.03 14.92 2.91
N ASP A 146 -12.39 14.31 4.03
CA ASP A 146 -11.43 13.57 4.84
C ASP A 146 -11.80 12.09 4.90
N SER A 147 -11.05 11.26 4.17
CA SER A 147 -11.30 9.83 4.13
C SER A 147 -11.76 9.32 5.50
N GLN A 148 -10.93 9.54 6.51
CA GLN A 148 -11.26 9.11 7.86
C GLN A 148 -12.67 9.56 8.26
N GLN A 149 -12.96 10.83 8.01
CA GLN A 149 -14.27 11.39 8.36
C GLN A 149 -15.39 10.60 7.68
N VAL A 150 -15.18 10.26 6.41
CA VAL A 150 -16.17 9.50 5.65
C VAL A 150 -16.57 8.23 6.39
N PRO A 151 -17.89 8.04 6.57
CA PRO A 151 -18.43 6.87 7.25
C PRO A 151 -18.26 5.59 6.45
N SER A 152 -17.71 4.57 7.09
CA SER A 152 -17.48 3.28 6.43
C SER A 152 -18.77 2.76 5.79
N SER A 153 -19.87 2.86 6.53
CA SER A 153 -21.16 2.41 6.04
C SER A 153 -21.68 3.32 4.93
N PRO A 154 -22.04 2.71 3.79
CA PRO A 154 -22.55 3.45 2.63
C PRO A 154 -23.95 4.02 2.87
N ALA A 155 -24.42 4.82 1.93
CA ALA A 155 -25.74 5.43 2.05
C ALA A 155 -26.84 4.47 1.60
N GLY A 1 -7.18 38.55 -5.54
CA GLY A 1 -6.31 37.56 -6.12
C GLY A 1 -6.80 37.07 -7.47
N SER A 2 -6.65 37.90 -8.50
CA SER A 2 -7.08 37.54 -9.84
C SER A 2 -5.91 37.02 -10.68
N SER A 3 -4.89 37.85 -10.84
CA SER A 3 -3.72 37.47 -11.61
C SER A 3 -2.97 36.32 -10.94
N GLY A 4 -2.68 36.49 -9.66
CA GLY A 4 -1.97 35.46 -8.92
C GLY A 4 -2.77 34.17 -8.80
N SER A 5 -2.38 33.16 -9.57
CA SER A 5 -3.08 31.88 -9.55
C SER A 5 -2.13 30.74 -9.91
N SER A 6 -2.06 29.73 -9.05
CA SER A 6 -1.19 28.59 -9.26
C SER A 6 -2.00 27.31 -9.46
N GLY A 7 -1.82 26.67 -10.61
CA GLY A 7 -2.55 25.44 -10.89
C GLY A 7 -1.63 24.31 -11.28
N ARG A 8 -1.93 23.10 -10.81
CA ARG A 8 -1.13 21.93 -11.11
C ARG A 8 -1.98 20.84 -11.77
N GLU A 9 -1.32 19.78 -12.23
CA GLU A 9 -2.01 18.68 -12.89
C GLU A 9 -3.02 18.02 -11.95
N ARG A 10 -3.88 17.17 -12.50
CA ARG A 10 -4.89 16.49 -11.71
C ARG A 10 -4.28 15.34 -10.91
N ARG A 11 -4.37 15.43 -9.60
CA ARG A 11 -3.82 14.39 -8.72
C ARG A 11 -4.89 13.37 -8.35
N VAL A 12 -6.11 13.85 -8.13
CA VAL A 12 -7.21 12.97 -7.77
C VAL A 12 -7.48 11.94 -8.85
N ALA A 13 -7.48 12.39 -10.10
CA ALA A 13 -7.70 11.50 -11.23
C ALA A 13 -6.50 10.61 -11.48
N SER A 14 -5.31 11.16 -11.29
CA SER A 14 -4.08 10.41 -11.50
C SER A 14 -4.13 9.06 -10.80
N TRP A 15 -5.01 8.96 -9.80
CA TRP A 15 -5.16 7.72 -9.04
C TRP A 15 -5.97 6.70 -9.83
N ALA A 16 -6.24 7.01 -11.10
CA ALA A 16 -7.00 6.11 -11.96
C ALA A 16 -6.17 5.64 -13.15
N VAL A 17 -5.34 6.55 -13.67
CA VAL A 17 -4.49 6.24 -14.82
C VAL A 17 -3.65 4.99 -14.54
N SER A 18 -3.20 4.84 -13.30
CA SER A 18 -2.39 3.70 -12.91
C SER A 18 -2.26 3.60 -11.39
N PHE A 19 -1.97 2.41 -10.91
CA PHE A 19 -1.83 2.18 -9.46
C PHE A 19 -0.71 3.04 -8.89
N GLU A 20 0.41 3.08 -9.61
CA GLU A 20 1.57 3.86 -9.16
C GLU A 20 1.14 5.27 -8.74
N ARG A 21 0.60 6.02 -9.69
CA ARG A 21 0.15 7.39 -9.42
C ARG A 21 -0.54 7.47 -8.07
N LEU A 22 -1.42 6.52 -7.80
CA LEU A 22 -2.15 6.48 -6.54
C LEU A 22 -1.20 6.45 -5.35
N LEU A 23 -0.12 5.69 -5.48
CA LEU A 23 0.88 5.58 -4.42
C LEU A 23 1.78 6.82 -4.38
N GLN A 24 2.31 7.19 -5.54
CA GLN A 24 3.19 8.35 -5.64
C GLN A 24 2.65 9.51 -4.80
N ASP A 25 1.37 9.83 -5.01
CA ASP A 25 0.73 10.92 -4.27
C ASP A 25 0.31 10.46 -2.88
N PRO A 26 0.58 11.30 -1.87
CA PRO A 26 0.23 11.00 -0.48
C PRO A 26 -1.26 11.03 -0.23
N VAL A 27 -1.96 11.91 -0.95
CA VAL A 27 -3.41 12.03 -0.81
C VAL A 27 -4.11 10.76 -1.24
N GLY A 28 -3.73 10.25 -2.41
CA GLY A 28 -4.34 9.04 -2.92
C GLY A 28 -4.26 7.89 -1.93
N VAL A 29 -3.08 7.67 -1.37
CA VAL A 29 -2.88 6.59 -0.41
C VAL A 29 -3.76 6.80 0.82
N ARG A 30 -3.77 8.01 1.34
CA ARG A 30 -4.56 8.34 2.53
C ARG A 30 -5.91 7.62 2.48
N TYR A 31 -6.72 7.95 1.48
CA TYR A 31 -8.04 7.35 1.33
C TYR A 31 -7.92 5.85 1.06
N PHE A 32 -7.07 5.49 0.11
CA PHE A 32 -6.86 4.10 -0.25
C PHE A 32 -6.80 3.21 0.99
N SER A 33 -6.09 3.69 2.01
CA SER A 33 -5.94 2.95 3.26
C SER A 33 -7.28 2.86 3.99
N ASP A 34 -7.98 3.98 4.05
CA ASP A 34 -9.28 4.03 4.72
C ASP A 34 -10.22 2.96 4.17
N PHE A 35 -10.26 2.83 2.85
CA PHE A 35 -11.11 1.84 2.21
C PHE A 35 -10.79 0.43 2.69
N LEU A 36 -9.54 0.02 2.49
CA LEU A 36 -9.10 -1.31 2.91
C LEU A 36 -9.58 -1.62 4.32
N ARG A 37 -9.32 -0.70 5.25
CA ARG A 37 -9.73 -0.88 6.63
C ARG A 37 -11.20 -1.28 6.73
N LYS A 38 -12.02 -0.71 5.84
CA LYS A 38 -13.44 -1.01 5.80
C LYS A 38 -13.70 -2.51 5.88
N GLU A 39 -12.90 -3.28 5.14
CA GLU A 39 -13.04 -4.72 5.12
C GLU A 39 -11.87 -5.39 5.83
N PHE A 40 -11.15 -4.61 6.63
CA PHE A 40 -9.99 -5.12 7.36
C PHE A 40 -8.90 -5.60 6.40
N SER A 41 -8.66 -4.82 5.36
CA SER A 41 -7.65 -5.15 4.36
C SER A 41 -6.40 -4.30 4.54
N GLU A 42 -6.27 -3.68 5.71
CA GLU A 42 -5.12 -2.83 6.00
C GLU A 42 -3.83 -3.63 5.96
N GLU A 43 -3.75 -4.65 6.81
CA GLU A 43 -2.56 -5.51 6.86
C GLU A 43 -1.98 -5.74 5.47
N ASN A 44 -2.86 -5.79 4.47
CA ASN A 44 -2.44 -6.00 3.09
C ASN A 44 -1.52 -4.89 2.63
N ILE A 45 -2.03 -3.66 2.62
CA ILE A 45 -1.24 -2.51 2.20
C ILE A 45 -0.04 -2.30 3.11
N LEU A 46 -0.18 -2.69 4.38
CA LEU A 46 0.89 -2.55 5.35
C LEU A 46 2.14 -3.30 4.90
N PHE A 47 1.94 -4.54 4.43
CA PHE A 47 3.05 -5.36 3.97
C PHE A 47 3.86 -4.64 2.89
N TRP A 48 3.16 -4.00 1.96
CA TRP A 48 3.80 -3.28 0.88
C TRP A 48 4.61 -2.10 1.41
N GLN A 49 3.98 -1.30 2.27
CA GLN A 49 4.64 -0.14 2.86
C GLN A 49 5.92 -0.55 3.58
N ALA A 50 5.81 -1.55 4.45
CA ALA A 50 6.96 -2.03 5.20
C ALA A 50 8.08 -2.48 4.27
N CYS A 51 7.71 -3.26 3.26
CA CYS A 51 8.69 -3.77 2.30
C CYS A 51 9.46 -2.62 1.67
N GLU A 52 8.75 -1.64 1.14
CA GLU A 52 9.36 -0.49 0.50
C GLU A 52 10.56 -0.01 1.30
N TYR A 53 10.40 0.09 2.62
CA TYR A 53 11.47 0.54 3.49
C TYR A 53 12.62 -0.46 3.50
N PHE A 54 12.30 -1.72 3.76
CA PHE A 54 13.31 -2.78 3.79
C PHE A 54 14.24 -2.69 2.58
N ASN A 55 13.64 -2.66 1.39
CA ASN A 55 14.41 -2.59 0.15
C ASN A 55 15.47 -1.49 0.25
N HIS A 56 15.05 -0.28 0.58
CA HIS A 56 15.97 0.84 0.71
C HIS A 56 17.25 0.42 1.42
N VAL A 57 17.10 -0.33 2.50
CA VAL A 57 18.25 -0.81 3.27
C VAL A 57 19.20 -1.61 2.39
N PRO A 58 20.50 -1.23 2.41
CA PRO A 58 21.52 -1.90 1.62
C PRO A 58 21.83 -3.30 2.14
N ALA A 59 22.26 -4.18 1.24
CA ALA A 59 22.60 -5.55 1.62
C ALA A 59 23.63 -5.58 2.74
N HIS A 60 24.76 -4.91 2.51
CA HIS A 60 25.83 -4.86 3.50
C HIS A 60 25.27 -4.69 4.91
N ASP A 61 24.43 -3.68 5.08
CA ASP A 61 23.82 -3.41 6.38
C ASP A 61 22.93 -4.56 6.81
N LYS A 62 23.42 -5.35 7.77
CA LYS A 62 22.67 -6.49 8.27
C LYS A 62 21.82 -6.09 9.46
N LYS A 63 22.39 -5.30 10.36
CA LYS A 63 21.69 -4.84 11.55
C LYS A 63 20.26 -4.43 11.21
N GLU A 64 20.10 -3.70 10.12
CA GLU A 64 18.78 -3.24 9.69
C GLU A 64 17.98 -4.39 9.08
N LEU A 65 18.49 -4.93 7.97
CA LEU A 65 17.83 -6.03 7.28
C LEU A 65 17.17 -6.98 8.28
N SER A 66 17.99 -7.58 9.15
CA SER A 66 17.49 -8.50 10.16
C SER A 66 16.25 -7.94 10.84
N TYR A 67 16.37 -6.75 11.39
CA TYR A 67 15.26 -6.11 12.08
C TYR A 67 14.02 -6.07 11.19
N ARG A 68 14.11 -5.34 10.09
CA ARG A 68 12.99 -5.21 9.16
C ARG A 68 12.49 -6.59 8.74
N ALA A 69 13.34 -7.36 8.08
CA ALA A 69 12.98 -8.70 7.62
C ALA A 69 12.28 -9.47 8.74
N ARG A 70 13.00 -9.71 9.83
CA ARG A 70 12.45 -10.45 10.96
C ARG A 70 11.09 -9.88 11.38
N GLU A 71 11.02 -8.55 11.49
CA GLU A 71 9.79 -7.88 11.88
C GLU A 71 8.67 -8.21 10.90
N ILE A 72 8.83 -7.77 9.66
CA ILE A 72 7.83 -8.01 8.62
C ILE A 72 7.30 -9.44 8.68
N PHE A 73 8.23 -10.40 8.67
CA PHE A 73 7.86 -11.81 8.74
C PHE A 73 7.11 -12.13 10.02
N SER A 74 7.81 -12.00 11.15
CA SER A 74 7.22 -12.28 12.45
C SER A 74 5.95 -11.46 12.66
N LYS A 75 5.68 -10.56 11.72
CA LYS A 75 4.50 -9.70 11.80
C LYS A 75 3.36 -10.27 10.95
N PHE A 76 3.61 -10.42 9.66
CA PHE A 76 2.60 -10.95 8.75
C PHE A 76 2.83 -12.44 8.49
N LEU A 77 4.03 -12.78 8.03
CA LEU A 77 4.37 -14.16 7.75
C LEU A 77 5.12 -14.79 8.92
N CYS A 78 4.41 -15.60 9.71
CA CYS A 78 5.01 -16.25 10.86
C CYS A 78 4.04 -17.27 11.46
N SER A 79 4.52 -18.02 12.45
CA SER A 79 3.70 -19.03 13.10
C SER A 79 2.59 -18.39 13.92
N LYS A 80 1.37 -18.45 13.41
CA LYS A 80 0.22 -17.88 14.09
C LYS A 80 0.30 -16.35 14.11
N ALA A 81 0.83 -15.77 13.03
CA ALA A 81 0.97 -14.33 12.93
C ALA A 81 -0.35 -13.63 13.21
N THR A 82 -0.30 -12.52 13.94
CA THR A 82 -1.49 -11.76 14.28
C THR A 82 -2.41 -11.63 13.07
N THR A 83 -1.87 -11.10 11.97
CA THR A 83 -2.64 -10.92 10.74
C THR A 83 -1.79 -11.21 9.51
N PRO A 84 -2.00 -12.41 8.93
CA PRO A 84 -1.27 -12.84 7.74
C PRO A 84 -1.67 -12.05 6.50
N VAL A 85 -0.88 -12.19 5.43
CA VAL A 85 -1.15 -11.49 4.18
C VAL A 85 -1.43 -12.48 3.05
N ASN A 86 -2.18 -12.03 2.04
CA ASN A 86 -2.51 -12.87 0.90
C ASN A 86 -1.34 -13.80 0.55
N ILE A 87 -0.12 -13.30 0.72
CA ILE A 87 1.07 -14.09 0.43
C ILE A 87 1.14 -15.33 1.32
N ASP A 88 1.86 -16.34 0.85
CA ASP A 88 2.01 -17.58 1.61
C ASP A 88 3.42 -17.70 2.18
N SER A 89 3.51 -17.96 3.48
CA SER A 89 4.80 -18.10 4.15
C SER A 89 5.44 -19.43 3.84
N GLN A 90 4.94 -20.10 2.80
CA GLN A 90 5.46 -21.39 2.38
C GLN A 90 6.65 -21.23 1.44
N ALA A 91 7.20 -20.02 1.40
CA ALA A 91 8.34 -19.73 0.55
C ALA A 91 9.66 -19.95 1.28
N GLN A 92 9.59 -20.70 2.39
CA GLN A 92 10.78 -20.98 3.18
C GLN A 92 11.57 -19.71 3.47
N LEU A 93 10.85 -18.59 3.58
CA LEU A 93 11.49 -17.31 3.85
C LEU A 93 12.11 -17.29 5.25
N ALA A 94 11.29 -17.58 6.26
CA ALA A 94 11.77 -17.60 7.64
C ALA A 94 13.17 -18.16 7.73
N ASP A 95 13.30 -19.46 7.48
CA ASP A 95 14.59 -20.12 7.54
C ASP A 95 15.70 -19.21 7.02
N ASP A 96 15.36 -18.36 6.05
CA ASP A 96 16.31 -17.43 5.47
C ASP A 96 16.28 -16.09 6.20
N VAL A 97 15.25 -15.31 5.94
CA VAL A 97 15.09 -14.00 6.57
C VAL A 97 15.63 -14.02 8.00
N LEU A 98 15.50 -15.16 8.66
CA LEU A 98 15.98 -15.31 10.03
C LEU A 98 17.50 -15.35 10.08
N ARG A 99 18.09 -16.34 9.39
CA ARG A 99 19.53 -16.49 9.37
C ARG A 99 20.18 -15.35 8.58
N ALA A 100 19.71 -15.14 7.35
CA ALA A 100 20.23 -14.09 6.50
C ALA A 100 19.22 -13.68 5.44
N PRO A 101 18.59 -12.51 5.65
CA PRO A 101 17.58 -11.97 4.73
C PRO A 101 18.20 -11.52 3.40
N HIS A 102 17.40 -10.86 2.58
CA HIS A 102 17.85 -10.36 1.29
C HIS A 102 17.08 -9.12 0.87
N PRO A 103 17.82 -8.04 0.54
CA PRO A 103 17.22 -6.77 0.12
C PRO A 103 16.55 -6.87 -1.25
N ASP A 104 16.69 -8.03 -1.89
CA ASP A 104 16.11 -8.25 -3.21
C ASP A 104 15.05 -9.35 -3.15
N MET A 105 15.32 -10.38 -2.35
CA MET A 105 14.39 -11.49 -2.22
C MET A 105 12.96 -10.99 -1.98
N PHE A 106 12.80 -10.11 -0.99
CA PHE A 106 11.50 -9.55 -0.66
C PHE A 106 10.84 -8.95 -1.90
N LYS A 107 11.61 -8.21 -2.68
CA LYS A 107 11.10 -7.58 -3.89
C LYS A 107 10.02 -8.44 -4.53
N GLU A 108 10.27 -9.74 -4.60
CA GLU A 108 9.31 -10.67 -5.19
C GLU A 108 7.96 -10.58 -4.49
N GLN A 109 7.94 -10.89 -3.20
CA GLN A 109 6.71 -10.84 -2.41
C GLN A 109 6.00 -9.51 -2.60
N GLN A 110 6.71 -8.42 -2.35
CA GLN A 110 6.15 -7.07 -2.50
C GLN A 110 5.27 -6.99 -3.74
N LEU A 111 5.72 -7.62 -4.82
CA LEU A 111 4.97 -7.62 -6.07
C LEU A 111 3.63 -8.33 -5.92
N GLN A 112 3.64 -9.43 -5.18
CA GLN A 112 2.42 -10.21 -4.95
C GLN A 112 1.29 -9.30 -4.48
N ILE A 113 1.53 -8.58 -3.39
CA ILE A 113 0.53 -7.68 -2.83
C ILE A 113 0.28 -6.50 -3.76
N PHE A 114 1.35 -5.99 -4.38
CA PHE A 114 1.24 -4.86 -5.29
C PHE A 114 0.19 -5.13 -6.36
N ASN A 115 0.29 -6.28 -7.02
CA ASN A 115 -0.65 -6.65 -8.07
C ASN A 115 -2.01 -7.03 -7.47
N LEU A 116 -1.98 -7.85 -6.42
CA LEU A 116 -3.20 -8.28 -5.76
C LEU A 116 -4.20 -7.13 -5.64
N MET A 117 -3.82 -6.11 -4.87
CA MET A 117 -4.68 -4.95 -4.69
C MET A 117 -4.88 -4.20 -6.00
N LYS A 118 -3.80 -3.97 -6.71
CA LYS A 118 -3.85 -3.27 -7.99
C LYS A 118 -5.00 -3.79 -8.86
N PHE A 119 -5.41 -5.02 -8.59
CA PHE A 119 -6.49 -5.64 -9.35
C PHE A 119 -7.68 -5.94 -8.44
N ASP A 120 -7.42 -6.02 -7.13
CA ASP A 120 -8.47 -6.31 -6.16
C ASP A 120 -9.07 -5.01 -5.61
N SER A 121 -8.27 -4.29 -4.82
CA SER A 121 -8.73 -3.04 -4.24
C SER A 121 -8.75 -1.93 -5.27
N TYR A 122 -7.57 -1.60 -5.79
CA TYR A 122 -7.44 -0.55 -6.79
C TYR A 122 -8.66 -0.51 -7.70
N THR A 123 -9.08 -1.68 -8.16
CA THR A 123 -10.25 -1.78 -9.04
C THR A 123 -11.52 -1.33 -8.33
N ARG A 124 -11.70 -1.80 -7.11
CA ARG A 124 -12.89 -1.45 -6.32
C ARG A 124 -12.85 0.03 -5.93
N PHE A 125 -11.73 0.44 -5.34
CA PHE A 125 -11.57 1.83 -4.91
C PHE A 125 -12.26 2.78 -5.87
N LEU A 126 -12.12 2.51 -7.16
CA LEU A 126 -12.73 3.35 -8.19
C LEU A 126 -14.24 3.11 -8.26
N LYS A 127 -14.64 1.85 -8.12
CA LYS A 127 -16.05 1.49 -8.15
C LYS A 127 -16.81 2.10 -6.98
N SER A 128 -16.12 2.23 -5.84
CA SER A 128 -16.73 2.79 -4.64
C SER A 128 -16.91 4.30 -4.79
N PRO A 129 -17.91 4.84 -4.06
CA PRO A 129 -18.21 6.28 -4.09
C PRO A 129 -17.13 7.11 -3.42
N LEU A 130 -16.47 6.53 -2.42
CA LEU A 130 -15.42 7.22 -1.70
C LEU A 130 -14.46 7.92 -2.66
N TYR A 131 -13.88 7.15 -3.57
CA TYR A 131 -12.95 7.70 -4.56
C TYR A 131 -13.58 8.87 -5.30
N GLN A 132 -14.84 8.74 -5.68
CA GLN A 132 -15.55 9.79 -6.39
C GLN A 132 -15.54 11.09 -5.59
N GLU A 133 -15.66 10.96 -4.28
CA GLU A 133 -15.67 12.13 -3.40
C GLU A 133 -14.64 13.16 -3.86
N CYS A 134 -13.40 12.71 -4.04
CA CYS A 134 -12.33 13.60 -4.47
C CYS A 134 -12.49 13.97 -5.94
N ILE A 135 -13.01 13.03 -6.73
CA ILE A 135 -13.22 13.26 -8.15
C ILE A 135 -14.12 14.46 -8.39
N LEU A 136 -15.30 14.44 -7.80
CA LEU A 136 -16.26 15.54 -7.94
C LEU A 136 -15.62 16.87 -7.55
N ALA A 137 -14.86 16.87 -6.47
CA ALA A 137 -14.19 18.07 -6.00
C ALA A 137 -13.17 18.57 -7.02
N GLU A 138 -12.53 17.63 -7.72
CA GLU A 138 -11.53 17.98 -8.72
C GLU A 138 -12.20 18.48 -10.00
N VAL A 139 -13.09 17.65 -10.55
CA VAL A 139 -13.80 18.01 -11.77
C VAL A 139 -14.61 19.28 -11.60
N GLU A 140 -15.09 19.51 -10.37
CA GLU A 140 -15.88 20.69 -10.06
C GLU A 140 -14.99 21.82 -9.58
N GLY A 141 -14.29 21.61 -8.47
CA GLY A 141 -13.41 22.62 -7.93
C GLY A 141 -13.66 22.87 -6.45
N ARG A 142 -13.91 21.80 -5.71
CA ARG A 142 -14.16 21.91 -4.27
C ARG A 142 -13.03 21.26 -3.47
N ALA A 143 -13.13 21.38 -2.15
CA ALA A 143 -12.12 20.80 -1.27
C ALA A 143 -12.37 19.31 -1.05
N LEU A 144 -11.33 18.59 -0.64
CA LEU A 144 -11.44 17.16 -0.41
C LEU A 144 -11.91 16.88 1.02
N PRO A 145 -12.89 15.97 1.14
CA PRO A 145 -13.45 15.59 2.44
C PRO A 145 -12.47 14.79 3.29
N ASP A 146 -12.90 14.41 4.49
CA ASP A 146 -12.05 13.65 5.40
C ASP A 146 -12.37 12.16 5.31
N SER A 147 -11.33 11.35 5.15
CA SER A 147 -11.49 9.90 5.04
C SER A 147 -12.47 9.39 6.10
N GLN A 148 -12.28 9.82 7.34
CA GLN A 148 -13.13 9.41 8.43
C GLN A 148 -14.55 9.96 8.25
N GLN A 149 -14.64 11.23 7.87
CA GLN A 149 -15.93 11.87 7.67
C GLN A 149 -16.85 11.00 6.83
N VAL A 150 -16.30 10.41 5.77
CA VAL A 150 -17.07 9.55 4.89
C VAL A 150 -17.65 8.36 5.65
N PRO A 151 -18.98 8.21 5.57
CA PRO A 151 -19.69 7.12 6.25
C PRO A 151 -19.41 5.76 5.63
N SER A 152 -20.05 4.72 6.15
CA SER A 152 -19.86 3.36 5.64
C SER A 152 -21.08 2.90 4.85
N SER A 153 -20.87 2.63 3.56
CA SER A 153 -21.95 2.18 2.70
C SER A 153 -21.43 1.25 1.61
N PRO A 154 -21.93 0.00 1.60
CA PRO A 154 -21.52 -1.01 0.61
C PRO A 154 -22.02 -0.68 -0.79
N ALA A 155 -21.51 -1.41 -1.78
CA ALA A 155 -21.90 -1.20 -3.16
C ALA A 155 -22.74 -2.36 -3.67
N GLY A 1 9.12 24.97 -12.45
CA GLY A 1 7.91 25.74 -12.20
C GLY A 1 7.18 25.30 -10.95
N SER A 2 7.03 26.22 -10.00
CA SER A 2 6.35 25.91 -8.75
C SER A 2 5.33 27.00 -8.41
N SER A 3 4.07 26.58 -8.22
CA SER A 3 3.01 27.51 -7.89
C SER A 3 2.34 27.13 -6.57
N GLY A 4 1.78 28.14 -5.89
CA GLY A 4 1.12 27.89 -4.61
C GLY A 4 -0.24 27.25 -4.78
N SER A 5 -1.03 27.78 -5.71
CA SER A 5 -2.37 27.27 -5.96
C SER A 5 -2.35 25.74 -6.10
N SER A 6 -1.52 25.25 -7.02
CA SER A 6 -1.41 23.82 -7.25
C SER A 6 -2.73 23.24 -7.74
N GLY A 7 -3.39 23.97 -8.64
CA GLY A 7 -4.66 23.51 -9.18
C GLY A 7 -4.69 23.53 -10.69
N ARG A 8 -3.61 23.09 -11.32
CA ARG A 8 -3.53 23.07 -12.77
C ARG A 8 -3.41 21.63 -13.29
N GLU A 9 -2.80 20.77 -12.50
CA GLU A 9 -2.62 19.38 -12.87
C GLU A 9 -3.75 18.52 -12.31
N ARG A 10 -3.91 17.31 -12.86
CA ARG A 10 -4.95 16.40 -12.42
C ARG A 10 -4.35 15.20 -11.69
N ARG A 11 -4.51 15.17 -10.37
CA ARG A 11 -3.99 14.08 -9.57
C ARG A 11 -5.08 13.08 -9.22
N VAL A 12 -6.29 13.58 -8.99
CA VAL A 12 -7.42 12.74 -8.65
C VAL A 12 -7.63 11.65 -9.70
N ALA A 13 -7.78 12.06 -10.95
CA ALA A 13 -7.97 11.12 -12.05
C ALA A 13 -6.76 10.23 -12.24
N SER A 14 -5.57 10.80 -12.04
CA SER A 14 -4.33 10.06 -12.19
C SER A 14 -4.36 8.78 -11.38
N TRP A 15 -5.32 8.68 -10.45
CA TRP A 15 -5.46 7.51 -9.61
C TRP A 15 -6.22 6.40 -10.33
N ALA A 16 -6.49 6.61 -11.62
CA ALA A 16 -7.21 5.64 -12.42
C ALA A 16 -6.34 5.14 -13.58
N VAL A 17 -5.53 6.04 -14.14
CA VAL A 17 -4.66 5.70 -15.25
C VAL A 17 -3.84 4.45 -14.94
N SER A 18 -3.36 4.36 -13.70
CA SER A 18 -2.56 3.22 -13.27
C SER A 18 -2.36 3.24 -11.76
N PHE A 19 -2.09 2.07 -11.19
CA PHE A 19 -1.88 1.93 -9.76
C PHE A 19 -0.71 2.78 -9.30
N GLU A 20 0.37 2.76 -10.08
CA GLU A 20 1.56 3.53 -9.75
C GLU A 20 1.21 4.94 -9.32
N ARG A 21 0.33 5.60 -10.08
CA ARG A 21 -0.10 6.95 -9.77
C ARG A 21 -0.76 7.01 -8.41
N LEU A 22 -1.33 5.89 -7.98
CA LEU A 22 -2.00 5.81 -6.68
C LEU A 22 -1.01 6.01 -5.54
N LEU A 23 -0.05 5.10 -5.43
CA LEU A 23 0.96 5.17 -4.38
C LEU A 23 1.78 6.45 -4.50
N GLN A 24 2.42 6.63 -5.65
CA GLN A 24 3.23 7.82 -5.90
C GLN A 24 2.61 9.05 -5.27
N ASP A 25 1.30 9.20 -5.45
CA ASP A 25 0.58 10.34 -4.90
C ASP A 25 0.24 10.11 -3.43
N PRO A 26 0.47 11.14 -2.59
CA PRO A 26 0.20 11.07 -1.16
C PRO A 26 -1.29 11.04 -0.85
N VAL A 27 -2.08 11.70 -1.69
CA VAL A 27 -3.52 11.75 -1.51
C VAL A 27 -4.15 10.37 -1.74
N GLY A 28 -3.69 9.70 -2.79
CA GLY A 28 -4.22 8.39 -3.11
C GLY A 28 -4.11 7.42 -1.96
N VAL A 29 -2.93 7.39 -1.33
CA VAL A 29 -2.69 6.49 -0.20
C VAL A 29 -3.63 6.81 0.96
N ARG A 30 -3.72 8.10 1.31
CA ARG A 30 -4.58 8.53 2.40
C ARG A 30 -5.96 7.89 2.30
N TYR A 31 -6.68 8.23 1.23
CA TYR A 31 -8.02 7.69 1.01
C TYR A 31 -7.98 6.17 0.89
N PHE A 32 -7.01 5.67 0.15
CA PHE A 32 -6.86 4.24 -0.05
C PHE A 32 -6.94 3.49 1.28
N SER A 33 -6.07 3.85 2.21
CA SER A 33 -6.04 3.21 3.52
C SER A 33 -7.45 3.01 4.05
N ASP A 34 -8.20 4.10 4.17
CA ASP A 34 -9.57 4.04 4.66
C ASP A 34 -10.34 2.88 4.02
N PHE A 35 -10.43 2.92 2.69
CA PHE A 35 -11.14 1.89 1.94
C PHE A 35 -10.77 0.51 2.46
N LEU A 36 -9.46 0.22 2.49
CA LEU A 36 -8.98 -1.07 2.97
C LEU A 36 -9.59 -1.43 4.31
N ARG A 37 -9.62 -0.46 5.22
CA ARG A 37 -10.18 -0.67 6.55
C ARG A 37 -11.63 -1.13 6.46
N LYS A 38 -12.33 -0.66 5.43
CA LYS A 38 -13.73 -1.03 5.24
C LYS A 38 -13.92 -2.54 5.33
N GLU A 39 -13.00 -3.28 4.72
CA GLU A 39 -13.07 -4.73 4.74
C GLU A 39 -11.98 -5.32 5.63
N PHE A 40 -11.36 -4.46 6.44
CA PHE A 40 -10.30 -4.90 7.34
C PHE A 40 -9.13 -5.49 6.56
N SER A 41 -8.76 -4.84 5.46
CA SER A 41 -7.66 -5.30 4.63
C SER A 41 -6.46 -4.37 4.74
N GLU A 42 -6.45 -3.55 5.79
CA GLU A 42 -5.35 -2.60 6.00
C GLU A 42 -4.00 -3.30 5.87
N GLU A 43 -3.83 -4.39 6.60
CA GLU A 43 -2.59 -5.14 6.56
C GLU A 43 -2.01 -5.17 5.16
N ASN A 44 -2.88 -5.19 4.16
CA ASN A 44 -2.46 -5.21 2.77
C ASN A 44 -1.47 -4.09 2.48
N ILE A 45 -1.87 -2.86 2.78
CA ILE A 45 -1.02 -1.69 2.56
C ILE A 45 0.11 -1.64 3.57
N LEU A 46 -0.15 -2.15 4.77
CA LEU A 46 0.86 -2.15 5.83
C LEU A 46 2.06 -2.99 5.43
N PHE A 47 1.81 -4.09 4.74
CA PHE A 47 2.88 -4.98 4.29
C PHE A 47 3.74 -4.30 3.23
N TRP A 48 3.09 -3.64 2.28
CA TRP A 48 3.80 -2.94 1.22
C TRP A 48 4.75 -1.89 1.78
N GLN A 49 4.20 -0.95 2.54
CA GLN A 49 4.99 0.10 3.15
C GLN A 49 6.29 -0.45 3.72
N ALA A 50 6.18 -1.48 4.53
CA ALA A 50 7.35 -2.11 5.15
C ALA A 50 8.41 -2.43 4.10
N CYS A 51 7.98 -2.94 2.95
CA CYS A 51 8.90 -3.29 1.87
C CYS A 51 9.78 -2.10 1.51
N GLU A 52 9.15 -1.00 1.12
CA GLU A 52 9.88 0.21 0.74
C GLU A 52 11.12 0.38 1.61
N TYR A 53 10.91 0.41 2.92
CA TYR A 53 12.02 0.57 3.87
C TYR A 53 13.03 -0.56 3.73
N PHE A 54 12.55 -1.79 3.90
CA PHE A 54 13.40 -2.97 3.81
C PHE A 54 14.08 -3.03 2.44
N ASN A 55 13.60 -2.23 1.50
CA ASN A 55 14.16 -2.19 0.16
C ASN A 55 15.32 -1.22 0.08
N HIS A 56 15.16 -0.06 0.71
CA HIS A 56 16.21 0.96 0.72
C HIS A 56 17.48 0.43 1.36
N VAL A 57 17.33 -0.29 2.47
CA VAL A 57 18.46 -0.85 3.18
C VAL A 57 19.30 -1.74 2.26
N PRO A 58 20.62 -1.49 2.24
CA PRO A 58 21.55 -2.26 1.41
C PRO A 58 21.74 -3.69 1.92
N ALA A 59 22.22 -4.57 1.04
CA ALA A 59 22.44 -5.97 1.40
C ALA A 59 23.53 -6.09 2.45
N HIS A 60 24.57 -5.27 2.33
CA HIS A 60 25.68 -5.30 3.28
C HIS A 60 25.18 -5.09 4.71
N ASP A 61 24.30 -4.10 4.89
CA ASP A 61 23.75 -3.80 6.21
C ASP A 61 22.93 -4.97 6.73
N LYS A 62 23.51 -5.73 7.66
CA LYS A 62 22.83 -6.88 8.24
C LYS A 62 22.06 -6.48 9.50
N LYS A 63 22.64 -5.58 10.28
CA LYS A 63 22.02 -5.11 11.51
C LYS A 63 20.53 -4.85 11.29
N GLU A 64 20.22 -3.95 10.37
CA GLU A 64 18.84 -3.61 10.06
C GLU A 64 18.10 -4.81 9.48
N LEU A 65 18.52 -5.26 8.31
CA LEU A 65 17.89 -6.40 7.65
C LEU A 65 17.55 -7.49 8.67
N SER A 66 18.57 -8.07 9.28
CA SER A 66 18.37 -9.13 10.26
C SER A 66 17.11 -8.86 11.08
N TYR A 67 16.93 -7.62 11.51
CA TYR A 67 15.77 -7.25 12.31
C TYR A 67 14.52 -7.14 11.44
N ARG A 68 14.59 -6.27 10.42
CA ARG A 68 13.47 -6.06 9.52
C ARG A 68 12.96 -7.39 8.98
N ALA A 69 13.82 -8.11 8.26
CA ALA A 69 13.46 -9.40 7.70
C ALA A 69 12.63 -10.22 8.68
N ARG A 70 13.20 -10.49 9.85
CA ARG A 70 12.51 -11.27 10.87
C ARG A 70 11.21 -10.59 11.29
N GLU A 71 11.27 -9.27 11.46
CA GLU A 71 10.10 -8.50 11.86
C GLU A 71 8.96 -8.68 10.86
N ILE A 72 9.13 -8.12 9.67
CA ILE A 72 8.12 -8.23 8.62
C ILE A 72 7.56 -9.65 8.54
N PHE A 73 8.45 -10.63 8.58
CA PHE A 73 8.05 -12.03 8.51
C PHE A 73 7.23 -12.43 9.73
N SER A 74 7.89 -12.50 10.88
CA SER A 74 7.22 -12.86 12.12
C SER A 74 6.02 -11.97 12.38
N LYS A 75 5.88 -10.93 11.57
CA LYS A 75 4.77 -9.99 11.70
C LYS A 75 3.57 -10.43 10.87
N PHE A 76 3.79 -10.54 9.56
CA PHE A 76 2.72 -10.95 8.65
C PHE A 76 2.84 -12.44 8.32
N LEU A 77 4.04 -12.87 7.97
CA LEU A 77 4.29 -14.27 7.63
C LEU A 77 4.89 -15.02 8.81
N CYS A 78 4.06 -15.78 9.52
CA CYS A 78 4.52 -16.56 10.67
C CYS A 78 3.44 -17.53 11.12
N SER A 79 3.79 -18.38 12.10
CA SER A 79 2.85 -19.35 12.63
C SER A 79 1.83 -18.70 13.55
N LYS A 80 2.26 -17.67 14.27
CA LYS A 80 1.39 -16.96 15.19
C LYS A 80 1.23 -15.50 14.76
N ALA A 81 1.55 -15.22 13.50
CA ALA A 81 1.44 -13.86 12.97
C ALA A 81 0.06 -13.28 13.22
N THR A 82 0.00 -12.03 13.65
CA THR A 82 -1.26 -11.37 13.92
C THR A 82 -2.19 -11.42 12.72
N THR A 83 -1.80 -10.73 11.66
CA THR A 83 -2.60 -10.70 10.43
C THR A 83 -1.77 -11.11 9.22
N PRO A 84 -1.95 -12.36 8.77
CA PRO A 84 -1.23 -12.90 7.62
C PRO A 84 -1.68 -12.25 6.31
N VAL A 85 -0.70 -11.97 5.43
CA VAL A 85 -1.00 -11.36 4.14
C VAL A 85 -1.15 -12.41 3.05
N ASN A 86 -1.89 -12.06 2.00
CA ASN A 86 -2.11 -12.99 0.89
C ASN A 86 -0.87 -13.85 0.64
N ILE A 87 0.30 -13.23 0.75
CA ILE A 87 1.56 -13.94 0.53
C ILE A 87 1.63 -15.21 1.38
N ASP A 88 2.26 -16.24 0.84
CA ASP A 88 2.40 -17.51 1.54
C ASP A 88 3.86 -17.84 1.78
N SER A 89 4.22 -18.07 3.04
CA SER A 89 5.60 -18.39 3.41
C SER A 89 6.09 -19.61 2.64
N GLN A 90 5.16 -20.30 1.98
CA GLN A 90 5.51 -21.49 1.21
C GLN A 90 6.65 -21.20 0.24
N ALA A 91 6.93 -19.91 0.05
CA ALA A 91 8.00 -19.51 -0.86
C ALA A 91 9.37 -19.70 -0.21
N GLN A 92 9.42 -20.50 0.85
CA GLN A 92 10.66 -20.76 1.57
C GLN A 92 11.39 -19.45 1.86
N LEU A 93 10.64 -18.38 2.08
CA LEU A 93 11.22 -17.08 2.38
C LEU A 93 11.87 -17.08 3.76
N ALA A 94 11.16 -17.63 4.75
CA ALA A 94 11.67 -17.70 6.11
C ALA A 94 13.06 -18.32 6.14
N ASP A 95 13.16 -19.58 5.75
CA ASP A 95 14.44 -20.28 5.74
C ASP A 95 15.57 -19.35 5.33
N ASP A 96 15.24 -18.36 4.50
CA ASP A 96 16.22 -17.40 4.02
C ASP A 96 16.29 -16.19 4.94
N VAL A 97 15.25 -15.35 4.89
CA VAL A 97 15.19 -14.16 5.71
C VAL A 97 15.67 -14.43 7.13
N LEU A 98 15.59 -15.70 7.53
CA LEU A 98 16.01 -16.11 8.87
C LEU A 98 17.54 -16.22 8.94
N ARG A 99 18.12 -17.03 8.06
CA ARG A 99 19.56 -17.22 8.01
C ARG A 99 20.25 -16.00 7.42
N ALA A 100 19.79 -15.58 6.25
CA ALA A 100 20.36 -14.42 5.56
C ALA A 100 19.34 -13.75 4.66
N PRO A 101 18.87 -12.56 5.08
CA PRO A 101 17.88 -11.79 4.31
C PRO A 101 18.45 -11.22 3.02
N HIS A 102 17.62 -10.51 2.27
CA HIS A 102 18.04 -9.92 1.01
C HIS A 102 17.15 -8.73 0.64
N PRO A 103 17.76 -7.56 0.47
CA PRO A 103 17.05 -6.33 0.11
C PRO A 103 16.51 -6.37 -1.31
N ASP A 104 16.78 -7.47 -2.02
CA ASP A 104 16.32 -7.62 -3.39
C ASP A 104 15.33 -8.78 -3.50
N MET A 105 15.55 -9.81 -2.70
CA MET A 105 14.67 -10.98 -2.71
C MET A 105 13.23 -10.58 -2.42
N PHE A 106 13.02 -9.90 -1.31
CA PHE A 106 11.68 -9.45 -0.93
C PHE A 106 10.93 -8.91 -2.13
N LYS A 107 11.62 -8.18 -2.99
CA LYS A 107 11.01 -7.59 -4.18
C LYS A 107 9.91 -8.49 -4.71
N GLU A 108 10.16 -9.79 -4.74
CA GLU A 108 9.18 -10.75 -5.23
C GLU A 108 7.89 -10.68 -4.41
N GLN A 109 8.02 -10.87 -3.11
CA GLN A 109 6.86 -10.82 -2.22
C GLN A 109 6.14 -9.48 -2.32
N GLN A 110 6.91 -8.40 -2.26
CA GLN A 110 6.35 -7.05 -2.36
C GLN A 110 5.40 -6.94 -3.54
N LEU A 111 5.81 -7.52 -4.67
CA LEU A 111 5.00 -7.48 -5.88
C LEU A 111 3.65 -8.18 -5.66
N GLN A 112 3.69 -9.32 -4.99
CA GLN A 112 2.48 -10.09 -4.72
C GLN A 112 1.35 -9.17 -4.26
N ILE A 113 1.61 -8.40 -3.21
CA ILE A 113 0.62 -7.47 -2.68
C ILE A 113 0.41 -6.29 -3.61
N PHE A 114 1.50 -5.80 -4.18
CA PHE A 114 1.44 -4.66 -5.10
C PHE A 114 0.40 -4.90 -6.19
N ASN A 115 0.40 -6.11 -6.75
CA ASN A 115 -0.54 -6.46 -7.80
C ASN A 115 -1.90 -6.80 -7.22
N LEU A 116 -1.90 -7.62 -6.17
CA LEU A 116 -3.14 -8.03 -5.51
C LEU A 116 -4.11 -6.85 -5.41
N MET A 117 -3.75 -5.87 -4.59
CA MET A 117 -4.59 -4.69 -4.39
C MET A 117 -4.87 -4.01 -5.73
N LYS A 118 -3.82 -3.77 -6.50
CA LYS A 118 -3.95 -3.12 -7.80
C LYS A 118 -5.18 -3.63 -8.54
N PHE A 119 -5.55 -4.89 -8.27
CA PHE A 119 -6.70 -5.50 -8.91
C PHE A 119 -7.77 -5.85 -7.88
N ASP A 120 -7.40 -5.81 -6.61
CA ASP A 120 -8.32 -6.13 -5.53
C ASP A 120 -8.96 -4.86 -4.97
N SER A 121 -8.13 -3.99 -4.39
CA SER A 121 -8.60 -2.74 -3.81
C SER A 121 -8.68 -1.64 -4.87
N TYR A 122 -7.50 -1.25 -5.38
CA TYR A 122 -7.44 -0.20 -6.40
C TYR A 122 -8.63 -0.28 -7.35
N THR A 123 -9.00 -1.50 -7.72
CA THR A 123 -10.12 -1.71 -8.63
C THR A 123 -11.43 -1.25 -7.99
N ARG A 124 -11.84 -1.94 -6.93
CA ARG A 124 -13.08 -1.59 -6.24
C ARG A 124 -13.10 -0.12 -5.85
N PHE A 125 -12.00 0.35 -5.26
CA PHE A 125 -11.90 1.75 -4.85
C PHE A 125 -12.56 2.67 -5.87
N LEU A 126 -12.33 2.39 -7.15
CA LEU A 126 -12.91 3.19 -8.22
C LEU A 126 -14.41 2.93 -8.36
N LYS A 127 -14.80 1.67 -8.19
CA LYS A 127 -16.20 1.28 -8.29
C LYS A 127 -17.02 1.90 -7.15
N SER A 128 -16.38 2.09 -6.00
CA SER A 128 -17.05 2.68 -4.85
C SER A 128 -17.24 4.18 -5.03
N PRO A 129 -18.23 4.73 -4.32
CA PRO A 129 -18.56 6.16 -4.39
C PRO A 129 -17.48 7.03 -3.74
N LEU A 130 -16.75 6.44 -2.79
CA LEU A 130 -15.69 7.16 -2.10
C LEU A 130 -14.75 7.83 -3.08
N TYR A 131 -14.26 7.06 -4.05
CA TYR A 131 -13.34 7.58 -5.05
C TYR A 131 -13.94 8.79 -5.77
N GLN A 132 -15.25 8.74 -6.00
CA GLN A 132 -15.95 9.83 -6.68
C GLN A 132 -15.87 11.11 -5.85
N GLU A 133 -15.92 10.97 -4.54
CA GLU A 133 -15.86 12.12 -3.64
C GLU A 133 -14.86 13.14 -4.15
N CYS A 134 -13.63 12.72 -4.38
CA CYS A 134 -12.58 13.60 -4.87
C CYS A 134 -12.84 14.01 -6.32
N ILE A 135 -13.37 13.07 -7.10
CA ILE A 135 -13.67 13.34 -8.50
C ILE A 135 -14.60 14.53 -8.65
N LEU A 136 -15.71 14.50 -7.93
CA LEU A 136 -16.69 15.57 -7.97
C LEU A 136 -16.03 16.92 -7.75
N ALA A 137 -15.11 16.97 -6.79
CA ALA A 137 -14.39 18.20 -6.47
C ALA A 137 -13.45 18.59 -7.59
N GLU A 138 -13.01 17.60 -8.36
CA GLU A 138 -12.10 17.85 -9.48
C GLU A 138 -12.87 18.27 -10.73
N VAL A 139 -14.04 17.66 -10.93
CA VAL A 139 -14.87 17.98 -12.08
C VAL A 139 -15.68 19.24 -11.85
N GLU A 140 -16.06 19.47 -10.59
CA GLU A 140 -16.85 20.64 -10.23
C GLU A 140 -15.95 21.75 -9.70
N GLY A 141 -15.06 21.40 -8.78
CA GLY A 141 -14.16 22.37 -8.21
C GLY A 141 -14.45 22.66 -6.75
N ARG A 142 -14.61 21.60 -5.96
CA ARG A 142 -14.90 21.73 -4.54
C ARG A 142 -13.77 21.16 -3.69
N ALA A 143 -13.88 21.33 -2.38
CA ALA A 143 -12.86 20.83 -1.45
C ALA A 143 -13.02 19.33 -1.25
N LEU A 144 -11.89 18.63 -1.13
CA LEU A 144 -11.90 17.19 -0.93
C LEU A 144 -12.28 16.85 0.52
N PRO A 145 -13.24 15.92 0.67
CA PRO A 145 -13.70 15.48 1.99
C PRO A 145 -12.66 14.67 2.74
N ASP A 146 -13.04 14.15 3.91
CA ASP A 146 -12.13 13.35 4.72
C ASP A 146 -12.44 11.86 4.57
N SER A 147 -11.50 11.11 4.00
CA SER A 147 -11.68 9.68 3.81
C SER A 147 -12.49 9.07 4.95
N GLN A 148 -12.14 9.45 6.18
CA GLN A 148 -12.83 8.94 7.36
C GLN A 148 -14.29 9.39 7.36
N GLN A 149 -14.51 10.70 7.26
CA GLN A 149 -15.85 11.26 7.26
C GLN A 149 -16.80 10.38 6.43
N VAL A 150 -16.42 10.12 5.19
CA VAL A 150 -17.22 9.30 4.30
C VAL A 150 -17.60 7.98 4.95
N PRO A 151 -18.91 7.71 5.06
CA PRO A 151 -19.43 6.49 5.66
C PRO A 151 -19.15 5.26 4.80
N SER A 152 -19.49 4.08 5.33
CA SER A 152 -19.27 2.84 4.60
C SER A 152 -20.51 2.45 3.81
N SER A 153 -20.31 2.01 2.57
CA SER A 153 -21.40 1.61 1.71
C SER A 153 -21.01 0.42 0.84
N PRO A 154 -21.69 -0.71 1.05
CA PRO A 154 -21.44 -1.94 0.29
C PRO A 154 -21.87 -1.84 -1.16
N ALA A 155 -21.09 -2.43 -2.05
CA ALA A 155 -21.39 -2.41 -3.47
C ALA A 155 -21.47 -3.82 -4.05
N GLY A 1 14.79 20.73 -11.78
CA GLY A 1 13.75 21.73 -11.91
C GLY A 1 13.42 22.41 -10.61
N SER A 2 12.66 21.73 -9.76
CA SER A 2 12.26 22.28 -8.47
C SER A 2 13.21 21.82 -7.37
N SER A 3 13.03 22.36 -6.18
CA SER A 3 13.88 22.02 -5.04
C SER A 3 13.32 20.80 -4.30
N GLY A 4 12.01 20.79 -4.09
CA GLY A 4 11.37 19.69 -3.40
C GLY A 4 10.41 18.92 -4.28
N SER A 5 9.15 18.86 -3.87
CA SER A 5 8.13 18.15 -4.64
C SER A 5 7.06 19.10 -5.14
N SER A 6 6.68 18.95 -6.40
CA SER A 6 5.65 19.80 -7.00
C SER A 6 4.92 19.07 -8.11
N GLY A 7 3.63 18.80 -7.88
CA GLY A 7 2.82 18.11 -8.86
C GLY A 7 2.36 19.02 -9.99
N ARG A 8 2.62 18.60 -11.23
CA ARG A 8 2.22 19.38 -12.39
C ARG A 8 0.94 18.85 -13.00
N GLU A 9 0.73 17.54 -12.89
CA GLU A 9 -0.47 16.90 -13.43
C GLU A 9 -1.48 16.62 -12.33
N ARG A 10 -2.67 16.20 -12.72
CA ARG A 10 -3.73 15.89 -11.76
C ARG A 10 -3.28 14.83 -10.77
N ARG A 11 -3.89 14.83 -9.59
CA ARG A 11 -3.55 13.88 -8.55
C ARG A 11 -4.74 12.97 -8.23
N VAL A 12 -5.93 13.54 -8.25
CA VAL A 12 -7.14 12.78 -7.96
C VAL A 12 -7.51 11.87 -9.13
N ALA A 13 -7.36 12.38 -10.35
CA ALA A 13 -7.67 11.62 -11.54
C ALA A 13 -6.52 10.69 -11.91
N SER A 14 -5.34 10.96 -11.36
CA SER A 14 -4.16 10.15 -11.64
C SER A 14 -4.20 8.85 -10.86
N TRP A 15 -5.04 8.81 -9.83
CA TRP A 15 -5.18 7.61 -9.00
C TRP A 15 -5.96 6.53 -9.73
N ALA A 16 -6.24 6.77 -11.02
CA ALA A 16 -6.98 5.80 -11.82
C ALA A 16 -6.12 5.30 -12.99
N VAL A 17 -5.30 6.19 -13.54
CA VAL A 17 -4.43 5.83 -14.65
C VAL A 17 -3.66 4.55 -14.37
N SER A 18 -3.23 4.39 -13.12
CA SER A 18 -2.48 3.22 -12.72
C SER A 18 -2.27 3.19 -11.20
N PHE A 19 -1.98 2.01 -10.67
CA PHE A 19 -1.76 1.85 -9.24
C PHE A 19 -0.63 2.76 -8.75
N GLU A 20 0.44 2.81 -9.53
CA GLU A 20 1.59 3.65 -9.18
C GLU A 20 1.14 5.06 -8.81
N ARG A 21 0.65 5.80 -9.79
CA ARG A 21 0.20 7.17 -9.57
C ARG A 21 -0.49 7.29 -8.21
N LEU A 22 -1.34 6.33 -7.89
CA LEU A 22 -2.06 6.33 -6.62
C LEU A 22 -1.09 6.27 -5.44
N LEU A 23 -0.09 5.39 -5.53
CA LEU A 23 0.90 5.24 -4.48
C LEU A 23 1.84 6.45 -4.45
N GLN A 24 2.44 6.77 -5.58
CA GLN A 24 3.35 7.90 -5.68
C GLN A 24 2.90 9.04 -4.77
N ASP A 25 1.68 9.50 -4.96
CA ASP A 25 1.14 10.59 -4.15
C ASP A 25 0.69 10.08 -2.79
N PRO A 26 0.99 10.86 -1.73
CA PRO A 26 0.62 10.49 -0.36
C PRO A 26 -0.88 10.58 -0.12
N VAL A 27 -1.52 11.59 -0.72
CA VAL A 27 -2.95 11.77 -0.56
C VAL A 27 -3.73 10.56 -1.08
N GLY A 28 -3.33 10.06 -2.24
CA GLY A 28 -3.99 8.90 -2.82
C GLY A 28 -4.04 7.72 -1.85
N VAL A 29 -2.89 7.41 -1.25
CA VAL A 29 -2.80 6.30 -0.31
C VAL A 29 -3.66 6.56 0.92
N ARG A 30 -3.64 7.79 1.41
CA ARG A 30 -4.41 8.16 2.58
C ARG A 30 -5.77 7.49 2.57
N TYR A 31 -6.57 7.80 1.55
CA TYR A 31 -7.90 7.23 1.42
C TYR A 31 -7.83 5.73 1.14
N PHE A 32 -6.96 5.35 0.21
CA PHE A 32 -6.78 3.95 -0.15
C PHE A 32 -6.73 3.06 1.08
N SER A 33 -5.84 3.40 2.01
CA SER A 33 -5.69 2.64 3.24
C SER A 33 -6.99 2.61 4.03
N ASP A 34 -7.70 3.73 4.02
CA ASP A 34 -8.97 3.83 4.73
C ASP A 34 -9.99 2.82 4.20
N PHE A 35 -10.17 2.82 2.88
CA PHE A 35 -11.11 1.91 2.24
C PHE A 35 -10.80 0.46 2.62
N LEU A 36 -9.52 0.15 2.74
CA LEU A 36 -9.09 -1.19 3.10
C LEU A 36 -9.54 -1.56 4.50
N ARG A 37 -9.49 -0.59 5.41
CA ARG A 37 -9.89 -0.81 6.79
C ARG A 37 -11.36 -1.24 6.86
N LYS A 38 -12.16 -0.78 5.91
CA LYS A 38 -13.57 -1.11 5.88
C LYS A 38 -13.77 -2.62 6.01
N GLU A 39 -13.00 -3.38 5.24
CA GLU A 39 -13.09 -4.84 5.27
C GLU A 39 -11.98 -5.44 6.12
N PHE A 40 -11.36 -4.60 6.94
CA PHE A 40 -10.27 -5.05 7.81
C PHE A 40 -9.16 -5.69 6.99
N SER A 41 -8.82 -5.08 5.86
CA SER A 41 -7.77 -5.59 5.00
C SER A 41 -6.55 -4.69 5.03
N GLU A 42 -6.46 -3.85 6.05
CA GLU A 42 -5.34 -2.94 6.21
C GLU A 42 -4.01 -3.67 5.98
N GLU A 43 -3.82 -4.77 6.70
CA GLU A 43 -2.59 -5.55 6.58
C GLU A 43 -2.14 -5.65 5.12
N ASN A 44 -3.12 -5.65 4.21
CA ASN A 44 -2.82 -5.73 2.79
C ASN A 44 -1.88 -4.62 2.35
N ILE A 45 -2.17 -3.40 2.80
CA ILE A 45 -1.34 -2.25 2.46
C ILE A 45 -0.19 -2.09 3.45
N LEU A 46 -0.43 -2.48 4.70
CA LEU A 46 0.58 -2.37 5.75
C LEU A 46 1.83 -3.14 5.37
N PHE A 47 1.64 -4.34 4.81
CA PHE A 47 2.76 -5.18 4.39
C PHE A 47 3.56 -4.51 3.29
N TRP A 48 2.86 -4.06 2.25
CA TRP A 48 3.52 -3.40 1.11
C TRP A 48 4.32 -2.20 1.58
N GLN A 49 3.66 -1.29 2.29
CA GLN A 49 4.32 -0.09 2.81
C GLN A 49 5.64 -0.44 3.48
N ALA A 50 5.61 -1.44 4.35
CA ALA A 50 6.80 -1.87 5.07
C ALA A 50 7.90 -2.30 4.10
N CYS A 51 7.53 -3.09 3.09
CA CYS A 51 8.49 -3.56 2.11
C CYS A 51 9.21 -2.40 1.44
N GLU A 52 8.44 -1.47 0.87
CA GLU A 52 9.02 -0.32 0.20
C GLU A 52 10.14 0.30 1.04
N TYR A 53 9.87 0.49 2.33
CA TYR A 53 10.86 1.06 3.24
C TYR A 53 12.06 0.13 3.40
N PHE A 54 11.80 -1.08 3.87
CA PHE A 54 12.86 -2.07 4.06
C PHE A 54 13.78 -2.12 2.84
N ASN A 55 13.19 -2.35 1.68
CA ASN A 55 13.96 -2.44 0.43
C ASN A 55 15.00 -1.32 0.37
N HIS A 56 14.60 -0.12 0.76
CA HIS A 56 15.50 1.03 0.75
C HIS A 56 16.83 0.68 1.41
N VAL A 57 16.76 -0.01 2.54
CA VAL A 57 17.96 -0.40 3.27
C VAL A 57 18.92 -1.18 2.37
N PRO A 58 20.20 -0.79 2.39
CA PRO A 58 21.26 -1.44 1.59
C PRO A 58 21.57 -2.85 2.08
N ALA A 59 21.99 -3.70 1.15
CA ALA A 59 22.34 -5.07 1.49
C ALA A 59 23.48 -5.13 2.49
N HIS A 60 24.55 -4.39 2.22
CA HIS A 60 25.71 -4.35 3.10
C HIS A 60 25.28 -4.14 4.55
N ASP A 61 24.08 -3.61 4.73
CA ASP A 61 23.55 -3.37 6.07
C ASP A 61 22.68 -4.52 6.54
N LYS A 62 23.24 -5.37 7.40
CA LYS A 62 22.51 -6.52 7.92
C LYS A 62 21.86 -6.19 9.25
N LYS A 63 22.59 -5.48 10.11
CA LYS A 63 22.08 -5.10 11.42
C LYS A 63 20.64 -4.61 11.33
N GLU A 64 20.39 -3.70 10.40
CA GLU A 64 19.05 -3.15 10.20
C GLU A 64 18.16 -4.15 9.45
N LEU A 65 18.69 -4.68 8.36
CA LEU A 65 17.94 -5.64 7.55
C LEU A 65 17.18 -6.63 8.44
N SER A 66 17.92 -7.35 9.28
CA SER A 66 17.32 -8.32 10.18
C SER A 66 16.09 -7.73 10.88
N TYR A 67 16.33 -6.74 11.73
CA TYR A 67 15.25 -6.10 12.46
C TYR A 67 13.99 -5.98 11.59
N ARG A 68 14.11 -5.24 10.50
CA ARG A 68 13.00 -5.05 9.58
C ARG A 68 12.56 -6.37 8.96
N ALA A 69 13.42 -6.94 8.13
CA ALA A 69 13.12 -8.21 7.47
C ALA A 69 12.39 -9.15 8.42
N ARG A 70 13.07 -9.58 9.47
CA ARG A 70 12.49 -10.48 10.46
C ARG A 70 11.13 -9.98 10.92
N GLU A 71 11.12 -8.80 11.54
CA GLU A 71 9.87 -8.22 12.04
C GLU A 71 8.76 -8.35 11.00
N ILE A 72 8.99 -7.77 9.82
CA ILE A 72 8.01 -7.82 8.76
C ILE A 72 7.45 -9.23 8.57
N PHE A 73 8.35 -10.22 8.64
CA PHE A 73 7.95 -11.61 8.48
C PHE A 73 7.10 -12.07 9.66
N SER A 74 7.72 -12.19 10.83
CA SER A 74 7.01 -12.62 12.03
C SER A 74 5.78 -11.77 12.26
N LYS A 75 5.67 -10.67 11.53
CA LYS A 75 4.54 -9.76 11.66
C LYS A 75 3.39 -10.19 10.74
N PHE A 76 3.68 -10.24 9.44
CA PHE A 76 2.69 -10.64 8.45
C PHE A 76 2.83 -12.10 8.08
N LEU A 77 4.07 -12.54 7.86
CA LEU A 77 4.34 -13.93 7.50
C LEU A 77 4.85 -14.70 8.70
N CYS A 78 3.97 -15.50 9.30
CA CYS A 78 4.33 -16.30 10.46
C CYS A 78 3.23 -17.30 10.80
N SER A 79 3.46 -18.12 11.82
CA SER A 79 2.49 -19.11 12.24
C SER A 79 1.45 -18.50 13.18
N LYS A 80 1.90 -17.55 14.00
CA LYS A 80 1.01 -16.87 14.94
C LYS A 80 0.86 -15.40 14.59
N ALA A 81 1.20 -15.05 13.35
CA ALA A 81 1.10 -13.67 12.89
C ALA A 81 -0.29 -13.10 13.15
N THR A 82 -0.33 -11.91 13.72
CA THR A 82 -1.60 -11.25 14.02
C THR A 82 -2.51 -11.22 12.80
N THR A 83 -1.99 -10.66 11.71
CA THR A 83 -2.75 -10.56 10.47
C THR A 83 -1.91 -10.96 9.27
N PRO A 84 -2.11 -12.19 8.77
CA PRO A 84 -1.38 -12.71 7.61
C PRO A 84 -1.77 -12.01 6.32
N VAL A 85 -0.95 -12.20 5.29
CA VAL A 85 -1.21 -11.58 3.98
C VAL A 85 -1.38 -12.64 2.90
N ASN A 86 -2.11 -12.29 1.85
CA ASN A 86 -2.34 -13.21 0.74
C ASN A 86 -1.12 -14.09 0.49
N ILE A 87 0.05 -13.47 0.48
CA ILE A 87 1.29 -14.19 0.25
C ILE A 87 1.42 -15.38 1.19
N ASP A 88 1.92 -16.49 0.66
CA ASP A 88 2.11 -17.70 1.45
C ASP A 88 3.44 -17.69 2.18
N SER A 89 3.40 -17.46 3.48
CA SER A 89 4.61 -17.42 4.30
C SER A 89 5.36 -18.74 4.22
N GLN A 90 4.73 -19.74 3.62
CA GLN A 90 5.33 -21.06 3.47
C GLN A 90 6.40 -21.06 2.38
N ALA A 91 6.86 -19.87 2.01
CA ALA A 91 7.87 -19.72 0.98
C ALA A 91 9.27 -20.02 1.52
N GLN A 92 9.31 -20.70 2.68
CA GLN A 92 10.57 -21.04 3.31
C GLN A 92 11.46 -19.82 3.47
N LEU A 93 10.84 -18.66 3.66
CA LEU A 93 11.57 -17.41 3.83
C LEU A 93 12.17 -17.31 5.22
N ALA A 94 11.37 -17.63 6.23
CA ALA A 94 11.83 -17.58 7.62
C ALA A 94 13.26 -18.06 7.74
N ASP A 95 13.47 -19.36 7.53
CA ASP A 95 14.80 -19.95 7.61
C ASP A 95 15.85 -18.98 7.11
N ASP A 96 15.47 -18.12 6.19
CA ASP A 96 16.38 -17.12 5.62
C ASP A 96 16.27 -15.80 6.36
N VAL A 97 15.20 -15.06 6.08
CA VAL A 97 14.97 -13.77 6.71
C VAL A 97 15.40 -13.79 8.18
N LEU A 98 15.29 -14.96 8.80
CA LEU A 98 15.68 -15.11 10.20
C LEU A 98 17.19 -15.05 10.37
N ARG A 99 17.89 -15.98 9.71
CA ARG A 99 19.35 -16.02 9.79
C ARG A 99 19.96 -14.86 9.01
N ALA A 100 19.59 -14.74 7.74
CA ALA A 100 20.11 -13.67 6.89
C ALA A 100 19.13 -13.32 5.79
N PRO A 101 18.43 -12.18 5.96
CA PRO A 101 17.44 -11.71 5.00
C PRO A 101 18.09 -11.22 3.70
N HIS A 102 17.29 -10.62 2.84
CA HIS A 102 17.77 -10.11 1.56
C HIS A 102 16.91 -8.94 1.07
N PRO A 103 17.56 -7.83 0.71
CA PRO A 103 16.88 -6.63 0.22
C PRO A 103 16.27 -6.84 -1.16
N ASP A 104 16.40 -8.06 -1.69
CA ASP A 104 15.86 -8.39 -3.00
C ASP A 104 14.80 -9.49 -2.89
N MET A 105 15.04 -10.44 -2.00
CA MET A 105 14.11 -11.55 -1.80
C MET A 105 12.68 -11.04 -1.69
N PHE A 106 12.53 -9.84 -1.12
CA PHE A 106 11.21 -9.24 -0.95
C PHE A 106 10.72 -8.62 -2.25
N LYS A 107 11.62 -7.97 -2.98
CA LYS A 107 11.28 -7.34 -4.24
C LYS A 107 10.21 -8.15 -4.98
N GLU A 108 10.32 -9.46 -4.90
CA GLU A 108 9.36 -10.35 -5.56
C GLU A 108 8.07 -10.46 -4.76
N GLN A 109 8.21 -10.66 -3.45
CA GLN A 109 7.06 -10.78 -2.57
C GLN A 109 6.15 -9.56 -2.68
N GLN A 110 6.74 -8.37 -2.48
CA GLN A 110 5.98 -7.13 -2.56
C GLN A 110 5.07 -7.13 -3.79
N LEU A 111 5.60 -7.57 -4.91
CA LEU A 111 4.83 -7.62 -6.16
C LEU A 111 3.53 -8.40 -5.97
N GLN A 112 3.63 -9.53 -5.26
CA GLN A 112 2.47 -10.37 -5.01
C GLN A 112 1.27 -9.52 -4.55
N ILE A 113 1.47 -8.78 -3.47
CA ILE A 113 0.42 -7.93 -2.93
C ILE A 113 0.13 -6.76 -3.86
N PHE A 114 1.18 -6.20 -4.46
CA PHE A 114 1.04 -5.08 -5.37
C PHE A 114 0.01 -5.38 -6.45
N ASN A 115 0.12 -6.56 -7.05
CA ASN A 115 -0.79 -6.97 -8.10
C ASN A 115 -2.17 -7.31 -7.53
N LEU A 116 -2.19 -8.16 -6.51
CA LEU A 116 -3.43 -8.57 -5.87
C LEU A 116 -4.38 -7.37 -5.71
N MET A 117 -4.00 -6.45 -4.84
CA MET A 117 -4.82 -5.25 -4.61
C MET A 117 -5.04 -4.48 -5.90
N LYS A 118 -3.96 -4.27 -6.65
CA LYS A 118 -4.04 -3.55 -7.92
C LYS A 118 -5.26 -3.97 -8.71
N PHE A 119 -5.66 -5.22 -8.56
CA PHE A 119 -6.82 -5.75 -9.27
C PHE A 119 -7.93 -6.13 -8.29
N ASP A 120 -7.58 -6.23 -7.02
CA ASP A 120 -8.54 -6.58 -5.98
C ASP A 120 -9.14 -5.33 -5.34
N SER A 121 -8.28 -4.51 -4.74
CA SER A 121 -8.72 -3.29 -4.09
C SER A 121 -8.71 -2.12 -5.06
N TYR A 122 -7.52 -1.76 -5.54
CA TYR A 122 -7.37 -0.66 -6.48
C TYR A 122 -8.56 -0.60 -7.45
N THR A 123 -8.98 -1.76 -7.92
CA THR A 123 -10.10 -1.84 -8.85
C THR A 123 -11.39 -1.31 -8.20
N ARG A 124 -11.83 -1.99 -7.15
CA ARG A 124 -13.04 -1.59 -6.44
C ARG A 124 -12.94 -0.14 -5.96
N PHE A 125 -11.81 0.20 -5.35
CA PHE A 125 -11.58 1.55 -4.84
C PHE A 125 -12.16 2.58 -5.80
N LEU A 126 -11.98 2.34 -7.09
CA LEU A 126 -12.48 3.26 -8.12
C LEU A 126 -13.98 3.11 -8.31
N LYS A 127 -14.46 1.87 -8.21
CA LYS A 127 -15.88 1.58 -8.36
C LYS A 127 -16.69 2.21 -7.23
N SER A 128 -16.09 2.27 -6.05
CA SER A 128 -16.75 2.84 -4.87
C SER A 128 -16.89 4.35 -5.02
N PRO A 129 -17.91 4.92 -4.34
CA PRO A 129 -18.18 6.35 -4.37
C PRO A 129 -17.10 7.16 -3.65
N LEU A 130 -16.46 6.54 -2.67
CA LEU A 130 -15.42 7.20 -1.89
C LEU A 130 -14.43 7.92 -2.82
N TYR A 131 -13.85 7.16 -3.74
CA TYR A 131 -12.89 7.73 -4.68
C TYR A 131 -13.48 8.94 -5.42
N GLN A 132 -14.75 8.82 -5.81
CA GLN A 132 -15.42 9.90 -6.51
C GLN A 132 -15.41 11.18 -5.68
N GLU A 133 -15.50 11.04 -4.37
CA GLU A 133 -15.50 12.19 -3.47
C GLU A 133 -14.46 13.22 -3.91
N CYS A 134 -13.24 12.78 -4.10
CA CYS A 134 -12.16 13.66 -4.52
C CYS A 134 -12.32 14.05 -5.99
N ILE A 135 -12.85 13.14 -6.79
CA ILE A 135 -13.06 13.39 -8.21
C ILE A 135 -13.96 14.61 -8.42
N LEU A 136 -15.17 14.54 -7.85
CA LEU A 136 -16.13 15.64 -7.98
C LEU A 136 -15.50 16.96 -7.57
N ALA A 137 -14.70 16.93 -6.50
CA ALA A 137 -14.03 18.12 -6.01
C ALA A 137 -13.05 18.67 -7.04
N GLU A 138 -12.38 17.77 -7.75
CA GLU A 138 -11.40 18.15 -8.76
C GLU A 138 -12.10 18.66 -10.02
N VAL A 139 -13.02 17.86 -10.54
CA VAL A 139 -13.77 18.23 -11.74
C VAL A 139 -14.61 19.49 -11.51
N GLU A 140 -15.05 19.67 -10.27
CA GLU A 140 -15.86 20.83 -9.92
C GLU A 140 -14.99 22.00 -9.46
N GLY A 141 -14.21 21.77 -8.40
CA GLY A 141 -13.34 22.80 -7.89
C GLY A 141 -13.53 23.05 -6.41
N ARG A 142 -13.70 21.96 -5.65
CA ARG A 142 -13.90 22.06 -4.21
C ARG A 142 -12.77 21.36 -3.45
N ALA A 143 -12.81 21.46 -2.13
CA ALA A 143 -11.79 20.84 -1.29
C ALA A 143 -12.10 19.37 -1.05
N LEU A 144 -11.07 18.60 -0.74
CA LEU A 144 -11.23 17.17 -0.48
C LEU A 144 -11.74 16.93 0.94
N PRO A 145 -12.69 15.99 1.07
CA PRO A 145 -13.28 15.64 2.37
C PRO A 145 -12.30 14.89 3.27
N ASP A 146 -12.80 14.41 4.40
CA ASP A 146 -11.95 13.68 5.35
C ASP A 146 -12.32 12.20 5.38
N SER A 147 -11.37 11.34 5.03
CA SER A 147 -11.61 9.90 5.02
C SER A 147 -12.44 9.48 6.22
N GLN A 148 -12.12 10.02 7.39
CA GLN A 148 -12.85 9.70 8.61
C GLN A 148 -14.27 10.24 8.56
N GLN A 149 -14.44 11.39 7.91
CA GLN A 149 -15.75 12.01 7.80
C GLN A 149 -16.67 11.17 6.91
N VAL A 150 -16.17 10.78 5.75
CA VAL A 150 -16.94 9.98 4.81
C VAL A 150 -17.46 8.71 5.47
N PRO A 151 -18.78 8.51 5.42
CA PRO A 151 -19.44 7.34 6.01
C PRO A 151 -19.12 6.06 5.24
N SER A 152 -19.38 4.92 5.89
CA SER A 152 -19.11 3.63 5.28
C SER A 152 -20.16 2.60 5.70
N SER A 153 -20.91 2.09 4.72
CA SER A 153 -21.95 1.10 4.99
C SER A 153 -21.37 -0.13 5.66
N PRO A 154 -21.94 -0.50 6.81
CA PRO A 154 -21.50 -1.68 7.58
C PRO A 154 -21.82 -2.99 6.87
N ALA A 155 -20.85 -3.89 6.82
CA ALA A 155 -21.03 -5.18 6.18
C ALA A 155 -21.51 -6.23 7.18
N GLY A 1 15.05 29.02 -16.18
CA GLY A 1 13.63 29.13 -16.43
C GLY A 1 12.89 27.84 -16.14
N SER A 2 11.94 27.91 -15.22
CA SER A 2 11.16 26.73 -14.83
C SER A 2 9.82 27.15 -14.23
N SER A 3 8.89 26.19 -14.14
CA SER A 3 7.57 26.46 -13.59
C SER A 3 6.87 25.16 -13.22
N GLY A 4 5.90 25.24 -12.31
CA GLY A 4 5.17 24.07 -11.89
C GLY A 4 3.86 24.41 -11.19
N SER A 5 2.85 23.59 -11.38
CA SER A 5 1.54 23.81 -10.77
C SER A 5 0.85 22.49 -10.46
N SER A 6 0.51 22.30 -9.19
CA SER A 6 -0.16 21.07 -8.75
C SER A 6 -1.67 21.19 -8.92
N GLY A 7 -2.11 22.17 -9.71
CA GLY A 7 -3.52 22.37 -9.93
C GLY A 7 -3.92 22.18 -11.38
N ARG A 8 -3.32 22.98 -12.26
CA ARG A 8 -3.62 22.91 -13.68
C ARG A 8 -3.75 21.45 -14.13
N GLU A 9 -3.01 20.56 -13.48
CA GLU A 9 -3.05 19.14 -13.81
C GLU A 9 -4.09 18.42 -12.97
N ARG A 10 -4.42 17.19 -13.38
CA ARG A 10 -5.41 16.39 -12.67
C ARG A 10 -4.74 15.24 -11.92
N ARG A 11 -4.67 15.36 -10.60
CA ARG A 11 -4.05 14.33 -9.76
C ARG A 11 -5.08 13.29 -9.34
N VAL A 12 -6.31 13.74 -9.09
CA VAL A 12 -7.38 12.84 -8.68
C VAL A 12 -7.64 11.76 -9.73
N ALA A 13 -7.94 12.20 -10.95
CA ALA A 13 -8.21 11.27 -12.04
C ALA A 13 -7.00 10.37 -12.29
N SER A 14 -5.81 10.94 -12.21
CA SER A 14 -4.58 10.18 -12.43
C SER A 14 -4.58 8.90 -11.61
N TRP A 15 -5.37 8.90 -10.54
CA TRP A 15 -5.45 7.74 -9.67
C TRP A 15 -6.25 6.61 -10.33
N ALA A 16 -6.59 6.81 -11.59
CA ALA A 16 -7.36 5.81 -12.33
C ALA A 16 -6.57 5.29 -13.52
N VAL A 17 -5.64 6.10 -14.00
CA VAL A 17 -4.81 5.72 -15.15
C VAL A 17 -3.95 4.50 -14.83
N SER A 18 -3.52 4.40 -13.58
CA SER A 18 -2.69 3.28 -13.14
C SER A 18 -2.51 3.29 -11.63
N PHE A 19 -1.96 2.20 -11.10
CA PHE A 19 -1.73 2.09 -9.66
C PHE A 19 -0.61 3.02 -9.21
N GLU A 20 0.47 3.04 -9.98
CA GLU A 20 1.62 3.89 -9.66
C GLU A 20 1.15 5.26 -9.16
N ARG A 21 0.25 5.88 -9.91
CA ARG A 21 -0.28 7.19 -9.55
C ARG A 21 -0.90 7.17 -8.15
N LEU A 22 -1.61 6.08 -7.85
CA LEU A 22 -2.25 5.93 -6.56
C LEU A 22 -1.29 6.24 -5.42
N LEU A 23 -0.19 5.50 -5.36
CA LEU A 23 0.82 5.70 -4.34
C LEU A 23 1.58 7.00 -4.56
N GLN A 24 2.00 7.22 -5.80
CA GLN A 24 2.75 8.43 -6.15
C GLN A 24 2.23 9.63 -5.35
N ASP A 25 0.94 9.93 -5.49
CA ASP A 25 0.33 11.04 -4.79
C ASP A 25 0.00 10.66 -3.35
N PRO A 26 0.25 11.60 -2.41
CA PRO A 26 -0.01 11.38 -0.99
C PRO A 26 -1.50 11.34 -0.68
N VAL A 27 -2.33 11.67 -1.67
CA VAL A 27 -3.77 11.66 -1.50
C VAL A 27 -4.35 10.27 -1.78
N GLY A 28 -3.92 9.68 -2.89
CA GLY A 28 -4.41 8.37 -3.26
C GLY A 28 -4.20 7.34 -2.15
N VAL A 29 -3.08 7.45 -1.46
CA VAL A 29 -2.76 6.52 -0.37
C VAL A 29 -3.64 6.79 0.85
N ARG A 30 -3.86 8.06 1.14
CA ARG A 30 -4.67 8.46 2.28
C ARG A 30 -6.07 7.84 2.18
N TYR A 31 -6.77 8.16 1.10
CA TYR A 31 -8.12 7.65 0.89
C TYR A 31 -8.10 6.14 0.72
N PHE A 32 -7.20 5.65 -0.13
CA PHE A 32 -7.08 4.23 -0.39
C PHE A 32 -7.00 3.44 0.92
N SER A 33 -6.15 3.91 1.83
CA SER A 33 -5.97 3.25 3.12
C SER A 33 -7.32 3.04 3.82
N ASP A 34 -8.12 4.09 3.85
CA ASP A 34 -9.44 4.01 4.49
C ASP A 34 -10.29 2.92 3.84
N PHE A 35 -10.45 3.00 2.53
CA PHE A 35 -11.24 2.02 1.79
C PHE A 35 -10.95 0.60 2.28
N LEU A 36 -9.69 0.35 2.61
CA LEU A 36 -9.28 -0.96 3.09
C LEU A 36 -9.93 -1.27 4.44
N ARG A 37 -9.69 -0.40 5.41
CA ARG A 37 -10.24 -0.59 6.75
C ARG A 37 -11.68 -1.10 6.67
N LYS A 38 -12.47 -0.54 5.76
CA LYS A 38 -13.85 -0.94 5.58
C LYS A 38 -13.99 -2.46 5.66
N GLU A 39 -13.12 -3.17 4.95
CA GLU A 39 -13.14 -4.62 4.94
C GLU A 39 -11.93 -5.20 5.67
N PHE A 40 -11.25 -4.34 6.42
CA PHE A 40 -10.05 -4.76 7.16
C PHE A 40 -8.96 -5.24 6.22
N SER A 41 -8.77 -4.52 5.12
CA SER A 41 -7.76 -4.87 4.14
C SER A 41 -6.51 -3.99 4.29
N GLU A 42 -6.39 -3.36 5.45
CA GLU A 42 -5.25 -2.49 5.73
C GLU A 42 -3.95 -3.29 5.74
N GLU A 43 -3.98 -4.44 6.41
CA GLU A 43 -2.80 -5.29 6.50
C GLU A 43 -2.12 -5.44 5.14
N ASN A 44 -2.94 -5.47 4.09
CA ASN A 44 -2.42 -5.61 2.73
C ASN A 44 -1.39 -4.53 2.43
N ILE A 45 -1.81 -3.28 2.54
CA ILE A 45 -0.91 -2.15 2.27
C ILE A 45 0.21 -2.09 3.30
N LEU A 46 -0.12 -2.38 4.56
CA LEU A 46 0.87 -2.37 5.63
C LEU A 46 2.09 -3.20 5.26
N PHE A 47 1.85 -4.41 4.78
CA PHE A 47 2.92 -5.31 4.38
C PHE A 47 3.80 -4.67 3.30
N TRP A 48 3.15 -4.08 2.30
CA TRP A 48 3.85 -3.44 1.21
C TRP A 48 4.75 -2.31 1.71
N GLN A 49 4.19 -1.46 2.57
CA GLN A 49 4.94 -0.34 3.13
C GLN A 49 6.18 -0.83 3.87
N ALA A 50 5.95 -1.60 4.94
CA ALA A 50 7.05 -2.13 5.73
C ALA A 50 8.18 -2.64 4.85
N CYS A 51 7.83 -3.40 3.81
CA CYS A 51 8.81 -3.95 2.89
C CYS A 51 9.65 -2.83 2.28
N GLU A 52 8.99 -1.76 1.88
CA GLU A 52 9.69 -0.62 1.27
C GLU A 52 10.96 -0.29 2.04
N TYR A 53 10.81 -0.10 3.35
CA TYR A 53 11.95 0.23 4.21
C TYR A 53 13.06 -0.82 4.06
N PHE A 54 12.75 -2.04 4.46
CA PHE A 54 13.71 -3.14 4.38
C PHE A 54 14.37 -3.19 3.01
N ASN A 55 13.62 -2.82 1.97
CA ASN A 55 14.13 -2.82 0.61
C ASN A 55 15.20 -1.76 0.43
N HIS A 56 14.80 -0.49 0.52
CA HIS A 56 15.75 0.62 0.38
C HIS A 56 17.01 0.37 1.19
N VAL A 57 16.86 -0.34 2.30
CA VAL A 57 17.99 -0.65 3.17
C VAL A 57 19.10 -1.37 2.40
N PRO A 58 20.33 -0.85 2.51
CA PRO A 58 21.49 -1.43 1.82
C PRO A 58 21.90 -2.77 2.42
N ALA A 59 22.43 -3.65 1.58
CA ALA A 59 22.85 -4.97 2.03
C ALA A 59 23.86 -4.86 3.17
N HIS A 60 24.90 -4.04 2.95
CA HIS A 60 25.93 -3.84 3.96
C HIS A 60 25.32 -3.73 5.35
N ASP A 61 24.24 -2.95 5.45
CA ASP A 61 23.56 -2.76 6.73
C ASP A 61 22.81 -4.01 7.14
N LYS A 62 23.37 -4.76 8.08
CA LYS A 62 22.75 -5.99 8.57
C LYS A 62 21.86 -5.70 9.79
N LYS A 63 22.40 -4.95 10.74
CA LYS A 63 21.66 -4.61 11.95
C LYS A 63 20.19 -4.37 11.63
N GLU A 64 19.93 -3.55 10.61
CA GLU A 64 18.57 -3.22 10.21
C GLU A 64 17.94 -4.41 9.48
N LEU A 65 18.46 -4.72 8.31
CA LEU A 65 17.95 -5.82 7.50
C LEU A 65 17.52 -6.99 8.39
N SER A 66 18.48 -7.59 9.09
CA SER A 66 18.21 -8.71 9.97
C SER A 66 16.94 -8.47 10.77
N TYR A 67 16.85 -7.29 11.40
CA TYR A 67 15.69 -6.94 12.20
C TYR A 67 14.43 -6.86 11.34
N ARG A 68 14.45 -5.95 10.37
CA ARG A 68 13.31 -5.77 9.48
C ARG A 68 12.90 -7.10 8.85
N ALA A 69 13.78 -7.67 8.04
CA ALA A 69 13.52 -8.93 7.37
C ALA A 69 12.76 -9.88 8.29
N ARG A 70 13.36 -10.19 9.45
CA ARG A 70 12.76 -11.09 10.41
C ARG A 70 11.40 -10.55 10.88
N GLU A 71 11.43 -9.39 11.53
CA GLU A 71 10.21 -8.76 12.03
C GLU A 71 9.09 -8.84 10.99
N ILE A 72 9.32 -8.19 9.85
CA ILE A 72 8.34 -8.18 8.77
C ILE A 72 7.81 -9.59 8.49
N PHE A 73 8.73 -10.55 8.33
CA PHE A 73 8.35 -11.92 8.07
C PHE A 73 7.46 -12.47 9.19
N SER A 74 7.99 -12.52 10.39
CA SER A 74 7.24 -13.01 11.54
C SER A 74 6.09 -12.09 11.90
N LYS A 75 5.98 -10.99 11.15
CA LYS A 75 4.92 -10.01 11.38
C LYS A 75 3.66 -10.40 10.61
N PHE A 76 3.80 -10.62 9.31
CA PHE A 76 2.67 -10.98 8.46
C PHE A 76 2.88 -12.36 7.83
N LEU A 77 4.13 -12.83 7.88
CA LEU A 77 4.47 -14.13 7.33
C LEU A 77 4.59 -15.19 8.42
N CYS A 78 4.01 -14.89 9.59
CA CYS A 78 4.06 -15.82 10.71
C CYS A 78 2.68 -16.40 10.99
N SER A 79 2.65 -17.62 11.50
CA SER A 79 1.40 -18.30 11.79
C SER A 79 0.53 -17.46 12.73
N LYS A 80 1.07 -17.15 13.90
CA LYS A 80 0.35 -16.34 14.88
C LYS A 80 0.42 -14.85 14.53
N ALA A 81 0.84 -14.56 13.30
CA ALA A 81 0.95 -13.18 12.84
C ALA A 81 -0.34 -12.41 13.07
N THR A 82 -0.24 -11.29 13.77
CA THR A 82 -1.40 -10.47 14.06
C THR A 82 -2.37 -10.43 12.89
N THR A 83 -1.84 -10.14 11.69
CA THR A 83 -2.65 -10.08 10.50
C THR A 83 -1.90 -10.63 9.29
N PRO A 84 -2.22 -11.87 8.89
CA PRO A 84 -1.58 -12.52 7.76
C PRO A 84 -1.99 -11.90 6.43
N VAL A 85 -1.15 -12.10 5.41
CA VAL A 85 -1.42 -11.56 4.08
C VAL A 85 -1.62 -12.67 3.06
N ASN A 86 -1.93 -12.28 1.82
CA ASN A 86 -2.14 -13.24 0.75
C ASN A 86 -0.89 -14.08 0.52
N ILE A 87 0.27 -13.44 0.63
CA ILE A 87 1.54 -14.13 0.43
C ILE A 87 1.62 -15.40 1.28
N ASP A 88 2.19 -16.45 0.70
CA ASP A 88 2.34 -17.73 1.41
C ASP A 88 3.73 -17.85 2.01
N SER A 89 3.79 -17.99 3.34
CA SER A 89 5.06 -18.13 4.03
C SER A 89 5.70 -19.48 3.75
N GLN A 90 4.96 -20.35 3.09
CA GLN A 90 5.45 -21.68 2.75
C GLN A 90 6.67 -21.59 1.84
N ALA A 91 7.03 -20.37 1.46
CA ALA A 91 8.18 -20.14 0.59
C ALA A 91 9.49 -20.27 1.36
N GLN A 92 9.43 -20.98 2.49
CA GLN A 92 10.62 -21.18 3.32
C GLN A 92 11.52 -19.95 3.28
N LEU A 93 10.91 -18.78 3.23
CA LEU A 93 11.66 -17.53 3.18
C LEU A 93 12.40 -17.29 4.50
N ALA A 94 11.75 -17.66 5.60
CA ALA A 94 12.35 -17.49 6.92
C ALA A 94 13.75 -18.08 6.97
N ASP A 95 13.83 -19.41 6.94
CA ASP A 95 15.11 -20.10 6.97
C ASP A 95 16.15 -19.38 6.11
N ASP A 96 15.67 -18.54 5.21
CA ASP A 96 16.55 -17.79 4.32
C ASP A 96 16.85 -16.40 4.89
N VAL A 97 15.83 -15.75 5.41
CA VAL A 97 15.97 -14.42 6.00
C VAL A 97 16.57 -14.50 7.41
N LEU A 98 16.22 -15.57 8.13
CA LEU A 98 16.72 -15.76 9.48
C LEU A 98 18.22 -16.01 9.48
N ARG A 99 18.72 -16.61 8.40
CA ARG A 99 20.13 -16.91 8.28
C ARG A 99 20.85 -15.83 7.45
N ALA A 100 20.19 -15.40 6.37
CA ALA A 100 20.75 -14.38 5.49
C ALA A 100 19.67 -13.69 4.70
N PRO A 101 19.30 -12.47 5.13
CA PRO A 101 18.26 -11.68 4.46
C PRO A 101 18.72 -11.16 3.10
N HIS A 102 17.84 -10.43 2.43
CA HIS A 102 18.15 -9.87 1.11
C HIS A 102 17.29 -8.66 0.81
N PRO A 103 17.94 -7.51 0.56
CA PRO A 103 17.25 -6.25 0.26
C PRO A 103 16.56 -6.28 -1.10
N ASP A 104 16.75 -7.37 -1.83
CA ASP A 104 16.14 -7.52 -3.14
C ASP A 104 15.14 -8.66 -3.16
N MET A 105 15.45 -9.73 -2.44
CA MET A 105 14.57 -10.89 -2.36
C MET A 105 13.13 -10.47 -2.13
N PHE A 106 12.89 -9.76 -1.02
CA PHE A 106 11.55 -9.30 -0.69
C PHE A 106 10.85 -8.71 -1.91
N LYS A 107 11.59 -7.92 -2.68
CA LYS A 107 11.04 -7.29 -3.87
C LYS A 107 9.99 -8.19 -4.53
N GLU A 108 10.28 -9.49 -4.59
CA GLU A 108 9.37 -10.44 -5.19
C GLU A 108 8.05 -10.48 -4.43
N GLN A 109 8.13 -10.69 -3.12
CA GLN A 109 6.94 -10.75 -2.28
C GLN A 109 6.11 -9.49 -2.43
N GLN A 110 6.75 -8.33 -2.23
CA GLN A 110 6.08 -7.05 -2.33
C GLN A 110 5.17 -7.01 -3.56
N LEU A 111 5.66 -7.57 -4.66
CA LEU A 111 4.90 -7.59 -5.90
C LEU A 111 3.59 -8.35 -5.73
N GLN A 112 3.66 -9.49 -5.03
CA GLN A 112 2.48 -10.30 -4.78
C GLN A 112 1.30 -9.45 -4.32
N ILE A 113 1.53 -8.67 -3.27
CA ILE A 113 0.49 -7.80 -2.73
C ILE A 113 0.27 -6.58 -3.63
N PHE A 114 1.35 -6.07 -4.19
CA PHE A 114 1.27 -4.90 -5.06
C PHE A 114 0.25 -5.14 -6.18
N ASN A 115 0.28 -6.33 -6.77
CA ASN A 115 -0.64 -6.67 -7.84
C ASN A 115 -2.01 -7.02 -7.29
N LEU A 116 -2.05 -7.94 -6.33
CA LEU A 116 -3.29 -8.38 -5.71
C LEU A 116 -4.26 -7.20 -5.57
N MET A 117 -3.85 -6.19 -4.80
CA MET A 117 -4.69 -5.02 -4.58
C MET A 117 -4.89 -4.25 -5.89
N LYS A 118 -3.79 -3.98 -6.59
CA LYS A 118 -3.85 -3.26 -7.86
C LYS A 118 -5.05 -3.70 -8.68
N PHE A 119 -5.51 -4.93 -8.44
CA PHE A 119 -6.66 -5.47 -9.16
C PHE A 119 -7.82 -5.76 -8.21
N ASP A 120 -7.49 -5.92 -6.94
CA ASP A 120 -8.51 -6.20 -5.92
C ASP A 120 -9.07 -4.90 -5.34
N SER A 121 -8.21 -4.18 -4.62
CA SER A 121 -8.62 -2.91 -4.00
C SER A 121 -8.72 -1.80 -5.04
N TYR A 122 -7.58 -1.47 -5.65
CA TYR A 122 -7.54 -0.42 -6.66
C TYR A 122 -8.82 -0.42 -7.49
N THR A 123 -9.24 -1.60 -7.92
CA THR A 123 -10.44 -1.75 -8.74
C THR A 123 -11.66 -1.22 -7.99
N ARG A 124 -12.04 -1.92 -6.92
CA ARG A 124 -13.20 -1.53 -6.12
C ARG A 124 -13.11 -0.05 -5.73
N PHE A 125 -11.97 0.33 -5.17
CA PHE A 125 -11.76 1.72 -4.74
C PHE A 125 -12.45 2.69 -5.70
N LEU A 126 -12.19 2.51 -6.99
CA LEU A 126 -12.78 3.39 -8.01
C LEU A 126 -14.28 3.19 -8.07
N LYS A 127 -14.73 1.96 -7.90
CA LYS A 127 -16.15 1.63 -7.94
C LYS A 127 -16.89 2.27 -6.77
N SER A 128 -16.21 2.35 -5.62
CA SER A 128 -16.79 2.94 -4.42
C SER A 128 -16.97 4.45 -4.59
N PRO A 129 -17.93 5.01 -3.84
CA PRO A 129 -18.23 6.45 -3.88
C PRO A 129 -17.11 7.29 -3.28
N LEU A 130 -16.37 6.71 -2.34
CA LEU A 130 -15.27 7.41 -1.69
C LEU A 130 -14.38 8.10 -2.71
N TYR A 131 -13.87 7.32 -3.65
CA TYR A 131 -12.99 7.87 -4.69
C TYR A 131 -13.66 9.02 -5.42
N GLN A 132 -14.96 8.89 -5.68
CA GLN A 132 -15.71 9.93 -6.36
C GLN A 132 -15.65 11.25 -5.60
N GLU A 133 -15.64 11.15 -4.27
CA GLU A 133 -15.58 12.33 -3.42
C GLU A 133 -14.61 13.36 -3.98
N CYS A 134 -13.40 12.91 -4.29
CA CYS A 134 -12.37 13.79 -4.84
C CYS A 134 -12.67 14.14 -6.29
N ILE A 135 -13.22 13.18 -7.02
CA ILE A 135 -13.56 13.38 -8.42
C ILE A 135 -14.46 14.59 -8.60
N LEU A 136 -15.58 14.60 -7.89
CA LEU A 136 -16.53 15.69 -7.95
C LEU A 136 -15.84 17.03 -7.73
N ALA A 137 -14.94 17.08 -6.77
CA ALA A 137 -14.20 18.29 -6.46
C ALA A 137 -13.21 18.63 -7.57
N GLU A 138 -12.85 17.62 -8.36
CA GLU A 138 -11.91 17.81 -9.45
C GLU A 138 -12.64 18.17 -10.74
N VAL A 139 -13.86 17.67 -10.88
CA VAL A 139 -14.67 17.93 -12.07
C VAL A 139 -15.51 19.19 -11.88
N GLU A 140 -15.88 19.47 -10.64
CA GLU A 140 -16.70 20.64 -10.33
C GLU A 140 -15.82 21.83 -9.94
N GLY A 141 -14.78 21.55 -9.17
CA GLY A 141 -13.87 22.61 -8.74
C GLY A 141 -14.02 22.93 -7.26
N ARG A 142 -14.29 21.90 -6.46
CA ARG A 142 -14.45 22.08 -5.03
C ARG A 142 -13.25 21.54 -4.27
N ALA A 143 -13.29 21.65 -2.95
CA ALA A 143 -12.20 21.17 -2.11
C ALA A 143 -12.36 19.68 -1.78
N LEU A 144 -11.25 19.02 -1.49
CA LEU A 144 -11.27 17.60 -1.17
C LEU A 144 -11.65 17.37 0.28
N PRO A 145 -12.63 16.48 0.51
CA PRO A 145 -13.10 16.16 1.86
C PRO A 145 -12.06 15.38 2.67
N ASP A 146 -12.49 14.85 3.80
CA ASP A 146 -11.59 14.08 4.67
C ASP A 146 -12.01 12.62 4.72
N SER A 147 -11.20 11.77 4.09
CA SER A 147 -11.49 10.33 4.06
C SER A 147 -12.12 9.87 5.38
N GLN A 148 -11.35 9.99 6.46
CA GLN A 148 -11.83 9.59 7.78
C GLN A 148 -13.26 10.08 8.02
N GLN A 149 -13.46 11.39 7.87
CA GLN A 149 -14.78 11.97 8.07
C GLN A 149 -15.86 11.13 7.40
N VAL A 150 -15.65 10.80 6.13
CA VAL A 150 -16.60 9.99 5.38
C VAL A 150 -16.92 8.69 6.11
N PRO A 151 -18.22 8.43 6.33
CA PRO A 151 -18.69 7.23 7.01
C PRO A 151 -18.46 5.96 6.18
N SER A 152 -18.49 4.82 6.84
CA SER A 152 -18.29 3.54 6.16
C SER A 152 -19.45 3.24 5.22
N SER A 153 -20.67 3.30 5.75
CA SER A 153 -21.86 3.03 4.96
C SER A 153 -22.90 4.12 5.16
N PRO A 154 -23.37 4.71 4.05
CA PRO A 154 -24.38 5.78 4.07
C PRO A 154 -25.74 5.27 4.50
N ALA A 155 -26.73 6.18 4.50
CA ALA A 155 -28.09 5.82 4.88
C ALA A 155 -29.10 6.29 3.83
N GLY A 1 7.86 25.16 -10.96
CA GLY A 1 7.08 26.19 -11.61
C GLY A 1 7.92 27.04 -12.55
N SER A 2 8.59 26.40 -13.50
CA SER A 2 9.42 27.10 -14.46
C SER A 2 8.60 27.62 -15.63
N SER A 3 7.28 27.71 -15.43
CA SER A 3 6.38 28.18 -16.47
C SER A 3 5.88 29.59 -16.14
N GLY A 4 5.62 29.83 -14.86
CA GLY A 4 5.14 31.14 -14.44
C GLY A 4 3.75 31.07 -13.84
N SER A 5 2.95 32.11 -14.09
CA SER A 5 1.58 32.17 -13.57
C SER A 5 0.76 31.01 -14.09
N SER A 6 0.46 30.06 -13.21
CA SER A 6 -0.32 28.88 -13.58
C SER A 6 -0.84 28.17 -12.34
N GLY A 7 -1.84 27.31 -12.54
CA GLY A 7 -2.42 26.58 -11.43
C GLY A 7 -1.66 25.30 -11.12
N ARG A 8 -2.35 24.17 -11.18
CA ARG A 8 -1.73 22.88 -10.90
C ARG A 8 -2.29 21.80 -11.83
N GLU A 9 -1.67 20.63 -11.79
CA GLU A 9 -2.09 19.51 -12.64
C GLU A 9 -3.09 18.63 -11.90
N ARG A 10 -3.84 17.84 -12.66
CA ARG A 10 -4.83 16.94 -12.07
C ARG A 10 -4.15 15.75 -11.40
N ARG A 11 -4.09 15.77 -10.08
CA ARG A 11 -3.47 14.69 -9.31
C ARG A 11 -4.50 13.63 -8.92
N VAL A 12 -5.70 14.09 -8.56
CA VAL A 12 -6.77 13.18 -8.16
C VAL A 12 -7.01 12.12 -9.22
N ALA A 13 -7.20 12.56 -10.46
CA ALA A 13 -7.45 11.66 -11.57
C ALA A 13 -6.22 10.79 -11.86
N SER A 14 -5.04 11.39 -11.72
CA SER A 14 -3.79 10.68 -11.97
C SER A 14 -3.75 9.38 -11.18
N TRP A 15 -4.60 9.27 -10.17
CA TRP A 15 -4.66 8.08 -9.34
C TRP A 15 -5.43 6.96 -10.03
N ALA A 16 -5.78 7.19 -11.29
CA ALA A 16 -6.52 6.20 -12.08
C ALA A 16 -5.71 5.73 -13.28
N VAL A 17 -4.98 6.66 -13.90
CA VAL A 17 -4.17 6.35 -15.07
C VAL A 17 -3.26 5.16 -14.80
N SER A 18 -2.76 5.07 -13.56
CA SER A 18 -1.87 3.97 -13.18
C SER A 18 -1.73 3.91 -11.66
N PHE A 19 -1.24 2.78 -11.18
CA PHE A 19 -1.04 2.58 -9.74
C PHE A 19 0.06 3.49 -9.21
N GLU A 20 1.24 3.38 -9.82
CA GLU A 20 2.39 4.19 -9.40
C GLU A 20 1.94 5.57 -8.92
N ARG A 21 0.92 6.11 -9.59
CA ARG A 21 0.39 7.42 -9.24
C ARG A 21 -0.25 7.39 -7.85
N LEU A 22 -1.12 6.41 -7.63
CA LEU A 22 -1.80 6.27 -6.36
C LEU A 22 -0.85 6.51 -5.19
N LEU A 23 0.27 5.81 -5.19
CA LEU A 23 1.27 5.95 -4.14
C LEU A 23 2.01 7.28 -4.26
N GLN A 24 2.41 7.62 -5.48
CA GLN A 24 3.13 8.86 -5.74
C GLN A 24 2.62 9.97 -4.82
N ASP A 25 1.32 10.25 -4.88
CA ASP A 25 0.71 11.28 -4.06
C ASP A 25 0.30 10.72 -2.70
N PRO A 26 0.50 11.53 -1.64
CA PRO A 26 0.15 11.14 -0.28
C PRO A 26 -1.35 11.06 -0.06
N VAL A 27 -2.11 11.71 -0.94
CA VAL A 27 -3.56 11.71 -0.85
C VAL A 27 -4.15 10.39 -1.34
N GLY A 28 -3.63 9.90 -2.46
CA GLY A 28 -4.11 8.65 -3.01
C GLY A 28 -4.03 7.50 -2.03
N VAL A 29 -2.96 7.48 -1.23
CA VAL A 29 -2.76 6.43 -0.24
C VAL A 29 -3.70 6.61 0.94
N ARG A 30 -3.89 7.85 1.35
CA ARG A 30 -4.76 8.16 2.48
C ARG A 30 -6.15 7.57 2.27
N TYR A 31 -6.83 8.00 1.21
CA TYR A 31 -8.17 7.51 0.90
C TYR A 31 -8.16 6.00 0.69
N PHE A 32 -7.17 5.52 -0.07
CA PHE A 32 -7.05 4.10 -0.34
C PHE A 32 -7.14 3.28 0.94
N SER A 33 -6.20 3.51 1.85
CA SER A 33 -6.18 2.79 3.12
C SER A 33 -7.57 2.71 3.73
N ASP A 34 -8.24 3.86 3.84
CA ASP A 34 -9.58 3.92 4.40
C ASP A 34 -10.45 2.80 3.85
N PHE A 35 -10.47 2.65 2.53
CA PHE A 35 -11.25 1.62 1.88
C PHE A 35 -10.93 0.25 2.45
N LEU A 36 -9.66 -0.13 2.36
CA LEU A 36 -9.20 -1.43 2.86
C LEU A 36 -9.75 -1.69 4.27
N ARG A 37 -9.53 -0.73 5.16
CA ARG A 37 -10.00 -0.86 6.54
C ARG A 37 -11.43 -1.35 6.58
N LYS A 38 -12.28 -0.79 5.72
CA LYS A 38 -13.68 -1.17 5.64
C LYS A 38 -13.83 -2.69 5.59
N GLU A 39 -13.12 -3.32 4.64
CA GLU A 39 -13.18 -4.76 4.49
C GLU A 39 -12.12 -5.44 5.35
N PHE A 40 -11.60 -4.71 6.33
CA PHE A 40 -10.58 -5.24 7.22
C PHE A 40 -9.40 -5.82 6.43
N SER A 41 -8.97 -5.09 5.41
CA SER A 41 -7.86 -5.53 4.57
C SER A 41 -6.66 -4.62 4.75
N GLU A 42 -6.64 -3.86 5.84
CA GLU A 42 -5.54 -2.95 6.13
C GLU A 42 -4.20 -3.66 6.02
N GLU A 43 -4.03 -4.73 6.78
CA GLU A 43 -2.79 -5.50 6.76
C GLU A 43 -2.25 -5.61 5.33
N ASN A 44 -3.16 -5.71 4.37
CA ASN A 44 -2.76 -5.82 2.97
C ASN A 44 -1.77 -4.74 2.59
N ILE A 45 -2.18 -3.48 2.75
CA ILE A 45 -1.32 -2.35 2.43
C ILE A 45 -0.19 -2.21 3.45
N LEU A 46 -0.47 -2.59 4.69
CA LEU A 46 0.51 -2.51 5.76
C LEU A 46 1.78 -3.26 5.39
N PHE A 47 1.62 -4.43 4.78
CA PHE A 47 2.76 -5.25 4.38
C PHE A 47 3.52 -4.58 3.24
N TRP A 48 2.82 -4.29 2.15
CA TRP A 48 3.43 -3.66 0.99
C TRP A 48 4.31 -2.48 1.42
N GLN A 49 3.78 -1.64 2.30
CA GLN A 49 4.51 -0.47 2.78
C GLN A 49 5.81 -0.89 3.46
N ALA A 50 5.74 -1.91 4.31
CA ALA A 50 6.91 -2.41 5.03
C ALA A 50 8.05 -2.68 4.05
N CYS A 51 7.83 -3.63 3.15
CA CYS A 51 8.85 -3.99 2.16
C CYS A 51 9.52 -2.75 1.59
N GLU A 52 8.73 -1.88 0.98
CA GLU A 52 9.26 -0.66 0.38
C GLU A 52 10.33 -0.03 1.27
N TYR A 53 10.05 0.03 2.56
CA TYR A 53 10.98 0.61 3.52
C TYR A 53 12.26 -0.23 3.61
N PHE A 54 12.13 -1.44 4.12
CA PHE A 54 13.27 -2.34 4.27
C PHE A 54 14.05 -2.43 2.95
N ASN A 55 13.37 -2.14 1.85
CA ASN A 55 14.00 -2.19 0.53
C ASN A 55 15.05 -1.09 0.39
N HIS A 56 14.71 0.11 0.87
CA HIS A 56 15.62 1.24 0.79
C HIS A 56 16.87 0.99 1.64
N VAL A 57 16.87 -0.12 2.37
CA VAL A 57 18.00 -0.47 3.23
C VAL A 57 19.02 -1.31 2.46
N PRO A 58 20.26 -0.81 2.39
CA PRO A 58 21.35 -1.50 1.69
C PRO A 58 21.79 -2.76 2.42
N ALA A 59 22.34 -3.72 1.67
CA ALA A 59 22.80 -4.98 2.24
C ALA A 59 23.76 -4.73 3.41
N HIS A 60 24.81 -3.95 3.15
CA HIS A 60 25.79 -3.65 4.18
C HIS A 60 25.11 -3.26 5.49
N ASP A 61 23.86 -2.85 5.40
CA ASP A 61 23.09 -2.46 6.58
C ASP A 61 22.57 -3.70 7.32
N LYS A 62 23.20 -4.84 7.06
CA LYS A 62 22.81 -6.09 7.70
C LYS A 62 22.28 -5.84 9.11
N LYS A 63 22.89 -4.88 9.81
CA LYS A 63 22.47 -4.54 11.16
C LYS A 63 20.96 -4.39 11.24
N GLU A 64 20.41 -3.55 10.39
CA GLU A 64 18.96 -3.32 10.37
C GLU A 64 18.24 -4.43 9.62
N LEU A 65 18.69 -4.69 8.39
CA LEU A 65 18.08 -5.73 7.56
C LEU A 65 17.58 -6.89 8.42
N SER A 66 18.46 -7.41 9.27
CA SER A 66 18.11 -8.53 10.14
C SER A 66 16.84 -8.21 10.94
N TYR A 67 16.86 -7.08 11.63
CA TYR A 67 15.71 -6.67 12.44
C TYR A 67 14.46 -6.50 11.56
N ARG A 68 14.56 -5.63 10.57
CA ARG A 68 13.44 -5.38 9.66
C ARG A 68 13.01 -6.67 8.97
N ALA A 69 13.90 -7.23 8.16
CA ALA A 69 13.61 -8.47 7.44
C ALA A 69 12.75 -9.40 8.28
N ARG A 70 13.31 -9.88 9.39
CA ARG A 70 12.60 -10.79 10.29
C ARG A 70 11.32 -10.14 10.81
N GLU A 71 11.43 -8.88 11.22
CA GLU A 71 10.28 -8.14 11.75
C GLU A 71 9.08 -8.28 10.82
N ILE A 72 9.30 -7.98 9.54
CA ILE A 72 8.23 -8.07 8.54
C ILE A 72 7.59 -9.45 8.55
N PHE A 73 8.42 -10.49 8.65
CA PHE A 73 7.93 -11.86 8.66
C PHE A 73 7.20 -12.16 9.97
N SER A 74 7.93 -12.12 11.07
CA SER A 74 7.35 -12.38 12.38
C SER A 74 6.14 -11.49 12.64
N LYS A 75 5.89 -10.56 11.72
CA LYS A 75 4.77 -9.64 11.85
C LYS A 75 3.56 -10.15 11.07
N PHE A 76 3.73 -10.33 9.76
CA PHE A 76 2.66 -10.81 8.91
C PHE A 76 2.78 -12.32 8.68
N LEU A 77 3.97 -12.75 8.24
CA LEU A 77 4.21 -14.16 7.98
C LEU A 77 4.92 -14.82 9.16
N CYS A 78 4.15 -15.56 9.96
CA CYS A 78 4.70 -16.24 11.13
C CYS A 78 3.66 -17.16 11.77
N SER A 79 4.11 -18.02 12.67
CA SER A 79 3.22 -18.95 13.35
C SER A 79 2.15 -18.20 14.14
N LYS A 80 0.92 -18.20 13.63
CA LYS A 80 -0.19 -17.53 14.29
C LYS A 80 0.05 -16.02 14.33
N ALA A 81 0.58 -15.48 13.24
CA ALA A 81 0.85 -14.04 13.15
C ALA A 81 -0.43 -13.24 13.38
N THR A 82 -0.29 -12.10 14.06
CA THR A 82 -1.42 -11.23 14.34
C THR A 82 -2.33 -11.11 13.12
N THR A 83 -1.77 -10.60 12.03
CA THR A 83 -2.53 -10.43 10.79
C THR A 83 -1.69 -10.79 9.57
N PRO A 84 -1.93 -11.98 9.01
CA PRO A 84 -1.21 -12.47 7.84
C PRO A 84 -1.57 -11.71 6.57
N VAL A 85 -0.76 -11.86 5.53
CA VAL A 85 -1.01 -11.19 4.26
C VAL A 85 -1.23 -12.20 3.13
N ASN A 86 -1.93 -11.77 2.10
CA ASN A 86 -2.21 -12.63 0.95
C ASN A 86 -1.03 -13.55 0.67
N ILE A 87 0.18 -13.01 0.77
CA ILE A 87 1.38 -13.78 0.52
C ILE A 87 1.41 -15.06 1.37
N ASP A 88 1.89 -16.14 0.77
CA ASP A 88 1.97 -17.42 1.48
C ASP A 88 3.41 -17.77 1.82
N SER A 89 3.73 -17.76 3.11
CA SER A 89 5.08 -18.08 3.56
C SER A 89 5.63 -19.30 2.85
N GLN A 90 4.72 -20.09 2.27
CA GLN A 90 5.12 -21.29 1.55
C GLN A 90 6.26 -21.00 0.58
N ALA A 91 6.51 -19.72 0.34
CA ALA A 91 7.58 -19.32 -0.57
C ALA A 91 8.94 -19.51 0.07
N GLN A 92 9.00 -20.31 1.12
CA GLN A 92 10.24 -20.58 1.82
C GLN A 92 10.96 -19.28 2.17
N LEU A 93 10.18 -18.24 2.44
CA LEU A 93 10.74 -16.94 2.79
C LEU A 93 11.57 -17.02 4.07
N ALA A 94 10.95 -17.51 5.13
CA ALA A 94 11.63 -17.65 6.42
C ALA A 94 12.99 -18.32 6.25
N ASP A 95 12.97 -19.59 5.87
CA ASP A 95 14.21 -20.34 5.67
C ASP A 95 15.31 -19.44 5.13
N ASP A 96 14.91 -18.42 4.38
CA ASP A 96 15.88 -17.48 3.80
C ASP A 96 16.03 -16.24 4.68
N VAL A 97 15.01 -15.38 4.66
CA VAL A 97 15.03 -14.17 5.46
C VAL A 97 15.64 -14.42 6.83
N LEU A 98 15.58 -15.66 7.28
CA LEU A 98 16.14 -16.03 8.58
C LEU A 98 17.65 -16.24 8.49
N ARG A 99 18.06 -17.22 7.68
CA ARG A 99 19.47 -17.52 7.52
C ARG A 99 20.21 -16.33 6.92
N ALA A 100 19.64 -15.75 5.87
CA ALA A 100 20.26 -14.61 5.20
C ALA A 100 19.21 -13.81 4.43
N PRO A 101 18.89 -12.60 4.93
CA PRO A 101 17.91 -11.72 4.31
C PRO A 101 18.40 -11.14 2.99
N HIS A 102 17.56 -10.35 2.33
CA HIS A 102 17.91 -9.73 1.06
C HIS A 102 17.05 -8.51 0.79
N PRO A 103 17.70 -7.37 0.53
CA PRO A 103 17.01 -6.11 0.26
C PRO A 103 16.30 -6.12 -1.10
N ASP A 104 16.53 -7.17 -1.88
CA ASP A 104 15.91 -7.30 -3.19
C ASP A 104 14.92 -8.47 -3.20
N MET A 105 15.28 -9.55 -2.52
CA MET A 105 14.42 -10.72 -2.46
C MET A 105 12.97 -10.32 -2.20
N PHE A 106 12.76 -9.55 -1.13
CA PHE A 106 11.41 -9.10 -0.78
C PHE A 106 10.71 -8.47 -1.97
N LYS A 107 11.45 -7.64 -2.71
CA LYS A 107 10.90 -6.96 -3.88
C LYS A 107 9.88 -7.86 -4.59
N GLU A 108 10.25 -9.12 -4.79
CA GLU A 108 9.38 -10.08 -5.46
C GLU A 108 8.11 -10.32 -4.64
N GLN A 109 8.30 -10.73 -3.39
CA GLN A 109 7.18 -11.00 -2.50
C GLN A 109 6.23 -9.81 -2.45
N GLN A 110 6.80 -8.62 -2.24
CA GLN A 110 6.00 -7.40 -2.17
C GLN A 110 5.03 -7.30 -3.34
N LEU A 111 5.58 -7.37 -4.56
CA LEU A 111 4.76 -7.29 -5.76
C LEU A 111 3.48 -8.11 -5.61
N GLN A 112 3.57 -9.23 -4.91
CA GLN A 112 2.42 -10.10 -4.69
C GLN A 112 1.24 -9.29 -4.16
N ILE A 113 1.49 -8.46 -3.16
CA ILE A 113 0.44 -7.64 -2.56
C ILE A 113 0.10 -6.46 -3.46
N PHE A 114 1.10 -5.91 -4.13
CA PHE A 114 0.91 -4.78 -5.02
C PHE A 114 -0.12 -5.12 -6.11
N ASN A 115 0.12 -6.22 -6.81
CA ASN A 115 -0.77 -6.65 -7.88
C ASN A 115 -2.15 -6.98 -7.33
N LEU A 116 -2.20 -7.89 -6.35
CA LEU A 116 -3.46 -8.30 -5.74
C LEU A 116 -4.40 -7.10 -5.61
N MET A 117 -4.02 -6.13 -4.79
CA MET A 117 -4.84 -4.94 -4.58
C MET A 117 -5.11 -4.23 -5.90
N LYS A 118 -4.07 -4.03 -6.69
CA LYS A 118 -4.20 -3.37 -7.98
C LYS A 118 -5.42 -3.87 -8.73
N PHE A 119 -5.80 -5.12 -8.46
CA PHE A 119 -6.97 -5.71 -9.11
C PHE A 119 -8.05 -6.05 -8.10
N ASP A 120 -7.66 -6.10 -6.82
CA ASP A 120 -8.60 -6.41 -5.75
C ASP A 120 -9.23 -5.14 -5.20
N SER A 121 -8.42 -4.31 -4.54
CA SER A 121 -8.89 -3.07 -3.95
C SER A 121 -8.87 -1.94 -4.97
N TYR A 122 -7.67 -1.62 -5.46
CA TYR A 122 -7.50 -0.56 -6.45
C TYR A 122 -8.68 -0.52 -7.41
N THR A 123 -9.13 -1.70 -7.84
CA THR A 123 -10.25 -1.80 -8.77
C THR A 123 -11.52 -1.25 -8.14
N ARG A 124 -11.97 -1.91 -7.07
CA ARG A 124 -13.19 -1.48 -6.39
C ARG A 124 -13.09 -0.02 -5.93
N PHE A 125 -11.98 0.31 -5.29
CA PHE A 125 -11.75 1.66 -4.81
C PHE A 125 -12.30 2.69 -5.80
N LEU A 126 -12.09 2.44 -7.08
CA LEU A 126 -12.55 3.34 -8.13
C LEU A 126 -14.05 3.16 -8.37
N LYS A 127 -14.51 1.92 -8.28
CA LYS A 127 -15.92 1.61 -8.48
C LYS A 127 -16.78 2.21 -7.37
N SER A 128 -16.21 2.29 -6.17
CA SER A 128 -16.92 2.84 -5.02
C SER A 128 -17.12 4.34 -5.18
N PRO A 129 -18.17 4.87 -4.53
CA PRO A 129 -18.49 6.30 -4.57
C PRO A 129 -17.46 7.15 -3.83
N LEU A 130 -16.78 6.54 -2.87
CA LEU A 130 -15.77 7.24 -2.08
C LEU A 130 -14.79 7.98 -3.00
N TYR A 131 -14.18 7.25 -3.92
CA TYR A 131 -13.22 7.83 -4.85
C TYR A 131 -13.82 9.03 -5.58
N GLN A 132 -15.09 8.91 -5.95
CA GLN A 132 -15.78 9.99 -6.65
C GLN A 132 -15.73 11.28 -5.84
N GLU A 133 -15.79 11.15 -4.52
CA GLU A 133 -15.75 12.30 -3.63
C GLU A 133 -14.60 13.24 -4.01
N CYS A 134 -13.41 12.68 -4.12
CA CYS A 134 -12.23 13.47 -4.48
C CYS A 134 -12.27 13.89 -5.94
N ILE A 135 -12.89 13.07 -6.78
CA ILE A 135 -13.01 13.35 -8.20
C ILE A 135 -13.83 14.61 -8.43
N LEU A 136 -15.07 14.61 -7.94
CA LEU A 136 -15.97 15.75 -8.09
C LEU A 136 -15.27 17.05 -7.69
N ALA A 137 -14.63 17.04 -6.53
CA ALA A 137 -13.92 18.21 -6.03
C ALA A 137 -12.85 18.67 -7.03
N GLU A 138 -12.25 17.71 -7.72
CA GLU A 138 -11.22 18.01 -8.70
C GLU A 138 -11.83 18.57 -9.98
N VAL A 139 -12.65 17.77 -10.64
CA VAL A 139 -13.30 18.18 -11.87
C VAL A 139 -14.09 19.47 -11.68
N GLU A 140 -14.60 19.67 -10.47
CA GLU A 140 -15.38 20.86 -10.15
C GLU A 140 -14.47 21.97 -9.60
N GLY A 141 -13.80 21.67 -8.49
CA GLY A 141 -12.92 22.64 -7.88
C GLY A 141 -13.27 22.91 -6.43
N ARG A 142 -13.56 21.85 -5.68
CA ARG A 142 -13.92 21.98 -4.28
C ARG A 142 -12.86 21.32 -3.38
N ALA A 143 -13.03 21.47 -2.07
CA ALA A 143 -12.09 20.90 -1.11
C ALA A 143 -12.34 19.41 -0.93
N LEU A 144 -11.26 18.65 -0.78
CA LEU A 144 -11.37 17.21 -0.59
C LEU A 144 -11.87 16.87 0.81
N PRO A 145 -12.90 16.00 0.88
CA PRO A 145 -13.49 15.58 2.15
C PRO A 145 -12.56 14.69 2.96
N ASP A 146 -13.07 14.16 4.06
CA ASP A 146 -12.28 13.29 4.93
C ASP A 146 -12.75 11.84 4.82
N SER A 147 -11.98 11.03 4.10
CA SER A 147 -12.32 9.63 3.93
C SER A 147 -12.93 9.04 5.20
N GLN A 148 -12.16 9.07 6.28
CA GLN A 148 -12.61 8.55 7.57
C GLN A 148 -14.03 9.03 7.87
N GLN A 149 -14.26 10.33 7.74
CA GLN A 149 -15.57 10.91 8.01
C GLN A 149 -16.65 10.22 7.17
N VAL A 150 -16.34 9.99 5.90
CA VAL A 150 -17.29 9.33 5.00
C VAL A 150 -17.81 8.03 5.60
N PRO A 151 -19.14 7.91 5.73
CA PRO A 151 -19.78 6.72 6.28
C PRO A 151 -19.68 5.52 5.34
N SER A 152 -20.32 4.43 5.73
CA SER A 152 -20.31 3.21 4.93
C SER A 152 -21.05 3.41 3.61
N SER A 153 -20.72 2.58 2.63
CA SER A 153 -21.35 2.67 1.31
C SER A 153 -22.52 1.71 1.20
N PRO A 154 -23.49 2.03 0.33
CA PRO A 154 -24.67 1.20 0.11
C PRO A 154 -24.34 -0.11 -0.60
N ALA A 155 -24.90 -1.21 -0.10
CA ALA A 155 -24.66 -2.52 -0.69
C ALA A 155 -25.35 -2.64 -2.04
N GLY A 1 -13.66 37.16 -15.86
CA GLY A 1 -14.45 36.98 -17.06
C GLY A 1 -14.24 35.64 -17.71
N SER A 2 -13.04 35.41 -18.24
CA SER A 2 -12.71 34.14 -18.89
C SER A 2 -12.08 33.17 -17.90
N SER A 3 -11.93 31.93 -18.32
CA SER A 3 -11.36 30.89 -17.48
C SER A 3 -10.26 30.13 -18.23
N GLY A 4 -9.06 30.11 -17.66
CA GLY A 4 -7.95 29.42 -18.28
C GLY A 4 -7.85 27.97 -17.84
N SER A 5 -6.64 27.53 -17.53
CA SER A 5 -6.41 26.15 -17.10
C SER A 5 -6.27 26.08 -15.58
N SER A 6 -6.28 24.86 -15.05
CA SER A 6 -6.15 24.64 -13.62
C SER A 6 -4.78 25.11 -13.11
N GLY A 7 -3.73 24.66 -13.80
CA GLY A 7 -2.39 25.04 -13.41
C GLY A 7 -1.45 23.85 -13.30
N ARG A 8 -1.95 22.76 -12.73
CA ARG A 8 -1.16 21.55 -12.56
C ARG A 8 -1.90 20.34 -13.12
N GLU A 9 -1.21 19.20 -13.17
CA GLU A 9 -1.80 17.97 -13.68
C GLU A 9 -2.89 17.46 -12.75
N ARG A 10 -3.72 16.55 -13.26
CA ARG A 10 -4.81 15.97 -12.48
C ARG A 10 -4.33 14.75 -11.70
N ARG A 11 -4.48 14.80 -10.39
CA ARG A 11 -4.07 13.69 -9.52
C ARG A 11 -5.26 12.81 -9.17
N VAL A 12 -6.41 13.43 -8.94
CA VAL A 12 -7.63 12.71 -8.59
C VAL A 12 -7.96 11.68 -9.65
N ALA A 13 -7.92 12.09 -10.92
CA ALA A 13 -8.22 11.20 -12.03
C ALA A 13 -7.07 10.23 -12.28
N SER A 14 -5.85 10.68 -12.06
CA SER A 14 -4.67 9.86 -12.27
C SER A 14 -4.83 8.51 -11.57
N TRP A 15 -5.75 8.44 -10.63
CA TRP A 15 -6.01 7.21 -9.88
C TRP A 15 -6.87 6.25 -10.69
N ALA A 16 -7.10 6.59 -11.96
CA ALA A 16 -7.90 5.77 -12.84
C ALA A 16 -7.08 5.25 -14.01
N VAL A 17 -6.17 6.09 -14.50
CA VAL A 17 -5.31 5.72 -15.63
C VAL A 17 -4.53 4.45 -15.33
N SER A 18 -3.89 4.42 -14.16
CA SER A 18 -3.10 3.25 -13.76
C SER A 18 -2.99 3.18 -12.24
N PHE A 19 -2.47 2.06 -11.76
CA PHE A 19 -2.31 1.85 -10.32
C PHE A 19 -1.11 2.63 -9.79
N GLU A 20 0.01 2.55 -10.50
CA GLU A 20 1.22 3.25 -10.10
C GLU A 20 0.92 4.68 -9.66
N ARG A 21 0.00 5.32 -10.38
CA ARG A 21 -0.39 6.69 -10.06
C ARG A 21 -1.04 6.77 -8.69
N LEU A 22 -1.72 5.69 -8.30
CA LEU A 22 -2.39 5.64 -7.00
C LEU A 22 -1.39 5.84 -5.86
N LEU A 23 -0.33 5.03 -5.86
CA LEU A 23 0.69 5.12 -4.83
C LEU A 23 1.52 6.39 -4.98
N GLN A 24 2.15 6.55 -6.14
CA GLN A 24 2.97 7.72 -6.42
C GLN A 24 2.36 8.97 -5.79
N ASP A 25 1.04 9.12 -5.93
CA ASP A 25 0.34 10.27 -5.37
C ASP A 25 0.03 10.05 -3.89
N PRO A 26 0.22 11.11 -3.08
CA PRO A 26 -0.02 11.05 -1.64
C PRO A 26 -1.51 10.94 -1.32
N VAL A 27 -2.34 11.68 -2.06
CA VAL A 27 -3.78 11.66 -1.85
C VAL A 27 -4.36 10.29 -2.16
N GLY A 28 -3.83 9.64 -3.19
CA GLY A 28 -4.31 8.32 -3.56
C GLY A 28 -4.14 7.31 -2.46
N VAL A 29 -3.12 7.50 -1.63
CA VAL A 29 -2.85 6.59 -0.53
C VAL A 29 -3.70 6.92 0.69
N ARG A 30 -3.67 8.19 1.09
CA ARG A 30 -4.44 8.64 2.25
C ARG A 30 -5.84 8.04 2.22
N TYR A 31 -6.42 7.91 1.03
CA TYR A 31 -7.75 7.35 0.88
C TYR A 31 -7.70 5.83 0.75
N PHE A 32 -6.69 5.34 0.04
CA PHE A 32 -6.52 3.91 -0.16
C PHE A 32 -6.64 3.16 1.17
N SER A 33 -5.77 3.52 2.11
CA SER A 33 -5.77 2.87 3.43
C SER A 33 -7.18 2.80 4.00
N ASP A 34 -7.86 3.94 4.00
CA ASP A 34 -9.23 4.02 4.52
C ASP A 34 -10.10 2.91 3.91
N PHE A 35 -10.14 2.85 2.59
CA PHE A 35 -10.93 1.84 1.89
C PHE A 35 -10.80 0.48 2.57
N LEU A 36 -9.57 -0.02 2.64
CA LEU A 36 -9.30 -1.31 3.25
C LEU A 36 -9.89 -1.37 4.67
N ARG A 37 -9.70 -0.30 5.42
CA ARG A 37 -10.20 -0.23 6.79
C ARG A 37 -11.64 -0.73 6.86
N LYS A 38 -12.43 -0.37 5.86
CA LYS A 38 -13.83 -0.78 5.80
C LYS A 38 -13.97 -2.29 6.01
N GLU A 39 -13.26 -3.06 5.18
CA GLU A 39 -13.30 -4.51 5.27
C GLU A 39 -12.15 -5.03 6.12
N PHE A 40 -11.48 -4.13 6.84
CA PHE A 40 -10.36 -4.50 7.68
C PHE A 40 -9.30 -5.27 6.88
N SER A 41 -9.00 -4.76 5.70
CA SER A 41 -8.00 -5.40 4.84
C SER A 41 -6.76 -4.52 4.70
N GLU A 42 -6.61 -3.57 5.62
CA GLU A 42 -5.47 -2.67 5.61
C GLU A 42 -4.15 -3.46 5.47
N GLU A 43 -4.06 -4.56 6.20
CA GLU A 43 -2.86 -5.39 6.17
C GLU A 43 -2.27 -5.44 4.76
N ASN A 44 -3.14 -5.51 3.77
CA ASN A 44 -2.71 -5.56 2.37
C ASN A 44 -1.68 -4.46 2.08
N ILE A 45 -2.08 -3.22 2.27
CA ILE A 45 -1.19 -2.08 2.03
C ILE A 45 -0.07 -2.03 3.06
N LEU A 46 -0.36 -2.51 4.27
CA LEU A 46 0.62 -2.53 5.34
C LEU A 46 1.88 -3.27 4.92
N PHE A 47 1.70 -4.41 4.27
CA PHE A 47 2.82 -5.22 3.81
C PHE A 47 3.68 -4.44 2.82
N TRP A 48 3.08 -4.04 1.71
CA TRP A 48 3.79 -3.29 0.68
C TRP A 48 4.61 -2.17 1.30
N GLN A 49 3.93 -1.27 2.02
CA GLN A 49 4.60 -0.15 2.67
C GLN A 49 5.81 -0.63 3.46
N ALA A 50 5.66 -1.75 4.15
CA ALA A 50 6.73 -2.30 4.96
C ALA A 50 7.92 -2.71 4.09
N CYS A 51 7.62 -3.37 2.98
CA CYS A 51 8.65 -3.82 2.05
C CYS A 51 9.73 -2.74 1.88
N GLU A 52 9.33 -1.61 1.31
CA GLU A 52 10.25 -0.50 1.07
C GLU A 52 11.01 -0.16 2.35
N TYR A 53 10.30 -0.13 3.47
CA TYR A 53 10.92 0.19 4.76
C TYR A 53 12.07 -0.76 5.06
N PHE A 54 11.93 -2.01 4.63
CA PHE A 54 12.95 -3.02 4.86
C PHE A 54 14.02 -2.95 3.77
N ASN A 55 13.58 -2.97 2.52
CA ASN A 55 14.50 -2.92 1.39
C ASN A 55 15.43 -1.71 1.50
N HIS A 56 14.85 -0.54 1.70
CA HIS A 56 15.63 0.70 1.83
C HIS A 56 16.96 0.43 2.53
N VAL A 57 16.94 -0.51 3.47
CA VAL A 57 18.14 -0.86 4.22
C VAL A 57 19.19 -1.52 3.31
N PRO A 58 20.42 -1.02 3.38
CA PRO A 58 21.53 -1.54 2.58
C PRO A 58 21.96 -2.94 3.02
N ALA A 59 22.44 -3.74 2.07
CA ALA A 59 22.89 -5.09 2.37
C ALA A 59 23.99 -5.09 3.43
N HIS A 60 24.95 -4.18 3.27
CA HIS A 60 26.05 -4.08 4.21
C HIS A 60 25.55 -4.08 5.65
N ASP A 61 24.58 -3.21 5.92
CA ASP A 61 24.00 -3.11 7.26
C ASP A 61 23.22 -4.37 7.61
N LYS A 62 23.78 -5.20 8.47
CA LYS A 62 23.14 -6.44 8.88
C LYS A 62 22.28 -6.21 10.13
N LYS A 63 22.83 -5.50 11.10
CA LYS A 63 22.12 -5.20 12.34
C LYS A 63 20.65 -4.93 12.06
N GLU A 64 20.38 -4.07 11.07
CA GLU A 64 19.01 -3.73 10.72
C GLU A 64 18.36 -4.84 9.91
N LEU A 65 18.93 -5.14 8.74
CA LEU A 65 18.41 -6.18 7.88
C LEU A 65 17.77 -7.31 8.70
N SER A 66 18.53 -7.83 9.66
CA SER A 66 18.05 -8.90 10.52
C SER A 66 16.76 -8.51 11.21
N TYR A 67 16.76 -7.35 11.87
CA TYR A 67 15.59 -6.86 12.58
C TYR A 67 14.47 -6.52 11.60
N ARG A 68 14.75 -5.62 10.67
CA ARG A 68 13.76 -5.22 9.68
C ARG A 68 13.12 -6.43 9.01
N ALA A 69 13.97 -7.33 8.50
CA ALA A 69 13.49 -8.53 7.85
C ALA A 69 12.59 -9.34 8.76
N ARG A 70 13.16 -9.85 9.86
CA ARG A 70 12.40 -10.64 10.82
C ARG A 70 11.14 -9.90 11.26
N GLU A 71 11.23 -8.58 11.35
CA GLU A 71 10.10 -7.76 11.76
C GLU A 71 8.91 -7.98 10.84
N ILE A 72 9.15 -7.88 9.53
CA ILE A 72 8.09 -8.07 8.55
C ILE A 72 7.48 -9.45 8.66
N PHE A 73 8.33 -10.47 8.76
CA PHE A 73 7.87 -11.85 8.88
C PHE A 73 7.01 -12.04 10.13
N SER A 74 7.65 -11.94 11.29
CA SER A 74 6.96 -12.09 12.56
C SER A 74 5.76 -11.16 12.65
N LYS A 75 5.62 -10.30 11.65
CA LYS A 75 4.50 -9.36 11.60
C LYS A 75 3.38 -9.88 10.73
N PHE A 76 3.68 -10.09 9.45
CA PHE A 76 2.69 -10.58 8.50
C PHE A 76 2.84 -12.09 8.29
N LEU A 77 4.05 -12.51 7.94
CA LEU A 77 4.33 -13.93 7.72
C LEU A 77 4.95 -14.56 8.95
N CYS A 78 4.14 -15.30 9.70
CA CYS A 78 4.60 -15.96 10.91
C CYS A 78 3.53 -16.91 11.46
N SER A 79 3.88 -17.64 12.51
CA SER A 79 2.95 -18.58 13.13
C SER A 79 1.96 -17.85 14.04
N LYS A 80 2.42 -16.75 14.63
CA LYS A 80 1.58 -15.96 15.52
C LYS A 80 1.37 -14.55 14.97
N ALA A 81 1.65 -14.38 13.68
CA ALA A 81 1.49 -13.08 13.04
C ALA A 81 0.10 -12.50 13.31
N THR A 82 0.07 -11.25 13.76
CA THR A 82 -1.19 -10.58 14.06
C THR A 82 -2.13 -10.62 12.85
N THR A 83 -1.69 -10.04 11.75
CA THR A 83 -2.49 -10.01 10.53
C THR A 83 -1.69 -10.49 9.33
N PRO A 84 -1.91 -11.74 8.91
CA PRO A 84 -1.22 -12.34 7.77
C PRO A 84 -1.64 -11.71 6.45
N VAL A 85 -0.94 -12.09 5.38
CA VAL A 85 -1.25 -11.58 4.05
C VAL A 85 -1.46 -12.71 3.05
N ASN A 86 -2.13 -12.40 1.95
CA ASN A 86 -2.40 -13.40 0.91
C ASN A 86 -1.17 -14.27 0.67
N ILE A 87 0.00 -13.65 0.67
CA ILE A 87 1.25 -14.36 0.45
C ILE A 87 1.38 -15.55 1.41
N ASP A 88 1.83 -16.68 0.88
CA ASP A 88 2.01 -17.88 1.68
C ASP A 88 3.44 -18.02 2.16
N SER A 89 3.64 -17.88 3.47
CA SER A 89 4.97 -17.99 4.06
C SER A 89 5.57 -19.36 3.81
N GLN A 90 4.73 -20.30 3.38
CA GLN A 90 5.18 -21.66 3.09
C GLN A 90 6.11 -21.68 1.88
N ALA A 91 6.43 -20.50 1.36
CA ALA A 91 7.30 -20.40 0.20
C ALA A 91 8.76 -20.64 0.59
N GLN A 92 8.96 -21.25 1.76
CA GLN A 92 10.30 -21.53 2.25
C GLN A 92 11.17 -20.28 2.22
N LEU A 93 10.56 -19.13 2.43
CA LEU A 93 11.28 -17.86 2.43
C LEU A 93 11.84 -17.55 3.81
N ALA A 94 11.19 -18.09 4.85
CA ALA A 94 11.64 -17.87 6.22
C ALA A 94 13.09 -18.31 6.41
N ASP A 95 13.31 -19.62 6.41
CA ASP A 95 14.65 -20.17 6.58
C ASP A 95 15.69 -19.26 5.94
N ASP A 96 15.27 -18.54 4.90
CA ASP A 96 16.18 -17.65 4.18
C ASP A 96 16.35 -16.34 4.95
N VAL A 97 15.24 -15.65 5.20
CA VAL A 97 15.27 -14.38 5.92
C VAL A 97 15.82 -14.57 7.33
N LEU A 98 15.65 -15.77 7.87
CA LEU A 98 16.13 -16.07 9.22
C LEU A 98 17.64 -16.25 9.22
N ARG A 99 18.14 -17.09 8.32
CA ARG A 99 19.56 -17.35 8.22
C ARG A 99 20.29 -16.16 7.58
N ALA A 100 19.82 -15.75 6.41
CA ALA A 100 20.42 -14.62 5.72
C ALA A 100 19.38 -13.87 4.89
N PRO A 101 18.98 -12.69 5.40
CA PRO A 101 17.99 -11.84 4.72
C PRO A 101 18.52 -11.23 3.42
N HIS A 102 17.65 -10.56 2.69
CA HIS A 102 18.03 -9.93 1.44
C HIS A 102 17.15 -8.71 1.15
N PRO A 103 17.80 -7.55 1.02
CA PRO A 103 17.10 -6.28 0.75
C PRO A 103 16.52 -6.23 -0.67
N ASP A 104 16.75 -7.29 -1.43
CA ASP A 104 16.24 -7.38 -2.79
C ASP A 104 15.26 -8.53 -2.94
N MET A 105 15.56 -9.64 -2.27
CA MET A 105 14.70 -10.82 -2.33
C MET A 105 13.24 -10.44 -2.13
N PHE A 106 12.94 -9.82 -0.99
CA PHE A 106 11.57 -9.40 -0.68
C PHE A 106 10.89 -8.82 -1.91
N LYS A 107 11.63 -8.00 -2.66
CA LYS A 107 11.09 -7.38 -3.87
C LYS A 107 10.07 -8.30 -4.54
N GLU A 108 10.41 -9.58 -4.63
CA GLU A 108 9.53 -10.55 -5.26
C GLU A 108 8.16 -10.56 -4.60
N GLN A 109 8.12 -10.89 -3.31
CA GLN A 109 6.88 -10.94 -2.56
C GLN A 109 6.10 -9.64 -2.73
N GLN A 110 6.80 -8.52 -2.65
CA GLN A 110 6.18 -7.21 -2.79
C GLN A 110 5.28 -7.16 -4.03
N LEU A 111 5.75 -7.78 -5.11
CA LEU A 111 4.99 -7.81 -6.36
C LEU A 111 3.66 -8.54 -6.17
N GLN A 112 3.70 -9.63 -5.41
CA GLN A 112 2.51 -10.43 -5.15
C GLN A 112 1.35 -9.54 -4.69
N ILE A 113 1.58 -8.80 -3.61
CA ILE A 113 0.55 -7.91 -3.07
C ILE A 113 0.25 -6.78 -4.04
N PHE A 114 1.27 -6.32 -4.75
CA PHE A 114 1.10 -5.24 -5.72
C PHE A 114 0.00 -5.57 -6.72
N ASN A 115 0.16 -6.69 -7.42
CA ASN A 115 -0.82 -7.11 -8.41
C ASN A 115 -2.18 -7.34 -7.76
N LEU A 116 -2.19 -8.02 -6.62
CA LEU A 116 -3.43 -8.30 -5.90
C LEU A 116 -4.25 -7.03 -5.71
N MET A 117 -3.73 -6.12 -4.90
CA MET A 117 -4.41 -4.85 -4.63
C MET A 117 -4.68 -4.09 -5.92
N LYS A 118 -3.73 -4.17 -6.85
CA LYS A 118 -3.86 -3.50 -8.14
C LYS A 118 -5.20 -3.82 -8.80
N PHE A 119 -5.65 -5.06 -8.63
CA PHE A 119 -6.91 -5.51 -9.20
C PHE A 119 -7.89 -5.91 -8.11
N ASP A 120 -7.43 -5.88 -6.86
CA ASP A 120 -8.26 -6.26 -5.73
C ASP A 120 -8.84 -5.01 -5.06
N SER A 121 -7.95 -4.14 -4.57
CA SER A 121 -8.37 -2.91 -3.90
C SER A 121 -8.50 -1.77 -4.90
N TYR A 122 -7.38 -1.34 -5.45
CA TYR A 122 -7.37 -0.24 -6.42
C TYR A 122 -8.62 -0.30 -7.31
N THR A 123 -9.01 -1.50 -7.70
CA THR A 123 -10.18 -1.69 -8.54
C THR A 123 -11.45 -1.24 -7.83
N ARG A 124 -11.85 -2.00 -6.82
CA ARG A 124 -13.05 -1.67 -6.05
C ARG A 124 -13.03 -0.22 -5.59
N PHE A 125 -11.87 0.22 -5.09
CA PHE A 125 -11.72 1.58 -4.61
C PHE A 125 -12.39 2.57 -5.55
N LEU A 126 -12.22 2.35 -6.85
CA LEU A 126 -12.81 3.23 -7.86
C LEU A 126 -14.32 3.03 -7.95
N LYS A 127 -14.76 1.78 -7.79
CA LYS A 127 -16.18 1.46 -7.84
C LYS A 127 -16.92 2.08 -6.67
N SER A 128 -16.23 2.19 -5.53
CA SER A 128 -16.82 2.75 -4.32
C SER A 128 -17.06 4.25 -4.50
N PRO A 129 -18.04 4.79 -3.75
CA PRO A 129 -18.39 6.21 -3.80
C PRO A 129 -17.30 7.10 -3.21
N LEU A 130 -16.41 6.49 -2.43
CA LEU A 130 -15.31 7.23 -1.79
C LEU A 130 -14.46 7.94 -2.84
N TYR A 131 -14.02 7.19 -3.85
CA TYR A 131 -13.19 7.76 -4.90
C TYR A 131 -13.85 8.99 -5.52
N GLN A 132 -15.16 8.90 -5.75
CA GLN A 132 -15.91 10.00 -6.33
C GLN A 132 -15.72 11.27 -5.51
N GLU A 133 -15.74 11.13 -4.18
CA GLU A 133 -15.57 12.28 -3.29
C GLU A 133 -14.59 13.29 -3.87
N CYS A 134 -13.39 12.81 -4.21
CA CYS A 134 -12.36 13.67 -4.77
C CYS A 134 -12.74 14.13 -6.18
N ILE A 135 -13.27 13.20 -6.97
CA ILE A 135 -13.68 13.51 -8.33
C ILE A 135 -14.61 14.71 -8.38
N LEU A 136 -15.72 14.63 -7.65
CA LEU A 136 -16.69 15.71 -7.60
C LEU A 136 -16.00 17.05 -7.34
N ALA A 137 -15.04 17.04 -6.41
CA ALA A 137 -14.30 18.25 -6.07
C ALA A 137 -13.43 18.71 -7.24
N GLU A 138 -12.91 17.75 -7.99
CA GLU A 138 -12.06 18.06 -9.13
C GLU A 138 -12.87 18.63 -10.29
N VAL A 139 -13.95 17.93 -10.64
CA VAL A 139 -14.82 18.35 -11.73
C VAL A 139 -15.55 19.64 -11.37
N GLU A 140 -15.89 19.80 -10.09
CA GLU A 140 -16.59 20.98 -9.61
C GLU A 140 -15.61 22.12 -9.35
N GLY A 141 -14.60 21.85 -8.54
CA GLY A 141 -13.61 22.86 -8.23
C GLY A 141 -13.52 23.15 -6.74
N ARG A 142 -13.64 22.10 -5.93
CA ARG A 142 -13.57 22.23 -4.48
C ARG A 142 -12.39 21.46 -3.91
N ALA A 143 -12.15 21.64 -2.62
CA ALA A 143 -11.04 20.95 -1.95
C ALA A 143 -11.43 19.52 -1.60
N LEU A 144 -10.43 18.63 -1.62
CA LEU A 144 -10.67 17.22 -1.31
C LEU A 144 -11.02 17.05 0.17
N PRO A 145 -12.01 16.19 0.44
CA PRO A 145 -12.46 15.91 1.81
C PRO A 145 -11.43 15.12 2.61
N ASP A 146 -11.84 14.63 3.77
CA ASP A 146 -10.95 13.85 4.62
C ASP A 146 -11.41 12.40 4.71
N SER A 147 -10.45 11.48 4.60
CA SER A 147 -10.76 10.05 4.66
C SER A 147 -11.74 9.75 5.80
N GLN A 148 -11.42 10.26 6.98
CA GLN A 148 -12.27 10.04 8.15
C GLN A 148 -13.59 10.79 8.02
N GLN A 149 -13.53 12.01 7.49
CA GLN A 149 -14.72 12.83 7.31
C GLN A 149 -15.84 12.01 6.66
N VAL A 150 -15.58 11.52 5.46
CA VAL A 150 -16.57 10.72 4.74
C VAL A 150 -16.88 9.42 5.48
N PRO A 151 -18.18 9.14 5.66
CA PRO A 151 -18.64 7.93 6.35
C PRO A 151 -18.38 6.67 5.53
N SER A 152 -18.55 5.52 6.17
CA SER A 152 -18.33 4.24 5.50
C SER A 152 -19.59 3.79 4.77
N SER A 153 -19.40 2.95 3.75
CA SER A 153 -20.52 2.45 2.96
C SER A 153 -21.57 1.79 3.86
N PRO A 154 -22.85 1.98 3.50
CA PRO A 154 -23.97 1.41 4.25
C PRO A 154 -24.05 -0.10 4.12
N ALA A 155 -24.76 -0.73 5.06
CA ALA A 155 -24.92 -2.18 5.04
C ALA A 155 -25.89 -2.63 3.95
N GLY A 1 4.48 14.81 -15.01
CA GLY A 1 5.22 15.97 -14.53
C GLY A 1 6.21 16.49 -15.56
N SER A 2 6.18 17.79 -15.80
CA SER A 2 7.08 18.41 -16.77
C SER A 2 8.41 18.79 -16.11
N SER A 3 8.35 19.66 -15.11
CA SER A 3 9.55 20.10 -14.41
C SER A 3 9.30 20.15 -12.90
N GLY A 4 9.94 19.24 -12.17
CA GLY A 4 9.77 19.21 -10.74
C GLY A 4 8.38 18.77 -10.31
N SER A 5 8.29 18.15 -9.15
CA SER A 5 7.01 17.67 -8.64
C SER A 5 6.17 18.83 -8.12
N SER A 6 4.94 18.93 -8.62
CA SER A 6 4.03 20.00 -8.22
C SER A 6 2.58 19.56 -8.37
N GLY A 7 1.76 19.91 -7.39
CA GLY A 7 0.35 19.55 -7.43
C GLY A 7 -0.48 20.54 -8.23
N ARG A 8 0.03 20.93 -9.40
CA ARG A 8 -0.68 21.87 -10.25
C ARG A 8 -1.61 21.15 -11.21
N GLU A 9 -1.22 19.94 -11.62
CA GLU A 9 -2.04 19.15 -12.53
C GLU A 9 -3.06 18.30 -11.77
N ARG A 10 -3.93 17.62 -12.51
CA ARG A 10 -4.95 16.78 -11.90
C ARG A 10 -4.31 15.65 -11.09
N ARG A 11 -4.46 15.71 -9.77
CA ARG A 11 -3.90 14.70 -8.89
C ARG A 11 -4.95 13.65 -8.54
N VAL A 12 -6.18 14.08 -8.31
CA VAL A 12 -7.27 13.18 -7.98
C VAL A 12 -7.41 12.08 -9.03
N ALA A 13 -7.62 12.48 -10.28
CA ALA A 13 -7.77 11.54 -11.37
C ALA A 13 -6.48 10.75 -11.60
N SER A 14 -5.34 11.43 -11.43
CA SER A 14 -4.05 10.80 -11.63
C SER A 14 -3.96 9.48 -10.86
N TRP A 15 -4.81 9.33 -9.86
CA TRP A 15 -4.83 8.13 -9.04
C TRP A 15 -5.55 6.99 -9.77
N ALA A 16 -5.86 7.21 -11.04
CA ALA A 16 -6.54 6.21 -11.85
C ALA A 16 -5.68 5.78 -13.03
N VAL A 17 -4.93 6.73 -13.58
CA VAL A 17 -4.07 6.45 -14.72
C VAL A 17 -3.07 5.33 -14.39
N SER A 18 -2.54 5.36 -13.18
CA SER A 18 -1.58 4.35 -12.75
C SER A 18 -1.53 4.27 -11.22
N PHE A 19 -1.45 3.04 -10.71
CA PHE A 19 -1.40 2.82 -9.27
C PHE A 19 -0.35 3.72 -8.61
N GLU A 20 0.87 3.66 -9.13
CA GLU A 20 1.95 4.48 -8.59
C GLU A 20 1.47 5.88 -8.25
N ARG A 21 0.83 6.53 -9.22
CA ARG A 21 0.33 7.89 -9.02
C ARG A 21 -0.40 8.00 -7.68
N LEU A 22 -1.11 6.94 -7.30
CA LEU A 22 -1.85 6.93 -6.05
C LEU A 22 -0.91 6.85 -4.87
N LEU A 23 0.09 5.97 -4.96
CA LEU A 23 1.07 5.80 -3.90
C LEU A 23 1.92 7.07 -3.72
N GLN A 24 2.57 7.48 -4.80
CA GLN A 24 3.41 8.67 -4.77
C GLN A 24 2.66 9.85 -4.15
N ASP A 25 1.37 9.94 -4.44
CA ASP A 25 0.55 11.02 -3.91
C ASP A 25 0.10 10.72 -2.48
N PRO A 26 0.26 11.71 -1.59
CA PRO A 26 -0.12 11.56 -0.18
C PRO A 26 -1.63 11.49 0.01
N VAL A 27 -2.36 12.31 -0.75
CA VAL A 27 -3.82 12.34 -0.65
C VAL A 27 -4.42 10.99 -1.05
N GLY A 28 -3.90 10.43 -2.15
CA GLY A 28 -4.40 9.15 -2.62
C GLY A 28 -4.30 8.06 -1.57
N VAL A 29 -3.14 7.97 -0.91
CA VAL A 29 -2.92 6.97 0.11
C VAL A 29 -3.86 7.18 1.29
N ARG A 30 -3.97 8.43 1.75
CA ARG A 30 -4.84 8.77 2.86
C ARG A 30 -6.22 8.16 2.68
N TYR A 31 -6.93 8.60 1.64
CA TYR A 31 -8.27 8.10 1.36
C TYR A 31 -8.25 6.59 1.16
N PHE A 32 -7.26 6.11 0.40
CA PHE A 32 -7.14 4.68 0.13
C PHE A 32 -7.17 3.87 1.43
N SER A 33 -6.23 4.16 2.33
CA SER A 33 -6.15 3.46 3.60
C SER A 33 -7.53 3.27 4.21
N ASP A 34 -8.34 4.32 4.17
CA ASP A 34 -9.69 4.28 4.71
C ASP A 34 -10.51 3.20 4.02
N PHE A 35 -10.46 3.17 2.68
CA PHE A 35 -11.21 2.19 1.91
C PHE A 35 -10.79 0.77 2.29
N LEU A 36 -9.50 0.48 2.18
CA LEU A 36 -8.97 -0.84 2.52
C LEU A 36 -9.53 -1.32 3.85
N ARG A 37 -9.60 -0.41 4.82
CA ARG A 37 -10.11 -0.74 6.15
C ARG A 37 -11.54 -1.27 6.07
N LYS A 38 -12.31 -0.73 5.12
CA LYS A 38 -13.70 -1.14 4.93
C LYS A 38 -13.81 -2.67 4.95
N GLU A 39 -12.89 -3.34 4.26
CA GLU A 39 -12.90 -4.79 4.20
C GLU A 39 -11.68 -5.38 4.92
N PHE A 40 -11.06 -4.56 5.77
CA PHE A 40 -9.89 -4.98 6.52
C PHE A 40 -8.82 -5.55 5.58
N SER A 41 -8.66 -4.92 4.42
CA SER A 41 -7.68 -5.36 3.44
C SER A 41 -6.36 -4.62 3.62
N GLU A 42 -6.37 -3.62 4.50
CA GLU A 42 -5.16 -2.83 4.77
C GLU A 42 -3.94 -3.73 4.87
N GLU A 43 -4.06 -4.80 5.65
CA GLU A 43 -2.96 -5.74 5.82
C GLU A 43 -2.12 -5.86 4.56
N ASN A 44 -2.78 -5.74 3.41
CA ASN A 44 -2.10 -5.83 2.12
C ASN A 44 -1.17 -4.64 1.91
N ILE A 45 -1.75 -3.45 1.85
CA ILE A 45 -0.98 -2.23 1.66
C ILE A 45 0.12 -2.10 2.72
N LEU A 46 -0.19 -2.54 3.93
CA LEU A 46 0.77 -2.47 5.04
C LEU A 46 2.04 -3.25 4.71
N PHE A 47 1.87 -4.41 4.06
CA PHE A 47 3.00 -5.24 3.68
C PHE A 47 3.86 -4.56 2.63
N TRP A 48 3.21 -4.00 1.62
CA TRP A 48 3.91 -3.31 0.54
C TRP A 48 4.73 -2.14 1.08
N GLN A 49 4.11 -1.36 1.96
CA GLN A 49 4.78 -0.21 2.56
C GLN A 49 6.05 -0.62 3.29
N ALA A 50 5.90 -1.55 4.23
CA ALA A 50 7.04 -2.05 5.01
C ALA A 50 8.16 -2.51 4.09
N CYS A 51 7.81 -3.28 3.07
CA CYS A 51 8.80 -3.79 2.11
C CYS A 51 9.70 -2.67 1.61
N GLU A 52 9.08 -1.64 1.03
CA GLU A 52 9.83 -0.51 0.51
C GLU A 52 10.87 -0.02 1.52
N TYR A 53 10.42 0.19 2.75
CA TYR A 53 11.30 0.65 3.81
C TYR A 53 12.49 -0.28 3.99
N PHE A 54 12.21 -1.58 4.12
CA PHE A 54 13.25 -2.57 4.28
C PHE A 54 14.24 -2.54 3.12
N ASN A 55 13.71 -2.39 1.91
CA ASN A 55 14.55 -2.34 0.71
C ASN A 55 15.58 -1.21 0.82
N HIS A 56 15.10 0.01 1.03
CA HIS A 56 15.96 1.17 1.15
C HIS A 56 17.25 0.81 1.89
N VAL A 57 17.11 0.03 2.97
CA VAL A 57 18.25 -0.38 3.77
C VAL A 57 19.33 -1.00 2.89
N PRO A 58 20.58 -0.54 3.06
CA PRO A 58 21.73 -1.05 2.30
C PRO A 58 22.10 -2.48 2.69
N ALA A 59 22.64 -3.21 1.73
CA ALA A 59 23.04 -4.60 1.96
C ALA A 59 24.09 -4.68 3.06
N HIS A 60 25.10 -3.81 2.99
CA HIS A 60 26.17 -3.80 3.97
C HIS A 60 25.60 -3.83 5.39
N ASP A 61 24.62 -2.97 5.64
CA ASP A 61 23.99 -2.90 6.96
C ASP A 61 23.21 -4.18 7.26
N LYS A 62 23.74 -4.99 8.16
CA LYS A 62 23.09 -6.25 8.53
C LYS A 62 22.15 -6.04 9.71
N LYS A 63 22.64 -5.36 10.75
CA LYS A 63 21.84 -5.09 11.93
C LYS A 63 20.43 -4.64 11.55
N GLU A 64 20.35 -3.59 10.73
CA GLU A 64 19.06 -3.08 10.29
C GLU A 64 18.30 -4.11 9.48
N LEU A 65 18.89 -4.58 8.39
CA LEU A 65 18.27 -5.58 7.54
C LEU A 65 17.63 -6.68 8.37
N SER A 66 18.43 -7.36 9.18
CA SER A 66 17.94 -8.44 10.02
C SER A 66 16.71 -8.01 10.80
N TYR A 67 16.89 -7.04 11.69
CA TYR A 67 15.79 -6.53 12.50
C TYR A 67 14.49 -6.48 11.70
N ARG A 68 14.50 -5.68 10.63
CA ARG A 68 13.33 -5.54 9.78
C ARG A 68 12.89 -6.90 9.23
N ALA A 69 13.80 -7.57 8.52
CA ALA A 69 13.51 -8.87 7.94
C ALA A 69 12.69 -9.73 8.90
N ARG A 70 13.20 -9.90 10.11
CA ARG A 70 12.50 -10.70 11.12
C ARG A 70 11.17 -10.06 11.50
N GLU A 71 11.22 -8.80 11.90
CA GLU A 71 10.01 -8.08 12.31
C GLU A 71 8.91 -8.26 11.27
N ILE A 72 9.19 -7.83 10.03
CA ILE A 72 8.22 -7.95 8.95
C ILE A 72 7.61 -9.35 8.90
N PHE A 73 8.45 -10.36 9.02
CA PHE A 73 8.00 -11.74 8.99
C PHE A 73 7.06 -12.03 10.16
N SER A 74 7.63 -12.07 11.37
CA SER A 74 6.85 -12.34 12.57
C SER A 74 5.66 -11.39 12.67
N LYS A 75 5.62 -10.40 11.77
CA LYS A 75 4.55 -9.43 11.76
C LYS A 75 3.42 -9.88 10.84
N PHE A 76 3.72 -10.01 9.56
CA PHE A 76 2.73 -10.44 8.57
C PHE A 76 2.85 -11.93 8.30
N LEU A 77 4.07 -12.39 8.02
CA LEU A 77 4.32 -13.80 7.75
C LEU A 77 4.81 -14.53 8.98
N CYS A 78 3.92 -15.27 9.63
CA CYS A 78 4.28 -16.02 10.83
C CYS A 78 3.13 -16.94 11.25
N SER A 79 3.37 -17.73 12.29
CA SER A 79 2.36 -18.67 12.79
C SER A 79 1.28 -17.93 13.57
N LYS A 80 1.67 -16.89 14.28
CA LYS A 80 0.74 -16.10 15.07
C LYS A 80 0.67 -14.66 14.58
N ALA A 81 1.15 -14.45 13.35
CA ALA A 81 1.14 -13.11 12.76
C ALA A 81 -0.24 -12.48 12.84
N THR A 82 -0.31 -11.30 13.44
CA THR A 82 -1.58 -10.60 13.60
C THR A 82 -2.48 -10.82 12.39
N THR A 83 -2.04 -10.35 11.22
CA THR A 83 -2.80 -10.50 9.99
C THR A 83 -1.92 -11.03 8.86
N PRO A 84 -2.04 -12.34 8.58
CA PRO A 84 -1.27 -12.99 7.51
C PRO A 84 -1.70 -12.54 6.12
N VAL A 85 -0.79 -11.86 5.42
CA VAL A 85 -1.09 -11.38 4.07
C VAL A 85 -1.41 -12.52 3.13
N ASN A 86 -1.99 -12.20 1.98
CA ASN A 86 -2.36 -13.22 1.00
C ASN A 86 -1.22 -14.20 0.78
N ILE A 87 0.00 -13.68 0.70
CA ILE A 87 1.17 -14.51 0.49
C ILE A 87 1.23 -15.64 1.51
N ASP A 88 1.52 -16.85 1.04
CA ASP A 88 1.61 -18.02 1.91
C ASP A 88 3.06 -18.27 2.32
N SER A 89 3.90 -17.26 2.17
CA SER A 89 5.31 -17.38 2.54
C SER A 89 5.90 -18.67 1.99
N GLN A 90 5.44 -19.08 0.81
CA GLN A 90 5.93 -20.30 0.18
C GLN A 90 7.30 -20.09 -0.42
N ALA A 91 7.94 -18.97 -0.07
CA ALA A 91 9.27 -18.65 -0.57
C ALA A 91 10.33 -18.91 0.49
N GLN A 92 9.96 -19.69 1.51
CA GLN A 92 10.89 -20.00 2.59
C GLN A 92 11.62 -18.75 3.07
N LEU A 93 10.91 -17.62 3.08
CA LEU A 93 11.51 -16.36 3.51
C LEU A 93 12.26 -16.54 4.82
N ALA A 94 11.53 -16.85 5.89
CA ALA A 94 12.13 -17.05 7.19
C ALA A 94 13.50 -17.72 7.08
N ASP A 95 13.50 -19.00 6.74
CA ASP A 95 14.74 -19.76 6.60
C ASP A 95 15.82 -18.90 5.95
N ASP A 96 15.40 -17.96 5.10
CA ASP A 96 16.33 -17.07 4.41
C ASP A 96 16.63 -15.84 5.26
N VAL A 97 15.61 -15.02 5.47
CA VAL A 97 15.77 -13.80 6.26
C VAL A 97 16.37 -14.10 7.63
N LEU A 98 16.38 -15.38 7.99
CA LEU A 98 16.93 -15.80 9.27
C LEU A 98 18.39 -16.21 9.13
N ARG A 99 18.72 -16.86 8.02
CA ARG A 99 20.09 -17.30 7.76
C ARG A 99 20.93 -16.15 7.20
N ALA A 100 20.41 -15.50 6.17
CA ALA A 100 21.11 -14.39 5.53
C ALA A 100 20.13 -13.41 4.89
N PRO A 101 19.88 -12.29 5.57
CA PRO A 101 18.96 -11.26 5.08
C PRO A 101 19.51 -10.51 3.87
N HIS A 102 18.64 -10.24 2.90
CA HIS A 102 19.04 -9.54 1.68
C HIS A 102 17.84 -8.88 1.02
N PRO A 103 18.01 -7.62 0.60
CA PRO A 103 16.94 -6.85 -0.06
C PRO A 103 16.64 -7.38 -1.46
N ASP A 104 16.99 -8.63 -1.71
CA ASP A 104 16.76 -9.25 -3.01
C ASP A 104 15.79 -10.42 -2.89
N MET A 105 15.20 -10.57 -1.71
CA MET A 105 14.26 -11.66 -1.46
C MET A 105 12.82 -11.15 -1.56
N PHE A 106 12.45 -10.24 -0.67
CA PHE A 106 11.11 -9.67 -0.67
C PHE A 106 10.67 -9.29 -2.08
N LYS A 107 11.64 -9.04 -2.94
CA LYS A 107 11.36 -8.67 -4.33
C LYS A 107 10.15 -9.43 -4.86
N GLU A 108 10.17 -10.75 -4.73
CA GLU A 108 9.08 -11.60 -5.20
C GLU A 108 7.78 -11.23 -4.49
N GLN A 109 7.76 -11.42 -3.18
CA GLN A 109 6.58 -11.12 -2.37
C GLN A 109 6.04 -9.73 -2.70
N GLN A 110 6.87 -8.72 -2.47
CA GLN A 110 6.48 -7.34 -2.73
C GLN A 110 5.61 -7.25 -3.99
N LEU A 111 5.92 -8.08 -4.97
CA LEU A 111 5.15 -8.09 -6.22
C LEU A 111 3.81 -8.78 -6.03
N GLN A 112 3.83 -9.93 -5.37
CA GLN A 112 2.60 -10.68 -5.12
C GLN A 112 1.48 -9.77 -4.64
N ILE A 113 1.67 -9.16 -3.48
CA ILE A 113 0.68 -8.25 -2.91
C ILE A 113 0.40 -7.09 -3.87
N PHE A 114 1.46 -6.45 -4.34
CA PHE A 114 1.32 -5.32 -5.25
C PHE A 114 0.19 -5.56 -6.24
N ASN A 115 0.32 -6.61 -7.05
CA ASN A 115 -0.69 -6.94 -8.05
C ASN A 115 -2.04 -7.19 -7.38
N LEU A 116 -2.06 -8.11 -6.42
CA LEU A 116 -3.30 -8.44 -5.71
C LEU A 116 -4.17 -7.20 -5.54
N MET A 117 -3.74 -6.28 -4.69
CA MET A 117 -4.48 -5.05 -4.44
C MET A 117 -4.60 -4.22 -5.71
N LYS A 118 -3.63 -4.37 -6.61
CA LYS A 118 -3.62 -3.64 -7.86
C LYS A 118 -4.89 -3.95 -8.68
N PHE A 119 -5.35 -5.19 -8.58
CA PHE A 119 -6.54 -5.62 -9.32
C PHE A 119 -7.65 -6.04 -8.35
N ASP A 120 -7.32 -6.07 -7.05
CA ASP A 120 -8.27 -6.46 -6.04
C ASP A 120 -8.94 -5.24 -5.43
N SER A 121 -8.15 -4.42 -4.73
CA SER A 121 -8.67 -3.21 -4.09
C SER A 121 -8.61 -2.02 -5.04
N TYR A 122 -7.39 -1.63 -5.40
CA TYR A 122 -7.19 -0.50 -6.31
C TYR A 122 -8.31 -0.44 -7.35
N THR A 123 -8.72 -1.61 -7.83
CA THR A 123 -9.78 -1.69 -8.83
C THR A 123 -11.12 -1.28 -8.25
N ARG A 124 -11.44 -1.81 -7.07
CA ARG A 124 -12.71 -1.50 -6.41
C ARG A 124 -12.70 -0.06 -5.88
N PHE A 125 -11.61 0.32 -5.22
CA PHE A 125 -11.48 1.65 -4.67
C PHE A 125 -12.10 2.69 -5.59
N LEU A 126 -11.88 2.52 -6.90
CA LEU A 126 -12.41 3.44 -7.89
C LEU A 126 -13.91 3.26 -8.05
N LYS A 127 -14.36 2.01 -7.99
CA LYS A 127 -15.78 1.70 -8.12
C LYS A 127 -16.58 2.27 -6.95
N SER A 128 -15.96 2.30 -5.78
CA SER A 128 -16.61 2.83 -4.58
C SER A 128 -16.87 4.32 -4.72
N PRO A 129 -17.88 4.81 -3.98
CA PRO A 129 -18.26 6.23 -4.00
C PRO A 129 -17.21 7.11 -3.34
N LEU A 130 -16.53 6.57 -2.33
CA LEU A 130 -15.50 7.31 -1.61
C LEU A 130 -14.58 8.04 -2.58
N TYR A 131 -14.10 7.31 -3.59
CA TYR A 131 -13.20 7.88 -4.59
C TYR A 131 -13.83 9.09 -5.26
N GLN A 132 -15.11 8.95 -5.63
CA GLN A 132 -15.83 10.03 -6.29
C GLN A 132 -15.76 11.32 -5.47
N GLU A 133 -15.88 11.18 -4.15
CA GLU A 133 -15.84 12.33 -3.26
C GLU A 133 -14.85 13.37 -3.77
N CYS A 134 -13.61 12.93 -4.01
CA CYS A 134 -12.57 13.83 -4.50
C CYS A 134 -12.85 14.27 -5.93
N ILE A 135 -13.32 13.33 -6.75
CA ILE A 135 -13.63 13.63 -8.14
C ILE A 135 -14.57 14.83 -8.25
N LEU A 136 -15.74 14.70 -7.64
CA LEU A 136 -16.73 15.77 -7.66
C LEU A 136 -16.08 17.13 -7.41
N ALA A 137 -15.20 17.18 -6.43
CA ALA A 137 -14.50 18.41 -6.09
C ALA A 137 -13.56 18.84 -7.22
N GLU A 138 -13.07 17.86 -7.98
CA GLU A 138 -12.16 18.13 -9.08
C GLU A 138 -12.93 18.61 -10.30
N VAL A 139 -14.04 17.94 -10.60
CA VAL A 139 -14.86 18.30 -11.75
C VAL A 139 -15.71 19.53 -11.46
N GLU A 140 -16.10 19.70 -10.19
CA GLU A 140 -16.91 20.83 -9.77
C GLU A 140 -16.04 21.96 -9.23
N GLY A 141 -15.13 21.60 -8.33
CA GLY A 141 -14.24 22.59 -7.74
C GLY A 141 -14.56 22.86 -6.27
N ARG A 142 -14.72 21.79 -5.51
CA ARG A 142 -15.03 21.91 -4.09
C ARG A 142 -13.90 21.33 -3.23
N ALA A 143 -14.03 21.49 -1.92
CA ALA A 143 -13.02 20.99 -0.99
C ALA A 143 -13.21 19.49 -0.74
N LEU A 144 -12.09 18.75 -0.71
CA LEU A 144 -12.14 17.31 -0.48
C LEU A 144 -12.62 17.01 0.94
N PRO A 145 -13.60 16.10 1.05
CA PRO A 145 -14.16 15.70 2.34
C PRO A 145 -13.18 14.87 3.17
N ASP A 146 -13.37 14.88 4.48
CA ASP A 146 -12.51 14.13 5.39
C ASP A 146 -12.78 12.63 5.29
N SER A 147 -11.74 11.86 5.04
CA SER A 147 -11.87 10.41 4.91
C SER A 147 -12.78 9.85 6.00
N GLN A 148 -12.55 10.28 7.23
CA GLN A 148 -13.36 9.83 8.36
C GLN A 148 -14.79 10.35 8.26
N GLN A 149 -14.91 11.66 8.03
CA GLN A 149 -16.23 12.28 7.92
C GLN A 149 -17.12 11.49 6.97
N VAL A 150 -16.55 11.07 5.84
CA VAL A 150 -17.30 10.30 4.85
C VAL A 150 -17.87 9.03 5.45
N PRO A 151 -19.20 8.86 5.37
CA PRO A 151 -19.89 7.68 5.90
C PRO A 151 -19.58 6.42 5.10
N SER A 152 -19.55 5.28 5.78
CA SER A 152 -19.28 4.01 5.13
C SER A 152 -20.55 3.18 4.98
N SER A 153 -21.41 3.24 5.99
CA SER A 153 -22.66 2.50 5.97
C SER A 153 -23.78 3.29 6.66
N PRO A 154 -24.94 3.35 6.01
CA PRO A 154 -26.10 4.07 6.53
C PRO A 154 -26.71 3.37 7.75
N ALA A 155 -27.25 4.18 8.67
CA ALA A 155 -27.86 3.64 9.88
C ALA A 155 -29.18 4.36 10.19
N GLY A 1 -5.19 22.15 -24.34
CA GLY A 1 -4.82 21.52 -25.60
C GLY A 1 -3.42 21.91 -26.03
N SER A 2 -3.28 23.12 -26.57
CA SER A 2 -1.99 23.61 -27.04
C SER A 2 -0.88 23.28 -26.03
N SER A 3 -1.04 23.77 -24.81
CA SER A 3 -0.07 23.53 -23.75
C SER A 3 -0.05 22.07 -23.34
N GLY A 4 -1.25 21.50 -23.17
CA GLY A 4 -1.35 20.11 -22.78
C GLY A 4 -2.79 19.69 -22.54
N SER A 5 -3.34 18.92 -23.47
CA SER A 5 -4.72 18.44 -23.36
C SER A 5 -4.96 17.78 -22.02
N SER A 6 -4.05 16.89 -21.63
CA SER A 6 -4.17 16.18 -20.35
C SER A 6 -3.94 17.13 -19.18
N GLY A 7 -4.34 16.69 -17.99
CA GLY A 7 -4.17 17.52 -16.80
C GLY A 7 -2.84 17.27 -16.11
N ARG A 8 -2.21 18.34 -15.64
CA ARG A 8 -0.93 18.24 -14.96
C ARG A 8 -1.09 18.46 -13.46
N GLU A 9 -2.08 19.27 -13.09
CA GLU A 9 -2.34 19.56 -11.69
C GLU A 9 -3.45 18.67 -11.13
N ARG A 10 -3.79 17.63 -11.91
CA ARG A 10 -4.84 16.70 -11.49
C ARG A 10 -4.23 15.47 -10.82
N ARG A 11 -4.34 15.42 -9.49
CA ARG A 11 -3.80 14.30 -8.73
C ARG A 11 -4.87 13.24 -8.48
N VAL A 12 -6.08 13.70 -8.17
CA VAL A 12 -7.19 12.79 -7.92
C VAL A 12 -7.45 11.88 -9.11
N ALA A 13 -7.39 12.45 -10.31
CA ALA A 13 -7.61 11.69 -11.53
C ALA A 13 -6.44 10.76 -11.82
N SER A 14 -5.23 11.26 -11.56
CA SER A 14 -4.01 10.47 -11.80
C SER A 14 -4.12 9.09 -11.17
N TRP A 15 -5.00 8.98 -10.16
CA TRP A 15 -5.19 7.71 -9.47
C TRP A 15 -6.04 6.76 -10.31
N ALA A 16 -6.30 7.14 -11.55
CA ALA A 16 -7.09 6.32 -12.46
C ALA A 16 -6.26 5.87 -13.66
N VAL A 17 -5.36 6.73 -14.11
CA VAL A 17 -4.50 6.43 -15.25
C VAL A 17 -3.63 5.21 -14.97
N SER A 18 -3.22 5.05 -13.71
CA SER A 18 -2.38 3.93 -13.32
C SER A 18 -2.38 3.76 -11.81
N PHE A 19 -1.75 2.69 -11.34
CA PHE A 19 -1.67 2.41 -9.91
C PHE A 19 -0.57 3.24 -9.25
N GLU A 20 0.64 3.14 -9.78
CA GLU A 20 1.78 3.88 -9.25
C GLU A 20 1.39 5.33 -8.97
N ARG A 21 0.64 5.93 -9.89
CA ARG A 21 0.20 7.31 -9.73
C ARG A 21 -0.49 7.53 -8.38
N LEU A 22 -1.28 6.55 -7.97
CA LEU A 22 -1.99 6.62 -6.70
C LEU A 22 -1.03 6.51 -5.52
N LEU A 23 -0.03 5.65 -5.67
CA LEU A 23 0.97 5.45 -4.62
C LEU A 23 1.88 6.67 -4.49
N GLN A 24 2.55 7.02 -5.58
CA GLN A 24 3.46 8.16 -5.59
C GLN A 24 2.82 9.36 -4.88
N ASP A 25 1.52 9.52 -5.06
CA ASP A 25 0.78 10.62 -4.43
C ASP A 25 0.33 10.25 -3.03
N PRO A 26 0.53 11.18 -2.07
CA PRO A 26 0.15 10.96 -0.68
C PRO A 26 -1.36 10.95 -0.49
N VAL A 27 -2.03 11.93 -1.06
CA VAL A 27 -3.48 12.04 -0.95
C VAL A 27 -4.17 10.82 -1.55
N GLY A 28 -3.69 10.38 -2.71
CA GLY A 28 -4.27 9.22 -3.37
C GLY A 28 -4.30 8.00 -2.47
N VAL A 29 -3.32 7.91 -1.58
CA VAL A 29 -3.24 6.78 -0.65
C VAL A 29 -4.12 7.01 0.57
N ARG A 30 -3.98 8.18 1.19
CA ARG A 30 -4.77 8.52 2.37
C ARG A 30 -6.17 7.94 2.27
N TYR A 31 -6.71 7.91 1.05
CA TYR A 31 -8.06 7.39 0.82
C TYR A 31 -8.02 5.88 0.59
N PHE A 32 -7.00 5.42 -0.12
CA PHE A 32 -6.84 4.00 -0.41
C PHE A 32 -6.95 3.17 0.86
N SER A 33 -6.02 3.38 1.78
CA SER A 33 -6.00 2.66 3.04
C SER A 33 -7.39 2.56 3.63
N ASP A 34 -8.05 3.71 3.78
CA ASP A 34 -9.39 3.76 4.33
C ASP A 34 -10.27 2.64 3.75
N PHE A 35 -10.39 2.64 2.43
CA PHE A 35 -11.19 1.63 1.73
C PHE A 35 -10.95 0.24 2.33
N LEU A 36 -9.68 -0.10 2.51
CA LEU A 36 -9.32 -1.39 3.07
C LEU A 36 -9.89 -1.57 4.47
N ARG A 37 -9.60 -0.61 5.35
CA ARG A 37 -10.09 -0.66 6.71
C ARG A 37 -11.56 -1.10 6.76
N LYS A 38 -12.34 -0.61 5.81
CA LYS A 38 -13.75 -0.95 5.74
C LYS A 38 -13.96 -2.45 5.93
N GLU A 39 -13.16 -3.24 5.22
CA GLU A 39 -13.26 -4.69 5.31
C GLU A 39 -12.06 -5.28 6.06
N PHE A 40 -11.35 -4.41 6.78
CA PHE A 40 -10.18 -4.84 7.54
C PHE A 40 -9.11 -5.43 6.63
N SER A 41 -8.85 -4.74 5.52
CA SER A 41 -7.86 -5.20 4.56
C SER A 41 -6.58 -4.36 4.65
N GLU A 42 -6.43 -3.65 5.76
CA GLU A 42 -5.26 -2.80 5.97
C GLU A 42 -3.97 -3.62 5.88
N GLU A 43 -4.01 -4.83 6.44
CA GLU A 43 -2.84 -5.69 6.43
C GLU A 43 -2.32 -5.88 5.01
N ASN A 44 -3.20 -5.78 4.03
CA ASN A 44 -2.84 -5.94 2.63
C ASN A 44 -1.86 -4.85 2.20
N ILE A 45 -2.29 -3.60 2.28
CA ILE A 45 -1.45 -2.47 1.91
C ILE A 45 -0.28 -2.30 2.87
N LEU A 46 -0.56 -2.52 4.16
CA LEU A 46 0.47 -2.39 5.19
C LEU A 46 1.74 -3.15 4.78
N PHE A 47 1.57 -4.38 4.31
CA PHE A 47 2.69 -5.20 3.89
C PHE A 47 3.52 -4.48 2.84
N TRP A 48 2.90 -4.16 1.71
CA TRP A 48 3.58 -3.47 0.63
C TRP A 48 4.53 -2.40 1.17
N GLN A 49 3.98 -1.45 1.91
CA GLN A 49 4.77 -0.37 2.50
C GLN A 49 6.00 -0.93 3.22
N ALA A 50 5.77 -1.90 4.09
CA ALA A 50 6.84 -2.52 4.85
C ALA A 50 7.96 -2.98 3.93
N CYS A 51 7.60 -3.69 2.86
CA CYS A 51 8.57 -4.20 1.90
C CYS A 51 9.50 -3.08 1.44
N GLU A 52 8.94 -2.10 0.75
CA GLU A 52 9.73 -0.98 0.24
C GLU A 52 10.64 -0.42 1.33
N TYR A 53 10.06 -0.12 2.48
CA TYR A 53 10.82 0.42 3.60
C TYR A 53 12.11 -0.36 3.82
N PHE A 54 11.96 -1.65 4.11
CA PHE A 54 13.11 -2.52 4.33
C PHE A 54 13.98 -2.62 3.09
N ASN A 55 13.34 -2.54 1.92
CA ASN A 55 14.06 -2.62 0.65
C ASN A 55 15.12 -1.52 0.56
N HIS A 56 14.74 -0.31 0.93
CA HIS A 56 15.66 0.82 0.89
C HIS A 56 16.96 0.49 1.62
N VAL A 57 16.84 -0.17 2.77
CA VAL A 57 18.01 -0.55 3.56
C VAL A 57 19.03 -1.29 2.71
N PRO A 58 20.32 -0.95 2.91
CA PRO A 58 21.41 -1.57 2.16
C PRO A 58 21.64 -3.02 2.57
N ALA A 59 22.05 -3.84 1.61
CA ALA A 59 22.31 -5.26 1.87
C ALA A 59 23.50 -5.44 2.80
N HIS A 60 24.57 -4.72 2.51
CA HIS A 60 25.79 -4.80 3.32
C HIS A 60 25.47 -4.60 4.80
N ASP A 61 24.37 -3.92 5.08
CA ASP A 61 23.95 -3.66 6.45
C ASP A 61 23.05 -4.77 6.96
N LYS A 62 23.61 -5.66 7.77
CA LYS A 62 22.86 -6.78 8.34
C LYS A 62 22.26 -6.39 9.68
N LYS A 63 22.97 -5.57 10.44
CA LYS A 63 22.49 -5.13 11.75
C LYS A 63 21.04 -4.69 11.68
N GLU A 64 20.74 -3.79 10.75
CA GLU A 64 19.39 -3.28 10.58
C GLU A 64 18.53 -4.26 9.77
N LEU A 65 19.02 -4.62 8.58
CA LEU A 65 18.29 -5.54 7.72
C LEU A 65 17.54 -6.58 8.55
N SER A 66 18.25 -7.25 9.44
CA SER A 66 17.64 -8.27 10.29
C SER A 66 16.39 -7.73 10.98
N TYR A 67 16.59 -6.80 11.90
CA TYR A 67 15.47 -6.20 12.64
C TYR A 67 14.25 -6.07 11.74
N ARG A 68 14.37 -5.27 10.70
CA ARG A 68 13.27 -5.05 9.77
C ARG A 68 12.84 -6.36 9.12
N ALA A 69 13.71 -6.92 8.28
CA ALA A 69 13.41 -8.17 7.60
C ALA A 69 12.61 -9.11 8.51
N ARG A 70 13.22 -9.52 9.61
CA ARG A 70 12.55 -10.42 10.55
C ARG A 70 11.23 -9.84 11.03
N GLU A 71 11.24 -8.54 11.36
CA GLU A 71 10.05 -7.86 11.83
C GLU A 71 8.90 -8.03 10.84
N ILE A 72 9.08 -7.53 9.63
CA ILE A 72 8.05 -7.62 8.60
C ILE A 72 7.48 -9.04 8.53
N PHE A 73 8.36 -10.04 8.61
CA PHE A 73 7.94 -11.42 8.56
C PHE A 73 7.09 -11.79 9.78
N SER A 74 7.74 -11.86 10.95
CA SER A 74 7.06 -12.19 12.19
C SER A 74 5.86 -11.28 12.41
N LYS A 75 5.77 -10.22 11.60
CA LYS A 75 4.68 -9.26 11.72
C LYS A 75 3.49 -9.71 10.87
N PHE A 76 3.71 -9.88 9.57
CA PHE A 76 2.66 -10.28 8.66
C PHE A 76 2.74 -11.79 8.39
N LEU A 77 3.95 -12.28 8.14
CA LEU A 77 4.16 -13.70 7.87
C LEU A 77 4.70 -14.41 9.10
N CYS A 78 3.81 -15.13 9.79
CA CYS A 78 4.20 -15.86 11.00
C CYS A 78 3.07 -16.78 11.45
N SER A 79 3.33 -17.53 12.52
CA SER A 79 2.33 -18.45 13.06
C SER A 79 1.33 -17.72 13.93
N LYS A 80 1.81 -16.71 14.66
CA LYS A 80 0.95 -15.92 15.53
C LYS A 80 0.84 -14.48 15.05
N ALA A 81 1.19 -14.27 13.77
CA ALA A 81 1.12 -12.93 13.18
C ALA A 81 -0.24 -12.30 13.40
N THR A 82 -0.25 -11.06 13.89
CA THR A 82 -1.50 -10.35 14.15
C THR A 82 -2.42 -10.40 12.93
N THR A 83 -1.95 -9.81 11.83
CA THR A 83 -2.73 -9.78 10.60
C THR A 83 -1.91 -10.28 9.41
N PRO A 84 -2.17 -11.54 9.01
CA PRO A 84 -1.46 -12.18 7.90
C PRO A 84 -1.84 -11.56 6.55
N VAL A 85 -1.01 -11.79 5.54
CA VAL A 85 -1.26 -11.27 4.20
C VAL A 85 -1.54 -12.39 3.21
N ASN A 86 -2.08 -12.04 2.05
CA ASN A 86 -2.38 -13.01 1.02
C ASN A 86 -1.20 -13.93 0.76
N ILE A 87 0.00 -13.35 0.75
CA ILE A 87 1.22 -14.11 0.51
C ILE A 87 1.32 -15.30 1.47
N ASP A 88 1.74 -16.44 0.95
CA ASP A 88 1.88 -17.65 1.76
C ASP A 88 3.29 -17.76 2.33
N SER A 89 3.39 -17.81 3.65
CA SER A 89 4.68 -17.91 4.32
C SER A 89 5.32 -19.27 4.07
N GLN A 90 4.55 -20.15 3.43
CA GLN A 90 5.04 -21.49 3.13
C GLN A 90 6.09 -21.46 2.02
N ALA A 91 6.48 -20.25 1.61
CA ALA A 91 7.47 -20.08 0.56
C ALA A 91 8.89 -20.22 1.11
N GLN A 92 9.00 -20.82 2.29
CA GLN A 92 10.30 -21.01 2.93
C GLN A 92 11.11 -19.73 2.90
N LEU A 93 10.43 -18.59 3.00
CA LEU A 93 11.09 -17.30 2.98
C LEU A 93 11.65 -16.95 4.37
N ALA A 94 11.05 -17.51 5.40
CA ALA A 94 11.48 -17.27 6.76
C ALA A 94 12.91 -17.74 6.98
N ASP A 95 13.11 -19.05 7.00
CA ASP A 95 14.44 -19.62 7.20
C ASP A 95 15.50 -18.78 6.49
N ASP A 96 15.10 -18.13 5.40
CA ASP A 96 16.02 -17.29 4.64
C ASP A 96 16.39 -16.03 5.42
N VAL A 97 15.38 -15.36 5.96
CA VAL A 97 15.59 -14.14 6.72
C VAL A 97 16.10 -14.46 8.13
N LEU A 98 15.79 -15.67 8.60
CA LEU A 98 16.23 -16.09 9.93
C LEU A 98 17.70 -16.48 9.93
N ARG A 99 18.12 -17.16 8.86
CA ARG A 99 19.51 -17.60 8.74
C ARG A 99 20.37 -16.50 8.14
N ALA A 100 19.86 -15.88 7.08
CA ALA A 100 20.59 -14.80 6.40
C ALA A 100 19.64 -13.90 5.63
N PRO A 101 19.32 -12.73 6.20
CA PRO A 101 18.42 -11.76 5.57
C PRO A 101 19.04 -11.10 4.34
N HIS A 102 18.20 -10.82 3.35
CA HIS A 102 18.66 -10.19 2.12
C HIS A 102 17.53 -9.43 1.43
N PRO A 103 17.85 -8.23 0.93
CA PRO A 103 16.86 -7.37 0.25
C PRO A 103 16.45 -7.95 -1.11
N ASP A 104 16.76 -9.21 -1.33
CA ASP A 104 16.41 -9.87 -2.58
C ASP A 104 15.43 -11.01 -2.34
N MET A 105 14.78 -10.99 -1.19
CA MET A 105 13.81 -12.03 -0.83
C MET A 105 12.39 -11.48 -0.88
N PHE A 106 12.23 -10.23 -0.44
CA PHE A 106 10.92 -9.59 -0.43
C PHE A 106 10.56 -9.06 -1.81
N LYS A 107 11.56 -8.58 -2.53
CA LYS A 107 11.37 -8.04 -3.87
C LYS A 107 10.27 -8.79 -4.60
N GLU A 108 10.28 -10.12 -4.49
CA GLU A 108 9.30 -10.96 -5.14
C GLU A 108 7.94 -10.82 -4.46
N GLN A 109 7.89 -11.12 -3.16
CA GLN A 109 6.64 -11.04 -2.40
C GLN A 109 5.96 -9.70 -2.63
N GLN A 110 6.70 -8.62 -2.41
CA GLN A 110 6.16 -7.28 -2.60
C GLN A 110 5.29 -7.20 -3.85
N LEU A 111 5.77 -7.81 -4.93
CA LEU A 111 5.03 -7.82 -6.19
C LEU A 111 3.68 -8.51 -6.02
N GLN A 112 3.68 -9.62 -5.31
CA GLN A 112 2.46 -10.39 -5.07
C GLN A 112 1.34 -9.47 -4.60
N ILE A 113 1.59 -8.72 -3.53
CA ILE A 113 0.60 -7.81 -2.98
C ILE A 113 0.40 -6.60 -3.89
N PHE A 114 1.50 -6.12 -4.46
CA PHE A 114 1.44 -4.97 -5.36
C PHE A 114 0.36 -5.15 -6.42
N ASN A 115 0.37 -6.31 -7.06
CA ASN A 115 -0.61 -6.62 -8.11
C ASN A 115 -1.95 -6.97 -7.50
N LEU A 116 -1.94 -7.84 -6.49
CA LEU A 116 -3.17 -8.27 -5.83
C LEU A 116 -4.11 -7.08 -5.63
N MET A 117 -3.68 -6.10 -4.85
CA MET A 117 -4.48 -4.92 -4.58
C MET A 117 -4.80 -4.18 -5.87
N LYS A 118 -3.77 -3.99 -6.70
CA LYS A 118 -3.94 -3.29 -7.97
C LYS A 118 -5.18 -3.79 -8.71
N PHE A 119 -5.54 -5.04 -8.47
CA PHE A 119 -6.71 -5.64 -9.11
C PHE A 119 -7.76 -6.02 -8.07
N ASP A 120 -7.37 -6.03 -6.81
CA ASP A 120 -8.28 -6.37 -5.72
C ASP A 120 -8.85 -5.11 -5.08
N SER A 121 -7.97 -4.27 -4.55
CA SER A 121 -8.39 -3.03 -3.90
C SER A 121 -8.54 -1.91 -4.93
N TYR A 122 -7.42 -1.51 -5.53
CA TYR A 122 -7.43 -0.45 -6.53
C TYR A 122 -8.71 -0.49 -7.35
N THR A 123 -9.05 -1.67 -7.85
CA THR A 123 -10.25 -1.85 -8.66
C THR A 123 -11.50 -1.41 -7.90
N ARG A 124 -11.85 -2.17 -6.88
CA ARG A 124 -13.03 -1.86 -6.06
C ARG A 124 -13.03 -0.40 -5.65
N PHE A 125 -11.90 0.06 -5.12
CA PHE A 125 -11.77 1.45 -4.68
C PHE A 125 -12.52 2.39 -5.62
N LEU A 126 -12.13 2.37 -6.89
CA LEU A 126 -12.77 3.23 -7.88
C LEU A 126 -14.27 2.99 -7.93
N LYS A 127 -14.68 1.76 -7.64
CA LYS A 127 -16.10 1.41 -7.64
C LYS A 127 -16.84 2.11 -6.51
N SER A 128 -16.15 2.29 -5.39
CA SER A 128 -16.76 2.95 -4.23
C SER A 128 -16.90 4.45 -4.47
N PRO A 129 -17.87 5.07 -3.79
CA PRO A 129 -18.13 6.51 -3.91
C PRO A 129 -17.02 7.36 -3.31
N LEU A 130 -16.48 6.91 -2.18
CA LEU A 130 -15.41 7.63 -1.50
C LEU A 130 -14.45 8.24 -2.51
N TYR A 131 -13.90 7.41 -3.38
CA TYR A 131 -12.96 7.87 -4.40
C TYR A 131 -13.57 8.98 -5.25
N GLN A 132 -14.82 8.78 -5.65
CA GLN A 132 -15.53 9.76 -6.47
C GLN A 132 -15.66 11.09 -5.73
N GLU A 133 -15.79 11.02 -4.41
CA GLU A 133 -15.93 12.22 -3.58
C GLU A 133 -14.91 13.28 -4.01
N CYS A 134 -13.64 12.89 -4.06
CA CYS A 134 -12.58 13.81 -4.44
C CYS A 134 -12.67 14.16 -5.92
N ILE A 135 -13.09 13.19 -6.72
CA ILE A 135 -13.23 13.39 -8.16
C ILE A 135 -14.09 14.60 -8.47
N LEU A 136 -15.27 14.65 -7.85
CA LEU A 136 -16.20 15.76 -8.06
C LEU A 136 -15.60 17.06 -7.55
N ALA A 137 -14.98 17.02 -6.38
CA ALA A 137 -14.36 18.20 -5.79
C ALA A 137 -13.18 18.68 -6.63
N GLU A 138 -12.54 17.75 -7.32
CA GLU A 138 -11.39 18.09 -8.17
C GLU A 138 -11.84 18.73 -9.47
N VAL A 139 -12.76 18.06 -10.16
CA VAL A 139 -13.28 18.57 -11.43
C VAL A 139 -14.10 19.85 -11.22
N GLU A 140 -14.75 19.94 -10.07
CA GLU A 140 -15.56 21.11 -9.74
C GLU A 140 -14.70 22.24 -9.21
N GLY A 141 -13.95 21.96 -8.14
CA GLY A 141 -13.08 22.96 -7.55
C GLY A 141 -13.41 23.21 -6.10
N ARG A 142 -13.65 22.13 -5.35
CA ARG A 142 -13.97 22.25 -3.93
C ARG A 142 -12.99 21.46 -3.08
N ALA A 143 -12.96 21.76 -1.78
CA ALA A 143 -12.06 21.07 -0.86
C ALA A 143 -12.35 19.57 -0.84
N LEU A 144 -11.30 18.79 -0.57
CA LEU A 144 -11.44 17.34 -0.52
C LEU A 144 -11.89 16.88 0.87
N PRO A 145 -12.87 15.97 0.91
CA PRO A 145 -13.40 15.43 2.17
C PRO A 145 -12.41 14.54 2.88
N ASP A 146 -12.48 14.52 4.21
CA ASP A 146 -11.59 13.70 5.02
C ASP A 146 -11.83 12.21 4.75
N SER A 147 -11.03 11.37 5.40
CA SER A 147 -11.15 9.93 5.23
C SER A 147 -12.16 9.35 6.22
N GLN A 148 -12.93 8.37 5.75
CA GLN A 148 -13.95 7.74 6.59
C GLN A 148 -14.86 8.78 7.24
N GLN A 149 -15.08 9.89 6.54
CA GLN A 149 -15.92 10.96 7.04
C GLN A 149 -17.13 11.17 6.14
N VAL A 150 -16.94 10.96 4.85
CA VAL A 150 -18.01 11.13 3.87
C VAL A 150 -19.24 10.32 4.28
N PRO A 151 -20.43 10.92 4.11
CA PRO A 151 -21.71 10.29 4.45
C PRO A 151 -22.05 9.15 3.50
N SER A 152 -22.25 7.96 4.06
CA SER A 152 -22.57 6.78 3.27
C SER A 152 -24.08 6.57 3.21
N SER A 153 -24.57 6.12 2.05
CA SER A 153 -26.00 5.88 1.87
C SER A 153 -26.23 4.69 0.95
N PRO A 154 -27.25 3.88 1.27
CA PRO A 154 -27.61 2.69 0.49
C PRO A 154 -28.19 3.06 -0.87
N ALA A 155 -27.97 2.19 -1.85
CA ALA A 155 -28.49 2.41 -3.20
C ALA A 155 -29.95 1.97 -3.30
N GLY A 1 6.15 28.77 1.70
CA GLY A 1 5.01 28.03 1.18
C GLY A 1 5.33 27.30 -0.11
N SER A 2 5.08 25.99 -0.12
CA SER A 2 5.36 25.17 -1.30
C SER A 2 4.10 25.00 -2.14
N SER A 3 3.01 24.60 -1.48
CA SER A 3 1.74 24.39 -2.17
C SER A 3 1.22 25.70 -2.76
N GLY A 4 0.79 25.65 -4.01
CA GLY A 4 0.26 26.83 -4.67
C GLY A 4 0.52 26.84 -6.16
N SER A 5 1.80 26.83 -6.54
CA SER A 5 2.17 26.83 -7.95
C SER A 5 1.57 25.63 -8.67
N SER A 6 1.64 24.46 -8.03
CA SER A 6 1.10 23.24 -8.62
C SER A 6 -0.42 23.23 -8.56
N GLY A 7 -1.03 22.35 -9.36
CA GLY A 7 -2.48 22.26 -9.38
C GLY A 7 -3.03 22.09 -10.78
N ARG A 8 -2.49 22.86 -11.73
CA ARG A 8 -2.94 22.79 -13.11
C ARG A 8 -3.18 21.35 -13.53
N GLU A 9 -2.40 20.43 -12.97
CA GLU A 9 -2.54 19.01 -13.29
C GLU A 9 -3.63 18.36 -12.44
N ARG A 10 -4.06 17.18 -12.85
CA ARG A 10 -5.10 16.45 -12.13
C ARG A 10 -4.52 15.26 -11.40
N ARG A 11 -4.59 15.29 -10.07
CA ARG A 11 -4.07 14.20 -9.25
C ARG A 11 -5.16 13.17 -8.94
N VAL A 12 -6.34 13.67 -8.57
CA VAL A 12 -7.47 12.80 -8.26
C VAL A 12 -7.73 11.81 -9.39
N ALA A 13 -7.76 12.30 -10.61
CA ALA A 13 -8.01 11.47 -11.78
C ALA A 13 -6.81 10.57 -12.06
N SER A 14 -5.61 11.12 -11.92
CA SER A 14 -4.38 10.36 -12.16
C SER A 14 -4.41 9.03 -11.40
N TRP A 15 -5.31 8.93 -10.43
CA TRP A 15 -5.43 7.71 -9.62
C TRP A 15 -6.11 6.61 -10.43
N ALA A 16 -6.32 6.85 -11.71
CA ALA A 16 -6.97 5.88 -12.58
C ALA A 16 -6.03 5.45 -13.71
N VAL A 17 -5.13 6.34 -14.10
CA VAL A 17 -4.17 6.05 -15.15
C VAL A 17 -3.34 4.82 -14.82
N SER A 18 -2.98 4.67 -13.54
CA SER A 18 -2.18 3.54 -13.09
C SER A 18 -2.11 3.50 -11.57
N PHE A 19 -1.44 2.48 -11.04
CA PHE A 19 -1.31 2.32 -9.59
C PHE A 19 -0.25 3.27 -9.04
N GLU A 20 0.82 3.46 -9.80
CA GLU A 20 1.90 4.34 -9.38
C GLU A 20 1.37 5.71 -8.98
N ARG A 21 0.38 6.19 -9.72
CA ARG A 21 -0.23 7.49 -9.45
C ARG A 21 -0.97 7.47 -8.11
N LEU A 22 -1.34 6.28 -7.66
CA LEU A 22 -2.05 6.11 -6.40
C LEU A 22 -1.11 6.28 -5.21
N LEU A 23 -0.11 5.42 -5.13
CA LEU A 23 0.86 5.47 -4.04
C LEU A 23 1.65 6.77 -4.09
N GLN A 24 2.32 7.02 -5.20
CA GLN A 24 3.11 8.23 -5.36
C GLN A 24 2.37 9.44 -4.79
N ASP A 25 1.06 9.47 -4.97
CA ASP A 25 0.24 10.56 -4.46
C ASP A 25 -0.11 10.35 -2.99
N PRO A 26 0.07 11.41 -2.18
CA PRO A 26 -0.22 11.36 -0.75
C PRO A 26 -1.72 11.28 -0.46
N VAL A 27 -2.52 11.83 -1.36
CA VAL A 27 -3.97 11.82 -1.21
C VAL A 27 -4.54 10.44 -1.52
N GLY A 28 -4.08 9.85 -2.62
CA GLY A 28 -4.56 8.54 -3.00
C GLY A 28 -4.39 7.51 -1.91
N VAL A 29 -3.24 7.54 -1.23
CA VAL A 29 -2.96 6.61 -0.15
C VAL A 29 -3.88 6.85 1.05
N ARG A 30 -4.12 8.13 1.35
CA ARG A 30 -4.98 8.49 2.46
C ARG A 30 -6.35 7.84 2.33
N TYR A 31 -7.04 8.14 1.23
CA TYR A 31 -8.36 7.59 0.99
C TYR A 31 -8.29 6.07 0.79
N PHE A 32 -7.44 5.64 -0.14
CA PHE A 32 -7.28 4.22 -0.42
C PHE A 32 -7.14 3.42 0.87
N SER A 33 -6.30 3.90 1.78
CA SER A 33 -6.08 3.23 3.05
C SER A 33 -7.39 3.04 3.80
N ASP A 34 -8.19 4.09 3.86
CA ASP A 34 -9.48 4.03 4.54
C ASP A 34 -10.35 2.91 3.97
N PHE A 35 -10.61 2.96 2.67
CA PHE A 35 -11.42 1.96 2.01
C PHE A 35 -11.07 0.55 2.51
N LEU A 36 -9.77 0.31 2.68
CA LEU A 36 -9.30 -0.99 3.14
C LEU A 36 -9.83 -1.29 4.54
N ARG A 37 -9.48 -0.45 5.50
CA ARG A 37 -9.93 -0.62 6.88
C ARG A 37 -11.37 -1.12 6.92
N LYS A 38 -12.20 -0.60 6.03
CA LYS A 38 -13.60 -0.99 5.97
C LYS A 38 -13.75 -2.50 6.08
N GLU A 39 -12.93 -3.23 5.32
CA GLU A 39 -12.97 -4.68 5.34
C GLU A 39 -11.74 -5.26 6.05
N PHE A 40 -11.06 -4.42 6.81
CA PHE A 40 -9.88 -4.83 7.54
C PHE A 40 -8.81 -5.34 6.58
N SER A 41 -8.69 -4.69 5.43
CA SER A 41 -7.71 -5.08 4.43
C SER A 41 -6.47 -4.18 4.49
N GLU A 42 -6.32 -3.47 5.60
CA GLU A 42 -5.19 -2.57 5.78
C GLU A 42 -3.87 -3.32 5.62
N GLU A 43 -3.69 -4.37 6.42
CA GLU A 43 -2.48 -5.16 6.37
C GLU A 43 -1.96 -5.28 4.94
N ASN A 44 -2.88 -5.22 3.98
CA ASN A 44 -2.53 -5.32 2.57
C ASN A 44 -1.47 -4.28 2.20
N ILE A 45 -1.83 -3.01 2.32
CA ILE A 45 -0.92 -1.92 2.00
C ILE A 45 0.24 -1.87 2.99
N LEU A 46 -0.06 -2.09 4.26
CA LEU A 46 0.95 -2.07 5.31
C LEU A 46 2.18 -2.88 4.88
N PHE A 47 1.94 -4.10 4.42
CA PHE A 47 3.03 -4.97 3.99
C PHE A 47 3.87 -4.31 2.90
N TRP A 48 3.19 -3.67 1.96
CA TRP A 48 3.87 -2.99 0.85
C TRP A 48 4.74 -1.85 1.38
N GLN A 49 4.12 -0.87 2.03
CA GLN A 49 4.84 0.27 2.57
C GLN A 49 6.12 -0.18 3.26
N ALA A 50 6.03 -1.29 3.99
CA ALA A 50 7.18 -1.82 4.71
C ALA A 50 8.25 -2.31 3.74
N CYS A 51 7.83 -3.07 2.74
CA CYS A 51 8.76 -3.60 1.75
C CYS A 51 9.73 -2.52 1.28
N GLU A 52 9.19 -1.40 0.83
CA GLU A 52 10.01 -0.30 0.34
C GLU A 52 11.19 -0.05 1.28
N TYR A 53 10.89 0.30 2.53
CA TYR A 53 11.93 0.56 3.52
C TYR A 53 12.92 -0.61 3.60
N PHE A 54 12.38 -1.81 3.64
CA PHE A 54 13.22 -3.01 3.73
C PHE A 54 14.15 -3.11 2.52
N ASN A 55 13.85 -2.32 1.49
CA ASN A 55 14.66 -2.32 0.27
C ASN A 55 15.84 -1.36 0.41
N HIS A 56 15.61 -0.24 1.08
CA HIS A 56 16.66 0.75 1.29
C HIS A 56 17.89 0.12 1.94
N VAL A 57 17.67 -0.59 3.04
CA VAL A 57 18.75 -1.25 3.76
C VAL A 57 19.60 -2.10 2.82
N PRO A 58 20.91 -1.83 2.80
CA PRO A 58 21.86 -2.57 1.96
C PRO A 58 22.05 -4.02 2.42
N ALA A 59 22.29 -4.91 1.47
CA ALA A 59 22.50 -6.31 1.79
C ALA A 59 23.57 -6.50 2.86
N HIS A 60 24.73 -5.89 2.62
CA HIS A 60 25.84 -5.98 3.56
C HIS A 60 25.38 -5.69 4.98
N ASP A 61 24.46 -4.74 5.11
CA ASP A 61 23.94 -4.38 6.42
C ASP A 61 23.07 -5.50 6.99
N LYS A 62 23.62 -6.22 7.98
CA LYS A 62 22.91 -7.32 8.61
C LYS A 62 22.12 -6.83 9.82
N LYS A 63 22.77 -6.00 10.64
CA LYS A 63 22.14 -5.46 11.84
C LYS A 63 20.66 -5.17 11.59
N GLU A 64 20.40 -4.15 10.77
CA GLU A 64 19.03 -3.78 10.44
C GLU A 64 18.24 -4.96 9.92
N LEU A 65 18.60 -5.44 8.74
CA LEU A 65 17.93 -6.58 8.13
C LEU A 65 17.44 -7.56 9.19
N SER A 66 18.39 -8.17 9.90
CA SER A 66 18.06 -9.13 10.94
C SER A 66 16.76 -8.75 11.63
N TYR A 67 16.61 -7.46 11.93
CA TYR A 67 15.42 -6.96 12.60
C TYR A 67 14.29 -6.69 11.59
N ARG A 68 14.62 -5.95 10.55
CA ARG A 68 13.65 -5.61 9.51
C ARG A 68 13.04 -6.87 8.92
N ALA A 69 13.89 -7.72 8.34
CA ALA A 69 13.43 -8.97 7.74
C ALA A 69 12.60 -9.79 8.72
N ARG A 70 13.22 -10.20 9.81
CA ARG A 70 12.54 -11.00 10.83
C ARG A 70 11.27 -10.28 11.31
N GLU A 71 11.35 -8.96 11.42
CA GLU A 71 10.21 -8.17 11.87
C GLU A 71 9.03 -8.32 10.91
N ILE A 72 9.20 -7.85 9.69
CA ILE A 72 8.15 -7.94 8.68
C ILE A 72 7.59 -9.35 8.59
N PHE A 73 8.46 -10.34 8.73
CA PHE A 73 8.05 -11.74 8.67
C PHE A 73 7.24 -12.12 9.90
N SER A 74 7.90 -12.16 11.05
CA SER A 74 7.23 -12.52 12.30
C SER A 74 6.01 -11.63 12.54
N LYS A 75 5.83 -10.65 11.67
CA LYS A 75 4.70 -9.73 11.78
C LYS A 75 3.56 -10.14 10.86
N PHE A 76 3.85 -10.20 9.56
CA PHE A 76 2.86 -10.59 8.57
C PHE A 76 3.02 -12.05 8.19
N LEU A 77 4.23 -12.43 7.79
CA LEU A 77 4.51 -13.81 7.39
C LEU A 77 5.13 -14.58 8.55
N CYS A 78 4.34 -15.40 9.21
CA CYS A 78 4.81 -16.20 10.33
C CYS A 78 3.76 -17.21 10.76
N SER A 79 4.11 -18.06 11.73
CA SER A 79 3.20 -19.08 12.24
C SER A 79 2.17 -18.46 13.19
N LYS A 80 2.60 -17.43 13.91
CA LYS A 80 1.72 -16.76 14.86
C LYS A 80 1.50 -15.30 14.46
N ALA A 81 1.80 -14.99 13.20
CA ALA A 81 1.63 -13.64 12.68
C ALA A 81 0.22 -13.11 12.97
N THR A 82 0.15 -11.87 13.44
CA THR A 82 -1.13 -11.25 13.76
C THR A 82 -2.09 -11.35 12.59
N THR A 83 -1.75 -10.71 11.49
CA THR A 83 -2.59 -10.73 10.29
C THR A 83 -1.78 -11.10 9.05
N PRO A 84 -1.90 -12.36 8.61
CA PRO A 84 -1.19 -12.87 7.44
C PRO A 84 -1.71 -12.27 6.14
N VAL A 85 -0.79 -11.95 5.24
CA VAL A 85 -1.16 -11.37 3.95
C VAL A 85 -1.32 -12.44 2.88
N ASN A 86 -2.12 -12.14 1.87
CA ASN A 86 -2.37 -13.08 0.78
C ASN A 86 -1.13 -13.91 0.49
N ILE A 87 0.04 -13.27 0.54
CA ILE A 87 1.30 -13.96 0.27
C ILE A 87 1.44 -15.20 1.15
N ASP A 88 1.94 -16.27 0.55
CA ASP A 88 2.12 -17.52 1.28
C ASP A 88 3.49 -17.56 1.96
N SER A 89 3.48 -17.53 3.30
CA SER A 89 4.72 -17.55 4.06
C SER A 89 5.50 -18.83 3.80
N GLN A 90 4.89 -19.75 3.05
CA GLN A 90 5.53 -21.02 2.73
C GLN A 90 6.60 -20.83 1.67
N ALA A 91 6.99 -19.58 1.44
CA ALA A 91 8.01 -19.27 0.45
C ALA A 91 9.41 -19.54 0.98
N GLN A 92 9.48 -20.33 2.05
CA GLN A 92 10.75 -20.68 2.67
C GLN A 92 11.58 -19.42 2.95
N LEU A 93 10.89 -18.32 3.26
CA LEU A 93 11.55 -17.06 3.56
C LEU A 93 12.20 -17.09 4.93
N ALA A 94 11.41 -17.43 5.95
CA ALA A 94 11.91 -17.50 7.32
C ALA A 94 13.31 -18.11 7.37
N ASP A 95 13.39 -19.41 7.06
CA ASP A 95 14.67 -20.11 7.06
C ASP A 95 15.79 -19.20 6.54
N ASP A 96 15.43 -18.26 5.67
CA ASP A 96 16.40 -17.35 5.10
C ASP A 96 16.45 -16.05 5.90
N VAL A 97 15.42 -15.23 5.76
CA VAL A 97 15.34 -13.96 6.47
C VAL A 97 15.91 -14.08 7.88
N LEU A 98 15.82 -15.28 8.44
CA LEU A 98 16.33 -15.54 9.79
C LEU A 98 17.84 -15.68 9.78
N ARG A 99 18.34 -16.66 9.02
CA ARG A 99 19.77 -16.90 8.93
C ARG A 99 20.46 -15.76 8.19
N ALA A 100 20.01 -15.49 6.97
CA ALA A 100 20.59 -14.42 6.16
C ALA A 100 19.56 -13.85 5.19
N PRO A 101 19.01 -12.69 5.53
CA PRO A 101 18.00 -12.01 4.69
C PRO A 101 18.61 -11.47 3.40
N HIS A 102 17.77 -10.77 2.62
CA HIS A 102 18.22 -10.20 1.36
C HIS A 102 17.31 -9.05 0.93
N PRO A 103 17.90 -7.86 0.79
CA PRO A 103 17.17 -6.65 0.39
C PRO A 103 16.71 -6.70 -1.06
N ASP A 104 17.06 -7.79 -1.74
CA ASP A 104 16.68 -7.97 -3.14
C ASP A 104 15.78 -9.19 -3.31
N MET A 105 15.56 -9.91 -2.22
CA MET A 105 14.73 -11.10 -2.25
C MET A 105 13.25 -10.73 -2.20
N PHE A 106 12.86 -10.04 -1.12
CA PHE A 106 11.47 -9.62 -0.94
C PHE A 106 10.92 -9.03 -2.23
N LYS A 107 11.77 -8.32 -2.96
CA LYS A 107 11.37 -7.69 -4.21
C LYS A 107 10.30 -8.52 -4.92
N GLU A 108 10.45 -9.83 -4.86
CA GLU A 108 9.49 -10.73 -5.50
C GLU A 108 8.20 -10.82 -4.68
N GLN A 109 8.34 -11.07 -3.38
CA GLN A 109 7.19 -11.17 -2.50
C GLN A 109 6.36 -9.89 -2.53
N GLN A 110 7.04 -8.75 -2.48
CA GLN A 110 6.37 -7.46 -2.50
C GLN A 110 5.40 -7.37 -3.68
N LEU A 111 5.92 -7.57 -4.88
CA LEU A 111 5.10 -7.51 -6.09
C LEU A 111 3.75 -8.18 -5.86
N GLN A 112 3.78 -9.33 -5.21
CA GLN A 112 2.56 -10.08 -4.93
C GLN A 112 1.43 -9.14 -4.49
N ILE A 113 1.67 -8.44 -3.39
CA ILE A 113 0.67 -7.50 -2.87
C ILE A 113 0.43 -6.36 -3.83
N PHE A 114 1.50 -5.90 -4.48
CA PHE A 114 1.40 -4.80 -5.43
C PHE A 114 0.27 -5.04 -6.43
N ASN A 115 0.18 -6.27 -6.93
CA ASN A 115 -0.86 -6.63 -7.89
C ASN A 115 -2.17 -6.96 -7.17
N LEU A 116 -2.07 -7.74 -6.11
CA LEU A 116 -3.24 -8.14 -5.33
C LEU A 116 -4.22 -6.98 -5.20
N MET A 117 -3.75 -5.89 -4.59
CA MET A 117 -4.58 -4.71 -4.39
C MET A 117 -4.93 -4.06 -5.73
N LYS A 118 -3.90 -3.73 -6.50
CA LYS A 118 -4.08 -3.11 -7.80
C LYS A 118 -5.23 -3.77 -8.57
N PHE A 119 -5.54 -5.01 -8.21
CA PHE A 119 -6.61 -5.75 -8.86
C PHE A 119 -7.73 -6.06 -7.87
N ASP A 120 -7.39 -6.04 -6.58
CA ASP A 120 -8.37 -6.31 -5.53
C ASP A 120 -9.01 -5.02 -5.02
N SER A 121 -8.22 -4.22 -4.32
CA SER A 121 -8.72 -2.95 -3.78
C SER A 121 -8.79 -1.88 -4.87
N TYR A 122 -7.63 -1.52 -5.41
CA TYR A 122 -7.56 -0.51 -6.45
C TYR A 122 -8.77 -0.59 -7.37
N THR A 123 -9.20 -1.81 -7.67
CA THR A 123 -10.34 -2.03 -8.54
C THR A 123 -11.62 -1.49 -7.92
N ARG A 124 -12.09 -2.15 -6.86
CA ARG A 124 -13.30 -1.74 -6.16
C ARG A 124 -13.23 -0.27 -5.78
N PHE A 125 -12.09 0.16 -5.25
CA PHE A 125 -11.90 1.54 -4.85
C PHE A 125 -12.52 2.49 -5.86
N LEU A 126 -12.31 2.21 -7.14
CA LEU A 126 -12.84 3.03 -8.22
C LEU A 126 -14.34 2.80 -8.38
N LYS A 127 -14.76 1.56 -8.23
CA LYS A 127 -16.17 1.20 -8.36
C LYS A 127 -17.00 1.84 -7.25
N SER A 128 -16.38 2.05 -6.09
CA SER A 128 -17.05 2.65 -4.95
C SER A 128 -17.19 4.16 -5.13
N PRO A 129 -18.19 4.75 -4.46
CA PRO A 129 -18.44 6.20 -4.54
C PRO A 129 -17.36 7.01 -3.83
N LEU A 130 -16.66 6.37 -2.90
CA LEU A 130 -15.60 7.03 -2.16
C LEU A 130 -14.65 7.77 -3.10
N TYR A 131 -14.10 7.04 -4.07
CA TYR A 131 -13.18 7.62 -5.04
C TYR A 131 -13.79 8.85 -5.71
N GLN A 132 -15.08 8.76 -6.02
CA GLN A 132 -15.78 9.86 -6.66
C GLN A 132 -15.73 11.12 -5.80
N GLU A 133 -15.82 10.94 -4.49
CA GLU A 133 -15.78 12.05 -3.55
C GLU A 133 -14.76 13.09 -3.99
N CYS A 134 -13.52 12.65 -4.16
CA CYS A 134 -12.44 13.54 -4.58
C CYS A 134 -12.63 14.00 -6.02
N ILE A 135 -13.23 13.13 -6.83
CA ILE A 135 -13.46 13.44 -8.23
C ILE A 135 -14.34 14.68 -8.38
N LEU A 136 -15.55 14.60 -7.85
CA LEU A 136 -16.50 15.71 -7.92
C LEU A 136 -15.82 17.02 -7.52
N ALA A 137 -14.85 16.92 -6.61
CA ALA A 137 -14.12 18.09 -6.14
C ALA A 137 -13.24 18.68 -7.25
N GLU A 138 -12.74 17.80 -8.12
CA GLU A 138 -11.89 18.22 -9.22
C GLU A 138 -12.72 18.71 -10.40
N VAL A 139 -13.85 18.06 -10.63
CA VAL A 139 -14.73 18.42 -11.73
C VAL A 139 -15.52 19.69 -11.40
N GLU A 140 -16.34 19.62 -10.34
CA GLU A 140 -17.14 20.76 -9.92
C GLU A 140 -16.26 21.86 -9.35
N GLY A 141 -15.10 21.47 -8.83
CA GLY A 141 -14.18 22.44 -8.26
C GLY A 141 -14.44 22.67 -6.78
N ARG A 142 -14.79 21.60 -6.07
CA ARG A 142 -15.06 21.69 -4.64
C ARG A 142 -13.89 21.15 -3.83
N ALA A 143 -14.01 21.21 -2.51
CA ALA A 143 -12.96 20.74 -1.62
C ALA A 143 -13.07 19.23 -1.39
N LEU A 144 -11.94 18.59 -1.11
CA LEU A 144 -11.92 17.15 -0.86
C LEU A 144 -12.42 16.83 0.53
N PRO A 145 -13.43 15.94 0.62
CA PRO A 145 -14.02 15.53 1.89
C PRO A 145 -13.07 14.67 2.72
N ASP A 146 -13.59 14.07 3.79
CA ASP A 146 -12.80 13.23 4.66
C ASP A 146 -13.14 11.75 4.46
N SER A 147 -12.22 11.02 3.85
CA SER A 147 -12.44 9.59 3.60
C SER A 147 -13.13 8.93 4.78
N GLN A 148 -12.50 9.00 5.95
CA GLN A 148 -13.05 8.40 7.15
C GLN A 148 -14.54 8.72 7.28
N GLN A 149 -14.91 9.96 6.97
CA GLN A 149 -16.29 10.39 7.05
C GLN A 149 -17.15 9.68 6.01
N VAL A 150 -16.74 9.78 4.75
CA VAL A 150 -17.47 9.14 3.64
C VAL A 150 -17.58 7.64 3.87
N PRO A 151 -18.83 7.14 3.91
CA PRO A 151 -19.11 5.72 4.12
C PRO A 151 -18.70 4.88 2.91
N SER A 152 -18.71 3.56 3.09
CA SER A 152 -18.34 2.64 2.02
C SER A 152 -18.98 1.28 2.22
N SER A 153 -19.49 0.69 1.14
CA SER A 153 -20.14 -0.62 1.21
C SER A 153 -19.10 -1.73 1.32
N PRO A 154 -19.28 -2.60 2.33
CA PRO A 154 -18.39 -3.72 2.59
C PRO A 154 -18.48 -4.80 1.50
N ALA A 155 -17.50 -5.69 1.47
CA ALA A 155 -17.47 -6.77 0.49
C ALA A 155 -18.75 -7.59 0.55
N GLY A 1 13.80 18.59 8.55
CA GLY A 1 13.68 19.38 7.35
C GLY A 1 12.80 18.72 6.30
N SER A 2 11.85 19.48 5.77
CA SER A 2 10.94 18.95 4.76
C SER A 2 11.28 19.50 3.38
N SER A 3 11.05 18.69 2.35
CA SER A 3 11.34 19.09 0.98
C SER A 3 10.36 20.17 0.52
N GLY A 4 9.07 19.91 0.73
CA GLY A 4 8.05 20.87 0.31
C GLY A 4 7.49 20.56 -1.05
N SER A 5 6.26 20.04 -1.08
CA SER A 5 5.60 19.70 -2.34
C SER A 5 4.28 20.44 -2.48
N SER A 6 3.95 20.81 -3.71
CA SER A 6 2.71 21.53 -3.99
C SER A 6 1.76 20.69 -4.82
N GLY A 7 0.52 21.14 -4.94
CA GLY A 7 -0.47 20.41 -5.71
C GLY A 7 -1.14 21.28 -6.75
N ARG A 8 -0.55 21.36 -7.93
CA ARG A 8 -1.10 22.16 -9.02
C ARG A 8 -1.65 21.27 -10.13
N GLU A 9 -1.02 20.12 -10.32
CA GLU A 9 -1.45 19.18 -11.35
C GLU A 9 -2.56 18.28 -10.84
N ARG A 10 -3.13 17.47 -11.74
CA ARG A 10 -4.20 16.56 -11.38
C ARG A 10 -3.65 15.30 -10.73
N ARG A 11 -3.78 15.22 -9.41
CA ARG A 11 -3.29 14.07 -8.65
C ARG A 11 -4.41 13.06 -8.41
N VAL A 12 -5.60 13.58 -8.15
CA VAL A 12 -6.77 12.73 -7.89
C VAL A 12 -7.01 11.77 -9.05
N ALA A 13 -7.03 12.30 -10.26
CA ALA A 13 -7.25 11.49 -11.45
C ALA A 13 -6.06 10.57 -11.72
N SER A 14 -4.86 11.07 -11.43
CA SER A 14 -3.64 10.30 -11.65
C SER A 14 -3.75 8.92 -11.02
N TRP A 15 -4.67 8.77 -10.07
CA TRP A 15 -4.88 7.51 -9.39
C TRP A 15 -5.68 6.54 -10.27
N ALA A 16 -5.87 6.93 -11.53
CA ALA A 16 -6.62 6.10 -12.47
C ALA A 16 -5.71 5.60 -13.59
N VAL A 17 -4.72 6.41 -13.96
CA VAL A 17 -3.79 6.05 -15.01
C VAL A 17 -2.98 4.81 -14.64
N SER A 18 -2.59 4.74 -13.37
CA SER A 18 -1.80 3.61 -12.87
C SER A 18 -1.68 3.65 -11.36
N PHE A 19 -1.51 2.48 -10.75
CA PHE A 19 -1.38 2.39 -9.30
C PHE A 19 -0.16 3.17 -8.81
N GLU A 20 0.97 2.95 -9.45
CA GLU A 20 2.20 3.63 -9.08
C GLU A 20 1.95 5.13 -8.86
N ARG A 21 1.05 5.69 -9.65
CA ARG A 21 0.71 7.11 -9.54
C ARG A 21 -0.16 7.37 -8.33
N LEU A 22 -0.96 6.38 -7.95
CA LEU A 22 -1.85 6.49 -6.80
C LEU A 22 -1.07 6.32 -5.49
N LEU A 23 -0.25 5.29 -5.44
CA LEU A 23 0.55 5.01 -4.25
C LEU A 23 1.55 6.14 -3.98
N GLN A 24 2.29 6.51 -5.02
CA GLN A 24 3.28 7.58 -4.90
C GLN A 24 2.69 8.79 -4.19
N ASP A 25 1.42 9.06 -4.45
CA ASP A 25 0.73 10.19 -3.83
C ASP A 25 0.32 9.86 -2.40
N PRO A 26 0.53 10.82 -1.48
CA PRO A 26 0.19 10.66 -0.07
C PRO A 26 -1.32 10.63 0.17
N VAL A 27 -2.05 11.48 -0.54
CA VAL A 27 -3.49 11.54 -0.41
C VAL A 27 -4.15 10.24 -0.86
N GLY A 28 -3.66 9.70 -1.97
CA GLY A 28 -4.21 8.46 -2.50
C GLY A 28 -4.11 7.32 -1.50
N VAL A 29 -2.92 7.12 -0.95
CA VAL A 29 -2.70 6.05 0.02
C VAL A 29 -3.67 6.16 1.19
N ARG A 30 -3.90 7.39 1.65
CA ARG A 30 -4.81 7.63 2.76
C ARG A 30 -6.20 7.07 2.46
N TYR A 31 -6.84 7.61 1.44
CA TYR A 31 -8.18 7.16 1.05
C TYR A 31 -8.18 5.68 0.71
N PHE A 32 -7.25 5.28 -0.16
CA PHE A 32 -7.14 3.89 -0.57
C PHE A 32 -7.08 2.96 0.64
N SER A 33 -6.17 3.27 1.57
CA SER A 33 -6.00 2.47 2.77
C SER A 33 -7.31 2.38 3.55
N ASP A 34 -7.96 3.53 3.75
CA ASP A 34 -9.21 3.58 4.46
C ASP A 34 -10.21 2.56 3.92
N PHE A 35 -10.34 2.52 2.59
CA PHE A 35 -11.26 1.59 1.95
C PHE A 35 -10.94 0.16 2.35
N LEU A 36 -9.67 -0.21 2.28
CA LEU A 36 -9.24 -1.56 2.64
C LEU A 36 -9.81 -1.97 4.00
N ARG A 37 -9.63 -1.12 5.00
CA ARG A 37 -10.12 -1.38 6.34
C ARG A 37 -11.58 -1.84 6.30
N LYS A 38 -12.34 -1.26 5.38
CA LYS A 38 -13.76 -1.61 5.25
C LYS A 38 -13.94 -3.12 5.22
N GLU A 39 -13.08 -3.81 4.48
CA GLU A 39 -13.16 -5.26 4.37
C GLU A 39 -11.98 -5.92 5.09
N PHE A 40 -11.33 -5.16 5.97
CA PHE A 40 -10.18 -5.67 6.72
C PHE A 40 -9.04 -6.04 5.78
N SER A 41 -8.80 -5.19 4.79
CA SER A 41 -7.74 -5.42 3.82
C SER A 41 -6.54 -4.52 4.11
N GLU A 42 -6.48 -3.99 5.32
CA GLU A 42 -5.39 -3.10 5.72
C GLU A 42 -4.08 -3.89 5.83
N GLU A 43 -4.09 -4.94 6.65
CA GLU A 43 -2.91 -5.76 6.86
C GLU A 43 -2.12 -5.90 5.56
N ASN A 44 -2.83 -5.85 4.43
CA ASN A 44 -2.20 -5.97 3.13
C ASN A 44 -1.36 -4.74 2.80
N ILE A 45 -2.00 -3.58 2.77
CA ILE A 45 -1.31 -2.33 2.49
C ILE A 45 -0.19 -2.08 3.48
N LEU A 46 -0.37 -2.58 4.71
CA LEU A 46 0.64 -2.41 5.75
C LEU A 46 1.92 -3.13 5.40
N PHE A 47 1.78 -4.32 4.82
CA PHE A 47 2.95 -5.12 4.43
C PHE A 47 3.67 -4.48 3.25
N TRP A 48 2.91 -4.01 2.28
CA TRP A 48 3.49 -3.38 1.09
C TRP A 48 4.35 -2.19 1.48
N GLN A 49 3.80 -1.32 2.33
CA GLN A 49 4.53 -0.13 2.78
C GLN A 49 5.85 -0.51 3.42
N ALA A 50 5.80 -1.43 4.36
CA ALA A 50 7.01 -1.89 5.05
C ALA A 50 8.08 -2.32 4.05
N CYS A 51 7.67 -3.13 3.08
CA CYS A 51 8.60 -3.62 2.06
C CYS A 51 9.41 -2.47 1.47
N GLU A 52 8.71 -1.39 1.11
CA GLU A 52 9.37 -0.23 0.53
C GLU A 52 10.50 0.27 1.43
N TYR A 53 10.19 0.47 2.70
CA TYR A 53 11.17 0.95 3.67
C TYR A 53 12.39 0.03 3.70
N PHE A 54 12.16 -1.23 4.04
CA PHE A 54 13.23 -2.21 4.11
C PHE A 54 14.04 -2.23 2.82
N ASN A 55 13.34 -2.34 1.69
CA ASN A 55 14.00 -2.37 0.39
C ASN A 55 14.98 -1.22 0.25
N HIS A 56 14.56 -0.03 0.67
CA HIS A 56 15.41 1.15 0.59
C HIS A 56 16.73 0.93 1.33
N VAL A 57 16.65 0.22 2.45
CA VAL A 57 17.84 -0.06 3.26
C VAL A 57 18.94 -0.68 2.40
N PRO A 58 20.19 -0.23 2.64
CA PRO A 58 21.35 -0.73 1.91
C PRO A 58 21.69 -2.17 2.26
N ALA A 59 22.18 -2.93 1.28
CA ALA A 59 22.55 -4.31 1.49
C ALA A 59 23.72 -4.43 2.46
N HIS A 60 24.75 -3.62 2.23
CA HIS A 60 25.93 -3.63 3.08
C HIS A 60 25.54 -3.57 4.56
N ASP A 61 24.44 -2.87 4.85
CA ASP A 61 23.96 -2.72 6.22
C ASP A 61 23.14 -3.93 6.63
N LYS A 62 23.72 -4.78 7.47
CA LYS A 62 23.04 -5.97 7.95
C LYS A 62 22.30 -5.70 9.25
N LYS A 63 22.95 -4.96 10.15
CA LYS A 63 22.36 -4.62 11.44
C LYS A 63 20.89 -4.23 11.27
N GLU A 64 20.61 -3.40 10.29
CA GLU A 64 19.24 -2.96 10.03
C GLU A 64 18.46 -4.02 9.26
N LEU A 65 19.01 -4.45 8.13
CA LEU A 65 18.36 -5.47 7.31
C LEU A 65 17.65 -6.50 8.18
N SER A 66 18.42 -7.20 9.00
CA SER A 66 17.86 -8.22 9.88
C SER A 66 16.67 -7.68 10.66
N TYR A 67 16.90 -6.63 11.44
CA TYR A 67 15.85 -6.01 12.23
C TYR A 67 14.54 -5.98 11.47
N ARG A 68 14.52 -5.26 10.36
CA ARG A 68 13.33 -5.15 9.53
C ARG A 68 12.97 -6.50 8.91
N ALA A 69 13.86 -7.02 8.07
CA ALA A 69 13.63 -8.30 7.41
C ALA A 69 12.84 -9.25 8.32
N ARG A 70 13.46 -9.64 9.43
CA ARG A 70 12.81 -10.55 10.38
C ARG A 70 11.48 -9.97 10.87
N GLU A 71 11.55 -8.82 11.53
CA GLU A 71 10.35 -8.17 12.05
C GLU A 71 9.20 -8.30 11.06
N ILE A 72 9.36 -7.72 9.89
CA ILE A 72 8.32 -7.76 8.86
C ILE A 72 7.78 -9.18 8.69
N PHE A 73 8.66 -10.17 8.81
CA PHE A 73 8.26 -11.57 8.68
C PHE A 73 7.31 -11.97 9.81
N SER A 74 7.85 -12.09 11.02
CA SER A 74 7.04 -12.48 12.17
C SER A 74 5.88 -11.51 12.37
N LYS A 75 5.85 -10.45 11.56
CA LYS A 75 4.78 -9.46 11.64
C LYS A 75 3.58 -9.88 10.80
N PHE A 76 3.82 -10.13 9.51
CA PHE A 76 2.76 -10.55 8.61
C PHE A 76 3.01 -11.96 8.09
N LEU A 77 4.27 -12.26 7.80
CA LEU A 77 4.64 -13.59 7.29
C LEU A 77 5.23 -14.45 8.41
N CYS A 78 4.43 -15.36 8.93
CA CYS A 78 4.87 -16.24 10.00
C CYS A 78 3.83 -17.34 10.27
N SER A 79 4.15 -18.24 11.20
CA SER A 79 3.25 -19.33 11.54
C SER A 79 2.21 -18.88 12.57
N LYS A 80 2.62 -17.96 13.44
CA LYS A 80 1.72 -17.44 14.46
C LYS A 80 1.49 -15.94 14.28
N ALA A 81 1.80 -15.44 13.09
CA ALA A 81 1.61 -14.03 12.78
C ALA A 81 0.20 -13.57 13.13
N THR A 82 0.10 -12.38 13.72
CA THR A 82 -1.19 -11.82 14.12
C THR A 82 -2.17 -11.82 12.94
N THR A 83 -1.74 -11.25 11.82
CA THR A 83 -2.57 -11.17 10.63
C THR A 83 -1.75 -11.43 9.37
N PRO A 84 -1.86 -12.65 8.84
CA PRO A 84 -1.14 -13.04 7.62
C PRO A 84 -1.66 -12.34 6.38
N VAL A 85 -0.80 -12.19 5.38
CA VAL A 85 -1.18 -11.52 4.13
C VAL A 85 -1.42 -12.54 3.02
N ASN A 86 -2.02 -12.10 1.93
CA ASN A 86 -2.32 -12.97 0.80
C ASN A 86 -1.18 -13.96 0.57
N ILE A 87 0.05 -13.45 0.60
CA ILE A 87 1.22 -14.30 0.39
C ILE A 87 1.24 -15.45 1.39
N ASP A 88 1.51 -16.65 0.88
CA ASP A 88 1.57 -17.85 1.72
C ASP A 88 2.96 -18.03 2.31
N SER A 89 3.75 -16.96 2.29
CA SER A 89 5.11 -17.00 2.82
C SER A 89 5.84 -18.25 2.33
N GLN A 90 5.51 -18.68 1.12
CA GLN A 90 6.14 -19.86 0.52
C GLN A 90 7.41 -19.49 -0.22
N ALA A 91 7.94 -18.30 0.06
CA ALA A 91 9.16 -17.84 -0.58
C ALA A 91 10.39 -18.16 0.27
N GLN A 92 10.24 -19.09 1.21
CA GLN A 92 11.33 -19.48 2.08
C GLN A 92 12.02 -18.25 2.67
N LEU A 93 11.25 -17.20 2.91
CA LEU A 93 11.79 -15.97 3.47
C LEU A 93 12.57 -16.25 4.75
N ALA A 94 11.87 -16.70 5.78
CA ALA A 94 12.48 -17.01 7.06
C ALA A 94 13.88 -17.58 6.87
N ASP A 95 13.93 -18.81 6.36
CA ASP A 95 15.21 -19.49 6.11
C ASP A 95 16.28 -18.49 5.68
N ASP A 96 15.86 -17.49 4.90
CA ASP A 96 16.78 -16.47 4.41
C ASP A 96 16.83 -15.28 5.36
N VAL A 97 15.79 -14.46 5.33
CA VAL A 97 15.71 -13.29 6.20
C VAL A 97 16.36 -13.56 7.55
N LEU A 98 16.29 -14.81 7.99
CA LEU A 98 16.88 -15.20 9.27
C LEU A 98 18.41 -15.21 9.20
N ARG A 99 18.94 -16.07 8.32
CA ARG A 99 20.38 -16.18 8.15
C ARG A 99 20.93 -14.95 7.45
N ALA A 100 20.36 -14.62 6.30
CA ALA A 100 20.80 -13.46 5.52
C ALA A 100 19.69 -12.96 4.60
N PRO A 101 19.08 -11.83 4.98
CA PRO A 101 18.00 -11.22 4.20
C PRO A 101 18.49 -10.65 2.88
N HIS A 102 17.61 -9.92 2.19
CA HIS A 102 17.96 -9.31 0.91
C HIS A 102 17.03 -8.13 0.61
N PRO A 103 17.64 -6.97 0.33
CA PRO A 103 16.91 -5.74 0.03
C PRO A 103 16.20 -5.80 -1.33
N ASP A 104 16.39 -6.92 -2.03
CA ASP A 104 15.77 -7.12 -3.34
C ASP A 104 14.80 -8.29 -3.31
N MET A 105 15.16 -9.33 -2.57
CA MET A 105 14.30 -10.52 -2.47
C MET A 105 12.87 -10.13 -2.13
N PHE A 106 12.70 -9.44 -1.00
CA PHE A 106 11.38 -9.01 -0.56
C PHE A 106 10.55 -8.54 -1.74
N LYS A 107 11.17 -7.76 -2.63
CA LYS A 107 10.48 -7.23 -3.80
C LYS A 107 9.42 -8.21 -4.29
N GLU A 108 9.76 -9.50 -4.30
CA GLU A 108 8.83 -10.53 -4.75
C GLU A 108 7.52 -10.46 -3.98
N GLN A 109 7.61 -10.65 -2.67
CA GLN A 109 6.44 -10.62 -1.81
C GLN A 109 5.62 -9.35 -2.06
N GLN A 110 6.26 -8.19 -1.91
CA GLN A 110 5.60 -6.92 -2.13
C GLN A 110 4.73 -6.95 -3.38
N LEU A 111 5.28 -7.52 -4.45
CA LEU A 111 4.56 -7.62 -5.72
C LEU A 111 3.26 -8.41 -5.55
N GLN A 112 3.36 -9.59 -4.94
CA GLN A 112 2.19 -10.42 -4.71
C GLN A 112 1.01 -9.60 -4.21
N ILE A 113 1.24 -8.83 -3.14
CA ILE A 113 0.20 -8.00 -2.57
C ILE A 113 -0.16 -6.85 -3.50
N PHE A 114 0.85 -6.28 -4.15
CA PHE A 114 0.65 -5.18 -5.08
C PHE A 114 -0.37 -5.55 -6.15
N ASN A 115 -0.07 -6.61 -6.90
CA ASN A 115 -0.95 -7.07 -7.96
C ASN A 115 -2.34 -7.38 -7.42
N LEU A 116 -2.39 -8.10 -6.31
CA LEU A 116 -3.67 -8.47 -5.69
C LEU A 116 -4.59 -7.26 -5.60
N MET A 117 -4.18 -6.26 -4.83
CA MET A 117 -4.96 -5.04 -4.66
C MET A 117 -5.10 -4.30 -5.97
N LYS A 118 -3.99 -4.13 -6.69
CA LYS A 118 -4.00 -3.44 -7.97
C LYS A 118 -5.15 -3.92 -8.85
N PHE A 119 -5.59 -5.16 -8.62
CA PHE A 119 -6.69 -5.73 -9.38
C PHE A 119 -7.88 -6.04 -8.47
N ASP A 120 -7.63 -6.07 -7.17
CA ASP A 120 -8.68 -6.36 -6.20
C ASP A 120 -9.29 -5.07 -5.67
N SER A 121 -8.48 -4.28 -4.96
CA SER A 121 -8.95 -3.02 -4.38
C SER A 121 -8.93 -1.92 -5.44
N TYR A 122 -7.75 -1.59 -5.93
CA TYR A 122 -7.60 -0.55 -6.95
C TYR A 122 -8.81 -0.54 -7.89
N THR A 123 -9.29 -1.72 -8.24
CA THR A 123 -10.44 -1.83 -9.14
C THR A 123 -11.70 -1.28 -8.49
N ARG A 124 -12.16 -1.96 -7.44
CA ARG A 124 -13.37 -1.53 -6.73
C ARG A 124 -13.26 -0.06 -6.31
N PHE A 125 -12.12 0.29 -5.72
CA PHE A 125 -11.89 1.66 -5.27
C PHE A 125 -12.47 2.66 -6.25
N LEU A 126 -12.24 2.41 -7.54
CA LEU A 126 -12.74 3.30 -8.59
C LEU A 126 -14.24 3.12 -8.78
N LYS A 127 -14.71 1.89 -8.68
CA LYS A 127 -16.13 1.59 -8.83
C LYS A 127 -16.95 2.22 -7.71
N SER A 128 -16.34 2.34 -6.54
CA SER A 128 -17.01 2.93 -5.38
C SER A 128 -17.05 4.45 -5.48
N PRO A 129 -18.04 5.05 -4.83
CA PRO A 129 -18.23 6.51 -4.83
C PRO A 129 -17.13 7.23 -4.04
N LEU A 130 -16.52 6.52 -3.11
CA LEU A 130 -15.45 7.09 -2.28
C LEU A 130 -14.43 7.81 -3.15
N TYR A 131 -13.86 7.10 -4.11
CA TYR A 131 -12.86 7.67 -5.00
C TYR A 131 -13.38 8.94 -5.66
N GLN A 132 -14.67 8.93 -6.01
CA GLN A 132 -15.30 10.07 -6.65
C GLN A 132 -15.27 11.30 -5.74
N GLU A 133 -15.49 11.06 -4.45
CA GLU A 133 -15.48 12.15 -3.47
C GLU A 133 -14.39 13.16 -3.78
N CYS A 134 -13.16 12.67 -3.93
CA CYS A 134 -12.02 13.52 -4.22
C CYS A 134 -12.10 14.06 -5.66
N ILE A 135 -12.70 13.27 -6.54
CA ILE A 135 -12.84 13.66 -7.94
C ILE A 135 -13.65 14.96 -8.07
N LEU A 136 -14.89 14.91 -7.60
CA LEU A 136 -15.77 16.07 -7.66
C LEU A 136 -15.04 17.34 -7.22
N ALA A 137 -14.17 17.19 -6.23
CA ALA A 137 -13.40 18.33 -5.72
C ALA A 137 -12.40 18.81 -6.76
N GLU A 138 -11.91 17.90 -7.59
CA GLU A 138 -10.95 18.24 -8.62
C GLU A 138 -11.65 18.82 -9.85
N VAL A 139 -12.81 18.28 -10.18
CA VAL A 139 -13.58 18.75 -11.32
C VAL A 139 -14.22 20.10 -11.05
N GLU A 140 -15.07 20.15 -10.03
CA GLU A 140 -15.75 21.39 -9.66
C GLU A 140 -14.76 22.37 -9.02
N GLY A 141 -13.70 21.84 -8.44
CA GLY A 141 -12.71 22.68 -7.79
C GLY A 141 -13.01 22.93 -6.33
N ARG A 142 -13.57 21.92 -5.67
CA ARG A 142 -13.91 22.04 -4.26
C ARG A 142 -12.84 21.42 -3.38
N ALA A 143 -13.04 21.48 -2.06
CA ALA A 143 -12.08 20.92 -1.11
C ALA A 143 -12.32 19.42 -0.91
N LEU A 144 -11.24 18.69 -0.64
CA LEU A 144 -11.33 17.25 -0.42
C LEU A 144 -11.90 16.93 0.95
N PRO A 145 -12.85 16.00 1.00
CA PRO A 145 -13.49 15.59 2.26
C PRO A 145 -12.55 14.80 3.16
N ASP A 146 -13.10 14.22 4.22
CA ASP A 146 -12.30 13.44 5.16
C ASP A 146 -12.62 11.95 5.03
N SER A 147 -11.64 11.18 4.59
CA SER A 147 -11.82 9.75 4.42
C SER A 147 -12.73 9.18 5.51
N GLN A 148 -12.54 9.65 6.74
CA GLN A 148 -13.35 9.19 7.86
C GLN A 148 -14.76 9.74 7.77
N GLN A 149 -14.88 11.04 7.53
CA GLN A 149 -16.18 11.68 7.44
C GLN A 149 -17.10 10.91 6.49
N VAL A 150 -16.67 10.76 5.24
CA VAL A 150 -17.45 10.04 4.24
C VAL A 150 -17.40 8.53 4.50
N PRO A 151 -18.58 7.94 4.72
CA PRO A 151 -18.71 6.50 4.97
C PRO A 151 -18.41 5.67 3.73
N SER A 152 -18.65 4.36 3.83
CA SER A 152 -18.40 3.46 2.71
C SER A 152 -19.49 3.56 1.67
N SER A 153 -20.74 3.71 2.12
CA SER A 153 -21.88 3.82 1.23
C SER A 153 -22.62 5.13 1.45
N PRO A 154 -22.99 5.80 0.35
CA PRO A 154 -23.71 7.09 0.41
C PRO A 154 -25.14 6.92 0.90
N ALA A 155 -25.87 8.02 0.96
CA ALA A 155 -27.25 8.01 1.42
C ALA A 155 -28.21 7.76 0.26
N GLY A 1 12.26 12.32 -14.40
CA GLY A 1 12.91 12.08 -13.12
C GLY A 1 12.93 10.62 -12.75
N SER A 2 13.57 10.30 -11.62
CA SER A 2 13.66 8.92 -11.17
C SER A 2 12.38 8.15 -11.49
N SER A 3 11.25 8.71 -11.10
CA SER A 3 9.96 8.08 -11.35
C SER A 3 9.36 8.56 -12.66
N GLY A 4 9.08 9.86 -12.75
CA GLY A 4 8.51 10.42 -13.96
C GLY A 4 7.47 11.49 -13.66
N SER A 5 6.21 11.18 -13.98
CA SER A 5 5.12 12.12 -13.74
C SER A 5 4.18 11.60 -12.66
N SER A 6 4.08 12.36 -11.57
CA SER A 6 3.22 11.98 -10.45
C SER A 6 1.80 12.47 -10.67
N GLY A 7 1.66 13.78 -10.86
CA GLY A 7 0.34 14.36 -11.08
C GLY A 7 0.21 15.74 -10.46
N ARG A 8 1.06 16.66 -10.91
CA ARG A 8 1.03 18.03 -10.38
C ARG A 8 -0.40 18.56 -10.32
N GLU A 9 -1.24 18.11 -11.24
CA GLU A 9 -2.63 18.54 -11.28
C GLU A 9 -3.57 17.34 -11.29
N ARG A 10 -4.87 17.61 -11.29
CA ARG A 10 -5.87 16.55 -11.29
C ARG A 10 -5.37 15.32 -10.56
N ARG A 11 -4.53 15.53 -9.53
CA ARG A 11 -3.98 14.44 -8.76
C ARG A 11 -5.04 13.39 -8.44
N VAL A 12 -6.24 13.87 -8.11
CA VAL A 12 -7.35 12.97 -7.79
C VAL A 12 -7.58 11.96 -8.90
N ALA A 13 -7.55 12.43 -10.14
CA ALA A 13 -7.75 11.57 -11.30
C ALA A 13 -6.54 10.68 -11.54
N SER A 14 -5.35 11.24 -11.32
CA SER A 14 -4.11 10.50 -11.52
C SER A 14 -4.16 9.14 -10.82
N TRP A 15 -5.05 9.03 -9.84
CA TRP A 15 -5.21 7.79 -9.10
C TRP A 15 -5.99 6.75 -9.91
N ALA A 16 -6.21 7.06 -11.19
CA ALA A 16 -6.94 6.16 -12.06
C ALA A 16 -6.07 5.68 -13.22
N VAL A 17 -5.20 6.56 -13.70
CA VAL A 17 -4.31 6.23 -14.80
C VAL A 17 -3.52 4.97 -14.50
N SER A 18 -3.02 4.86 -13.28
CA SER A 18 -2.24 3.69 -12.87
C SER A 18 -2.16 3.61 -11.34
N PHE A 19 -1.76 2.44 -10.85
CA PHE A 19 -1.64 2.22 -9.41
C PHE A 19 -0.55 3.11 -8.81
N GLU A 20 0.56 3.25 -9.53
CA GLU A 20 1.67 4.07 -9.07
C GLU A 20 1.20 5.47 -8.71
N ARG A 21 0.66 6.18 -9.71
CA ARG A 21 0.17 7.54 -9.49
C ARG A 21 -0.62 7.64 -8.19
N LEU A 22 -1.52 6.69 -7.97
CA LEU A 22 -2.34 6.67 -6.76
C LEU A 22 -1.47 6.73 -5.51
N LEU A 23 -0.29 6.12 -5.60
CA LEU A 23 0.65 6.11 -4.48
C LEU A 23 1.52 7.35 -4.48
N GLN A 24 2.02 7.72 -5.65
CA GLN A 24 2.88 8.90 -5.79
C GLN A 24 2.39 10.02 -4.87
N ASP A 25 1.11 10.34 -4.96
CA ASP A 25 0.53 11.40 -4.15
C ASP A 25 0.19 10.88 -2.75
N PRO A 26 0.44 11.72 -1.74
CA PRO A 26 0.16 11.36 -0.34
C PRO A 26 -1.34 11.29 -0.04
N VAL A 27 -2.14 11.83 -0.95
CA VAL A 27 -3.59 11.83 -0.79
C VAL A 27 -4.19 10.51 -1.28
N GLY A 28 -3.71 10.03 -2.42
CA GLY A 28 -4.22 8.79 -2.97
C GLY A 28 -4.04 7.61 -2.03
N VAL A 29 -3.01 7.69 -1.18
CA VAL A 29 -2.74 6.63 -0.21
C VAL A 29 -3.60 6.78 1.03
N ARG A 30 -3.65 8.00 1.57
CA ARG A 30 -4.44 8.28 2.76
C ARG A 30 -5.86 7.73 2.62
N TYR A 31 -6.39 7.80 1.41
CA TYR A 31 -7.74 7.32 1.13
C TYR A 31 -7.74 5.81 0.89
N PHE A 32 -6.76 5.35 0.12
CA PHE A 32 -6.64 3.92 -0.19
C PHE A 32 -6.70 3.08 1.08
N SER A 33 -5.99 3.52 2.11
CA SER A 33 -5.96 2.82 3.38
C SER A 33 -7.36 2.70 3.98
N ASP A 34 -8.14 3.77 3.82
CA ASP A 34 -9.51 3.80 4.35
C ASP A 34 -10.32 2.65 3.78
N PHE A 35 -10.49 2.62 2.47
CA PHE A 35 -11.25 1.57 1.80
C PHE A 35 -10.92 0.20 2.39
N LEU A 36 -9.63 -0.09 2.49
CA LEU A 36 -9.18 -1.37 3.04
C LEU A 36 -9.75 -1.59 4.43
N ARG A 37 -9.51 -0.63 5.32
CA ARG A 37 -10.00 -0.73 6.69
C ARG A 37 -11.45 -1.20 6.72
N LYS A 38 -12.25 -0.70 5.79
CA LYS A 38 -13.66 -1.07 5.71
C LYS A 38 -13.84 -2.58 5.84
N GLU A 39 -13.01 -3.32 5.09
CA GLU A 39 -13.09 -4.78 5.11
C GLU A 39 -11.92 -5.36 5.91
N PHE A 40 -11.24 -4.51 6.68
CA PHE A 40 -10.11 -4.94 7.48
C PHE A 40 -9.00 -5.49 6.60
N SER A 41 -8.69 -4.78 5.51
CA SER A 41 -7.66 -5.21 4.59
C SER A 41 -6.44 -4.29 4.67
N GLU A 42 -6.36 -3.52 5.76
CA GLU A 42 -5.26 -2.59 5.96
C GLU A 42 -3.91 -3.31 5.82
N GLU A 43 -3.76 -4.41 6.57
CA GLU A 43 -2.53 -5.18 6.54
C GLU A 43 -1.96 -5.23 5.12
N ASN A 44 -2.85 -5.31 4.13
CA ASN A 44 -2.44 -5.37 2.74
C ASN A 44 -1.50 -4.21 2.39
N ILE A 45 -1.92 -3.00 2.76
CA ILE A 45 -1.12 -1.81 2.50
C ILE A 45 0.03 -1.68 3.49
N LEU A 46 -0.20 -2.16 4.70
CA LEU A 46 0.81 -2.10 5.75
C LEU A 46 2.05 -2.92 5.36
N PHE A 47 1.82 -4.13 4.87
CA PHE A 47 2.91 -5.01 4.46
C PHE A 47 3.68 -4.41 3.28
N TRP A 48 2.94 -3.95 2.28
CA TRP A 48 3.56 -3.35 1.10
C TRP A 48 4.50 -2.22 1.49
N GLN A 49 4.03 -1.34 2.37
CA GLN A 49 4.83 -0.21 2.83
C GLN A 49 6.15 -0.68 3.45
N ALA A 50 6.04 -1.57 4.44
CA ALA A 50 7.22 -2.10 5.10
C ALA A 50 8.31 -2.47 4.11
N CYS A 51 7.89 -3.07 2.99
CA CYS A 51 8.83 -3.47 1.95
C CYS A 51 9.55 -2.26 1.36
N GLU A 52 8.78 -1.30 0.87
CA GLU A 52 9.34 -0.09 0.28
C GLU A 52 10.56 0.37 1.06
N TYR A 53 10.58 0.07 2.35
CA TYR A 53 11.69 0.46 3.21
C TYR A 53 12.76 -0.62 3.25
N PHE A 54 12.33 -1.87 3.28
CA PHE A 54 13.25 -3.01 3.33
C PHE A 54 14.01 -3.13 2.01
N ASN A 55 13.41 -2.65 0.94
CA ASN A 55 14.03 -2.70 -0.39
C ASN A 55 15.15 -1.68 -0.49
N HIS A 56 15.08 -0.63 0.31
CA HIS A 56 16.09 0.42 0.30
C HIS A 56 17.40 -0.08 0.91
N VAL A 57 17.31 -0.63 2.12
CA VAL A 57 18.49 -1.15 2.81
C VAL A 57 19.25 -2.13 1.92
N PRO A 58 20.58 -1.96 1.86
CA PRO A 58 21.45 -2.82 1.06
C PRO A 58 21.56 -4.23 1.63
N ALA A 59 22.27 -5.10 0.92
CA ALA A 59 22.45 -6.48 1.36
C ALA A 59 23.54 -6.58 2.43
N HIS A 60 24.58 -5.77 2.27
CA HIS A 60 25.69 -5.77 3.23
C HIS A 60 25.19 -5.42 4.63
N ASP A 61 24.34 -4.41 4.72
CA ASP A 61 23.79 -3.99 6.00
C ASP A 61 22.94 -5.09 6.63
N LYS A 62 23.51 -5.78 7.60
CA LYS A 62 22.80 -6.86 8.29
C LYS A 62 22.05 -6.34 9.50
N LYS A 63 22.67 -5.42 10.23
CA LYS A 63 22.06 -4.83 11.41
C LYS A 63 20.58 -4.54 11.18
N GLU A 64 20.31 -3.66 10.22
CA GLU A 64 18.94 -3.28 9.89
C GLU A 64 18.15 -4.50 9.43
N LEU A 65 18.55 -5.07 8.30
CA LEU A 65 17.88 -6.24 7.75
C LEU A 65 17.47 -7.20 8.85
N SER A 66 18.46 -7.78 9.52
CA SER A 66 18.20 -8.73 10.60
C SER A 66 16.95 -8.33 11.38
N TYR A 67 16.77 -7.03 11.59
CA TYR A 67 15.62 -6.52 12.32
C TYR A 67 14.39 -6.46 11.42
N ARG A 68 14.49 -5.67 10.36
CA ARG A 68 13.38 -5.52 9.42
C ARG A 68 12.95 -6.87 8.86
N ALA A 69 13.89 -7.58 8.24
CA ALA A 69 13.61 -8.88 7.66
C ALA A 69 12.75 -9.72 8.60
N ARG A 70 13.31 -10.09 9.74
CA ARG A 70 12.59 -10.91 10.72
C ARG A 70 11.31 -10.19 11.17
N GLU A 71 11.45 -8.97 11.65
CA GLU A 71 10.31 -8.19 12.11
C GLU A 71 9.15 -8.30 11.13
N ILE A 72 9.35 -7.76 9.93
CA ILE A 72 8.32 -7.80 8.90
C ILE A 72 7.68 -9.18 8.81
N PHE A 73 8.50 -10.22 8.87
CA PHE A 73 8.02 -11.59 8.80
C PHE A 73 7.03 -11.87 9.91
N SER A 74 7.53 -11.99 11.14
CA SER A 74 6.70 -12.25 12.30
C SER A 74 5.60 -11.20 12.43
N LYS A 75 5.68 -10.16 11.62
CA LYS A 75 4.70 -9.08 11.65
C LYS A 75 3.49 -9.43 10.79
N PHE A 76 3.73 -9.77 9.54
CA PHE A 76 2.66 -10.13 8.62
C PHE A 76 2.73 -11.60 8.23
N LEU A 77 3.96 -12.10 8.07
CA LEU A 77 4.17 -13.50 7.70
C LEU A 77 4.61 -14.31 8.91
N CYS A 78 3.68 -15.07 9.48
CA CYS A 78 3.98 -15.89 10.64
C CYS A 78 2.81 -16.83 10.95
N SER A 79 3.01 -17.72 11.92
CA SER A 79 1.97 -18.67 12.32
C SER A 79 0.96 -18.00 13.23
N LYS A 80 1.42 -17.08 14.07
CA LYS A 80 0.55 -16.37 14.99
C LYS A 80 0.52 -14.89 14.68
N ALA A 81 0.94 -14.53 13.48
CA ALA A 81 0.96 -13.13 13.05
C ALA A 81 -0.40 -12.47 13.28
N THR A 82 -0.38 -11.26 13.81
CA THR A 82 -1.61 -10.52 14.08
C THR A 82 -2.52 -10.49 12.86
N THR A 83 -2.02 -9.90 11.77
CA THR A 83 -2.78 -9.81 10.52
C THR A 83 -1.94 -10.26 9.34
N PRO A 84 -2.20 -11.49 8.87
CA PRO A 84 -1.48 -12.07 7.72
C PRO A 84 -1.84 -11.39 6.41
N VAL A 85 -0.95 -11.50 5.42
CA VAL A 85 -1.19 -10.89 4.11
C VAL A 85 -1.57 -11.96 3.09
N ASN A 86 -2.11 -11.50 1.95
CA ASN A 86 -2.51 -12.42 0.89
C ASN A 86 -1.44 -13.48 0.65
N ILE A 87 -0.19 -13.06 0.63
CA ILE A 87 0.93 -13.97 0.41
C ILE A 87 0.87 -15.15 1.38
N ASP A 88 1.22 -16.33 0.90
CA ASP A 88 1.22 -17.53 1.72
C ASP A 88 2.63 -17.96 2.07
N SER A 89 3.58 -17.04 1.93
CA SER A 89 4.98 -17.32 2.24
C SER A 89 5.46 -18.55 1.49
N GLN A 90 4.93 -18.75 0.28
CA GLN A 90 5.30 -19.89 -0.54
C GLN A 90 6.69 -19.69 -1.16
N ALA A 91 7.20 -18.47 -1.04
CA ALA A 91 8.51 -18.15 -1.58
C ALA A 91 9.63 -18.60 -0.64
N GLN A 92 9.29 -19.50 0.28
CA GLN A 92 10.26 -20.00 1.25
C GLN A 92 11.06 -18.86 1.87
N LEU A 93 10.41 -17.71 2.02
CA LEU A 93 11.06 -16.54 2.60
C LEU A 93 11.57 -16.85 4.01
N ALA A 94 10.65 -17.25 4.89
CA ALA A 94 11.01 -17.57 6.27
C ALA A 94 12.41 -18.17 6.35
N ASP A 95 12.56 -19.39 5.84
CA ASP A 95 13.86 -20.06 5.86
C ASP A 95 14.98 -19.10 5.46
N ASP A 96 14.68 -18.20 4.54
CA ASP A 96 15.66 -17.23 4.07
C ASP A 96 15.84 -16.10 5.10
N VAL A 97 14.77 -15.35 5.34
CA VAL A 97 14.82 -14.25 6.29
C VAL A 97 15.28 -14.73 7.66
N LEU A 98 15.28 -16.04 7.86
CA LEU A 98 15.70 -16.63 9.13
C LEU A 98 17.18 -16.99 9.09
N ARG A 99 17.65 -17.44 7.94
CA ARG A 99 19.05 -17.82 7.77
C ARG A 99 19.89 -16.62 7.36
N ALA A 100 19.52 -15.99 6.26
CA ALA A 100 20.24 -14.82 5.75
C ALA A 100 19.29 -13.87 5.03
N PRO A 101 18.92 -12.78 5.72
CA PRO A 101 18.02 -11.77 5.15
C PRO A 101 18.68 -10.96 4.04
N HIS A 102 17.88 -10.56 3.05
CA HIS A 102 18.39 -9.77 1.93
C HIS A 102 17.27 -9.00 1.25
N PRO A 103 17.56 -7.75 0.87
CA PRO A 103 16.59 -6.87 0.21
C PRO A 103 16.25 -7.34 -1.20
N ASP A 104 16.47 -8.62 -1.47
CA ASP A 104 16.18 -9.20 -2.77
C ASP A 104 15.09 -10.27 -2.67
N MET A 105 14.87 -10.76 -1.47
CA MET A 105 13.87 -11.80 -1.24
C MET A 105 12.45 -11.20 -1.30
N PHE A 106 12.25 -10.12 -0.55
CA PHE A 106 10.95 -9.47 -0.50
C PHE A 106 10.56 -8.93 -1.89
N LYS A 107 11.58 -8.53 -2.65
CA LYS A 107 11.35 -8.00 -3.99
C LYS A 107 10.21 -8.74 -4.68
N GLU A 108 10.18 -10.06 -4.52
CA GLU A 108 9.14 -10.88 -5.13
C GLU A 108 7.80 -10.64 -4.45
N GLN A 109 7.71 -11.04 -3.18
CA GLN A 109 6.48 -10.87 -2.41
C GLN A 109 5.87 -9.49 -2.65
N GLN A 110 6.65 -8.44 -2.38
CA GLN A 110 6.19 -7.08 -2.56
C GLN A 110 5.32 -6.96 -3.81
N LEU A 111 5.71 -7.67 -4.87
CA LEU A 111 4.96 -7.64 -6.12
C LEU A 111 3.62 -8.34 -5.97
N GLN A 112 3.63 -9.52 -5.34
CA GLN A 112 2.41 -10.28 -5.14
C GLN A 112 1.29 -9.39 -4.64
N ILE A 113 1.52 -8.71 -3.52
CA ILE A 113 0.52 -7.82 -2.95
C ILE A 113 0.29 -6.60 -3.85
N PHE A 114 1.36 -6.07 -4.40
CA PHE A 114 1.27 -4.90 -5.28
C PHE A 114 0.19 -5.11 -6.34
N ASN A 115 0.24 -6.25 -7.02
CA ASN A 115 -0.73 -6.56 -8.06
C ASN A 115 -2.07 -6.94 -7.45
N LEU A 116 -2.05 -7.84 -6.48
CA LEU A 116 -3.28 -8.28 -5.81
C LEU A 116 -4.28 -7.14 -5.71
N MET A 117 -3.92 -6.11 -4.94
CA MET A 117 -4.78 -4.95 -4.76
C MET A 117 -5.00 -4.21 -6.08
N LYS A 118 -3.91 -3.99 -6.80
CA LYS A 118 -3.96 -3.30 -8.08
C LYS A 118 -5.17 -3.76 -8.90
N PHE A 119 -5.63 -4.97 -8.62
CA PHE A 119 -6.77 -5.53 -9.33
C PHE A 119 -7.92 -5.82 -8.37
N ASP A 120 -7.59 -5.93 -7.08
CA ASP A 120 -8.59 -6.20 -6.06
C ASP A 120 -9.16 -4.91 -5.49
N SER A 121 -8.31 -4.14 -4.81
CA SER A 121 -8.73 -2.88 -4.22
C SER A 121 -8.77 -1.77 -5.26
N TYR A 122 -7.60 -1.46 -5.83
CA TYR A 122 -7.49 -0.42 -6.85
C TYR A 122 -8.75 -0.39 -7.72
N THR A 123 -9.20 -1.56 -8.15
CA THR A 123 -10.37 -1.66 -9.00
C THR A 123 -11.61 -1.16 -8.27
N ARG A 124 -12.01 -1.88 -7.22
CA ARG A 124 -13.19 -1.50 -6.45
C ARG A 124 -13.13 -0.03 -6.05
N PHE A 125 -11.99 0.39 -5.50
CA PHE A 125 -11.81 1.78 -5.08
C PHE A 125 -12.48 2.73 -6.06
N LEU A 126 -12.31 2.47 -7.36
CA LEU A 126 -12.91 3.31 -8.39
C LEU A 126 -14.40 3.05 -8.51
N LYS A 127 -14.80 1.80 -8.32
CA LYS A 127 -16.21 1.43 -8.40
C LYS A 127 -17.00 2.03 -7.26
N SER A 128 -16.34 2.21 -6.11
CA SER A 128 -16.98 2.79 -4.94
C SER A 128 -17.13 4.30 -5.07
N PRO A 129 -18.14 4.85 -4.40
CA PRO A 129 -18.41 6.30 -4.42
C PRO A 129 -17.34 7.11 -3.70
N LEU A 130 -16.66 6.46 -2.75
CA LEU A 130 -15.61 7.12 -1.98
C LEU A 130 -14.65 7.86 -2.91
N TYR A 131 -14.03 7.13 -3.83
CA TYR A 131 -13.09 7.72 -4.77
C TYR A 131 -13.71 8.90 -5.50
N GLN A 132 -14.99 8.76 -5.86
CA GLN A 132 -15.71 9.82 -6.57
C GLN A 132 -15.71 11.11 -5.75
N GLU A 133 -15.88 10.98 -4.44
CA GLU A 133 -15.90 12.13 -3.55
C GLU A 133 -14.88 13.17 -3.98
N CYS A 134 -13.63 12.73 -4.17
CA CYS A 134 -12.56 13.62 -4.58
C CYS A 134 -12.72 14.03 -6.04
N ILE A 135 -13.23 13.11 -6.86
CA ILE A 135 -13.43 13.36 -8.27
C ILE A 135 -14.35 14.56 -8.49
N LEU A 136 -15.52 14.52 -7.87
CA LEU A 136 -16.48 15.61 -7.99
C LEU A 136 -15.87 16.94 -7.59
N ALA A 137 -15.09 16.91 -6.51
CA ALA A 137 -14.44 18.13 -6.01
C ALA A 137 -13.33 18.57 -6.95
N GLU A 138 -12.68 17.61 -7.59
CA GLU A 138 -11.59 17.90 -8.53
C GLU A 138 -12.13 18.48 -9.83
N VAL A 139 -13.16 17.83 -10.37
CA VAL A 139 -13.77 18.27 -11.61
C VAL A 139 -14.58 19.55 -11.41
N GLU A 140 -15.17 19.68 -10.22
CA GLU A 140 -15.97 20.85 -9.89
C GLU A 140 -15.09 22.00 -9.42
N GLY A 141 -14.24 21.72 -8.42
CA GLY A 141 -13.35 22.73 -7.89
C GLY A 141 -13.62 23.02 -6.43
N ARG A 142 -13.83 21.98 -5.64
CA ARG A 142 -14.11 22.13 -4.22
C ARG A 142 -13.07 21.39 -3.39
N ALA A 143 -13.08 21.63 -2.08
CA ALA A 143 -12.14 21.00 -1.17
C ALA A 143 -12.44 19.51 -1.02
N LEU A 144 -11.41 18.73 -0.71
CA LEU A 144 -11.57 17.30 -0.53
C LEU A 144 -12.01 16.96 0.89
N PRO A 145 -12.89 15.95 1.03
CA PRO A 145 -13.39 15.52 2.33
C PRO A 145 -12.32 14.83 3.17
N ASP A 146 -12.75 14.24 4.28
CA ASP A 146 -11.82 13.54 5.17
C ASP A 146 -12.13 12.05 5.22
N SER A 147 -11.18 11.23 4.78
CA SER A 147 -11.36 9.79 4.76
C SER A 147 -12.19 9.33 5.96
N GLN A 148 -11.80 9.78 7.15
CA GLN A 148 -12.52 9.41 8.37
C GLN A 148 -13.92 10.00 8.37
N GLN A 149 -14.04 11.26 7.97
CA GLN A 149 -15.33 11.93 7.93
C GLN A 149 -16.33 11.15 7.07
N VAL A 150 -15.84 10.63 5.95
CA VAL A 150 -16.69 9.86 5.04
C VAL A 150 -17.43 8.76 5.78
N PRO A 151 -18.73 8.65 5.51
CA PRO A 151 -19.59 7.64 6.14
C PRO A 151 -19.27 6.22 5.66
N SER A 152 -20.04 5.25 6.14
CA SER A 152 -19.83 3.85 5.75
C SER A 152 -21.03 3.32 4.98
N SER A 153 -20.76 2.54 3.94
CA SER A 153 -21.81 1.97 3.11
C SER A 153 -22.51 0.83 3.83
N PRO A 154 -23.84 0.88 3.86
CA PRO A 154 -24.66 -0.15 4.53
C PRO A 154 -24.64 -1.48 3.78
N ALA A 155 -25.10 -2.53 4.45
CA ALA A 155 -25.12 -3.86 3.85
C ALA A 155 -26.22 -4.73 4.48
N GLY A 1 9.57 19.17 0.76
CA GLY A 1 9.21 20.58 0.65
C GLY A 1 7.98 20.80 -0.21
N SER A 2 7.22 21.84 0.12
CA SER A 2 6.01 22.15 -0.63
C SER A 2 5.94 23.64 -0.97
N SER A 3 5.36 23.95 -2.12
CA SER A 3 5.24 25.34 -2.56
C SER A 3 4.15 25.48 -3.61
N GLY A 4 3.68 26.71 -3.80
CA GLY A 4 2.63 26.96 -4.78
C GLY A 4 1.32 27.36 -4.12
N SER A 5 0.92 28.62 -4.31
CA SER A 5 -0.32 29.12 -3.73
C SER A 5 -1.51 28.80 -4.63
N SER A 6 -1.41 29.19 -5.90
CA SER A 6 -2.48 28.95 -6.86
C SER A 6 -1.91 28.43 -8.18
N GLY A 7 -2.42 27.29 -8.62
CA GLY A 7 -1.96 26.70 -9.86
C GLY A 7 -1.28 25.36 -9.66
N ARG A 8 -2.06 24.29 -9.68
CA ARG A 8 -1.52 22.95 -9.49
C ARG A 8 -2.15 21.97 -10.48
N GLU A 9 -1.46 20.84 -10.69
CA GLU A 9 -1.96 19.82 -11.62
C GLU A 9 -2.95 18.90 -10.92
N ARG A 10 -3.58 18.02 -11.69
CA ARG A 10 -4.56 17.07 -11.15
C ARG A 10 -3.85 15.89 -10.48
N ARG A 11 -4.29 15.57 -9.27
CA ARG A 11 -3.70 14.47 -8.51
C ARG A 11 -4.74 13.39 -8.24
N VAL A 12 -5.97 13.81 -7.97
CA VAL A 12 -7.06 12.88 -7.68
C VAL A 12 -7.30 11.95 -8.87
N ALA A 13 -7.44 12.54 -10.05
CA ALA A 13 -7.68 11.76 -11.27
C ALA A 13 -6.49 10.87 -11.59
N SER A 14 -5.29 11.37 -11.30
CA SER A 14 -4.07 10.62 -11.57
C SER A 14 -4.12 9.24 -10.91
N TRP A 15 -4.79 9.16 -9.77
CA TRP A 15 -4.92 7.89 -9.04
C TRP A 15 -5.70 6.88 -9.86
N ALA A 16 -6.26 7.33 -10.97
CA ALA A 16 -7.03 6.44 -11.85
C ALA A 16 -6.18 5.92 -13.00
N VAL A 17 -5.30 6.78 -13.52
CA VAL A 17 -4.44 6.40 -14.62
C VAL A 17 -3.77 5.06 -14.35
N SER A 18 -3.28 4.88 -13.13
CA SER A 18 -2.61 3.65 -12.75
C SER A 18 -2.43 3.57 -11.24
N PHE A 19 -2.17 2.37 -10.73
CA PHE A 19 -1.98 2.16 -9.30
C PHE A 19 -0.81 2.99 -8.79
N GLU A 20 0.29 2.98 -9.54
CA GLU A 20 1.47 3.74 -9.16
C GLU A 20 1.12 5.17 -8.76
N ARG A 21 0.53 5.90 -9.70
CA ARG A 21 0.14 7.29 -9.44
C ARG A 21 -0.55 7.42 -8.08
N LEU A 22 -1.45 6.49 -7.78
CA LEU A 22 -2.17 6.50 -6.52
C LEU A 22 -1.19 6.51 -5.34
N LEU A 23 -0.27 5.56 -5.33
CA LEU A 23 0.71 5.46 -4.27
C LEU A 23 1.62 6.69 -4.24
N GLN A 24 2.10 7.08 -5.41
CA GLN A 24 2.98 8.25 -5.51
C GLN A 24 2.44 9.41 -4.70
N ASP A 25 1.18 9.76 -4.94
CA ASP A 25 0.54 10.86 -4.22
C ASP A 25 0.15 10.44 -2.81
N PRO A 26 0.42 11.32 -1.84
CA PRO A 26 0.11 11.06 -0.43
C PRO A 26 -1.40 11.06 -0.16
N VAL A 27 -2.12 11.90 -0.89
CA VAL A 27 -3.57 11.99 -0.72
C VAL A 27 -4.26 10.71 -1.16
N GLY A 28 -3.86 10.18 -2.31
CA GLY A 28 -4.44 8.96 -2.82
C GLY A 28 -4.35 7.81 -1.82
N VAL A 29 -3.21 7.71 -1.14
CA VAL A 29 -3.01 6.66 -0.16
C VAL A 29 -3.92 6.85 1.06
N ARG A 30 -4.12 8.11 1.44
CA ARG A 30 -4.97 8.42 2.58
C ARG A 30 -6.35 7.78 2.44
N TYR A 31 -7.07 8.17 1.39
CA TYR A 31 -8.40 7.64 1.14
C TYR A 31 -8.33 6.15 0.81
N PHE A 32 -7.43 5.79 -0.09
CA PHE A 32 -7.27 4.39 -0.50
C PHE A 32 -7.16 3.49 0.72
N SER A 33 -6.23 3.80 1.62
CA SER A 33 -6.02 3.01 2.82
C SER A 33 -7.32 2.87 3.60
N ASP A 34 -8.02 3.98 3.80
CA ASP A 34 -9.28 3.98 4.52
C ASP A 34 -10.20 2.88 4.01
N PHE A 35 -10.39 2.84 2.70
CA PHE A 35 -11.25 1.85 2.07
C PHE A 35 -10.85 0.43 2.50
N LEU A 36 -9.55 0.14 2.41
CA LEU A 36 -9.03 -1.17 2.78
C LEU A 36 -9.58 -1.60 4.14
N ARG A 37 -9.58 -0.68 5.10
CA ARG A 37 -10.07 -0.97 6.44
C ARG A 37 -11.52 -1.46 6.39
N LYS A 38 -12.27 -0.95 5.42
CA LYS A 38 -13.68 -1.33 5.26
C LYS A 38 -13.83 -2.85 5.28
N GLU A 39 -12.92 -3.54 4.60
CA GLU A 39 -12.97 -5.00 4.54
C GLU A 39 -11.82 -5.61 5.34
N PHE A 40 -11.22 -4.80 6.22
CA PHE A 40 -10.11 -5.26 7.05
C PHE A 40 -8.97 -5.78 6.18
N SER A 41 -8.68 -5.08 5.10
CA SER A 41 -7.62 -5.48 4.18
C SER A 41 -6.36 -4.65 4.43
N GLU A 42 -6.44 -3.72 5.37
CA GLU A 42 -5.30 -2.87 5.70
C GLU A 42 -4.01 -3.68 5.77
N GLU A 43 -4.00 -4.71 6.61
CA GLU A 43 -2.83 -5.56 6.76
C GLU A 43 -2.11 -5.74 5.43
N ASN A 44 -2.88 -5.72 4.34
CA ASN A 44 -2.33 -5.89 3.01
C ASN A 44 -1.41 -4.72 2.65
N ILE A 45 -1.98 -3.51 2.66
CA ILE A 45 -1.21 -2.31 2.34
C ILE A 45 -0.08 -2.09 3.34
N LEU A 46 -0.30 -2.54 4.57
CA LEU A 46 0.70 -2.40 5.63
C LEU A 46 1.97 -3.17 5.29
N PHE A 47 1.80 -4.37 4.75
CA PHE A 47 2.93 -5.21 4.38
C PHE A 47 3.74 -4.57 3.25
N TRP A 48 3.03 -4.04 2.26
CA TRP A 48 3.68 -3.40 1.12
C TRP A 48 4.57 -2.25 1.58
N GLN A 49 4.01 -1.38 2.40
CA GLN A 49 4.77 -0.23 2.91
C GLN A 49 6.09 -0.67 3.53
N ALA A 50 6.01 -1.67 4.42
CA ALA A 50 7.21 -2.18 5.07
C ALA A 50 8.30 -2.49 4.06
N CYS A 51 7.92 -3.12 2.96
CA CYS A 51 8.88 -3.47 1.91
C CYS A 51 9.57 -2.22 1.36
N GLU A 52 8.77 -1.23 0.99
CA GLU A 52 9.31 0.02 0.45
C GLU A 52 10.54 0.47 1.24
N TYR A 53 10.51 0.24 2.54
CA TYR A 53 11.62 0.63 3.41
C TYR A 53 12.71 -0.44 3.40
N PHE A 54 12.31 -1.69 3.18
CA PHE A 54 13.25 -2.80 3.15
C PHE A 54 14.07 -2.79 1.86
N ASN A 55 13.46 -2.28 0.80
CA ASN A 55 14.14 -2.21 -0.50
C ASN A 55 15.17 -1.09 -0.52
N HIS A 56 15.07 -0.18 0.45
CA HIS A 56 16.00 0.94 0.55
C HIS A 56 17.26 0.53 1.32
N VAL A 57 17.06 -0.12 2.46
CA VAL A 57 18.18 -0.56 3.29
C VAL A 57 19.19 -1.36 2.47
N PRO A 58 20.48 -1.02 2.63
CA PRO A 58 21.57 -1.70 1.92
C PRO A 58 21.77 -3.13 2.40
N ALA A 59 22.26 -3.98 1.50
CA ALA A 59 22.50 -5.38 1.83
C ALA A 59 23.58 -5.51 2.90
N HIS A 60 24.71 -4.84 2.68
CA HIS A 60 25.83 -4.88 3.62
C HIS A 60 25.34 -4.60 5.05
N ASP A 61 24.26 -3.84 5.16
CA ASP A 61 23.70 -3.50 6.46
C ASP A 61 22.84 -4.64 7.00
N LYS A 62 23.40 -5.40 7.93
CA LYS A 62 22.69 -6.53 8.53
C LYS A 62 21.85 -6.08 9.71
N LYS A 63 22.32 -5.06 10.42
CA LYS A 63 21.61 -4.52 11.57
C LYS A 63 20.16 -4.21 11.22
N GLU A 64 19.96 -3.54 10.10
CA GLU A 64 18.61 -3.18 9.65
C GLU A 64 17.93 -4.38 9.01
N LEU A 65 18.48 -4.87 7.90
CA LEU A 65 17.91 -6.00 7.19
C LEU A 65 17.45 -7.07 8.17
N SER A 66 18.37 -7.57 8.98
CA SER A 66 18.06 -8.61 9.96
C SER A 66 16.78 -8.26 10.72
N TYR A 67 16.73 -7.04 11.24
CA TYR A 67 15.57 -6.58 12.00
C TYR A 67 14.34 -6.51 11.11
N ARG A 68 14.36 -5.60 10.14
CA ARG A 68 13.24 -5.43 9.22
C ARG A 68 12.74 -6.78 8.72
N ALA A 69 13.63 -7.50 8.04
CA ALA A 69 13.28 -8.81 7.50
C ALA A 69 12.43 -9.62 8.48
N ARG A 70 13.04 -9.99 9.60
CA ARG A 70 12.34 -10.76 10.63
C ARG A 70 11.07 -10.04 11.07
N GLU A 71 11.25 -8.85 11.64
CA GLU A 71 10.11 -8.06 12.10
C GLU A 71 8.91 -8.23 11.19
N ILE A 72 9.06 -7.78 9.94
CA ILE A 72 7.99 -7.87 8.96
C ILE A 72 7.41 -9.29 8.91
N PHE A 73 8.30 -10.29 8.98
CA PHE A 73 7.88 -11.68 8.95
C PHE A 73 7.07 -12.04 10.19
N SER A 74 7.74 -12.08 11.33
CA SER A 74 7.09 -12.41 12.60
C SER A 74 5.88 -11.51 12.83
N LYS A 75 5.72 -10.50 11.97
CA LYS A 75 4.61 -9.57 12.09
C LYS A 75 3.44 -9.99 11.20
N PHE A 76 3.71 -10.07 9.89
CA PHE A 76 2.68 -10.46 8.93
C PHE A 76 2.80 -11.94 8.57
N LEU A 77 4.01 -12.34 8.16
CA LEU A 77 4.27 -13.73 7.79
C LEU A 77 4.90 -14.49 8.95
N CYS A 78 4.09 -15.29 9.64
CA CYS A 78 4.57 -16.09 10.76
C CYS A 78 3.51 -17.08 11.22
N SER A 79 3.90 -17.95 12.15
CA SER A 79 2.98 -18.97 12.67
C SER A 79 1.96 -18.34 13.62
N LYS A 80 2.39 -17.33 14.35
CA LYS A 80 1.52 -16.64 15.31
C LYS A 80 1.31 -15.19 14.89
N ALA A 81 1.60 -14.88 13.64
CA ALA A 81 1.44 -13.53 13.12
C ALA A 81 0.05 -12.99 13.41
N THR A 82 -0.02 -11.77 13.93
CA THR A 82 -1.29 -11.14 14.25
C THR A 82 -2.23 -11.15 13.05
N THR A 83 -1.84 -10.46 11.99
CA THR A 83 -2.64 -10.39 10.77
C THR A 83 -1.82 -10.77 9.55
N PRO A 84 -2.01 -12.01 9.07
CA PRO A 84 -1.29 -12.53 7.89
C PRO A 84 -1.74 -11.84 6.60
N VAL A 85 -0.87 -11.86 5.61
CA VAL A 85 -1.17 -11.25 4.31
C VAL A 85 -1.52 -12.31 3.27
N ASN A 86 -2.17 -11.87 2.20
CA ASN A 86 -2.57 -12.78 1.12
C ASN A 86 -1.44 -13.77 0.81
N ILE A 87 -0.21 -13.26 0.79
CA ILE A 87 0.95 -14.09 0.49
C ILE A 87 0.98 -15.32 1.39
N ASP A 88 1.28 -16.47 0.79
CA ASP A 88 1.35 -17.73 1.53
C ASP A 88 2.69 -17.86 2.25
N SER A 89 3.40 -16.74 2.40
CA SER A 89 4.70 -16.74 3.05
C SER A 89 5.51 -17.97 2.66
N GLN A 90 5.31 -18.44 1.44
CA GLN A 90 6.02 -19.60 0.93
C GLN A 90 7.24 -19.18 0.11
N ALA A 91 7.67 -17.94 0.29
CA ALA A 91 8.82 -17.42 -0.43
C ALA A 91 10.12 -17.81 0.26
N GLN A 92 10.04 -18.77 1.16
CA GLN A 92 11.21 -19.24 1.89
C GLN A 92 11.95 -18.07 2.53
N LEU A 93 11.19 -17.05 2.93
CA LEU A 93 11.78 -15.87 3.56
C LEU A 93 12.38 -16.21 4.92
N ALA A 94 11.53 -16.56 5.87
CA ALA A 94 11.98 -16.93 7.21
C ALA A 94 13.31 -17.68 7.15
N ASP A 95 13.26 -18.91 6.67
CA ASP A 95 14.46 -19.74 6.56
C ASP A 95 15.67 -18.90 6.13
N ASP A 96 15.40 -17.87 5.33
CA ASP A 96 16.46 -16.99 4.85
C ASP A 96 16.60 -15.77 5.75
N VAL A 97 15.64 -14.84 5.63
CA VAL A 97 15.65 -13.62 6.42
C VAL A 97 16.23 -13.88 7.80
N LEU A 98 16.03 -15.08 8.32
CA LEU A 98 16.53 -15.46 9.64
C LEU A 98 18.05 -15.61 9.61
N ARG A 99 18.54 -16.48 8.72
CA ARG A 99 19.98 -16.71 8.61
C ARG A 99 20.65 -15.57 7.85
N ALA A 100 20.10 -15.24 6.69
CA ALA A 100 20.65 -14.16 5.87
C ALA A 100 19.60 -13.60 4.92
N PRO A 101 19.08 -12.41 5.25
CA PRO A 101 18.06 -11.74 4.44
C PRO A 101 18.62 -11.24 3.11
N HIS A 102 17.76 -10.59 2.32
CA HIS A 102 18.17 -10.06 1.03
C HIS A 102 17.23 -8.94 0.58
N PRO A 103 17.82 -7.80 0.19
CA PRO A 103 17.05 -6.63 -0.27
C PRO A 103 16.40 -6.87 -1.62
N ASP A 104 16.53 -8.08 -2.14
CA ASP A 104 15.96 -8.43 -3.43
C ASP A 104 14.92 -9.54 -3.28
N MET A 105 15.19 -10.48 -2.37
CA MET A 105 14.29 -11.60 -2.13
C MET A 105 12.88 -11.10 -1.83
N PHE A 106 12.79 -10.01 -1.08
CA PHE A 106 11.49 -9.44 -0.72
C PHE A 106 10.81 -8.83 -1.96
N LYS A 107 11.59 -8.12 -2.76
CA LYS A 107 11.05 -7.49 -3.97
C LYS A 107 10.03 -8.39 -4.65
N GLU A 108 10.38 -9.67 -4.79
CA GLU A 108 9.48 -10.64 -5.42
C GLU A 108 8.14 -10.69 -4.71
N GLN A 109 8.14 -11.22 -3.49
CA GLN A 109 6.92 -11.32 -2.70
C GLN A 109 6.19 -9.99 -2.64
N GLN A 110 6.95 -8.92 -2.37
CA GLN A 110 6.37 -7.59 -2.29
C GLN A 110 5.45 -7.31 -3.47
N LEU A 111 5.86 -7.75 -4.65
CA LEU A 111 5.07 -7.56 -5.87
C LEU A 111 3.73 -8.26 -5.76
N GLN A 112 3.71 -9.44 -5.16
CA GLN A 112 2.48 -10.20 -4.98
C GLN A 112 1.36 -9.32 -4.46
N ILE A 113 1.62 -8.62 -3.36
CA ILE A 113 0.63 -7.73 -2.76
C ILE A 113 0.34 -6.55 -3.67
N PHE A 114 1.40 -5.93 -4.19
CA PHE A 114 1.26 -4.78 -5.08
C PHE A 114 0.17 -5.03 -6.12
N ASN A 115 0.28 -6.14 -6.84
CA ASN A 115 -0.69 -6.50 -7.86
C ASN A 115 -2.04 -6.85 -7.23
N LEU A 116 -2.02 -7.75 -6.27
CA LEU A 116 -3.24 -8.17 -5.58
C LEU A 116 -4.22 -7.01 -5.45
N MET A 117 -3.82 -5.98 -4.72
CA MET A 117 -4.66 -4.80 -4.53
C MET A 117 -4.93 -4.10 -5.86
N LYS A 118 -3.89 -4.02 -6.69
CA LYS A 118 -4.02 -3.36 -7.99
C LYS A 118 -5.27 -3.84 -8.73
N PHE A 119 -5.71 -5.06 -8.41
CA PHE A 119 -6.90 -5.63 -9.03
C PHE A 119 -7.98 -5.90 -7.99
N ASP A 120 -7.58 -5.93 -6.73
CA ASP A 120 -8.52 -6.19 -5.64
C ASP A 120 -9.07 -4.87 -5.08
N SER A 121 -8.19 -4.05 -4.54
CA SER A 121 -8.59 -2.78 -3.97
C SER A 121 -8.67 -1.70 -5.05
N TYR A 122 -7.54 -1.40 -5.67
CA TYR A 122 -7.48 -0.39 -6.71
C TYR A 122 -8.74 -0.41 -7.56
N THR A 123 -9.18 -1.61 -7.93
CA THR A 123 -10.38 -1.77 -8.75
C THR A 123 -11.61 -1.22 -8.02
N ARG A 124 -12.02 -1.92 -6.96
CA ARG A 124 -13.18 -1.50 -6.18
C ARG A 124 -13.09 -0.03 -5.81
N PHE A 125 -11.96 0.36 -5.23
CA PHE A 125 -11.74 1.75 -4.83
C PHE A 125 -12.39 2.72 -5.82
N LEU A 126 -12.21 2.45 -7.10
CA LEU A 126 -12.78 3.29 -8.15
C LEU A 126 -14.27 3.05 -8.29
N LYS A 127 -14.69 1.80 -8.13
CA LYS A 127 -16.10 1.43 -8.22
C LYS A 127 -16.90 2.05 -7.09
N SER A 128 -16.26 2.21 -5.94
CA SER A 128 -16.92 2.80 -4.78
C SER A 128 -17.07 4.31 -4.94
N PRO A 129 -18.09 4.87 -4.27
CA PRO A 129 -18.37 6.32 -4.32
C PRO A 129 -17.30 7.14 -3.60
N LEU A 130 -16.66 6.53 -2.61
CA LEU A 130 -15.62 7.21 -1.84
C LEU A 130 -14.64 7.91 -2.77
N TYR A 131 -14.06 7.16 -3.70
CA TYR A 131 -13.09 7.71 -4.64
C TYR A 131 -13.69 8.91 -5.37
N GLN A 132 -14.96 8.80 -5.75
CA GLN A 132 -15.64 9.88 -6.46
C GLN A 132 -15.62 11.17 -5.64
N GLU A 133 -15.79 11.03 -4.33
CA GLU A 133 -15.79 12.19 -3.44
C GLU A 133 -14.73 13.21 -3.86
N CYS A 134 -13.49 12.75 -3.96
CA CYS A 134 -12.39 13.62 -4.35
C CYS A 134 -12.47 13.97 -5.83
N ILE A 135 -12.99 13.04 -6.62
CA ILE A 135 -13.12 13.25 -8.06
C ILE A 135 -13.99 14.46 -8.36
N LEU A 136 -15.23 14.42 -7.90
CA LEU A 136 -16.17 15.52 -8.12
C LEU A 136 -15.54 16.86 -7.72
N ALA A 137 -14.82 16.86 -6.61
CA ALA A 137 -14.16 18.06 -6.11
C ALA A 137 -13.06 18.52 -7.07
N GLU A 138 -12.35 17.55 -7.63
CA GLU A 138 -11.26 17.85 -8.56
C GLU A 138 -11.81 18.35 -9.89
N VAL A 139 -12.68 17.56 -10.50
CA VAL A 139 -13.28 17.91 -11.78
C VAL A 139 -14.06 19.22 -11.67
N GLU A 140 -14.64 19.47 -10.50
CA GLU A 140 -15.42 20.68 -10.27
C GLU A 140 -14.50 21.84 -9.89
N GLY A 141 -13.79 21.68 -8.78
CA GLY A 141 -12.89 22.74 -8.33
C GLY A 141 -13.12 23.11 -6.88
N ARG A 142 -13.33 22.12 -6.04
CA ARG A 142 -13.57 22.35 -4.62
C ARG A 142 -12.60 21.54 -3.76
N ALA A 143 -12.63 21.79 -2.45
CA ALA A 143 -11.75 21.10 -1.53
C ALA A 143 -12.17 19.63 -1.38
N LEU A 144 -11.28 18.83 -0.78
CA LEU A 144 -11.56 17.41 -0.58
C LEU A 144 -12.16 17.16 0.80
N PRO A 145 -13.16 16.27 0.85
CA PRO A 145 -13.83 15.92 2.10
C PRO A 145 -12.94 15.12 3.04
N ASP A 146 -13.49 14.70 4.18
CA ASP A 146 -12.75 13.92 5.16
C ASP A 146 -13.16 12.45 5.12
N SER A 147 -12.19 11.58 4.91
CA SER A 147 -12.46 10.14 4.85
C SER A 147 -13.42 9.73 5.96
N GLN A 148 -13.14 10.19 7.17
CA GLN A 148 -13.98 9.86 8.32
C GLN A 148 -15.40 10.40 8.14
N GLN A 149 -15.49 11.69 7.79
CA GLN A 149 -16.79 12.33 7.59
C GLN A 149 -17.71 11.45 6.75
N VAL A 150 -17.14 10.85 5.70
CA VAL A 150 -17.92 9.98 4.81
C VAL A 150 -18.33 8.71 5.53
N PRO A 151 -19.65 8.46 5.57
CA PRO A 151 -20.20 7.27 6.22
C PRO A 151 -19.89 5.98 5.46
N SER A 152 -19.86 4.87 6.17
CA SER A 152 -19.56 3.58 5.57
C SER A 152 -20.69 3.15 4.63
N SER A 153 -20.33 2.82 3.39
CA SER A 153 -21.30 2.40 2.40
C SER A 153 -21.90 1.03 2.76
N PRO A 154 -23.14 0.79 2.33
CA PRO A 154 -23.85 -0.47 2.59
C PRO A 154 -23.25 -1.64 1.84
N ALA A 155 -23.45 -2.84 2.35
CA ALA A 155 -22.93 -4.06 1.72
C ALA A 155 -24.02 -4.79 0.97
N GLY A 1 16.01 21.37 -2.28
CA GLY A 1 15.07 20.33 -1.90
C GLY A 1 14.09 20.02 -3.02
N SER A 2 13.35 21.03 -3.47
CA SER A 2 12.37 20.85 -4.53
C SER A 2 12.23 22.13 -5.36
N SER A 3 11.88 21.96 -6.63
CA SER A 3 11.72 23.09 -7.53
C SER A 3 10.30 23.64 -7.46
N GLY A 4 10.05 24.74 -8.17
CA GLY A 4 8.74 25.35 -8.17
C GLY A 4 7.70 24.46 -8.83
N SER A 5 7.52 24.64 -10.13
CA SER A 5 6.53 23.85 -10.88
C SER A 5 5.11 24.20 -10.44
N SER A 6 4.87 25.50 -10.26
CA SER A 6 3.55 25.96 -9.84
C SER A 6 2.46 25.42 -10.76
N GLY A 7 1.41 24.86 -10.16
CA GLY A 7 0.32 24.31 -10.94
C GLY A 7 0.65 22.95 -11.53
N ARG A 8 -0.02 21.91 -11.02
CA ARG A 8 0.21 20.56 -11.51
C ARG A 8 -1.03 20.01 -12.19
N GLU A 9 -0.91 18.80 -12.74
CA GLU A 9 -2.02 18.16 -13.43
C GLU A 9 -3.00 17.54 -12.43
N ARG A 10 -4.13 17.05 -12.94
CA ARG A 10 -5.13 16.43 -12.10
C ARG A 10 -4.53 15.32 -11.24
N ARG A 11 -4.56 15.52 -9.92
CA ARG A 11 -4.02 14.55 -8.99
C ARG A 11 -5.04 13.46 -8.67
N VAL A 12 -6.26 13.88 -8.39
CA VAL A 12 -7.33 12.94 -8.07
C VAL A 12 -7.47 11.87 -9.14
N ALA A 13 -7.43 12.29 -10.40
CA ALA A 13 -7.54 11.37 -11.52
C ALA A 13 -6.26 10.57 -11.70
N SER A 14 -5.13 11.21 -11.47
CA SER A 14 -3.83 10.56 -11.61
C SER A 14 -3.81 9.23 -10.88
N TRP A 15 -4.65 9.11 -9.86
CA TRP A 15 -4.74 7.88 -9.08
C TRP A 15 -5.47 6.79 -9.85
N ALA A 16 -5.76 7.06 -11.12
CA ALA A 16 -6.46 6.10 -11.97
C ALA A 16 -5.59 5.66 -13.14
N VAL A 17 -4.73 6.57 -13.60
CA VAL A 17 -3.84 6.28 -14.72
C VAL A 17 -2.86 5.17 -14.37
N SER A 18 -2.47 5.11 -13.10
CA SER A 18 -1.53 4.09 -12.64
C SER A 18 -1.51 4.02 -11.11
N PHE A 19 -0.98 2.92 -10.58
CA PHE A 19 -0.91 2.73 -9.14
C PHE A 19 0.06 3.72 -8.50
N GLU A 20 1.32 3.66 -8.91
CA GLU A 20 2.34 4.56 -8.38
C GLU A 20 1.80 5.98 -8.23
N ARG A 21 1.01 6.40 -9.21
CA ARG A 21 0.42 7.74 -9.20
C ARG A 21 -0.40 7.96 -7.92
N LEU A 22 -1.12 6.93 -7.50
CA LEU A 22 -1.94 7.02 -6.29
C LEU A 22 -1.06 7.10 -5.05
N LEU A 23 0.03 6.35 -5.05
CA LEU A 23 0.96 6.33 -3.92
C LEU A 23 1.75 7.63 -3.85
N GLN A 24 2.49 7.92 -4.92
CA GLN A 24 3.30 9.13 -4.98
C GLN A 24 2.60 10.29 -4.28
N ASP A 25 1.27 10.30 -4.33
CA ASP A 25 0.49 11.34 -3.70
C ASP A 25 -0.02 10.89 -2.33
N PRO A 26 0.10 11.78 -1.33
CA PRO A 26 -0.35 11.49 0.04
C PRO A 26 -1.87 11.42 0.15
N VAL A 27 -2.55 12.27 -0.60
CA VAL A 27 -4.00 12.31 -0.59
C VAL A 27 -4.59 10.98 -1.06
N GLY A 28 -4.04 10.45 -2.14
CA GLY A 28 -4.52 9.19 -2.68
C GLY A 28 -4.46 8.07 -1.65
N VAL A 29 -3.36 8.01 -0.92
CA VAL A 29 -3.17 6.97 0.10
C VAL A 29 -4.08 7.22 1.29
N ARG A 30 -4.19 8.48 1.71
CA ARG A 30 -5.02 8.84 2.84
C ARG A 30 -6.42 8.22 2.72
N TYR A 31 -7.10 8.53 1.63
CA TYR A 31 -8.44 8.00 1.39
C TYR A 31 -8.41 6.48 1.24
N PHE A 32 -7.55 6.00 0.35
CA PHE A 32 -7.43 4.57 0.11
C PHE A 32 -7.41 3.80 1.42
N SER A 33 -6.42 4.07 2.25
CA SER A 33 -6.29 3.39 3.54
C SER A 33 -7.66 3.23 4.21
N ASP A 34 -8.47 4.27 4.15
CA ASP A 34 -9.80 4.24 4.74
C ASP A 34 -10.61 3.07 4.19
N PHE A 35 -10.73 2.99 2.87
CA PHE A 35 -11.47 1.92 2.23
C PHE A 35 -11.04 0.55 2.76
N LEU A 36 -9.73 0.38 2.93
CA LEU A 36 -9.18 -0.87 3.43
C LEU A 36 -9.70 -1.16 4.84
N ARG A 37 -9.73 -0.13 5.67
CA ARG A 37 -10.20 -0.26 7.05
C ARG A 37 -11.65 -0.75 7.09
N LYS A 38 -12.42 -0.35 6.08
CA LYS A 38 -13.82 -0.75 6.00
C LYS A 38 -13.97 -2.26 6.14
N GLU A 39 -13.13 -3.00 5.40
CA GLU A 39 -13.18 -4.46 5.45
C GLU A 39 -11.99 -5.02 6.23
N PHE A 40 -11.34 -4.15 6.99
CA PHE A 40 -10.18 -4.55 7.80
C PHE A 40 -9.15 -5.26 6.94
N SER A 41 -8.87 -4.70 5.77
CA SER A 41 -7.90 -5.28 4.85
C SER A 41 -6.61 -4.46 4.82
N GLU A 42 -6.42 -3.65 5.85
CA GLU A 42 -5.23 -2.81 5.96
C GLU A 42 -3.96 -3.65 5.83
N GLU A 43 -3.91 -4.76 6.56
CA GLU A 43 -2.76 -5.65 6.53
C GLU A 43 -2.20 -5.75 5.12
N ASN A 44 -3.05 -5.52 4.13
CA ASN A 44 -2.63 -5.59 2.73
C ASN A 44 -1.63 -4.47 2.40
N ILE A 45 -2.08 -3.23 2.51
CA ILE A 45 -1.23 -2.09 2.22
C ILE A 45 -0.08 -1.99 3.22
N LEU A 46 -0.38 -2.33 4.48
CA LEU A 46 0.64 -2.28 5.53
C LEU A 46 1.91 -3.00 5.10
N PHE A 47 1.73 -4.16 4.47
CA PHE A 47 2.87 -4.95 4.00
C PHE A 47 3.72 -4.15 3.02
N TRP A 48 3.11 -3.73 1.92
CA TRP A 48 3.82 -2.95 0.91
C TRP A 48 4.71 -1.90 1.55
N GLN A 49 4.12 -1.04 2.37
CA GLN A 49 4.85 0.01 3.04
C GLN A 49 6.07 -0.56 3.77
N ALA A 50 5.86 -1.62 4.52
CA ALA A 50 6.95 -2.27 5.27
C ALA A 50 8.13 -2.55 4.36
N CYS A 51 7.90 -3.34 3.32
CA CYS A 51 8.95 -3.70 2.37
C CYS A 51 9.61 -2.44 1.79
N GLU A 52 8.79 -1.56 1.21
CA GLU A 52 9.30 -0.33 0.62
C GLU A 52 10.46 0.22 1.44
N TYR A 53 10.44 -0.02 2.74
CA TYR A 53 11.49 0.46 3.62
C TYR A 53 12.64 -0.54 3.70
N PHE A 54 12.28 -1.82 3.78
CA PHE A 54 13.29 -2.89 3.86
C PHE A 54 14.05 -3.01 2.54
N ASN A 55 13.32 -3.18 1.45
CA ASN A 55 13.92 -3.31 0.13
C ASN A 55 15.03 -2.28 -0.07
N HIS A 56 14.72 -1.03 0.28
CA HIS A 56 15.68 0.06 0.14
C HIS A 56 16.97 -0.25 0.90
N VAL A 57 16.82 -0.80 2.10
CA VAL A 57 17.96 -1.15 2.93
C VAL A 57 18.96 -2.00 2.15
N PRO A 58 20.21 -1.52 2.08
CA PRO A 58 21.30 -2.22 1.38
C PRO A 58 21.72 -3.50 2.09
N ALA A 59 22.22 -4.46 1.32
CA ALA A 59 22.66 -5.74 1.89
C ALA A 59 23.61 -5.51 3.06
N HIS A 60 24.68 -4.76 2.82
CA HIS A 60 25.66 -4.48 3.88
C HIS A 60 24.96 -4.11 5.18
N ASP A 61 23.71 -3.69 5.08
CA ASP A 61 22.94 -3.30 6.25
C ASP A 61 22.44 -4.53 6.99
N LYS A 62 23.05 -5.68 6.72
CA LYS A 62 22.67 -6.93 7.37
C LYS A 62 22.16 -6.68 8.78
N LYS A 63 22.77 -5.72 9.46
CA LYS A 63 22.39 -5.38 10.83
C LYS A 63 20.89 -5.09 10.91
N GLU A 64 20.40 -4.24 10.02
CA GLU A 64 18.99 -3.88 10.00
C GLU A 64 18.17 -4.96 9.30
N LEU A 65 18.60 -5.35 8.10
CA LEU A 65 17.90 -6.37 7.33
C LEU A 65 17.42 -7.49 8.25
N SER A 66 18.32 -8.02 9.07
CA SER A 66 17.99 -9.10 9.98
C SER A 66 16.78 -8.73 10.84
N TYR A 67 16.81 -7.55 11.42
CA TYR A 67 15.71 -7.08 12.26
C TYR A 67 14.45 -6.86 11.44
N ARG A 68 14.56 -6.08 10.37
CA ARG A 68 13.43 -5.80 9.49
C ARG A 68 12.86 -7.08 8.92
N ALA A 69 13.66 -7.77 8.12
CA ALA A 69 13.23 -9.02 7.50
C ALA A 69 12.41 -9.87 8.48
N ARG A 70 13.03 -10.21 9.61
CA ARG A 70 12.36 -11.02 10.63
C ARG A 70 11.03 -10.39 11.04
N GLU A 71 11.08 -9.11 11.40
CA GLU A 71 9.87 -8.40 11.82
C GLU A 71 8.79 -8.50 10.76
N ILE A 72 9.08 -7.97 9.57
CA ILE A 72 8.12 -8.00 8.47
C ILE A 72 7.52 -9.40 8.30
N PHE A 73 8.35 -10.41 8.47
CA PHE A 73 7.91 -11.79 8.34
C PHE A 73 6.89 -12.14 9.41
N SER A 74 7.35 -12.24 10.66
CA SER A 74 6.48 -12.57 11.79
C SER A 74 5.35 -11.54 11.91
N LYS A 75 5.41 -10.51 11.08
CA LYS A 75 4.38 -9.46 11.10
C LYS A 75 3.25 -9.79 10.13
N PHE A 76 3.62 -10.19 8.91
CA PHE A 76 2.64 -10.53 7.89
C PHE A 76 2.77 -11.99 7.47
N LEU A 77 4.01 -12.46 7.40
CA LEU A 77 4.27 -13.84 7.01
C LEU A 77 4.71 -14.68 8.21
N CYS A 78 3.80 -15.48 8.75
CA CYS A 78 4.10 -16.31 9.90
C CYS A 78 2.96 -17.29 10.16
N SER A 79 3.14 -18.15 11.16
CA SER A 79 2.13 -19.15 11.52
C SER A 79 1.14 -18.57 12.52
N LYS A 80 1.64 -17.73 13.41
CA LYS A 80 0.79 -17.10 14.44
C LYS A 80 0.76 -15.59 14.26
N ALA A 81 1.14 -15.12 13.08
CA ALA A 81 1.15 -13.69 12.79
C ALA A 81 -0.20 -13.06 13.11
N THR A 82 -0.17 -11.96 13.85
CA THR A 82 -1.39 -11.26 14.23
C THR A 82 -2.37 -11.18 13.06
N THR A 83 -1.84 -10.84 11.88
CA THR A 83 -2.66 -10.72 10.68
C THR A 83 -1.92 -11.22 9.46
N PRO A 84 -2.25 -12.44 9.02
CA PRO A 84 -1.63 -13.07 7.86
C PRO A 84 -2.02 -12.39 6.55
N VAL A 85 -1.07 -11.70 5.94
CA VAL A 85 -1.32 -11.00 4.68
C VAL A 85 -1.73 -11.98 3.58
N ASN A 86 -2.18 -11.43 2.45
CA ASN A 86 -2.60 -12.25 1.33
C ASN A 86 -1.56 -13.32 1.01
N ILE A 87 -0.31 -12.88 0.84
CA ILE A 87 0.77 -13.81 0.52
C ILE A 87 0.83 -14.95 1.52
N ASP A 88 1.38 -16.08 1.09
CA ASP A 88 1.50 -17.25 1.95
C ASP A 88 2.92 -17.40 2.49
N SER A 89 3.06 -17.33 3.81
CA SER A 89 4.36 -17.46 4.45
C SER A 89 4.99 -18.81 4.15
N GLN A 90 4.23 -19.67 3.48
CA GLN A 90 4.72 -21.01 3.13
C GLN A 90 5.81 -20.93 2.08
N ALA A 91 6.25 -19.71 1.77
CA ALA A 91 7.30 -19.50 0.78
C ALA A 91 8.66 -19.93 1.32
N GLN A 92 8.65 -20.61 2.46
CA GLN A 92 9.88 -21.07 3.09
C GLN A 92 10.87 -19.91 3.26
N LEU A 93 10.34 -18.73 3.49
CA LEU A 93 11.18 -17.54 3.67
C LEU A 93 11.81 -17.52 5.06
N ALA A 94 11.01 -17.82 6.08
CA ALA A 94 11.49 -17.85 7.45
C ALA A 94 12.92 -18.37 7.52
N ASP A 95 13.08 -19.67 7.32
CA ASP A 95 14.39 -20.30 7.36
C ASP A 95 15.46 -19.36 6.78
N ASP A 96 15.08 -18.58 5.77
CA ASP A 96 16.00 -17.65 5.14
C ASP A 96 16.05 -16.33 5.91
N VAL A 97 14.95 -15.59 5.88
CA VAL A 97 14.86 -14.31 6.58
C VAL A 97 15.34 -14.44 8.03
N LEU A 98 15.42 -15.68 8.51
CA LEU A 98 15.86 -15.94 9.87
C LEU A 98 17.37 -16.09 9.94
N ARG A 99 17.91 -16.97 9.09
CA ARG A 99 19.35 -17.21 9.06
C ARG A 99 20.07 -16.09 8.31
N ALA A 100 19.56 -15.75 7.13
CA ALA A 100 20.15 -14.70 6.31
C ALA A 100 19.15 -14.14 5.32
N PRO A 101 18.62 -12.93 5.62
CA PRO A 101 17.64 -12.27 4.77
C PRO A 101 18.24 -11.78 3.45
N HIS A 102 17.45 -11.06 2.67
CA HIS A 102 17.90 -10.54 1.38
C HIS A 102 17.07 -9.34 0.96
N PRO A 103 17.73 -8.23 0.65
CA PRO A 103 17.07 -6.99 0.22
C PRO A 103 16.45 -7.11 -1.17
N ASP A 104 16.76 -8.22 -1.85
CA ASP A 104 16.23 -8.46 -3.19
C ASP A 104 15.19 -9.57 -3.17
N MET A 105 15.42 -10.58 -2.33
CA MET A 105 14.50 -11.70 -2.23
C MET A 105 13.07 -11.21 -2.01
N PHE A 106 12.91 -10.24 -1.13
CA PHE A 106 11.59 -9.68 -0.83
C PHE A 106 10.96 -9.09 -2.09
N LYS A 107 11.75 -8.35 -2.86
CA LYS A 107 11.26 -7.74 -4.08
C LYS A 107 10.20 -8.61 -4.75
N GLU A 108 10.45 -9.91 -4.77
CA GLU A 108 9.51 -10.85 -5.38
C GLU A 108 8.20 -10.90 -4.60
N GLN A 109 8.30 -11.21 -3.31
CA GLN A 109 7.13 -11.29 -2.45
C GLN A 109 6.38 -9.96 -2.43
N GLN A 110 7.10 -8.89 -2.14
CA GLN A 110 6.50 -7.55 -2.08
C GLN A 110 5.63 -7.30 -3.31
N LEU A 111 6.16 -7.62 -4.48
CA LEU A 111 5.44 -7.42 -5.73
C LEU A 111 4.02 -8.01 -5.64
N GLN A 112 3.91 -9.17 -4.99
CA GLN A 112 2.62 -9.83 -4.84
C GLN A 112 1.58 -8.86 -4.25
N ILE A 113 1.91 -8.27 -3.11
CA ILE A 113 1.01 -7.34 -2.46
C ILE A 113 0.63 -6.20 -3.39
N PHE A 114 1.62 -5.63 -4.07
CA PHE A 114 1.39 -4.53 -5.01
C PHE A 114 0.31 -4.89 -6.02
N ASN A 115 0.57 -5.94 -6.80
CA ASN A 115 -0.39 -6.38 -7.81
C ASN A 115 -1.72 -6.76 -7.17
N LEU A 116 -1.65 -7.51 -6.07
CA LEU A 116 -2.85 -7.94 -5.36
C LEU A 116 -3.88 -6.81 -5.30
N MET A 117 -3.51 -5.72 -4.63
CA MET A 117 -4.39 -4.57 -4.50
C MET A 117 -4.67 -3.94 -5.86
N LYS A 118 -3.61 -3.71 -6.62
CA LYS A 118 -3.74 -3.11 -7.94
C LYS A 118 -4.90 -3.72 -8.71
N PHE A 119 -5.20 -4.99 -8.42
CA PHE A 119 -6.30 -5.69 -9.09
C PHE A 119 -7.39 -6.06 -8.08
N ASP A 120 -7.04 -6.03 -6.80
CA ASP A 120 -7.99 -6.36 -5.74
C ASP A 120 -8.71 -5.12 -5.24
N SER A 121 -7.97 -4.25 -4.55
CA SER A 121 -8.53 -3.02 -4.00
C SER A 121 -8.51 -1.91 -5.05
N TYR A 122 -7.31 -1.53 -5.48
CA TYR A 122 -7.16 -0.48 -6.47
C TYR A 122 -8.29 -0.50 -7.48
N THR A 123 -8.70 -1.70 -7.89
CA THR A 123 -9.78 -1.87 -8.85
C THR A 123 -11.12 -1.49 -8.24
N ARG A 124 -11.34 -1.91 -7.00
CA ARG A 124 -12.58 -1.61 -6.30
C ARG A 124 -12.64 -0.15 -5.88
N PHE A 125 -11.57 0.32 -5.23
CA PHE A 125 -11.50 1.69 -4.77
C PHE A 125 -12.14 2.64 -5.78
N LEU A 126 -11.96 2.34 -7.06
CA LEU A 126 -12.52 3.16 -8.13
C LEU A 126 -14.02 2.91 -8.28
N LYS A 127 -14.43 1.65 -8.12
CA LYS A 127 -15.83 1.29 -8.24
C LYS A 127 -16.64 1.91 -7.11
N SER A 128 -16.02 2.06 -5.95
CA SER A 128 -16.69 2.64 -4.79
C SER A 128 -16.90 4.15 -4.98
N PRO A 129 -17.94 4.68 -4.31
CA PRO A 129 -18.27 6.11 -4.39
C PRO A 129 -17.25 6.99 -3.70
N LEU A 130 -16.59 6.44 -2.67
CA LEU A 130 -15.57 7.18 -1.94
C LEU A 130 -14.62 7.89 -2.88
N TYR A 131 -13.96 7.12 -3.76
CA TYR A 131 -13.03 7.69 -4.71
C TYR A 131 -13.67 8.82 -5.50
N GLN A 132 -14.92 8.63 -5.90
CA GLN A 132 -15.65 9.62 -6.67
C GLN A 132 -15.73 10.95 -5.91
N GLU A 133 -15.87 10.85 -4.59
CA GLU A 133 -15.96 12.04 -3.75
C GLU A 133 -14.99 13.12 -4.21
N CYS A 134 -13.72 12.74 -4.34
CA CYS A 134 -12.69 13.68 -4.79
C CYS A 134 -12.86 14.01 -6.27
N ILE A 135 -13.27 13.01 -7.04
CA ILE A 135 -13.46 13.19 -8.48
C ILE A 135 -14.42 14.34 -8.76
N LEU A 136 -15.58 14.31 -8.12
CA LEU A 136 -16.58 15.36 -8.30
C LEU A 136 -16.00 16.73 -8.00
N ALA A 137 -15.20 16.81 -6.94
CA ALA A 137 -14.57 18.06 -6.55
C ALA A 137 -13.51 18.49 -7.56
N GLU A 138 -13.00 17.53 -8.32
CA GLU A 138 -11.98 17.80 -9.32
C GLU A 138 -12.62 18.12 -10.67
N VAL A 139 -13.75 17.48 -10.96
CA VAL A 139 -14.46 17.70 -12.21
C VAL A 139 -15.42 18.89 -12.11
N GLU A 140 -15.94 19.11 -10.90
CA GLU A 140 -16.86 20.22 -10.68
C GLU A 140 -16.13 21.45 -10.15
N GLY A 141 -15.18 21.23 -9.25
CA GLY A 141 -14.41 22.33 -8.70
C GLY A 141 -14.76 22.60 -7.25
N ARG A 142 -15.03 21.54 -6.50
CA ARG A 142 -15.38 21.66 -5.09
C ARG A 142 -14.22 21.18 -4.20
N ALA A 143 -14.40 21.31 -2.89
CA ALA A 143 -13.39 20.88 -1.94
C ALA A 143 -13.52 19.41 -1.60
N LEU A 144 -12.42 18.77 -1.25
CA LEU A 144 -12.42 17.36 -0.90
C LEU A 144 -12.92 17.15 0.52
N PRO A 145 -13.82 16.16 0.69
CA PRO A 145 -14.39 15.84 2.00
C PRO A 145 -13.37 15.21 2.95
N ASP A 146 -13.85 14.71 4.08
CA ASP A 146 -12.97 14.08 5.07
C ASP A 146 -13.21 12.58 5.11
N SER A 147 -12.14 11.81 4.94
CA SER A 147 -12.24 10.35 4.96
C SER A 147 -13.12 9.88 6.11
N GLN A 148 -12.92 10.48 7.28
CA GLN A 148 -13.70 10.12 8.46
C GLN A 148 -15.15 10.55 8.31
N GLN A 149 -15.35 11.78 7.86
CA GLN A 149 -16.70 12.32 7.68
C GLN A 149 -17.54 11.37 6.83
N VAL A 150 -16.95 10.86 5.75
CA VAL A 150 -17.65 9.94 4.85
C VAL A 150 -18.02 8.65 5.56
N PRO A 151 -19.31 8.30 5.53
CA PRO A 151 -19.82 7.08 6.18
C PRO A 151 -19.35 5.81 5.46
N SER A 152 -19.49 4.68 6.13
CA SER A 152 -19.09 3.40 5.56
C SER A 152 -20.25 2.74 4.83
N SER A 153 -19.94 1.70 4.06
CA SER A 153 -20.96 0.98 3.30
C SER A 153 -20.87 -0.52 3.57
N PRO A 154 -21.99 -1.10 4.03
CA PRO A 154 -22.07 -2.54 4.34
C PRO A 154 -22.02 -3.40 3.08
N ALA A 155 -21.37 -4.56 3.20
CA ALA A 155 -21.27 -5.48 2.07
C ALA A 155 -22.38 -6.50 2.09
N GLY A 1 10.01 19.42 -6.85
CA GLY A 1 11.01 19.88 -5.90
C GLY A 1 10.44 20.11 -4.52
N SER A 2 11.27 20.57 -3.60
CA SER A 2 10.85 20.83 -2.23
C SER A 2 10.09 22.16 -2.15
N SER A 3 10.75 23.23 -2.55
CA SER A 3 10.14 24.55 -2.52
C SER A 3 9.01 24.66 -3.54
N GLY A 4 8.01 25.49 -3.23
CA GLY A 4 6.90 25.67 -4.13
C GLY A 4 5.92 24.51 -4.08
N SER A 5 4.98 24.48 -5.02
CA SER A 5 3.98 23.41 -5.08
C SER A 5 3.89 22.82 -6.48
N SER A 6 3.96 21.50 -6.56
CA SER A 6 3.89 20.81 -7.84
C SER A 6 2.69 19.87 -7.89
N GLY A 7 1.70 20.22 -8.72
CA GLY A 7 0.52 19.39 -8.84
C GLY A 7 -0.45 19.93 -9.88
N ARG A 8 0.09 20.37 -11.02
CA ARG A 8 -0.74 20.91 -12.09
C ARG A 8 -1.53 19.80 -12.78
N GLU A 9 -0.95 18.61 -12.83
CA GLU A 9 -1.59 17.46 -13.46
C GLU A 9 -2.68 16.89 -12.56
N ARG A 10 -3.60 16.13 -13.16
CA ARG A 10 -4.69 15.52 -12.43
C ARG A 10 -4.20 14.35 -11.58
N ARG A 11 -4.13 14.56 -10.27
CA ARG A 11 -3.67 13.53 -9.35
C ARG A 11 -4.81 12.60 -8.96
N VAL A 12 -5.99 13.18 -8.70
CA VAL A 12 -7.15 12.41 -8.32
C VAL A 12 -7.48 11.35 -9.36
N ALA A 13 -7.47 11.75 -10.63
CA ALA A 13 -7.76 10.82 -11.72
C ALA A 13 -6.60 9.85 -11.94
N SER A 14 -5.38 10.33 -11.74
CA SER A 14 -4.20 9.50 -11.92
C SER A 14 -4.33 8.19 -11.15
N TRP A 15 -5.17 8.20 -10.12
CA TRP A 15 -5.40 7.01 -9.30
C TRP A 15 -6.28 6.01 -10.03
N ALA A 16 -6.57 6.29 -11.30
CA ALA A 16 -7.41 5.41 -12.11
C ALA A 16 -6.61 4.81 -13.26
N VAL A 17 -5.67 5.59 -13.80
CA VAL A 17 -4.85 5.13 -14.91
C VAL A 17 -4.07 3.87 -14.54
N SER A 18 -3.58 3.83 -13.31
CA SER A 18 -2.82 2.68 -12.83
C SER A 18 -2.66 2.73 -11.31
N PHE A 19 -2.07 1.68 -10.75
CA PHE A 19 -1.86 1.60 -9.31
C PHE A 19 -0.72 2.51 -8.88
N GLU A 20 0.39 2.44 -9.59
CA GLU A 20 1.56 3.26 -9.28
C GLU A 20 1.15 4.69 -8.97
N ARG A 21 0.51 5.34 -9.95
CA ARG A 21 0.06 6.72 -9.77
C ARG A 21 -0.62 6.92 -8.42
N LEU A 22 -1.56 6.03 -8.10
CA LEU A 22 -2.27 6.10 -6.83
C LEU A 22 -1.30 6.20 -5.66
N LEU A 23 -0.20 5.46 -5.75
CA LEU A 23 0.81 5.46 -4.70
C LEU A 23 1.66 6.72 -4.76
N GLN A 24 2.15 7.04 -5.96
CA GLN A 24 2.98 8.22 -6.16
C GLN A 24 2.45 9.41 -5.36
N ASP A 25 1.14 9.62 -5.44
CA ASP A 25 0.50 10.72 -4.72
C ASP A 25 0.11 10.29 -3.31
N PRO A 26 0.38 11.16 -2.33
CA PRO A 26 0.07 10.90 -0.92
C PRO A 26 -1.44 10.91 -0.65
N VAL A 27 -2.16 11.72 -1.42
CA VAL A 27 -3.61 11.83 -1.27
C VAL A 27 -4.30 10.52 -1.59
N GLY A 28 -3.96 9.95 -2.75
CA GLY A 28 -4.56 8.69 -3.16
C GLY A 28 -4.39 7.60 -2.11
N VAL A 29 -3.21 7.54 -1.51
CA VAL A 29 -2.93 6.55 -0.48
C VAL A 29 -3.74 6.80 0.78
N ARG A 30 -3.78 8.06 1.21
CA ARG A 30 -4.53 8.43 2.39
C ARG A 30 -5.90 7.77 2.41
N TYR A 31 -6.74 8.13 1.45
CA TYR A 31 -8.08 7.58 1.35
C TYR A 31 -8.03 6.06 1.18
N PHE A 32 -7.16 5.61 0.29
CA PHE A 32 -7.01 4.17 0.03
C PHE A 32 -6.91 3.39 1.33
N SER A 33 -6.01 3.82 2.20
CA SER A 33 -5.81 3.15 3.48
C SER A 33 -7.14 2.99 4.22
N ASP A 34 -8.00 3.99 4.12
CA ASP A 34 -9.30 3.97 4.77
C ASP A 34 -10.19 2.91 4.14
N PHE A 35 -10.23 2.88 2.81
CA PHE A 35 -11.06 1.91 2.10
C PHE A 35 -10.79 0.49 2.58
N LEU A 36 -9.52 0.18 2.79
CA LEU A 36 -9.12 -1.15 3.26
C LEU A 36 -9.52 -1.35 4.72
N ARG A 37 -8.86 -0.61 5.61
CA ARG A 37 -9.15 -0.70 7.04
C ARG A 37 -10.64 -0.92 7.28
N LYS A 38 -11.47 -0.25 6.49
CA LYS A 38 -12.92 -0.38 6.62
C LYS A 38 -13.32 -1.84 6.81
N GLU A 39 -12.90 -2.69 5.89
CA GLU A 39 -13.22 -4.12 5.97
C GLU A 39 -12.06 -4.91 6.56
N PHE A 40 -11.15 -4.20 7.21
CA PHE A 40 -9.98 -4.82 7.83
C PHE A 40 -9.06 -5.42 6.77
N SER A 41 -8.80 -4.65 5.72
CA SER A 41 -7.93 -5.10 4.64
C SER A 41 -6.60 -4.36 4.65
N GLU A 42 -6.31 -3.70 5.76
CA GLU A 42 -5.07 -2.94 5.90
C GLU A 42 -3.86 -3.85 5.75
N GLU A 43 -3.91 -5.00 6.41
CA GLU A 43 -2.81 -5.96 6.36
C GLU A 43 -2.19 -5.99 4.96
N ASN A 44 -3.00 -5.68 3.95
CA ASN A 44 -2.54 -5.68 2.57
C ASN A 44 -1.60 -4.51 2.31
N ILE A 45 -2.12 -3.29 2.47
CA ILE A 45 -1.33 -2.09 2.26
C ILE A 45 -0.18 -2.01 3.25
N LEU A 46 -0.38 -2.56 4.43
CA LEU A 46 0.64 -2.55 5.48
C LEU A 46 1.89 -3.31 5.01
N PHE A 47 1.68 -4.41 4.30
CA PHE A 47 2.78 -5.22 3.80
C PHE A 47 3.63 -4.43 2.79
N TRP A 48 2.97 -3.90 1.76
CA TRP A 48 3.65 -3.13 0.74
C TRP A 48 4.56 -2.08 1.37
N GLN A 49 3.98 -1.20 2.16
CA GLN A 49 4.74 -0.14 2.82
C GLN A 49 5.94 -0.73 3.58
N ALA A 50 5.69 -1.78 4.33
CA ALA A 50 6.75 -2.44 5.10
C ALA A 50 7.90 -2.86 4.21
N CYS A 51 7.59 -3.60 3.15
CA CYS A 51 8.60 -4.07 2.21
C CYS A 51 9.40 -2.91 1.65
N GLU A 52 8.71 -1.91 1.12
CA GLU A 52 9.35 -0.73 0.54
C GLU A 52 10.43 -0.20 1.49
N TYR A 53 10.11 -0.14 2.77
CA TYR A 53 11.05 0.36 3.77
C TYR A 53 12.28 -0.54 3.85
N PHE A 54 12.05 -1.82 4.15
CA PHE A 54 13.14 -2.78 4.27
C PHE A 54 14.00 -2.78 3.01
N ASN A 55 13.36 -2.71 1.85
CA ASN A 55 14.06 -2.70 0.57
C ASN A 55 15.03 -1.52 0.50
N HIS A 56 14.54 -0.33 0.82
CA HIS A 56 15.36 0.88 0.80
C HIS A 56 16.65 0.67 1.60
N VAL A 57 16.52 0.00 2.74
CA VAL A 57 17.67 -0.26 3.60
C VAL A 57 18.81 -0.90 2.81
N PRO A 58 20.03 -0.43 3.05
CA PRO A 58 21.23 -0.94 2.38
C PRO A 58 21.59 -2.35 2.83
N ALA A 59 22.12 -3.15 1.91
CA ALA A 59 22.51 -4.51 2.21
C ALA A 59 23.58 -4.56 3.30
N HIS A 60 24.62 -3.75 3.14
CA HIS A 60 25.71 -3.69 4.11
C HIS A 60 25.16 -3.54 5.53
N ASP A 61 24.00 -2.92 5.65
CA ASP A 61 23.36 -2.71 6.95
C ASP A 61 22.57 -3.95 7.36
N LYS A 62 23.12 -4.71 8.30
CA LYS A 62 22.47 -5.92 8.78
C LYS A 62 21.59 -5.60 9.99
N LYS A 63 22.09 -4.74 10.88
CA LYS A 63 21.34 -4.35 12.07
C LYS A 63 19.91 -3.96 11.72
N GLU A 64 19.76 -3.20 10.63
CA GLU A 64 18.43 -2.77 10.19
C GLU A 64 17.72 -3.87 9.42
N LEU A 65 18.32 -4.28 8.31
CA LEU A 65 17.75 -5.33 7.47
C LEU A 65 17.06 -6.39 8.33
N SER A 66 17.85 -7.12 9.10
CA SER A 66 17.32 -8.17 9.97
C SER A 66 16.02 -7.72 10.63
N TYR A 67 16.13 -6.71 11.50
CA TYR A 67 14.97 -6.19 12.21
C TYR A 67 13.73 -6.22 11.32
N ARG A 68 13.77 -5.44 10.23
CA ARG A 68 12.66 -5.38 9.30
C ARG A 68 12.40 -6.74 8.65
N ALA A 69 13.36 -7.18 7.84
CA ALA A 69 13.24 -8.47 7.16
C ALA A 69 12.49 -9.48 8.02
N ARG A 70 13.09 -9.86 9.14
CA ARG A 70 12.47 -10.82 10.05
C ARG A 70 11.10 -10.34 10.50
N GLU A 71 11.02 -9.08 10.92
CA GLU A 71 9.76 -8.50 11.37
C GLU A 71 8.64 -8.79 10.38
N ILE A 72 8.80 -8.29 9.16
CA ILE A 72 7.80 -8.49 8.12
C ILE A 72 7.29 -9.93 8.12
N PHE A 73 8.21 -10.87 8.27
CA PHE A 73 7.86 -12.29 8.30
C PHE A 73 6.98 -12.62 9.51
N SER A 74 7.57 -12.56 10.68
CA SER A 74 6.85 -12.85 11.92
C SER A 74 5.65 -11.92 12.09
N LYS A 75 5.53 -10.97 11.17
CA LYS A 75 4.43 -10.02 11.21
C LYS A 75 3.22 -10.54 10.44
N PHE A 76 3.47 -10.99 9.21
CA PHE A 76 2.39 -11.53 8.37
C PHE A 76 2.66 -12.98 8.02
N LEU A 77 3.92 -13.31 7.76
CA LEU A 77 4.30 -14.68 7.41
C LEU A 77 4.96 -15.37 8.60
N CYS A 78 4.20 -16.23 9.26
CA CYS A 78 4.70 -16.96 10.42
C CYS A 78 3.69 -18.00 10.90
N SER A 79 4.14 -18.90 11.77
CA SER A 79 3.27 -19.94 12.31
C SER A 79 1.99 -19.34 12.90
N LYS A 80 2.13 -18.21 13.57
CA LYS A 80 0.99 -17.53 14.19
C LYS A 80 1.18 -16.02 14.16
N ALA A 81 0.51 -15.36 13.22
CA ALA A 81 0.60 -13.92 13.10
C ALA A 81 -0.76 -13.25 13.33
N THR A 82 -0.73 -12.02 13.83
CA THR A 82 -1.96 -11.28 14.10
C THR A 82 -2.88 -11.27 12.88
N THR A 83 -2.35 -10.79 11.76
CA THR A 83 -3.11 -10.72 10.52
C THR A 83 -2.25 -11.07 9.32
N PRO A 84 -2.41 -12.30 8.81
CA PRO A 84 -1.64 -12.79 7.65
C PRO A 84 -2.07 -12.10 6.36
N VAL A 85 -1.13 -11.98 5.43
CA VAL A 85 -1.41 -11.34 4.14
C VAL A 85 -1.72 -12.38 3.08
N ASN A 86 -2.38 -11.95 2.01
CA ASN A 86 -2.74 -12.84 0.91
C ASN A 86 -1.63 -13.85 0.65
N ILE A 87 -0.39 -13.37 0.66
CA ILE A 87 0.76 -14.24 0.42
C ILE A 87 0.75 -15.43 1.37
N ASP A 88 1.02 -16.62 0.82
CA ASP A 88 1.05 -17.84 1.62
C ASP A 88 2.47 -18.25 1.95
N SER A 89 3.40 -17.29 1.81
CA SER A 89 4.81 -17.56 2.08
C SER A 89 5.29 -18.80 1.33
N GLN A 90 4.84 -18.94 0.09
CA GLN A 90 5.21 -20.08 -0.73
C GLN A 90 6.46 -19.76 -1.55
N ALA A 91 7.14 -18.68 -1.19
CA ALA A 91 8.36 -18.28 -1.90
C ALA A 91 9.60 -18.63 -1.10
N GLN A 92 9.45 -19.54 -0.14
CA GLN A 92 10.56 -19.97 0.70
C GLN A 92 11.34 -18.76 1.23
N LEU A 93 10.63 -17.67 1.46
CA LEU A 93 11.25 -16.45 1.96
C LEU A 93 11.98 -16.71 3.27
N ALA A 94 11.24 -17.24 4.25
CA ALA A 94 11.82 -17.54 5.56
C ALA A 94 13.18 -18.21 5.41
N ASP A 95 13.18 -19.46 4.93
CA ASP A 95 14.41 -20.21 4.75
C ASP A 95 15.56 -19.28 4.35
N ASP A 96 15.22 -18.21 3.63
CA ASP A 96 16.22 -17.26 3.18
C ASP A 96 16.39 -16.13 4.20
N VAL A 97 15.41 -15.25 4.27
CA VAL A 97 15.44 -14.14 5.21
C VAL A 97 15.99 -14.57 6.57
N LEU A 98 15.85 -15.86 6.87
CA LEU A 98 16.32 -16.40 8.13
C LEU A 98 17.83 -16.67 8.08
N ARG A 99 18.25 -17.46 7.09
CA ARG A 99 19.67 -17.78 6.93
C ARG A 99 20.47 -16.53 6.56
N ALA A 100 19.99 -15.78 5.59
CA ALA A 100 20.66 -14.57 5.15
C ALA A 100 19.68 -13.59 4.54
N PRO A 101 19.32 -12.56 5.32
CA PRO A 101 18.38 -11.52 4.88
C PRO A 101 18.97 -10.62 3.80
N HIS A 102 18.13 -10.23 2.84
CA HIS A 102 18.58 -9.37 1.75
C HIS A 102 17.39 -8.65 1.11
N PRO A 103 17.55 -7.34 0.90
CA PRO A 103 16.50 -6.50 0.29
C PRO A 103 16.29 -6.81 -1.18
N ASP A 104 16.77 -7.98 -1.61
CA ASP A 104 16.65 -8.40 -3.00
C ASP A 104 15.53 -9.43 -3.16
N MET A 105 15.39 -10.31 -2.17
CA MET A 105 14.37 -11.33 -2.19
C MET A 105 12.97 -10.73 -2.01
N PHE A 106 12.75 -10.11 -0.86
CA PHE A 106 11.47 -9.49 -0.56
C PHE A 106 10.87 -8.84 -1.82
N LYS A 107 11.72 -8.18 -2.59
CA LYS A 107 11.28 -7.52 -3.82
C LYS A 107 10.17 -8.31 -4.50
N GLU A 108 10.34 -9.63 -4.56
CA GLU A 108 9.35 -10.50 -5.18
C GLU A 108 8.02 -10.44 -4.44
N GLN A 109 8.05 -10.81 -3.17
CA GLN A 109 6.85 -10.80 -2.34
C GLN A 109 6.12 -9.46 -2.46
N GLN A 110 6.83 -8.38 -2.15
CA GLN A 110 6.25 -7.05 -2.21
C GLN A 110 5.38 -6.90 -3.46
N LEU A 111 5.84 -7.44 -4.58
CA LEU A 111 5.11 -7.37 -5.84
C LEU A 111 3.79 -8.13 -5.73
N GLN A 112 3.84 -9.32 -5.12
CA GLN A 112 2.65 -10.14 -4.97
C GLN A 112 1.47 -9.30 -4.48
N ILE A 113 1.66 -8.60 -3.36
CA ILE A 113 0.61 -7.77 -2.80
C ILE A 113 0.33 -6.56 -3.68
N PHE A 114 1.40 -5.96 -4.21
CA PHE A 114 1.27 -4.79 -5.07
C PHE A 114 0.25 -5.05 -6.18
N ASN A 115 0.41 -6.17 -6.88
CA ASN A 115 -0.50 -6.53 -7.96
C ASN A 115 -1.88 -6.89 -7.41
N LEU A 116 -1.90 -7.84 -6.48
CA LEU A 116 -3.16 -8.28 -5.88
C LEU A 116 -4.12 -7.11 -5.71
N MET A 117 -3.71 -6.12 -4.93
CA MET A 117 -4.52 -4.94 -4.69
C MET A 117 -4.85 -4.22 -5.99
N LYS A 118 -3.86 -4.11 -6.87
CA LYS A 118 -4.04 -3.44 -8.15
C LYS A 118 -5.24 -4.02 -8.90
N PHE A 119 -5.52 -5.29 -8.66
CA PHE A 119 -6.65 -5.96 -9.30
C PHE A 119 -7.67 -6.43 -8.27
N ASP A 120 -7.34 -6.26 -7.00
CA ASP A 120 -8.23 -6.66 -5.92
C ASP A 120 -8.96 -5.45 -5.33
N SER A 121 -8.22 -4.59 -4.64
CA SER A 121 -8.78 -3.41 -4.03
C SER A 121 -8.76 -2.22 -4.99
N TYR A 122 -7.56 -1.89 -5.47
CA TYR A 122 -7.39 -0.78 -6.40
C TYR A 122 -8.61 -0.64 -7.31
N THR A 123 -9.03 -1.75 -7.90
CA THR A 123 -10.18 -1.76 -8.80
C THR A 123 -11.46 -1.41 -8.04
N ARG A 124 -11.66 -2.04 -6.89
CA ARG A 124 -12.84 -1.80 -6.08
C ARG A 124 -12.88 -0.35 -5.60
N PHE A 125 -11.74 0.14 -5.10
CA PHE A 125 -11.64 1.51 -4.61
C PHE A 125 -12.37 2.48 -5.55
N LEU A 126 -12.21 2.25 -6.85
CA LEU A 126 -12.84 3.11 -7.86
C LEU A 126 -14.35 2.88 -7.88
N LYS A 127 -14.76 1.64 -7.63
CA LYS A 127 -16.17 1.28 -7.63
C LYS A 127 -16.91 1.99 -6.49
N SER A 128 -16.22 2.18 -5.37
CA SER A 128 -16.81 2.83 -4.21
C SER A 128 -16.95 4.33 -4.45
N PRO A 129 -17.92 4.95 -3.77
CA PRO A 129 -18.18 6.38 -3.88
C PRO A 129 -17.08 7.23 -3.26
N LEU A 130 -16.37 6.65 -2.30
CA LEU A 130 -15.28 7.35 -1.62
C LEU A 130 -14.33 7.99 -2.63
N TYR A 131 -13.80 7.18 -3.53
CA TYR A 131 -12.87 7.67 -4.55
C TYR A 131 -13.49 8.84 -5.32
N GLN A 132 -14.78 8.73 -5.60
CA GLN A 132 -15.49 9.78 -6.33
C GLN A 132 -15.44 11.10 -5.57
N GLU A 133 -15.47 11.02 -4.24
CA GLU A 133 -15.44 12.20 -3.41
C GLU A 133 -14.44 13.23 -3.95
N CYS A 134 -13.20 12.80 -4.14
CA CYS A 134 -12.16 13.68 -4.66
C CYS A 134 -12.41 14.02 -6.13
N ILE A 135 -12.98 13.06 -6.86
CA ILE A 135 -13.27 13.25 -8.28
C ILE A 135 -14.13 14.48 -8.48
N LEU A 136 -15.26 14.53 -7.79
CA LEU A 136 -16.19 15.66 -7.90
C LEU A 136 -15.46 16.98 -7.72
N ALA A 137 -14.69 17.08 -6.64
CA ALA A 137 -13.94 18.30 -6.35
C ALA A 137 -12.83 18.51 -7.38
N GLU A 138 -12.46 17.45 -8.08
CA GLU A 138 -11.42 17.52 -9.09
C GLU A 138 -12.00 17.91 -10.45
N VAL A 139 -13.25 17.52 -10.70
CA VAL A 139 -13.92 17.83 -11.95
C VAL A 139 -14.68 19.14 -11.86
N GLU A 140 -15.16 19.47 -10.65
CA GLU A 140 -15.91 20.70 -10.43
C GLU A 140 -14.96 21.85 -10.14
N GLY A 141 -13.97 21.61 -9.28
CA GLY A 141 -13.02 22.64 -8.94
C GLY A 141 -13.08 23.02 -7.47
N ARG A 142 -13.35 22.04 -6.62
CA ARG A 142 -13.44 22.27 -5.18
C ARG A 142 -12.33 21.53 -4.44
N ALA A 143 -12.25 21.76 -3.13
CA ALA A 143 -11.24 21.11 -2.31
C ALA A 143 -11.63 19.67 -1.97
N LEU A 144 -10.64 18.86 -1.64
CA LEU A 144 -10.90 17.46 -1.30
C LEU A 144 -11.34 17.32 0.15
N PRO A 145 -12.34 16.45 0.38
CA PRO A 145 -12.88 16.20 1.72
C PRO A 145 -11.90 15.47 2.63
N ASP A 146 -12.37 15.07 3.80
CA ASP A 146 -11.53 14.36 4.76
C ASP A 146 -11.99 12.91 4.90
N SER A 147 -11.03 11.98 4.79
CA SER A 147 -11.34 10.56 4.90
C SER A 147 -12.27 10.30 6.08
N GLN A 148 -11.93 10.86 7.24
CA GLN A 148 -12.73 10.70 8.45
C GLN A 148 -14.14 11.24 8.24
N GLN A 149 -14.23 12.46 7.74
CA GLN A 149 -15.52 13.09 7.50
C GLN A 149 -16.52 12.08 6.94
N VAL A 150 -16.22 11.56 5.75
CA VAL A 150 -17.10 10.59 5.11
C VAL A 150 -17.17 9.29 5.90
N PRO A 151 -18.39 8.83 6.19
CA PRO A 151 -18.62 7.60 6.95
C PRO A 151 -18.23 6.35 6.16
N SER A 152 -18.34 5.19 6.80
CA SER A 152 -17.99 3.93 6.16
C SER A 152 -19.26 3.19 5.72
N SER A 153 -20.36 3.90 5.63
CA SER A 153 -21.64 3.32 5.23
C SER A 153 -22.02 2.17 6.16
N PRO A 154 -21.94 2.42 7.47
CA PRO A 154 -22.27 1.42 8.49
C PRO A 154 -23.77 1.12 8.54
N ALA A 155 -24.14 0.08 9.29
CA ALA A 155 -25.53 -0.30 9.42
C ALA A 155 -26.10 0.11 10.77
N GLY A 1 11.55 15.96 -21.40
CA GLY A 1 10.55 16.96 -21.71
C GLY A 1 9.22 16.35 -22.13
N SER A 2 8.42 15.93 -21.16
CA SER A 2 7.13 15.33 -21.45
C SER A 2 6.02 16.37 -21.33
N SER A 3 5.94 17.03 -20.18
CA SER A 3 4.91 18.05 -19.96
C SER A 3 5.44 19.14 -19.03
N GLY A 4 4.71 20.26 -18.99
CA GLY A 4 5.12 21.37 -18.15
C GLY A 4 3.96 22.25 -17.75
N SER A 5 3.68 22.32 -16.45
CA SER A 5 2.58 23.13 -15.95
C SER A 5 3.00 23.92 -14.71
N SER A 6 2.92 25.24 -14.80
CA SER A 6 3.31 26.10 -13.68
C SER A 6 2.26 26.05 -12.57
N GLY A 7 0.99 26.10 -12.96
CA GLY A 7 -0.08 26.06 -11.99
C GLY A 7 -0.14 24.74 -11.23
N ARG A 8 -1.27 24.05 -11.32
CA ARG A 8 -1.45 22.77 -10.65
C ARG A 8 -1.67 21.65 -11.65
N GLU A 9 -1.79 20.43 -11.15
CA GLU A 9 -2.01 19.27 -12.01
C GLU A 9 -3.13 18.39 -11.47
N ARG A 10 -3.90 17.80 -12.37
CA ARG A 10 -5.01 16.94 -11.98
C ARG A 10 -4.50 15.63 -11.36
N ARG A 11 -4.61 15.54 -10.05
CA ARG A 11 -4.16 14.34 -9.35
C ARG A 11 -5.32 13.37 -9.12
N VAL A 12 -6.45 13.89 -8.67
CA VAL A 12 -7.63 13.07 -8.41
C VAL A 12 -7.80 12.01 -9.49
N ALA A 13 -7.65 12.43 -10.75
CA ALA A 13 -7.78 11.52 -11.87
C ALA A 13 -6.52 10.67 -12.05
N SER A 14 -5.38 11.25 -11.74
CA SER A 14 -4.10 10.55 -11.86
C SER A 14 -4.14 9.22 -11.12
N TRP A 15 -5.04 9.11 -10.15
CA TRP A 15 -5.18 7.89 -9.37
C TRP A 15 -5.97 6.84 -10.13
N ALA A 16 -6.21 7.10 -11.41
CA ALA A 16 -6.95 6.17 -12.25
C ALA A 16 -6.09 5.66 -13.41
N VAL A 17 -5.19 6.52 -13.88
CA VAL A 17 -4.31 6.15 -14.99
C VAL A 17 -3.63 4.81 -14.72
N SER A 18 -3.17 4.62 -13.49
CA SER A 18 -2.49 3.38 -13.12
C SER A 18 -2.27 3.32 -11.61
N PHE A 19 -1.91 2.15 -11.12
CA PHE A 19 -1.67 1.95 -9.69
C PHE A 19 -0.41 2.71 -9.24
N GLU A 20 0.70 2.43 -9.90
CA GLU A 20 1.96 3.09 -9.58
C GLU A 20 1.73 4.55 -9.19
N ARG A 21 0.82 5.21 -9.89
CA ARG A 21 0.51 6.61 -9.62
C ARG A 21 -0.11 6.76 -8.24
N LEU A 22 -1.01 5.85 -7.89
CA LEU A 22 -1.68 5.89 -6.59
C LEU A 22 -0.68 6.18 -5.48
N LEU A 23 0.39 5.41 -5.43
CA LEU A 23 1.42 5.59 -4.41
C LEU A 23 2.19 6.89 -4.63
N GLN A 24 2.60 7.13 -5.88
CA GLN A 24 3.34 8.33 -6.22
C GLN A 24 2.89 9.51 -5.36
N ASP A 25 1.59 9.79 -5.38
CA ASP A 25 1.03 10.90 -4.60
C ASP A 25 0.55 10.41 -3.25
N PRO A 26 0.83 11.19 -2.19
CA PRO A 26 0.43 10.85 -0.82
C PRO A 26 -1.08 10.96 -0.62
N VAL A 27 -1.74 11.66 -1.53
CA VAL A 27 -3.19 11.83 -1.44
C VAL A 27 -3.92 10.55 -1.83
N GLY A 28 -3.41 9.88 -2.86
CA GLY A 28 -4.04 8.64 -3.31
C GLY A 28 -4.00 7.55 -2.25
N VAL A 29 -2.89 7.47 -1.53
CA VAL A 29 -2.74 6.46 -0.49
C VAL A 29 -3.65 6.76 0.70
N ARG A 30 -3.74 8.04 1.06
CA ARG A 30 -4.58 8.45 2.18
C ARG A 30 -5.97 7.81 2.09
N TYR A 31 -6.72 8.18 1.06
CA TYR A 31 -8.05 7.64 0.86
C TYR A 31 -8.02 6.13 0.66
N PHE A 32 -6.99 5.66 -0.05
CA PHE A 32 -6.83 4.23 -0.32
C PHE A 32 -6.87 3.44 0.99
N SER A 33 -6.00 3.81 1.92
CA SER A 33 -5.92 3.13 3.21
C SER A 33 -7.31 2.98 3.83
N ASP A 34 -8.14 4.00 3.66
CA ASP A 34 -9.50 3.98 4.20
C ASP A 34 -10.29 2.81 3.63
N PHE A 35 -10.57 2.86 2.35
CA PHE A 35 -11.32 1.80 1.68
C PHE A 35 -10.95 0.43 2.24
N LEU A 36 -9.67 0.25 2.55
CA LEU A 36 -9.18 -1.01 3.10
C LEU A 36 -9.78 -1.27 4.48
N ARG A 37 -9.69 -0.27 5.35
CA ARG A 37 -10.23 -0.39 6.71
C ARG A 37 -11.62 -1.01 6.69
N LYS A 38 -12.37 -0.74 5.63
CA LYS A 38 -13.72 -1.26 5.49
C LYS A 38 -13.74 -2.78 5.68
N GLU A 39 -12.82 -3.46 5.00
CA GLU A 39 -12.72 -4.91 5.09
C GLU A 39 -11.59 -5.32 6.02
N PHE A 40 -11.14 -4.39 6.85
CA PHE A 40 -10.05 -4.65 7.78
C PHE A 40 -8.88 -5.33 7.08
N SER A 41 -8.67 -4.97 5.82
CA SER A 41 -7.59 -5.54 5.03
C SER A 41 -6.36 -4.64 5.06
N GLU A 42 -6.32 -3.73 6.02
CA GLU A 42 -5.21 -2.80 6.16
C GLU A 42 -3.87 -3.54 6.07
N GLU A 43 -3.80 -4.69 6.72
CA GLU A 43 -2.57 -5.49 6.71
C GLU A 43 -2.00 -5.60 5.30
N ASN A 44 -2.88 -5.55 4.31
CA ASN A 44 -2.47 -5.65 2.92
C ASN A 44 -1.43 -4.60 2.58
N ILE A 45 -1.80 -3.33 2.71
CA ILE A 45 -0.90 -2.22 2.43
C ILE A 45 0.25 -2.17 3.44
N LEU A 46 -0.04 -2.61 4.67
CA LEU A 46 0.97 -2.62 5.72
C LEU A 46 2.15 -3.51 5.34
N PHE A 47 1.86 -4.68 4.78
CA PHE A 47 2.89 -5.62 4.37
C PHE A 47 3.80 -4.99 3.32
N TRP A 48 3.20 -4.30 2.36
CA TRP A 48 3.96 -3.66 1.29
C TRP A 48 4.77 -2.49 1.83
N GLN A 49 4.12 -1.64 2.61
CA GLN A 49 4.78 -0.47 3.19
C GLN A 49 6.00 -0.89 4.00
N ALA A 50 5.82 -1.88 4.88
CA ALA A 50 6.91 -2.38 5.71
C ALA A 50 8.12 -2.74 4.86
N CYS A 51 7.89 -3.49 3.78
CA CYS A 51 8.97 -3.90 2.89
C CYS A 51 9.62 -2.69 2.23
N GLU A 52 8.80 -1.81 1.68
CA GLU A 52 9.30 -0.61 1.02
C GLU A 52 10.52 -0.06 1.74
N TYR A 53 10.41 0.11 3.05
CA TYR A 53 11.51 0.63 3.87
C TYR A 53 12.67 -0.36 3.90
N PHE A 54 12.35 -1.63 4.10
CA PHE A 54 13.38 -2.68 4.15
C PHE A 54 14.26 -2.63 2.91
N ASN A 55 13.63 -2.53 1.75
CA ASN A 55 14.36 -2.48 0.48
C ASN A 55 15.41 -1.37 0.50
N HIS A 56 14.99 -0.18 0.92
CA HIS A 56 15.90 0.97 0.99
C HIS A 56 17.20 0.59 1.70
N VAL A 57 17.06 -0.14 2.80
CA VAL A 57 18.23 -0.56 3.57
C VAL A 57 19.26 -1.24 2.68
N PRO A 58 20.54 -0.91 2.90
CA PRO A 58 21.66 -1.48 2.13
C PRO A 58 21.88 -2.96 2.44
N ALA A 59 22.35 -3.71 1.45
CA ALA A 59 22.62 -5.13 1.63
C ALA A 59 23.76 -5.36 2.61
N HIS A 60 24.85 -4.62 2.43
CA HIS A 60 26.00 -4.75 3.31
C HIS A 60 25.60 -4.69 4.77
N ASP A 61 24.56 -3.90 5.06
CA ASP A 61 24.07 -3.76 6.42
C ASP A 61 23.16 -4.93 6.80
N LYS A 62 23.67 -5.81 7.66
CA LYS A 62 22.90 -6.97 8.09
C LYS A 62 22.13 -6.67 9.38
N LYS A 63 22.79 -5.97 10.30
CA LYS A 63 22.16 -5.61 11.57
C LYS A 63 20.77 -5.05 11.35
N GLU A 64 20.64 -4.14 10.40
CA GLU A 64 19.36 -3.52 10.09
C GLU A 64 18.48 -4.47 9.27
N LEU A 65 19.04 -4.97 8.17
CA LEU A 65 18.32 -5.89 7.30
C LEU A 65 17.52 -6.91 8.11
N SER A 66 18.24 -7.69 8.92
CA SER A 66 17.61 -8.71 9.75
C SER A 66 16.43 -8.12 10.53
N TYR A 67 16.70 -7.07 11.29
CA TYR A 67 15.66 -6.41 12.08
C TYR A 67 14.34 -6.38 11.33
N ARG A 68 14.31 -5.66 10.21
CA ARG A 68 13.11 -5.54 9.40
C ARG A 68 12.75 -6.89 8.77
N ALA A 69 13.69 -7.45 8.02
CA ALA A 69 13.48 -8.73 7.35
C ALA A 69 12.69 -9.68 8.24
N ARG A 70 13.28 -10.07 9.37
CA ARG A 70 12.63 -10.98 10.31
C ARG A 70 11.31 -10.40 10.79
N GLU A 71 11.37 -9.20 11.37
CA GLU A 71 10.18 -8.53 11.88
C GLU A 71 9.01 -8.70 10.92
N ILE A 72 9.18 -8.20 9.70
CA ILE A 72 8.13 -8.29 8.68
C ILE A 72 7.57 -9.69 8.61
N PHE A 73 8.45 -10.69 8.66
CA PHE A 73 8.03 -12.08 8.59
C PHE A 73 7.11 -12.43 9.76
N SER A 74 7.68 -12.49 10.96
CA SER A 74 6.91 -12.82 12.16
C SER A 74 5.75 -11.86 12.33
N LYS A 75 5.72 -10.81 11.50
CA LYS A 75 4.65 -9.82 11.56
C LYS A 75 3.43 -10.28 10.77
N PHE A 76 3.65 -10.59 9.49
CA PHE A 76 2.57 -11.05 8.63
C PHE A 76 2.75 -12.51 8.26
N LEU A 77 4.00 -12.92 8.03
CA LEU A 77 4.30 -14.29 7.67
C LEU A 77 4.83 -15.07 8.87
N CYS A 78 3.97 -15.88 9.47
CA CYS A 78 4.35 -16.67 10.63
C CYS A 78 3.25 -17.67 10.99
N SER A 79 3.53 -18.50 12.00
CA SER A 79 2.56 -19.50 12.45
C SER A 79 1.55 -18.89 13.39
N LYS A 80 1.98 -17.91 14.18
CA LYS A 80 1.12 -17.23 15.13
C LYS A 80 0.98 -15.75 14.80
N ALA A 81 1.33 -15.39 13.57
CA ALA A 81 1.24 -14.01 13.13
C ALA A 81 -0.13 -13.43 13.40
N THR A 82 -0.18 -12.19 13.89
CA THR A 82 -1.44 -11.53 14.20
C THR A 82 -2.38 -11.58 13.00
N THR A 83 -1.99 -10.93 11.91
CA THR A 83 -2.80 -10.90 10.70
C THR A 83 -1.96 -11.22 9.47
N PRO A 84 -2.10 -12.46 8.98
CA PRO A 84 -1.37 -12.94 7.80
C PRO A 84 -1.86 -12.28 6.52
N VAL A 85 -0.95 -12.11 5.56
CA VAL A 85 -1.28 -11.49 4.29
C VAL A 85 -1.69 -12.54 3.26
N ASN A 86 -2.18 -12.09 2.11
CA ASN A 86 -2.60 -12.99 1.05
C ASN A 86 -1.52 -14.03 0.76
N ILE A 87 -0.27 -13.58 0.74
CA ILE A 87 0.85 -14.48 0.48
C ILE A 87 0.84 -15.66 1.44
N ASP A 88 1.19 -16.84 0.92
CA ASP A 88 1.22 -18.05 1.73
C ASP A 88 2.66 -18.44 2.06
N SER A 89 3.57 -17.48 1.93
CA SER A 89 4.98 -17.73 2.22
C SER A 89 5.52 -18.88 1.38
N GLN A 90 5.11 -18.93 0.12
CA GLN A 90 5.54 -19.98 -0.80
C GLN A 90 6.77 -19.54 -1.58
N ALA A 91 7.40 -18.46 -1.14
CA ALA A 91 8.58 -17.94 -1.80
C ALA A 91 9.85 -18.37 -1.07
N GLN A 92 9.73 -19.39 -0.24
CA GLN A 92 10.87 -19.90 0.52
C GLN A 92 11.62 -18.76 1.20
N LEU A 93 10.88 -17.72 1.59
CA LEU A 93 11.48 -16.57 2.26
C LEU A 93 11.93 -16.93 3.67
N ALA A 94 10.98 -17.29 4.52
CA ALA A 94 11.27 -17.65 5.90
C ALA A 94 12.64 -18.33 5.99
N ASP A 95 12.74 -19.54 5.46
CA ASP A 95 13.99 -20.28 5.48
C ASP A 95 15.18 -19.37 5.22
N ASP A 96 15.00 -18.43 4.30
CA ASP A 96 16.06 -17.49 3.95
C ASP A 96 16.08 -16.32 4.92
N VAL A 97 15.10 -15.44 4.81
CA VAL A 97 15.00 -14.27 5.68
C VAL A 97 15.49 -14.60 7.08
N LEU A 98 15.27 -15.83 7.51
CA LEU A 98 15.69 -16.27 8.84
C LEU A 98 17.21 -16.37 8.93
N ARG A 99 17.80 -17.18 8.07
CA ARG A 99 19.25 -17.37 8.05
C ARG A 99 19.95 -16.11 7.51
N ALA A 100 19.48 -15.64 6.37
CA ALA A 100 20.06 -14.45 5.74
C ALA A 100 19.07 -13.80 4.79
N PRO A 101 18.56 -12.61 5.17
CA PRO A 101 17.60 -11.86 4.36
C PRO A 101 18.23 -11.29 3.09
N HIS A 102 17.42 -10.65 2.26
CA HIS A 102 17.90 -10.06 1.03
C HIS A 102 17.02 -8.88 0.61
N PRO A 103 17.67 -7.73 0.34
CA PRO A 103 16.97 -6.51 -0.07
C PRO A 103 16.37 -6.62 -1.46
N ASP A 104 16.55 -7.78 -2.09
CA ASP A 104 16.03 -8.01 -3.44
C ASP A 104 15.02 -9.15 -3.43
N MET A 105 15.28 -10.17 -2.63
CA MET A 105 14.38 -11.32 -2.54
C MET A 105 12.95 -10.87 -2.31
N PHE A 106 12.76 -9.93 -1.38
CA PHE A 106 11.44 -9.43 -1.07
C PHE A 106 10.78 -8.83 -2.31
N LYS A 107 11.56 -8.11 -3.11
CA LYS A 107 11.06 -7.49 -4.32
C LYS A 107 9.94 -8.33 -4.94
N GLU A 108 10.11 -9.64 -4.92
CA GLU A 108 9.12 -10.56 -5.48
C GLU A 108 7.93 -10.70 -4.54
N GLN A 109 8.19 -11.15 -3.31
CA GLN A 109 7.14 -11.32 -2.31
C GLN A 109 6.31 -10.06 -2.16
N GLN A 110 6.99 -8.94 -1.89
CA GLN A 110 6.32 -7.67 -1.71
C GLN A 110 5.45 -7.34 -2.92
N LEU A 111 5.96 -7.63 -4.11
CA LEU A 111 5.23 -7.37 -5.35
C LEU A 111 3.88 -8.08 -5.34
N GLN A 112 3.88 -9.35 -4.94
CA GLN A 112 2.65 -10.12 -4.88
C GLN A 112 1.49 -9.28 -4.37
N ILE A 113 1.67 -8.66 -3.21
CA ILE A 113 0.63 -7.82 -2.62
C ILE A 113 0.42 -6.56 -3.44
N PHE A 114 1.52 -5.99 -3.94
CA PHE A 114 1.44 -4.78 -4.74
C PHE A 114 0.44 -4.94 -5.88
N ASN A 115 0.50 -6.08 -6.55
CA ASN A 115 -0.41 -6.36 -7.67
C ASN A 115 -1.76 -6.83 -7.16
N LEU A 116 -1.77 -7.46 -5.99
CA LEU A 116 -3.00 -7.95 -5.39
C LEU A 116 -4.03 -6.84 -5.24
N MET A 117 -3.65 -5.81 -4.50
CA MET A 117 -4.53 -4.67 -4.27
C MET A 117 -4.77 -3.90 -5.56
N LYS A 118 -3.69 -3.52 -6.23
CA LYS A 118 -3.79 -2.78 -7.48
C LYS A 118 -4.85 -3.38 -8.39
N PHE A 119 -5.20 -4.63 -8.14
CA PHE A 119 -6.21 -5.33 -8.94
C PHE A 119 -7.42 -5.68 -8.08
N ASP A 120 -7.22 -5.72 -6.76
CA ASP A 120 -8.29 -6.06 -5.84
C ASP A 120 -8.90 -4.79 -5.24
N SER A 121 -8.10 -4.06 -4.48
CA SER A 121 -8.56 -2.82 -3.86
C SER A 121 -8.63 -1.68 -4.87
N TYR A 122 -7.48 -1.27 -5.36
CA TYR A 122 -7.40 -0.19 -6.34
C TYR A 122 -8.59 -0.23 -7.28
N THR A 123 -8.96 -1.43 -7.71
CA THR A 123 -10.09 -1.60 -8.63
C THR A 123 -11.39 -1.15 -7.99
N ARG A 124 -11.77 -1.81 -6.90
CA ARG A 124 -13.00 -1.47 -6.18
C ARG A 124 -12.99 -0.01 -5.76
N PHE A 125 -11.84 0.45 -5.26
CA PHE A 125 -11.71 1.83 -4.82
C PHE A 125 -12.36 2.80 -5.80
N LEU A 126 -12.18 2.52 -7.08
CA LEU A 126 -12.75 3.37 -8.13
C LEU A 126 -14.25 3.10 -8.29
N LYS A 127 -14.63 1.84 -8.14
CA LYS A 127 -16.03 1.45 -8.26
C LYS A 127 -16.87 2.06 -7.15
N SER A 128 -16.26 2.23 -5.98
CA SER A 128 -16.96 2.81 -4.84
C SER A 128 -17.18 4.30 -5.03
N PRO A 129 -18.21 4.84 -4.38
CA PRO A 129 -18.56 6.26 -4.46
C PRO A 129 -17.54 7.14 -3.77
N LEU A 130 -16.75 6.55 -2.88
CA LEU A 130 -15.73 7.30 -2.14
C LEU A 130 -14.81 8.04 -3.10
N TYR A 131 -14.18 7.30 -4.01
CA TYR A 131 -13.28 7.89 -4.98
C TYR A 131 -13.92 9.07 -5.68
N GLN A 132 -15.17 8.89 -6.11
CA GLN A 132 -15.90 9.96 -6.80
C GLN A 132 -15.89 11.24 -5.99
N GLU A 133 -16.02 11.11 -4.67
CA GLU A 133 -16.03 12.27 -3.78
C GLU A 133 -15.04 13.33 -4.27
N CYS A 134 -13.78 12.91 -4.45
CA CYS A 134 -12.75 13.83 -4.90
C CYS A 134 -13.00 14.27 -6.34
N ILE A 135 -13.41 13.32 -7.18
CA ILE A 135 -13.69 13.61 -8.58
C ILE A 135 -14.66 14.78 -8.73
N LEU A 136 -15.84 14.63 -8.13
CA LEU A 136 -16.86 15.66 -8.18
C LEU A 136 -16.27 17.03 -7.84
N ALA A 137 -15.42 17.05 -6.82
CA ALA A 137 -14.77 18.29 -6.39
C ALA A 137 -13.80 18.80 -7.43
N GLU A 138 -13.17 17.88 -8.15
CA GLU A 138 -12.21 18.25 -9.19
C GLU A 138 -12.93 18.77 -10.44
N VAL A 139 -13.93 18.03 -10.88
CA VAL A 139 -14.70 18.42 -12.06
C VAL A 139 -15.53 19.67 -11.79
N GLU A 140 -15.97 19.82 -10.54
CA GLU A 140 -16.77 20.97 -10.15
C GLU A 140 -15.88 22.16 -9.77
N GLY A 141 -14.88 21.90 -8.93
CA GLY A 141 -13.98 22.95 -8.49
C GLY A 141 -14.10 23.25 -7.01
N ARG A 142 -14.29 22.21 -6.22
CA ARG A 142 -14.43 22.37 -4.78
C ARG A 142 -13.30 21.65 -4.04
N ALA A 143 -13.18 21.94 -2.74
CA ALA A 143 -12.15 21.32 -1.92
C ALA A 143 -12.44 19.84 -1.70
N LEU A 144 -11.39 19.07 -1.42
CA LEU A 144 -11.53 17.63 -1.19
C LEU A 144 -11.98 17.35 0.23
N PRO A 145 -12.91 16.40 0.38
CA PRO A 145 -13.44 16.01 1.69
C PRO A 145 -12.42 15.29 2.55
N ASP A 146 -12.77 15.03 3.81
CA ASP A 146 -11.88 14.35 4.73
C ASP A 146 -12.16 12.84 4.75
N SER A 147 -11.23 12.06 4.22
CA SER A 147 -11.38 10.61 4.17
C SER A 147 -12.10 10.11 5.42
N GLN A 148 -11.60 10.49 6.58
CA GLN A 148 -12.19 10.07 7.85
C GLN A 148 -13.67 10.45 7.91
N GLN A 149 -13.96 11.72 7.65
CA GLN A 149 -15.33 12.21 7.68
C GLN A 149 -16.27 11.25 6.96
N VAL A 150 -15.83 10.74 5.80
CA VAL A 150 -16.63 9.81 5.02
C VAL A 150 -17.10 8.64 5.88
N PRO A 151 -18.42 8.43 5.91
CA PRO A 151 -19.03 7.34 6.69
C PRO A 151 -18.72 5.97 6.10
N SER A 152 -19.16 4.92 6.79
CA SER A 152 -18.94 3.55 6.34
C SER A 152 -20.12 3.06 5.51
N SER A 153 -19.89 1.99 4.75
CA SER A 153 -20.94 1.41 3.90
C SER A 153 -20.94 -0.11 4.00
N PRO A 154 -22.10 -0.67 4.34
CA PRO A 154 -22.27 -2.13 4.48
C PRO A 154 -22.20 -2.85 3.14
N ALA A 155 -22.45 -4.15 3.16
CA ALA A 155 -22.40 -4.95 1.94
C ALA A 155 -23.53 -4.55 0.99
N GLY A 1 10.49 17.88 -14.25
CA GLY A 1 11.76 18.55 -14.46
C GLY A 1 11.63 19.84 -15.22
N SER A 2 10.90 20.79 -14.64
CA SER A 2 10.69 22.09 -15.27
C SER A 2 10.55 23.19 -14.23
N SER A 3 11.26 24.29 -14.45
CA SER A 3 11.22 25.42 -13.52
C SER A 3 10.14 26.42 -13.92
N GLY A 4 9.50 27.01 -12.92
CA GLY A 4 8.44 27.98 -13.18
C GLY A 4 7.25 27.36 -13.89
N SER A 5 6.49 26.55 -13.17
CA SER A 5 5.32 25.88 -13.74
C SER A 5 4.04 26.55 -13.27
N SER A 6 3.05 26.62 -14.16
CA SER A 6 1.77 27.24 -13.83
C SER A 6 0.76 26.18 -13.39
N GLY A 7 0.58 25.16 -14.22
CA GLY A 7 -0.35 24.10 -13.90
C GLY A 7 0.22 22.72 -14.16
N ARG A 8 -0.22 21.74 -13.37
CA ARG A 8 0.26 20.38 -13.53
C ARG A 8 -0.91 19.39 -13.61
N GLU A 9 -0.63 18.17 -14.02
CA GLU A 9 -1.65 17.14 -14.15
C GLU A 9 -2.38 16.93 -12.82
N ARG A 10 -3.69 16.71 -12.90
CA ARG A 10 -4.50 16.50 -11.71
C ARG A 10 -3.90 15.40 -10.83
N ARG A 11 -4.05 15.55 -9.52
CA ARG A 11 -3.53 14.57 -8.57
C ARG A 11 -4.59 13.54 -8.22
N VAL A 12 -5.83 13.99 -8.06
CA VAL A 12 -6.94 13.10 -7.72
C VAL A 12 -7.12 12.03 -8.79
N ALA A 13 -7.11 12.45 -10.05
CA ALA A 13 -7.27 11.53 -11.17
C ALA A 13 -6.05 10.64 -11.33
N SER A 14 -4.88 11.19 -11.05
CA SER A 14 -3.62 10.45 -11.16
C SER A 14 -3.71 9.13 -10.41
N TRP A 15 -4.53 9.10 -9.36
CA TRP A 15 -4.70 7.90 -8.56
C TRP A 15 -5.58 6.88 -9.27
N ALA A 16 -5.86 7.14 -10.55
CA ALA A 16 -6.68 6.24 -11.35
C ALA A 16 -5.90 5.70 -12.54
N VAL A 17 -4.95 6.49 -13.04
CA VAL A 17 -4.13 6.08 -14.16
C VAL A 17 -3.35 4.82 -13.85
N SER A 18 -2.89 4.71 -12.62
CA SER A 18 -2.12 3.55 -12.18
C SER A 18 -1.90 3.58 -10.67
N PHE A 19 -1.62 2.40 -10.10
CA PHE A 19 -1.38 2.28 -8.67
C PHE A 19 -0.25 3.20 -8.22
N GLU A 20 0.82 3.22 -9.01
CA GLU A 20 1.99 4.04 -8.70
C GLU A 20 1.56 5.48 -8.41
N ARG A 21 0.98 6.13 -9.40
CA ARG A 21 0.53 7.51 -9.25
C ARG A 21 -0.25 7.69 -7.94
N LEU A 22 -1.10 6.73 -7.63
CA LEU A 22 -1.90 6.78 -6.41
C LEU A 22 -1.01 6.80 -5.17
N LEU A 23 0.01 5.94 -5.18
CA LEU A 23 0.94 5.86 -4.06
C LEU A 23 1.83 7.11 -3.99
N GLN A 24 2.48 7.42 -5.10
CA GLN A 24 3.36 8.58 -5.16
C GLN A 24 2.82 9.72 -4.30
N ASP A 25 1.60 10.15 -4.57
CA ASP A 25 0.97 11.22 -3.82
C ASP A 25 0.45 10.71 -2.48
N PRO A 26 0.74 11.47 -1.41
CA PRO A 26 0.31 11.11 -0.05
C PRO A 26 -1.20 11.24 0.13
N VAL A 27 -1.82 12.11 -0.66
CA VAL A 27 -3.26 12.33 -0.58
C VAL A 27 -4.02 11.11 -1.09
N GLY A 28 -3.60 10.59 -2.23
CA GLY A 28 -4.25 9.43 -2.81
C GLY A 28 -4.30 8.25 -1.85
N VAL A 29 -3.13 7.84 -1.37
CA VAL A 29 -3.04 6.72 -0.44
C VAL A 29 -4.02 6.89 0.73
N ARG A 30 -4.03 8.08 1.32
CA ARG A 30 -4.90 8.36 2.44
C ARG A 30 -6.28 7.74 2.22
N TYR A 31 -6.97 8.19 1.18
CA TYR A 31 -8.30 7.67 0.87
C TYR A 31 -8.26 6.16 0.66
N PHE A 32 -7.25 5.69 -0.05
CA PHE A 32 -7.11 4.26 -0.32
C PHE A 32 -7.19 3.46 0.97
N SER A 33 -6.27 3.74 1.89
CA SER A 33 -6.23 3.03 3.17
C SER A 33 -7.63 2.92 3.76
N ASP A 34 -8.35 4.03 3.80
CA ASP A 34 -9.71 4.05 4.34
C ASP A 34 -10.55 2.93 3.76
N PHE A 35 -10.62 2.89 2.43
CA PHE A 35 -11.39 1.86 1.73
C PHE A 35 -11.05 0.47 2.26
N LEU A 36 -9.75 0.20 2.38
CA LEU A 36 -9.28 -1.09 2.88
C LEU A 36 -9.91 -1.42 4.23
N ARG A 37 -9.88 -0.45 5.13
CA ARG A 37 -10.45 -0.63 6.47
C ARG A 37 -11.89 -1.11 6.38
N LYS A 38 -12.61 -0.65 5.36
CA LYS A 38 -14.00 -1.03 5.17
C LYS A 38 -14.17 -2.54 5.31
N GLU A 39 -13.24 -3.30 4.74
CA GLU A 39 -13.30 -4.75 4.81
C GLU A 39 -12.16 -5.30 5.66
N PHE A 40 -11.50 -4.41 6.41
CA PHE A 40 -10.39 -4.81 7.26
C PHE A 40 -9.25 -5.39 6.43
N SER A 41 -8.94 -4.73 5.32
CA SER A 41 -7.86 -5.19 4.44
C SER A 41 -6.63 -4.29 4.59
N GLU A 42 -6.58 -3.54 5.68
CA GLU A 42 -5.45 -2.65 5.94
C GLU A 42 -4.13 -3.41 5.92
N GLU A 43 -4.05 -4.45 6.75
CA GLU A 43 -2.84 -5.27 6.84
C GLU A 43 -2.19 -5.41 5.47
N ASN A 44 -3.03 -5.54 4.44
CA ASN A 44 -2.54 -5.69 3.07
C ASN A 44 -1.55 -4.58 2.72
N ILE A 45 -2.02 -3.34 2.79
CA ILE A 45 -1.18 -2.19 2.48
C ILE A 45 -0.01 -2.07 3.46
N LEU A 46 -0.24 -2.51 4.70
CA LEU A 46 0.79 -2.46 5.73
C LEU A 46 2.00 -3.29 5.33
N PHE A 47 1.74 -4.48 4.79
CA PHE A 47 2.81 -5.38 4.37
C PHE A 47 3.65 -4.73 3.26
N TRP A 48 2.98 -4.24 2.24
CA TRP A 48 3.65 -3.60 1.12
C TRP A 48 4.52 -2.43 1.59
N GLN A 49 3.88 -1.46 2.25
CA GLN A 49 4.60 -0.30 2.76
C GLN A 49 5.87 -0.71 3.49
N ALA A 50 5.72 -1.59 4.47
CA ALA A 50 6.86 -2.07 5.25
C ALA A 50 7.99 -2.52 4.33
N CYS A 51 7.65 -3.37 3.36
CA CYS A 51 8.66 -3.87 2.42
C CYS A 51 9.39 -2.73 1.73
N GLU A 52 8.63 -1.82 1.14
CA GLU A 52 9.22 -0.68 0.44
C GLU A 52 10.43 -0.15 1.19
N TYR A 53 10.25 0.14 2.47
CA TYR A 53 11.33 0.64 3.31
C TYR A 53 12.48 -0.35 3.39
N PHE A 54 12.14 -1.63 3.45
CA PHE A 54 13.14 -2.69 3.52
C PHE A 54 13.98 -2.75 2.24
N ASN A 55 13.48 -2.08 1.20
CA ASN A 55 14.17 -2.07 -0.09
C ASN A 55 15.31 -1.05 -0.07
N HIS A 56 15.08 0.08 0.58
CA HIS A 56 16.09 1.12 0.68
C HIS A 56 17.40 0.58 1.23
N VAL A 57 17.32 -0.08 2.38
CA VAL A 57 18.50 -0.66 3.01
C VAL A 57 19.28 -1.53 2.04
N PRO A 58 20.60 -1.29 1.94
CA PRO A 58 21.48 -2.04 1.05
C PRO A 58 21.68 -3.48 1.51
N ALA A 59 22.50 -4.23 0.78
CA ALA A 59 22.77 -5.61 1.12
C ALA A 59 23.89 -5.72 2.15
N HIS A 60 24.69 -4.66 2.27
CA HIS A 60 25.78 -4.63 3.23
C HIS A 60 25.27 -4.38 4.64
N ASP A 61 24.30 -3.48 4.75
CA ASP A 61 23.71 -3.14 6.05
C ASP A 61 22.93 -4.31 6.62
N LYS A 62 23.53 -5.02 7.57
CA LYS A 62 22.89 -6.17 8.20
C LYS A 62 22.12 -5.75 9.44
N LYS A 63 22.78 -5.00 10.31
CA LYS A 63 22.14 -4.52 11.54
C LYS A 63 20.67 -4.22 11.31
N GLU A 64 20.36 -3.66 10.14
CA GLU A 64 18.98 -3.32 9.81
C GLU A 64 18.24 -4.53 9.25
N LEU A 65 18.64 -4.98 8.07
CA LEU A 65 18.01 -6.13 7.43
C LEU A 65 17.65 -7.19 8.47
N SER A 66 18.66 -7.70 9.17
CA SER A 66 18.44 -8.72 10.18
C SER A 66 17.20 -8.40 11.00
N TYR A 67 17.02 -7.14 11.34
CA TYR A 67 15.87 -6.70 12.13
C TYR A 67 14.63 -6.58 11.27
N ARG A 68 14.72 -5.73 10.24
CA ARG A 68 13.60 -5.51 9.33
C ARG A 68 13.07 -6.83 8.80
N ALA A 69 13.93 -7.58 8.11
CA ALA A 69 13.55 -8.87 7.54
C ALA A 69 12.74 -9.68 8.53
N ARG A 70 13.36 -10.05 9.64
CA ARG A 70 12.70 -10.83 10.68
C ARG A 70 11.39 -10.17 11.10
N GLU A 71 11.47 -8.88 11.42
CA GLU A 71 10.29 -8.13 11.85
C GLU A 71 9.14 -8.31 10.86
N ILE A 72 9.30 -7.76 9.66
CA ILE A 72 8.28 -7.86 8.64
C ILE A 72 7.66 -9.26 8.60
N PHE A 73 8.51 -10.27 8.70
CA PHE A 73 8.05 -11.65 8.69
C PHE A 73 7.24 -11.97 9.95
N SER A 74 7.92 -12.02 11.09
CA SER A 74 7.27 -12.31 12.36
C SER A 74 6.10 -11.36 12.60
N LYS A 75 5.96 -10.37 11.73
CA LYS A 75 4.88 -9.40 11.84
C LYS A 75 3.71 -9.78 10.94
N PHE A 76 3.97 -9.91 9.65
CA PHE A 76 2.95 -10.27 8.68
C PHE A 76 3.01 -11.77 8.35
N LEU A 77 4.20 -12.24 7.99
CA LEU A 77 4.39 -13.65 7.65
C LEU A 77 4.97 -14.41 8.84
N CYS A 78 4.12 -15.15 9.53
CA CYS A 78 4.55 -15.94 10.69
C CYS A 78 3.42 -16.86 11.17
N SER A 79 3.72 -17.66 12.19
CA SER A 79 2.74 -18.59 12.74
C SER A 79 1.76 -17.86 13.65
N LYS A 80 2.26 -16.86 14.37
CA LYS A 80 1.42 -16.08 15.27
C LYS A 80 1.34 -14.63 14.83
N ALA A 81 1.68 -14.38 13.57
CA ALA A 81 1.64 -13.03 13.02
C ALA A 81 0.28 -12.37 13.26
N THR A 82 0.29 -11.28 14.02
CA THR A 82 -0.94 -10.56 14.33
C THR A 82 -1.92 -10.63 13.16
N THR A 83 -1.56 -10.02 12.04
CA THR A 83 -2.40 -10.00 10.86
C THR A 83 -1.63 -10.48 9.63
N PRO A 84 -1.87 -11.74 9.23
CA PRO A 84 -1.21 -12.33 8.06
C PRO A 84 -1.69 -11.73 6.75
N VAL A 85 -0.93 -11.95 5.68
CA VAL A 85 -1.28 -11.42 4.37
C VAL A 85 -1.50 -12.55 3.38
N ASN A 86 -2.32 -12.29 2.37
CA ASN A 86 -2.63 -13.28 1.34
C ASN A 86 -1.40 -14.15 1.05
N ILE A 87 -0.24 -13.51 0.95
CA ILE A 87 1.00 -14.23 0.69
C ILE A 87 1.20 -15.37 1.67
N ASP A 88 1.79 -16.46 1.19
CA ASP A 88 2.04 -17.63 2.02
C ASP A 88 3.52 -17.73 2.39
N SER A 89 3.80 -17.78 3.70
CA SER A 89 5.17 -17.87 4.17
C SER A 89 5.80 -19.20 3.78
N GLN A 90 4.99 -20.09 3.22
CA GLN A 90 5.47 -21.40 2.79
C GLN A 90 6.59 -21.26 1.77
N ALA A 91 6.86 -20.03 1.35
CA ALA A 91 7.91 -19.77 0.37
C ALA A 91 9.29 -19.85 1.02
N GLN A 92 9.34 -20.44 2.20
CA GLN A 92 10.61 -20.57 2.92
C GLN A 92 11.34 -19.24 3.00
N LEU A 93 10.57 -18.16 3.13
CA LEU A 93 11.15 -16.82 3.22
C LEU A 93 11.95 -16.66 4.50
N ALA A 94 11.39 -17.12 5.61
CA ALA A 94 12.06 -17.03 6.91
C ALA A 94 13.46 -17.61 6.83
N ASP A 95 13.55 -18.92 6.71
CA ASP A 95 14.84 -19.61 6.62
C ASP A 95 15.87 -18.73 5.91
N ASP A 96 15.39 -17.92 4.97
CA ASP A 96 16.28 -17.04 4.21
C ASP A 96 16.52 -15.73 4.97
N VAL A 97 15.43 -15.07 5.35
CA VAL A 97 15.53 -13.81 6.07
C VAL A 97 16.09 -14.02 7.48
N LEU A 98 16.25 -15.29 7.86
CA LEU A 98 16.78 -15.63 9.18
C LEU A 98 18.28 -15.92 9.10
N ARG A 99 18.66 -16.79 8.18
CA ARG A 99 20.07 -17.14 8.01
C ARG A 99 20.82 -16.06 7.25
N ALA A 100 20.20 -15.57 6.18
CA ALA A 100 20.81 -14.51 5.36
C ALA A 100 19.75 -13.76 4.57
N PRO A 101 19.40 -12.55 5.04
CA PRO A 101 18.40 -11.71 4.39
C PRO A 101 18.89 -11.15 3.06
N HIS A 102 18.00 -10.49 2.33
CA HIS A 102 18.34 -9.91 1.05
C HIS A 102 17.36 -8.80 0.67
N PRO A 103 17.90 -7.60 0.40
CA PRO A 103 17.09 -6.43 0.02
C PRO A 103 16.46 -6.58 -1.36
N ASP A 104 16.90 -7.60 -2.09
CA ASP A 104 16.38 -7.85 -3.43
C ASP A 104 15.69 -9.21 -3.50
N MET A 105 15.35 -9.75 -2.33
CA MET A 105 14.69 -11.05 -2.26
C MET A 105 13.19 -10.88 -1.97
N PHE A 106 12.86 -9.93 -1.10
CA PHE A 106 11.48 -9.67 -0.73
C PHE A 106 10.70 -9.12 -1.92
N LYS A 107 11.34 -8.26 -2.69
CA LYS A 107 10.71 -7.66 -3.87
C LYS A 107 9.71 -8.62 -4.49
N GLU A 108 10.17 -9.82 -4.82
CA GLU A 108 9.31 -10.84 -5.43
C GLU A 108 8.02 -10.99 -4.65
N GLN A 109 8.15 -11.24 -3.35
CA GLN A 109 6.98 -11.42 -2.48
C GLN A 109 6.18 -10.13 -2.38
N GLN A 110 6.88 -9.03 -2.07
CA GLN A 110 6.23 -7.73 -1.94
C GLN A 110 5.34 -7.44 -3.15
N LEU A 111 5.87 -7.70 -4.34
CA LEU A 111 5.13 -7.47 -5.57
C LEU A 111 3.75 -8.13 -5.52
N GLN A 112 3.70 -9.29 -4.86
CA GLN A 112 2.44 -10.03 -4.74
C GLN A 112 1.30 -9.10 -4.33
N ILE A 113 1.50 -8.40 -3.21
CA ILE A 113 0.48 -7.48 -2.71
C ILE A 113 0.22 -6.35 -3.70
N PHE A 114 1.30 -5.86 -4.31
CA PHE A 114 1.20 -4.78 -5.29
C PHE A 114 0.14 -5.09 -6.34
N ASN A 115 0.34 -6.19 -7.06
CA ASN A 115 -0.59 -6.60 -8.10
C ASN A 115 -1.93 -7.01 -7.50
N LEU A 116 -1.88 -7.76 -6.41
CA LEU A 116 -3.09 -8.22 -5.73
C LEU A 116 -4.11 -7.09 -5.61
N MET A 117 -3.73 -6.03 -4.90
CA MET A 117 -4.62 -4.89 -4.71
C MET A 117 -4.86 -4.17 -6.03
N LYS A 118 -3.79 -3.90 -6.77
CA LYS A 118 -3.89 -3.22 -8.06
C LYS A 118 -5.07 -3.76 -8.87
N PHE A 119 -5.46 -5.00 -8.57
CA PHE A 119 -6.58 -5.63 -9.26
C PHE A 119 -7.72 -5.94 -8.30
N ASP A 120 -7.41 -5.94 -7.00
CA ASP A 120 -8.40 -6.23 -5.98
C ASP A 120 -9.00 -4.93 -5.42
N SER A 121 -8.18 -4.18 -4.70
CA SER A 121 -8.63 -2.93 -4.10
C SER A 121 -8.61 -1.80 -5.13
N TYR A 122 -7.44 -1.51 -5.67
CA TYR A 122 -7.29 -0.45 -6.67
C TYR A 122 -8.51 -0.40 -7.58
N THR A 123 -8.98 -1.57 -8.00
CA THR A 123 -10.13 -1.66 -8.87
C THR A 123 -11.40 -1.16 -8.18
N ARG A 124 -11.79 -1.86 -7.11
CA ARG A 124 -12.99 -1.48 -6.36
C ARG A 124 -12.93 -0.01 -5.95
N PHE A 125 -11.82 0.38 -5.34
CA PHE A 125 -11.64 1.76 -4.89
C PHE A 125 -12.30 2.73 -5.86
N LEU A 126 -12.14 2.47 -7.16
CA LEU A 126 -12.72 3.32 -8.20
C LEU A 126 -14.20 3.03 -8.37
N LYS A 127 -14.57 1.76 -8.26
CA LYS A 127 -15.95 1.34 -8.41
C LYS A 127 -16.82 1.91 -7.29
N SER A 128 -16.22 2.05 -6.11
CA SER A 128 -16.94 2.58 -4.95
C SER A 128 -17.17 4.09 -5.11
N PRO A 129 -18.23 4.59 -4.45
CA PRO A 129 -18.59 6.01 -4.50
C PRO A 129 -17.59 6.89 -3.75
N LEU A 130 -16.96 6.31 -2.73
CA LEU A 130 -15.98 7.04 -1.93
C LEU A 130 -15.05 7.86 -2.82
N TYR A 131 -14.26 7.17 -3.64
CA TYR A 131 -13.34 7.84 -4.54
C TYR A 131 -13.98 9.06 -5.19
N GLN A 132 -15.02 8.82 -5.97
CA GLN A 132 -15.73 9.90 -6.66
C GLN A 132 -15.74 11.17 -5.80
N GLU A 133 -16.02 10.99 -4.50
CA GLU A 133 -16.07 12.12 -3.58
C GLU A 133 -14.94 13.11 -3.87
N CYS A 134 -13.73 12.60 -4.00
CA CYS A 134 -12.57 13.43 -4.27
C CYS A 134 -12.55 13.88 -5.72
N ILE A 135 -13.12 13.05 -6.60
CA ILE A 135 -13.17 13.37 -8.02
C ILE A 135 -14.03 14.60 -8.29
N LEU A 136 -15.25 14.58 -7.75
CA LEU A 136 -16.18 15.69 -7.93
C LEU A 136 -15.50 17.02 -7.58
N ALA A 137 -14.82 17.06 -6.44
CA ALA A 137 -14.14 18.27 -5.99
C ALA A 137 -13.08 18.70 -7.02
N GLU A 138 -12.42 17.72 -7.63
CA GLU A 138 -11.40 18.01 -8.63
C GLU A 138 -12.01 18.50 -9.92
N VAL A 139 -12.86 17.67 -10.52
CA VAL A 139 -13.53 18.03 -11.76
C VAL A 139 -14.33 19.32 -11.62
N GLU A 140 -14.87 19.54 -10.43
CA GLU A 140 -15.65 20.74 -10.15
C GLU A 140 -14.74 21.91 -9.77
N GLY A 141 -13.99 21.74 -8.68
CA GLY A 141 -13.10 22.78 -8.22
C GLY A 141 -13.32 23.14 -6.77
N ARG A 142 -13.58 22.14 -5.95
CA ARG A 142 -13.83 22.36 -4.53
C ARG A 142 -12.80 21.60 -3.68
N ALA A 143 -12.85 21.83 -2.37
CA ALA A 143 -11.93 21.17 -1.45
C ALA A 143 -12.31 19.70 -1.25
N LEU A 144 -11.31 18.84 -1.18
CA LEU A 144 -11.54 17.41 -0.98
C LEU A 144 -12.14 17.14 0.40
N PRO A 145 -13.11 16.21 0.44
CA PRO A 145 -13.79 15.84 1.69
C PRO A 145 -12.87 15.07 2.63
N ASP A 146 -13.40 14.69 3.79
CA ASP A 146 -12.62 13.94 4.78
C ASP A 146 -13.01 12.46 4.75
N SER A 147 -12.04 11.62 4.42
CA SER A 147 -12.28 10.17 4.36
C SER A 147 -13.16 9.72 5.52
N GLN A 148 -12.93 10.31 6.69
CA GLN A 148 -13.70 9.96 7.88
C GLN A 148 -15.15 10.39 7.73
N GLN A 149 -15.36 11.63 7.30
CA GLN A 149 -16.71 12.16 7.12
C GLN A 149 -17.65 11.09 6.56
N VAL A 150 -17.30 10.58 5.38
CA VAL A 150 -18.10 9.55 4.73
C VAL A 150 -17.98 8.21 5.45
N PRO A 151 -19.11 7.69 5.94
CA PRO A 151 -19.15 6.41 6.66
C PRO A 151 -18.89 5.22 5.75
N SER A 152 -18.75 4.04 6.34
CA SER A 152 -18.49 2.84 5.58
C SER A 152 -19.28 2.83 4.27
N SER A 153 -20.58 3.12 4.37
CA SER A 153 -21.44 3.15 3.19
C SER A 153 -21.45 1.80 2.49
N PRO A 154 -21.65 0.73 3.27
CA PRO A 154 -21.70 -0.63 2.75
C PRO A 154 -22.95 -0.90 1.92
N ALA A 155 -23.08 -2.12 1.42
CA ALA A 155 -24.22 -2.51 0.61
C ALA A 155 -25.42 -2.84 1.49
N GLY A 1 8.69 19.69 5.98
CA GLY A 1 9.17 20.61 4.97
C GLY A 1 8.28 20.61 3.74
N SER A 2 8.24 21.75 3.05
CA SER A 2 7.42 21.89 1.85
C SER A 2 7.91 20.95 0.75
N SER A 3 7.15 19.88 0.53
CA SER A 3 7.51 18.90 -0.49
C SER A 3 6.98 19.32 -1.86
N GLY A 4 7.78 19.08 -2.88
CA GLY A 4 7.37 19.44 -4.24
C GLY A 4 6.08 18.79 -4.65
N SER A 5 4.95 19.40 -4.30
CA SER A 5 3.63 18.86 -4.64
C SER A 5 3.12 19.49 -5.93
N SER A 6 2.05 18.89 -6.47
CA SER A 6 1.45 19.38 -7.70
C SER A 6 0.15 20.13 -7.42
N GLY A 7 -0.01 21.28 -8.05
CA GLY A 7 -1.20 22.08 -7.86
C GLY A 7 -2.05 22.16 -9.11
N ARG A 8 -1.46 22.67 -10.19
CA ARG A 8 -2.18 22.81 -11.46
C ARG A 8 -2.51 21.44 -12.04
N GLU A 9 -1.57 20.50 -11.94
CA GLU A 9 -1.77 19.16 -12.46
C GLU A 9 -2.91 18.46 -11.73
N ARG A 10 -3.20 17.23 -12.14
CA ARG A 10 -4.28 16.45 -11.53
C ARG A 10 -3.71 15.24 -10.77
N ARG A 11 -3.85 15.27 -9.44
CA ARG A 11 -3.36 14.20 -8.61
C ARG A 11 -4.44 13.14 -8.37
N VAL A 12 -5.65 13.61 -8.06
CA VAL A 12 -6.77 12.72 -7.80
C VAL A 12 -6.97 11.75 -8.97
N ALA A 13 -7.01 12.29 -10.18
CA ALA A 13 -7.18 11.47 -11.37
C ALA A 13 -6.00 10.54 -11.59
N SER A 14 -4.80 11.05 -11.32
CA SER A 14 -3.57 10.27 -11.49
C SER A 14 -3.70 8.92 -10.81
N TRP A 15 -4.58 8.83 -9.82
CA TRP A 15 -4.79 7.59 -9.08
C TRP A 15 -5.60 6.60 -9.92
N ALA A 16 -5.82 6.94 -11.19
CA ALA A 16 -6.58 6.08 -12.09
C ALA A 16 -5.70 5.59 -13.24
N VAL A 17 -4.72 6.40 -13.61
CA VAL A 17 -3.81 6.05 -14.70
C VAL A 17 -2.97 4.83 -14.34
N SER A 18 -2.61 4.71 -13.07
CA SER A 18 -1.81 3.58 -12.60
C SER A 18 -1.81 3.51 -11.07
N PHE A 19 -1.47 2.35 -10.55
CA PHE A 19 -1.43 2.15 -9.09
C PHE A 19 -0.36 3.04 -8.45
N GLU A 20 0.87 2.91 -8.92
CA GLU A 20 1.98 3.70 -8.39
C GLU A 20 1.55 5.16 -8.19
N ARG A 21 0.89 5.72 -9.20
CA ARG A 21 0.44 7.10 -9.14
C ARG A 21 -0.41 7.34 -7.89
N LEU A 22 -1.18 6.33 -7.50
CA LEU A 22 -2.04 6.43 -6.33
C LEU A 22 -1.22 6.37 -5.06
N LEU A 23 -0.21 5.50 -5.03
CA LEU A 23 0.65 5.35 -3.87
C LEU A 23 1.55 6.57 -3.70
N GLN A 24 2.36 6.84 -4.72
CA GLN A 24 3.28 7.98 -4.69
C GLN A 24 2.63 9.18 -4.00
N ASP A 25 1.35 9.39 -4.27
CA ASP A 25 0.62 10.49 -3.68
C ASP A 25 0.22 10.18 -2.24
N PRO A 26 0.45 11.14 -1.34
CA PRO A 26 0.12 10.99 0.09
C PRO A 26 -1.38 10.97 0.33
N VAL A 27 -2.12 11.75 -0.44
CA VAL A 27 -3.57 11.83 -0.30
C VAL A 27 -4.23 10.53 -0.78
N GLY A 28 -3.82 10.05 -1.94
CA GLY A 28 -4.38 8.83 -2.49
C GLY A 28 -4.30 7.68 -1.51
N VAL A 29 -3.18 7.57 -0.81
CA VAL A 29 -2.98 6.50 0.16
C VAL A 29 -3.93 6.65 1.35
N ARG A 30 -4.01 7.87 1.88
CA ARG A 30 -4.89 8.14 3.01
C ARG A 30 -6.28 7.56 2.78
N TYR A 31 -6.94 8.04 1.73
CA TYR A 31 -8.28 7.57 1.40
C TYR A 31 -8.29 6.06 1.13
N PHE A 32 -7.30 5.60 0.38
CA PHE A 32 -7.19 4.18 0.06
C PHE A 32 -7.22 3.33 1.32
N SER A 33 -6.25 3.55 2.21
CA SER A 33 -6.17 2.80 3.46
C SER A 33 -7.55 2.61 4.07
N ASP A 34 -8.36 3.68 4.05
CA ASP A 34 -9.70 3.64 4.60
C ASP A 34 -10.49 2.48 4.02
N PHE A 35 -10.64 2.48 2.70
CA PHE A 35 -11.38 1.42 2.01
C PHE A 35 -10.92 0.04 2.47
N LEU A 36 -9.60 -0.15 2.50
CA LEU A 36 -9.02 -1.41 2.92
C LEU A 36 -9.51 -1.81 4.32
N ARG A 37 -9.58 -0.82 5.21
CA ARG A 37 -10.02 -1.06 6.58
C ARG A 37 -11.49 -1.49 6.60
N LYS A 38 -12.25 -1.02 5.63
CA LYS A 38 -13.67 -1.36 5.53
C LYS A 38 -13.87 -2.87 5.59
N GLU A 39 -13.09 -3.60 4.79
CA GLU A 39 -13.18 -5.05 4.75
C GLU A 39 -12.12 -5.69 5.64
N PHE A 40 -11.56 -4.89 6.54
CA PHE A 40 -10.53 -5.38 7.45
C PHE A 40 -9.38 -6.02 6.70
N SER A 41 -8.94 -5.35 5.64
CA SER A 41 -7.83 -5.85 4.83
C SER A 41 -6.60 -4.97 4.96
N GLU A 42 -6.59 -4.13 6.00
CA GLU A 42 -5.47 -3.23 6.24
C GLU A 42 -4.15 -3.97 6.13
N GLU A 43 -4.05 -5.11 6.82
CA GLU A 43 -2.83 -5.91 6.79
C GLU A 43 -2.17 -5.86 5.41
N ASN A 44 -2.98 -5.88 4.37
CA ASN A 44 -2.48 -5.84 3.01
C ASN A 44 -1.53 -4.65 2.81
N ILE A 45 -2.04 -3.46 3.08
CA ILE A 45 -1.24 -2.25 2.94
C ILE A 45 -0.13 -2.19 3.98
N LEU A 46 -0.40 -2.77 5.14
CA LEU A 46 0.58 -2.80 6.23
C LEU A 46 1.86 -3.50 5.80
N PHE A 47 1.70 -4.70 5.23
CA PHE A 47 2.85 -5.47 4.77
C PHE A 47 3.62 -4.73 3.68
N TRP A 48 2.89 -4.29 2.65
CA TRP A 48 3.50 -3.56 1.55
C TRP A 48 4.29 -2.35 2.06
N GLN A 49 3.64 -1.55 2.89
CA GLN A 49 4.29 -0.35 3.44
C GLN A 49 5.62 -0.71 4.09
N ALA A 50 5.61 -1.74 4.92
CA ALA A 50 6.82 -2.19 5.60
C ALA A 50 7.92 -2.51 4.61
N CYS A 51 7.55 -3.18 3.51
CA CYS A 51 8.51 -3.55 2.48
C CYS A 51 9.16 -2.32 1.87
N GLU A 52 8.33 -1.39 1.42
CA GLU A 52 8.82 -0.16 0.80
C GLU A 52 9.98 0.43 1.60
N TYR A 53 9.80 0.53 2.91
CA TYR A 53 10.83 1.06 3.79
C TYR A 53 12.05 0.15 3.83
N PHE A 54 11.79 -1.15 3.96
CA PHE A 54 12.87 -2.14 4.01
C PHE A 54 13.76 -2.04 2.77
N ASN A 55 13.13 -1.93 1.60
CA ASN A 55 13.86 -1.83 0.35
C ASN A 55 14.87 -0.68 0.40
N HIS A 56 14.40 0.50 0.80
CA HIS A 56 15.25 1.67 0.89
C HIS A 56 16.58 1.33 1.56
N VAL A 57 16.50 0.59 2.66
CA VAL A 57 17.69 0.19 3.41
C VAL A 57 18.72 -0.45 2.48
N PRO A 58 19.99 -0.07 2.66
CA PRO A 58 21.10 -0.60 1.85
C PRO A 58 21.39 -2.07 2.16
N ALA A 59 21.90 -2.78 1.17
CA ALA A 59 22.23 -4.20 1.33
C ALA A 59 23.39 -4.38 2.31
N HIS A 60 24.45 -3.63 2.11
CA HIS A 60 25.63 -3.70 2.97
C HIS A 60 25.22 -3.64 4.44
N ASP A 61 24.13 -2.94 4.72
CA ASP A 61 23.64 -2.80 6.09
C ASP A 61 22.80 -4.02 6.48
N LYS A 62 23.36 -4.86 7.34
CA LYS A 62 22.67 -6.06 7.79
C LYS A 62 21.89 -5.77 9.08
N LYS A 63 22.51 -5.00 9.97
CA LYS A 63 21.87 -4.66 11.25
C LYS A 63 20.41 -4.25 11.03
N GLU A 64 20.19 -3.35 10.09
CA GLU A 64 18.83 -2.89 9.79
C GLU A 64 18.06 -3.94 9.01
N LEU A 65 18.62 -4.38 7.89
CA LEU A 65 17.98 -5.40 7.06
C LEU A 65 17.34 -6.48 7.91
N SER A 66 18.15 -7.12 8.76
CA SER A 66 17.66 -8.18 9.63
C SER A 66 16.46 -7.70 10.44
N TYR A 67 16.68 -6.66 11.25
CA TYR A 67 15.62 -6.11 12.09
C TYR A 67 14.28 -6.14 11.36
N ARG A 68 14.23 -5.48 10.20
CA ARG A 68 13.02 -5.42 9.40
C ARG A 68 12.71 -6.77 8.76
N ALA A 69 13.59 -7.19 7.85
CA ALA A 69 13.43 -8.47 7.16
C ALA A 69 12.75 -9.49 8.07
N ARG A 70 13.29 -9.66 9.28
CA ARG A 70 12.73 -10.62 10.23
C ARG A 70 11.41 -10.11 10.79
N GLU A 71 11.43 -8.90 11.35
CA GLU A 71 10.22 -8.31 11.92
C GLU A 71 9.04 -8.45 10.97
N ILE A 72 9.24 -8.05 9.72
CA ILE A 72 8.20 -8.13 8.71
C ILE A 72 7.61 -9.53 8.63
N PHE A 73 8.41 -10.47 8.12
CA PHE A 73 7.98 -11.85 8.00
C PHE A 73 7.53 -12.42 9.34
N SER A 74 8.11 -11.88 10.42
CA SER A 74 7.78 -12.33 11.76
C SER A 74 6.60 -11.54 12.32
N LYS A 75 6.07 -10.63 11.52
CA LYS A 75 4.93 -9.81 11.94
C LYS A 75 3.69 -10.17 11.14
N PHE A 76 3.88 -10.51 9.86
CA PHE A 76 2.78 -10.87 8.99
C PHE A 76 2.90 -12.32 8.52
N LEU A 77 4.14 -12.77 8.35
CA LEU A 77 4.40 -14.14 7.91
C LEU A 77 4.76 -15.04 9.08
N CYS A 78 4.29 -14.66 10.27
CA CYS A 78 4.56 -15.43 11.48
C CYS A 78 3.28 -16.05 12.03
N SER A 79 3.43 -16.97 12.97
CA SER A 79 2.28 -17.65 13.57
C SER A 79 1.43 -16.66 14.35
N LYS A 80 2.04 -15.99 15.32
CA LYS A 80 1.34 -15.01 16.14
C LYS A 80 1.22 -13.67 15.42
N ALA A 81 1.47 -13.69 14.11
CA ALA A 81 1.38 -12.48 13.31
C ALA A 81 0.04 -11.77 13.52
N THR A 82 0.09 -10.59 14.12
CA THR A 82 -1.11 -9.80 14.38
C THR A 82 -2.14 -10.00 13.27
N THR A 83 -1.67 -9.90 12.02
CA THR A 83 -2.56 -10.06 10.87
C THR A 83 -1.80 -10.65 9.68
N PRO A 84 -2.04 -11.94 9.41
CA PRO A 84 -1.40 -12.66 8.31
C PRO A 84 -1.89 -12.19 6.95
N VAL A 85 -0.98 -12.06 6.00
CA VAL A 85 -1.32 -11.61 4.66
C VAL A 85 -1.61 -12.80 3.74
N ASN A 86 -1.98 -12.50 2.50
CA ASN A 86 -2.28 -13.55 1.53
C ASN A 86 -1.04 -14.37 1.20
N ILE A 87 0.11 -13.70 1.19
CA ILE A 87 1.37 -14.37 0.89
C ILE A 87 1.57 -15.60 1.76
N ASP A 88 2.21 -16.62 1.20
CA ASP A 88 2.47 -17.85 1.93
C ASP A 88 3.96 -18.06 2.16
N SER A 89 4.34 -18.33 3.40
CA SER A 89 5.73 -18.54 3.75
C SER A 89 6.22 -19.90 3.26
N GLN A 90 5.42 -20.53 2.41
CA GLN A 90 5.77 -21.84 1.86
C GLN A 90 6.78 -21.70 0.73
N ALA A 91 7.40 -20.53 0.64
CA ALA A 91 8.40 -20.27 -0.39
C ALA A 91 9.81 -20.37 0.17
N GLN A 92 9.94 -21.01 1.32
CA GLN A 92 11.24 -21.16 1.96
C GLN A 92 11.98 -19.83 2.03
N LEU A 93 11.22 -18.75 2.17
CA LEU A 93 11.81 -17.42 2.24
C LEU A 93 12.43 -17.17 3.61
N ALA A 94 11.75 -17.62 4.65
CA ALA A 94 12.24 -17.45 6.01
C ALA A 94 13.67 -17.95 6.15
N ASP A 95 13.87 -19.25 5.93
CA ASP A 95 15.19 -19.84 6.03
C ASP A 95 16.24 -18.94 5.37
N ASP A 96 15.79 -18.05 4.51
CA ASP A 96 16.68 -17.13 3.81
C ASP A 96 16.75 -15.79 4.54
N VAL A 97 15.68 -15.01 4.45
CA VAL A 97 15.62 -13.70 5.09
C VAL A 97 16.13 -13.78 6.53
N LEU A 98 15.91 -14.92 7.16
CA LEU A 98 16.35 -15.11 8.54
C LEU A 98 17.87 -15.18 8.63
N ARG A 99 18.47 -16.00 7.76
CA ARG A 99 19.92 -16.16 7.73
C ARG A 99 20.59 -14.94 7.09
N ALA A 100 20.05 -14.52 5.95
CA ALA A 100 20.60 -13.38 5.23
C ALA A 100 19.53 -12.72 4.37
N PRO A 101 19.04 -11.55 4.80
CA PRO A 101 18.01 -10.80 4.08
C PRO A 101 18.54 -10.20 2.77
N HIS A 102 17.63 -9.72 1.94
CA HIS A 102 18.00 -9.12 0.66
C HIS A 102 17.01 -8.04 0.26
N PRO A 103 17.52 -6.84 -0.02
CA PRO A 103 16.69 -5.70 -0.43
C PRO A 103 16.10 -5.87 -1.82
N ASP A 104 16.37 -7.02 -2.43
CA ASP A 104 15.86 -7.32 -3.77
C ASP A 104 14.94 -8.53 -3.74
N MET A 105 15.31 -9.52 -2.93
CA MET A 105 14.51 -10.74 -2.81
C MET A 105 13.04 -10.41 -2.53
N PHE A 106 12.81 -9.44 -1.66
CA PHE A 106 11.47 -9.03 -1.30
C PHE A 106 10.72 -8.50 -2.53
N LYS A 107 11.41 -7.72 -3.33
CA LYS A 107 10.81 -7.15 -4.54
C LYS A 107 9.79 -8.10 -5.15
N GLU A 108 10.07 -9.40 -5.06
CA GLU A 108 9.18 -10.42 -5.59
C GLU A 108 7.96 -10.60 -4.70
N GLN A 109 8.18 -11.08 -3.49
CA GLN A 109 7.10 -11.30 -2.54
C GLN A 109 6.25 -10.05 -2.38
N GLN A 110 6.90 -8.92 -2.19
CA GLN A 110 6.20 -7.65 -2.03
C GLN A 110 5.22 -7.42 -3.17
N LEU A 111 5.64 -7.72 -4.39
CA LEU A 111 4.80 -7.55 -5.57
C LEU A 111 3.48 -8.29 -5.40
N GLN A 112 3.55 -9.50 -4.85
CA GLN A 112 2.35 -10.31 -4.62
C GLN A 112 1.20 -9.45 -4.11
N ILE A 113 1.47 -8.69 -3.06
CA ILE A 113 0.45 -7.82 -2.48
C ILE A 113 0.17 -6.61 -3.37
N PHE A 114 1.23 -6.07 -3.97
CA PHE A 114 1.10 -4.92 -4.85
C PHE A 114 0.07 -5.19 -5.95
N ASN A 115 0.22 -6.31 -6.64
CA ASN A 115 -0.69 -6.69 -7.71
C ASN A 115 -2.09 -7.00 -7.15
N LEU A 116 -2.13 -7.88 -6.15
CA LEU A 116 -3.40 -8.26 -5.54
C LEU A 116 -4.34 -7.07 -5.46
N MET A 117 -4.01 -6.10 -4.61
CA MET A 117 -4.83 -4.92 -4.44
C MET A 117 -4.97 -4.16 -5.76
N LYS A 118 -3.85 -3.96 -6.44
CA LYS A 118 -3.84 -3.26 -7.71
C LYS A 118 -4.99 -3.71 -8.59
N PHE A 119 -5.44 -4.95 -8.39
CA PHE A 119 -6.53 -5.50 -9.17
C PHE A 119 -7.72 -5.83 -8.27
N ASP A 120 -7.47 -5.92 -6.97
CA ASP A 120 -8.51 -6.24 -6.01
C ASP A 120 -9.14 -4.96 -5.46
N SER A 121 -8.35 -4.18 -4.73
CA SER A 121 -8.83 -2.94 -4.14
C SER A 121 -8.86 -1.83 -5.18
N TYR A 122 -7.68 -1.48 -5.69
CA TYR A 122 -7.57 -0.42 -6.69
C TYR A 122 -8.78 -0.42 -7.62
N THR A 123 -9.20 -1.61 -8.03
CA THR A 123 -10.34 -1.75 -8.92
C THR A 123 -11.61 -1.22 -8.28
N ARG A 124 -12.08 -1.91 -7.24
CA ARG A 124 -13.29 -1.50 -6.53
C ARG A 124 -13.20 -0.04 -6.09
N PHE A 125 -12.08 0.32 -5.47
CA PHE A 125 -11.87 1.69 -5.01
C PHE A 125 -12.44 2.69 -6.00
N LEU A 126 -12.15 2.48 -7.28
CA LEU A 126 -12.64 3.37 -8.33
C LEU A 126 -14.14 3.20 -8.54
N LYS A 127 -14.60 1.96 -8.43
CA LYS A 127 -16.02 1.67 -8.60
C LYS A 127 -16.86 2.31 -7.50
N SER A 128 -16.27 2.42 -6.31
CA SER A 128 -16.95 3.02 -5.17
C SER A 128 -17.05 4.54 -5.32
N PRO A 129 -18.05 5.13 -4.67
CA PRO A 129 -18.26 6.58 -4.72
C PRO A 129 -17.19 7.35 -3.96
N LEU A 130 -16.54 6.68 -3.01
CA LEU A 130 -15.50 7.30 -2.21
C LEU A 130 -14.47 8.01 -3.11
N TYR A 131 -13.89 7.25 -4.03
CA TYR A 131 -12.90 7.80 -4.95
C TYR A 131 -13.45 9.01 -5.69
N GLN A 132 -14.72 8.93 -6.07
CA GLN A 132 -15.38 10.02 -6.79
C GLN A 132 -15.33 11.31 -5.97
N GLU A 133 -15.51 11.18 -4.66
CA GLU A 133 -15.49 12.33 -3.77
C GLU A 133 -14.43 13.34 -4.21
N CYS A 134 -13.20 12.86 -4.36
CA CYS A 134 -12.10 13.72 -4.77
C CYS A 134 -12.23 14.10 -6.25
N ILE A 135 -12.73 13.18 -7.05
CA ILE A 135 -12.90 13.43 -8.48
C ILE A 135 -13.77 14.66 -8.73
N LEU A 136 -14.94 14.69 -8.09
CA LEU A 136 -15.86 15.82 -8.24
C LEU A 136 -15.18 17.12 -7.84
N ALA A 137 -14.43 17.09 -6.74
CA ALA A 137 -13.74 18.27 -6.27
C ALA A 137 -12.57 18.64 -7.17
N GLU A 138 -12.13 17.67 -7.98
CA GLU A 138 -11.03 17.89 -8.90
C GLU A 138 -11.53 18.32 -10.27
N VAL A 139 -12.72 17.84 -10.62
CA VAL A 139 -13.32 18.18 -11.91
C VAL A 139 -14.18 19.45 -11.81
N GLU A 140 -14.79 19.64 -10.64
CA GLU A 140 -15.63 20.81 -10.42
C GLU A 140 -14.83 21.95 -9.81
N GLY A 141 -13.95 21.61 -8.87
CA GLY A 141 -13.13 22.62 -8.21
C GLY A 141 -13.54 22.85 -6.77
N ARG A 142 -13.92 21.77 -6.10
CA ARG A 142 -14.32 21.86 -4.70
C ARG A 142 -13.24 21.30 -3.78
N ALA A 143 -13.45 21.43 -2.48
CA ALA A 143 -12.48 20.94 -1.49
C ALA A 143 -12.68 19.45 -1.22
N LEU A 144 -11.58 18.75 -0.94
CA LEU A 144 -11.64 17.33 -0.68
C LEU A 144 -12.22 17.06 0.72
N PRO A 145 -13.19 16.14 0.78
CA PRO A 145 -13.84 15.77 2.05
C PRO A 145 -12.92 14.99 2.97
N ASP A 146 -13.47 14.48 4.06
CA ASP A 146 -12.69 13.70 5.02
C ASP A 146 -13.08 12.23 4.98
N SER A 147 -12.12 11.38 4.64
CA SER A 147 -12.36 9.95 4.55
C SER A 147 -13.23 9.47 5.72
N GLN A 148 -12.91 9.95 6.91
CA GLN A 148 -13.66 9.58 8.11
C GLN A 148 -15.12 10.04 8.01
N GLN A 149 -15.31 11.32 7.72
CA GLN A 149 -16.65 11.88 7.59
C GLN A 149 -17.50 11.06 6.63
N VAL A 150 -16.91 10.71 5.49
CA VAL A 150 -17.61 9.93 4.48
C VAL A 150 -18.17 8.64 5.07
N PRO A 151 -19.46 8.39 4.83
CA PRO A 151 -20.15 7.19 5.33
C PRO A 151 -19.66 5.92 4.64
N SER A 152 -20.17 4.78 5.09
CA SER A 152 -19.79 3.49 4.52
C SER A 152 -20.70 3.13 3.34
N SER A 153 -20.08 2.73 2.23
CA SER A 153 -20.83 2.36 1.03
C SER A 153 -20.73 0.86 0.77
N PRO A 154 -21.75 0.31 0.10
CA PRO A 154 -21.81 -1.12 -0.23
C PRO A 154 -20.78 -1.50 -1.28
N ALA A 155 -20.16 -2.67 -1.10
CA ALA A 155 -19.17 -3.15 -2.05
C ALA A 155 -19.82 -3.72 -3.30
N GLY A 1 13.32 12.06 -13.15
CA GLY A 1 13.22 11.66 -11.76
C GLY A 1 13.55 12.78 -10.79
N SER A 2 12.61 13.69 -10.61
CA SER A 2 12.81 14.83 -9.71
C SER A 2 11.49 15.26 -9.07
N SER A 3 11.58 16.16 -8.10
CA SER A 3 10.39 16.65 -7.40
C SER A 3 9.58 17.58 -8.30
N GLY A 4 8.34 17.83 -7.91
CA GLY A 4 7.47 18.69 -8.70
C GLY A 4 6.24 19.12 -7.93
N SER A 5 5.83 20.37 -8.12
CA SER A 5 4.66 20.91 -7.43
C SER A 5 3.56 19.86 -7.34
N SER A 6 3.29 19.20 -8.46
CA SER A 6 2.25 18.18 -8.51
C SER A 6 0.95 18.69 -7.91
N GLY A 7 0.59 19.93 -8.26
CA GLY A 7 -0.62 20.52 -7.74
C GLY A 7 -1.54 21.00 -8.84
N ARG A 8 -1.15 22.06 -9.53
CA ARG A 8 -1.94 22.61 -10.62
C ARG A 8 -2.53 21.50 -11.49
N GLU A 9 -1.76 20.43 -11.66
CA GLU A 9 -2.20 19.30 -12.47
C GLU A 9 -3.33 18.55 -11.79
N ARG A 10 -3.89 17.57 -12.48
CA ARG A 10 -4.99 16.76 -11.95
C ARG A 10 -4.46 15.54 -11.20
N ARG A 11 -4.70 15.48 -9.90
CA ARG A 11 -4.25 14.37 -9.09
C ARG A 11 -5.37 13.36 -8.88
N VAL A 12 -6.56 13.86 -8.57
CA VAL A 12 -7.72 13.00 -8.35
C VAL A 12 -7.90 12.01 -9.49
N ALA A 13 -8.06 12.53 -10.70
CA ALA A 13 -8.23 11.69 -11.87
C ALA A 13 -7.01 10.83 -12.12
N SER A 14 -5.83 11.39 -11.89
CA SER A 14 -4.58 10.67 -12.10
C SER A 14 -4.63 9.30 -11.44
N TRP A 15 -5.55 9.14 -10.49
CA TRP A 15 -5.70 7.88 -9.78
C TRP A 15 -6.46 6.87 -10.63
N ALA A 16 -6.67 7.20 -11.89
CA ALA A 16 -7.38 6.32 -12.81
C ALA A 16 -6.48 5.88 -13.97
N VAL A 17 -5.51 6.74 -14.31
CA VAL A 17 -4.58 6.43 -15.40
C VAL A 17 -3.77 5.18 -15.09
N SER A 18 -3.37 5.03 -13.84
CA SER A 18 -2.58 3.88 -13.42
C SER A 18 -2.47 3.82 -11.89
N PHE A 19 -2.00 2.69 -11.39
CA PHE A 19 -1.86 2.49 -9.95
C PHE A 19 -0.67 3.31 -9.42
N GLU A 20 0.44 3.25 -10.14
CA GLU A 20 1.65 3.97 -9.73
C GLU A 20 1.30 5.39 -9.29
N ARG A 21 0.25 5.95 -9.89
CA ARG A 21 -0.17 7.31 -9.55
C ARG A 21 -0.87 7.34 -8.20
N LEU A 22 -1.55 6.25 -7.86
CA LEU A 22 -2.26 6.15 -6.59
C LEU A 22 -1.32 6.38 -5.42
N LEU A 23 -0.27 5.56 -5.35
CA LEU A 23 0.72 5.68 -4.27
C LEU A 23 1.48 6.99 -4.37
N GLN A 24 2.17 7.18 -5.50
CA GLN A 24 2.93 8.41 -5.72
C GLN A 24 2.23 9.61 -5.12
N ASP A 25 0.92 9.70 -5.35
CA ASP A 25 0.13 10.81 -4.83
C ASP A 25 -0.19 10.60 -3.35
N PRO A 26 -0.07 11.69 -2.57
CA PRO A 26 -0.34 11.65 -1.12
C PRO A 26 -1.81 11.48 -0.81
N VAL A 27 -2.67 12.13 -1.60
CA VAL A 27 -4.10 12.04 -1.41
C VAL A 27 -4.62 10.64 -1.74
N GLY A 28 -4.03 10.02 -2.76
CA GLY A 28 -4.45 8.69 -3.16
C GLY A 28 -4.25 7.67 -2.05
N VAL A 29 -3.16 7.82 -1.30
CA VAL A 29 -2.86 6.91 -0.20
C VAL A 29 -3.78 7.15 0.99
N ARG A 30 -3.95 8.42 1.36
CA ARG A 30 -4.80 8.79 2.48
C ARG A 30 -6.20 8.21 2.31
N TYR A 31 -6.67 8.15 1.06
CA TYR A 31 -7.99 7.63 0.76
C TYR A 31 -7.95 6.11 0.59
N PHE A 32 -6.95 5.64 -0.14
CA PHE A 32 -6.79 4.22 -0.38
C PHE A 32 -6.81 3.43 0.93
N SER A 33 -5.97 3.84 1.88
CA SER A 33 -5.90 3.18 3.17
C SER A 33 -7.29 3.01 3.78
N ASP A 34 -8.05 4.10 3.81
CA ASP A 34 -9.40 4.07 4.35
C ASP A 34 -10.19 2.90 3.79
N PHE A 35 -10.37 2.89 2.47
CA PHE A 35 -11.12 1.83 1.80
C PHE A 35 -10.79 0.48 2.41
N LEU A 36 -9.50 0.16 2.48
CA LEU A 36 -9.05 -1.10 3.03
C LEU A 36 -9.57 -1.30 4.45
N ARG A 37 -9.34 -0.30 5.30
CA ARG A 37 -9.78 -0.36 6.69
C ARG A 37 -11.24 -0.81 6.77
N LYS A 38 -12.05 -0.32 5.84
CA LYS A 38 -13.47 -0.67 5.81
C LYS A 38 -13.66 -2.17 5.97
N GLU A 39 -12.89 -2.95 5.22
CA GLU A 39 -12.97 -4.41 5.29
C GLU A 39 -11.82 -4.99 6.10
N PHE A 40 -11.16 -4.13 6.87
CA PHE A 40 -10.03 -4.56 7.70
C PHE A 40 -8.93 -5.18 6.83
N SER A 41 -8.65 -4.54 5.69
CA SER A 41 -7.62 -5.04 4.78
C SER A 41 -6.37 -4.18 4.86
N GLU A 42 -6.25 -3.41 5.94
CA GLU A 42 -5.10 -2.54 6.13
C GLU A 42 -3.81 -3.32 6.04
N GLU A 43 -3.77 -4.48 6.69
CA GLU A 43 -2.58 -5.33 6.69
C GLU A 43 -2.00 -5.43 5.28
N ASN A 44 -2.87 -5.59 4.30
CA ASN A 44 -2.44 -5.70 2.91
C ASN A 44 -1.44 -4.60 2.55
N ILE A 45 -1.86 -3.35 2.75
CA ILE A 45 -1.00 -2.21 2.45
C ILE A 45 0.14 -2.10 3.46
N LEU A 46 -0.11 -2.56 4.68
CA LEU A 46 0.89 -2.52 5.73
C LEU A 46 2.14 -3.27 5.32
N PHE A 47 1.95 -4.46 4.73
CA PHE A 47 3.08 -5.27 4.29
C PHE A 47 3.82 -4.60 3.13
N TRP A 48 3.06 -4.05 2.19
CA TRP A 48 3.64 -3.38 1.04
C TRP A 48 4.62 -2.29 1.48
N GLN A 49 4.10 -1.30 2.18
CA GLN A 49 4.93 -0.19 2.65
C GLN A 49 6.23 -0.71 3.26
N ALA A 50 6.10 -1.52 4.30
CA ALA A 50 7.27 -2.08 4.98
C ALA A 50 8.37 -2.42 3.99
N CYS A 51 8.00 -3.06 2.88
CA CYS A 51 8.95 -3.44 1.85
C CYS A 51 9.76 -2.23 1.40
N GLU A 52 9.06 -1.16 1.01
CA GLU A 52 9.71 0.05 0.55
C GLU A 52 10.98 0.33 1.35
N TYR A 53 10.83 0.44 2.67
CA TYR A 53 11.97 0.70 3.54
C TYR A 53 12.90 -0.50 3.61
N PHE A 54 12.36 -1.67 3.31
CA PHE A 54 13.14 -2.91 3.34
C PHE A 54 14.13 -2.94 2.17
N ASN A 55 13.76 -2.31 1.08
CA ASN A 55 14.61 -2.27 -0.11
C ASN A 55 15.68 -1.19 0.03
N HIS A 56 15.42 -0.22 0.90
CA HIS A 56 16.37 0.88 1.13
C HIS A 56 17.64 0.36 1.79
N VAL A 57 17.47 -0.36 2.89
CA VAL A 57 18.61 -0.91 3.63
C VAL A 57 19.53 -1.69 2.71
N PRO A 58 20.84 -1.41 2.80
CA PRO A 58 21.85 -2.08 1.97
C PRO A 58 22.04 -3.54 2.38
N ALA A 59 22.82 -4.27 1.58
CA ALA A 59 23.09 -5.68 1.85
C ALA A 59 24.15 -5.85 2.93
N HIS A 60 25.11 -4.92 2.95
CA HIS A 60 26.18 -4.97 3.95
C HIS A 60 25.63 -4.85 5.36
N ASP A 61 24.73 -3.89 5.57
CA ASP A 61 24.12 -3.68 6.87
C ASP A 61 23.27 -4.88 7.28
N LYS A 62 23.79 -5.68 8.20
CA LYS A 62 23.08 -6.86 8.68
C LYS A 62 22.20 -6.53 9.87
N LYS A 63 22.70 -5.64 10.74
CA LYS A 63 21.97 -5.23 11.92
C LYS A 63 20.50 -4.96 11.58
N GLU A 64 20.26 -3.97 10.74
CA GLU A 64 18.90 -3.62 10.34
C GLU A 64 18.19 -4.81 9.71
N LEU A 65 18.70 -5.26 8.56
CA LEU A 65 18.10 -6.40 7.86
C LEU A 65 17.61 -7.45 8.86
N SER A 66 18.54 -8.05 9.59
CA SER A 66 18.20 -9.07 10.57
C SER A 66 16.93 -8.69 11.33
N TYR A 67 16.79 -7.41 11.63
CA TYR A 67 15.62 -6.92 12.36
C TYR A 67 14.41 -6.79 11.42
N ARG A 68 14.59 -6.04 10.34
CA ARG A 68 13.52 -5.84 9.37
C ARG A 68 13.04 -7.17 8.81
N ALA A 69 13.93 -7.88 8.12
CA ALA A 69 13.59 -9.17 7.54
C ALA A 69 12.79 -10.03 8.52
N ARG A 70 13.37 -10.29 9.68
CA ARG A 70 12.72 -11.10 10.70
C ARG A 70 11.38 -10.48 11.10
N GLU A 71 11.40 -9.18 11.38
CA GLU A 71 10.20 -8.46 11.79
C GLU A 71 9.04 -8.76 10.83
N ILE A 72 9.17 -8.26 9.61
CA ILE A 72 8.14 -8.47 8.59
C ILE A 72 7.57 -9.88 8.65
N PHE A 73 8.47 -10.86 8.84
CA PHE A 73 8.06 -12.25 8.92
C PHE A 73 7.27 -12.52 10.20
N SER A 74 7.96 -12.45 11.34
CA SER A 74 7.32 -12.69 12.63
C SER A 74 6.11 -11.77 12.82
N LYS A 75 5.93 -10.84 11.88
CA LYS A 75 4.82 -9.90 11.94
C LYS A 75 3.66 -10.37 11.07
N PHE A 76 3.93 -10.51 9.77
CA PHE A 76 2.91 -10.95 8.83
C PHE A 76 3.04 -12.45 8.55
N LEU A 77 4.22 -12.87 8.10
CA LEU A 77 4.48 -14.27 7.78
C LEU A 77 5.17 -14.96 8.96
N CYS A 78 4.40 -15.73 9.72
CA CYS A 78 4.94 -16.44 10.88
C CYS A 78 3.88 -17.38 11.47
N SER A 79 4.29 -18.15 12.46
CA SER A 79 3.40 -19.10 13.13
C SER A 79 2.34 -18.36 13.94
N LYS A 80 1.11 -18.38 13.46
CA LYS A 80 0.00 -17.71 14.14
C LYS A 80 0.22 -16.21 14.19
N ALA A 81 0.82 -15.66 13.13
CA ALA A 81 1.08 -14.23 13.05
C ALA A 81 -0.19 -13.43 13.30
N THR A 82 -0.04 -12.30 14.01
CA THR A 82 -1.17 -11.44 14.32
C THR A 82 -2.11 -11.31 13.13
N THR A 83 -1.57 -10.83 12.01
CA THR A 83 -2.36 -10.65 10.79
C THR A 83 -1.55 -11.01 9.56
N PRO A 84 -1.80 -12.21 9.01
CA PRO A 84 -1.11 -12.71 7.82
C PRO A 84 -1.50 -11.94 6.56
N VAL A 85 -0.71 -12.09 5.51
CA VAL A 85 -0.98 -11.42 4.24
C VAL A 85 -1.21 -12.42 3.12
N ASN A 86 -1.90 -11.98 2.07
CA ASN A 86 -2.18 -12.85 0.93
C ASN A 86 -1.03 -13.81 0.66
N ILE A 87 0.20 -13.27 0.68
CA ILE A 87 1.39 -14.08 0.45
C ILE A 87 1.42 -15.29 1.38
N ASP A 88 2.05 -16.36 0.93
CA ASP A 88 2.16 -17.58 1.72
C ASP A 88 3.62 -17.95 1.94
N SER A 89 4.03 -17.94 3.21
CA SER A 89 5.41 -18.28 3.57
C SER A 89 5.82 -19.63 2.98
N GLN A 90 4.82 -20.38 2.49
CA GLN A 90 5.07 -21.68 1.91
C GLN A 90 6.20 -21.62 0.88
N ALA A 91 6.57 -20.41 0.50
CA ALA A 91 7.64 -20.21 -0.48
C ALA A 91 8.99 -20.52 0.13
N GLN A 92 8.99 -21.12 1.32
CA GLN A 92 10.22 -21.47 2.01
C GLN A 92 11.17 -20.28 2.08
N LEU A 93 10.59 -19.08 2.19
CA LEU A 93 11.39 -17.86 2.27
C LEU A 93 11.94 -17.65 3.68
N ALA A 94 11.19 -18.13 4.67
CA ALA A 94 11.61 -18.00 6.06
C ALA A 94 13.04 -18.47 6.25
N ASP A 95 13.23 -19.78 6.22
CA ASP A 95 14.57 -20.36 6.39
C ASP A 95 15.63 -19.48 5.75
N ASP A 96 15.30 -18.88 4.62
CA ASP A 96 16.23 -18.01 3.91
C ASP A 96 16.50 -16.74 4.71
N VAL A 97 15.42 -16.09 5.15
CA VAL A 97 15.54 -14.86 5.92
C VAL A 97 16.02 -15.14 7.34
N LEU A 98 15.84 -16.38 7.78
CA LEU A 98 16.27 -16.79 9.11
C LEU A 98 17.78 -17.02 9.16
N ARG A 99 18.33 -17.55 8.08
CA ARG A 99 19.75 -17.82 8.00
C ARG A 99 20.49 -16.66 7.33
N ALA A 100 19.93 -16.17 6.23
CA ALA A 100 20.53 -15.05 5.51
C ALA A 100 19.48 -14.30 4.69
N PRO A 101 19.05 -13.14 5.20
CA PRO A 101 18.04 -12.31 4.54
C PRO A 101 18.58 -11.66 3.26
N HIS A 102 17.72 -10.91 2.57
CA HIS A 102 18.11 -10.24 1.34
C HIS A 102 17.19 -9.06 1.06
N PRO A 103 17.79 -7.89 0.79
CA PRO A 103 17.04 -6.66 0.49
C PRO A 103 16.34 -6.73 -0.86
N ASP A 104 16.74 -7.69 -1.68
CA ASP A 104 16.14 -7.86 -3.00
C ASP A 104 15.17 -9.03 -3.01
N MET A 105 15.51 -10.10 -2.29
CA MET A 105 14.66 -11.28 -2.22
C MET A 105 13.21 -10.89 -1.94
N PHE A 106 13.02 -9.92 -1.05
CA PHE A 106 11.68 -9.46 -0.70
C PHE A 106 10.99 -8.83 -1.90
N LYS A 107 11.73 -8.03 -2.65
CA LYS A 107 11.19 -7.36 -3.83
C LYS A 107 10.12 -8.23 -4.50
N GLU A 108 10.40 -9.52 -4.62
CA GLU A 108 9.45 -10.45 -5.23
C GLU A 108 8.13 -10.46 -4.48
N GLN A 109 8.19 -10.68 -3.18
CA GLN A 109 6.98 -10.71 -2.35
C GLN A 109 6.21 -9.40 -2.47
N GLN A 110 6.91 -8.29 -2.28
CA GLN A 110 6.29 -6.97 -2.36
C GLN A 110 5.38 -6.87 -3.58
N LEU A 111 5.77 -7.54 -4.65
CA LEU A 111 5.00 -7.53 -5.89
C LEU A 111 3.71 -8.33 -5.74
N GLN A 112 3.81 -9.47 -5.06
CA GLN A 112 2.65 -10.32 -4.84
C GLN A 112 1.47 -9.52 -4.31
N ILE A 113 1.69 -8.82 -3.20
CA ILE A 113 0.64 -7.99 -2.60
C ILE A 113 0.27 -6.82 -3.50
N PHE A 114 1.27 -6.26 -4.18
CA PHE A 114 1.06 -5.14 -5.07
C PHE A 114 -0.06 -5.43 -6.07
N ASN A 115 0.19 -6.41 -6.94
CA ASN A 115 -0.79 -6.79 -7.95
C ASN A 115 -2.16 -7.05 -7.31
N LEU A 116 -2.18 -7.91 -6.31
CA LEU A 116 -3.41 -8.25 -5.61
C LEU A 116 -4.34 -7.03 -5.52
N MET A 117 -3.91 -6.03 -4.75
CA MET A 117 -4.69 -4.81 -4.59
C MET A 117 -4.77 -4.03 -5.89
N LYS A 118 -3.67 -4.00 -6.63
CA LYS A 118 -3.61 -3.29 -7.90
C LYS A 118 -4.78 -3.70 -8.80
N PHE A 119 -5.31 -4.89 -8.56
CA PHE A 119 -6.44 -5.39 -9.34
C PHE A 119 -7.67 -5.59 -8.47
N ASP A 120 -7.45 -5.66 -7.16
CA ASP A 120 -8.54 -5.85 -6.21
C ASP A 120 -8.99 -4.51 -5.64
N SER A 121 -8.16 -3.91 -4.80
CA SER A 121 -8.47 -2.64 -4.17
C SER A 121 -8.61 -1.54 -5.22
N TYR A 122 -7.49 -1.19 -5.85
CA TYR A 122 -7.47 -0.15 -6.87
C TYR A 122 -8.78 -0.16 -7.66
N THR A 123 -9.13 -1.31 -8.21
CA THR A 123 -10.35 -1.45 -8.99
C THR A 123 -11.57 -1.03 -8.20
N ARG A 124 -11.82 -1.74 -7.10
CA ARG A 124 -12.96 -1.44 -6.24
C ARG A 124 -12.98 0.04 -5.86
N PHE A 125 -11.86 0.53 -5.35
CA PHE A 125 -11.74 1.92 -4.95
C PHE A 125 -12.51 2.84 -5.91
N LEU A 126 -12.38 2.56 -7.20
CA LEU A 126 -13.05 3.35 -8.22
C LEU A 126 -14.54 3.03 -8.26
N LYS A 127 -14.88 1.76 -8.04
CA LYS A 127 -16.26 1.33 -8.05
C LYS A 127 -17.04 1.94 -6.89
N SER A 128 -16.35 2.12 -5.76
CA SER A 128 -16.97 2.69 -4.57
C SER A 128 -17.23 4.18 -4.76
N PRO A 129 -18.24 4.70 -4.05
CA PRO A 129 -18.63 6.11 -4.12
C PRO A 129 -17.59 7.03 -3.48
N LEU A 130 -16.81 6.48 -2.55
CA LEU A 130 -15.77 7.24 -1.87
C LEU A 130 -14.89 7.95 -2.87
N TYR A 131 -14.29 7.19 -3.78
CA TYR A 131 -13.41 7.75 -4.80
C TYR A 131 -14.07 8.94 -5.49
N GLN A 132 -15.33 8.78 -5.87
CA GLN A 132 -16.07 9.84 -6.55
C GLN A 132 -15.98 11.14 -5.76
N GLU A 133 -16.11 11.05 -4.43
CA GLU A 133 -16.05 12.22 -3.58
C GLU A 133 -15.05 13.25 -4.12
N CYS A 134 -13.80 12.82 -4.28
CA CYS A 134 -12.77 13.70 -4.79
C CYS A 134 -13.08 14.14 -6.21
N ILE A 135 -13.51 13.20 -7.04
CA ILE A 135 -13.84 13.50 -8.43
C ILE A 135 -14.74 14.72 -8.53
N LEU A 136 -15.84 14.71 -7.79
CA LEU A 136 -16.78 15.81 -7.80
C LEU A 136 -16.06 17.14 -7.62
N ALA A 137 -15.12 17.18 -6.67
CA ALA A 137 -14.36 18.39 -6.41
C ALA A 137 -13.45 18.73 -7.58
N GLU A 138 -13.07 17.71 -8.35
CA GLU A 138 -12.20 17.92 -9.50
C GLU A 138 -13.00 18.39 -10.71
N VAL A 139 -14.18 17.80 -10.89
CA VAL A 139 -15.05 18.17 -12.01
C VAL A 139 -15.82 19.45 -11.72
N GLU A 140 -16.11 19.68 -10.44
CA GLU A 140 -16.85 20.87 -10.03
C GLU A 140 -15.89 21.96 -9.54
N GLY A 141 -14.94 21.57 -8.70
CA GLY A 141 -13.98 22.51 -8.17
C GLY A 141 -14.22 22.83 -6.70
N ARG A 142 -14.39 21.79 -5.89
CA ARG A 142 -14.64 21.97 -4.47
C ARG A 142 -13.51 21.36 -3.64
N ALA A 143 -13.56 21.57 -2.33
CA ALA A 143 -12.54 21.04 -1.44
C ALA A 143 -12.73 19.56 -1.20
N LEU A 144 -11.61 18.82 -1.12
CA LEU A 144 -11.66 17.39 -0.90
C LEU A 144 -12.03 17.06 0.55
N PRO A 145 -12.97 16.13 0.72
CA PRO A 145 -13.44 15.71 2.04
C PRO A 145 -12.39 14.91 2.80
N ASP A 146 -12.78 14.34 3.94
CA ASP A 146 -11.87 13.56 4.76
C ASP A 146 -12.14 12.07 4.60
N SER A 147 -11.08 11.27 4.64
CA SER A 147 -11.21 9.82 4.49
C SER A 147 -12.13 9.25 5.57
N GLN A 148 -11.96 9.74 6.80
CA GLN A 148 -12.78 9.27 7.92
C GLN A 148 -14.17 9.92 7.88
N GLN A 149 -14.19 11.24 7.77
CA GLN A 149 -15.44 11.98 7.72
C GLN A 149 -16.52 11.18 7.00
N VAL A 150 -16.15 10.61 5.85
CA VAL A 150 -17.09 9.82 5.05
C VAL A 150 -17.74 8.74 5.90
N PRO A 151 -19.08 8.69 5.89
CA PRO A 151 -19.86 7.71 6.64
C PRO A 151 -19.71 6.30 6.07
N SER A 152 -20.13 5.31 6.85
CA SER A 152 -20.05 3.91 6.43
C SER A 152 -20.81 3.69 5.13
N SER A 153 -22.10 4.04 5.13
CA SER A 153 -22.94 3.88 3.95
C SER A 153 -23.58 5.21 3.55
N PRO A 154 -23.81 5.38 2.24
CA PRO A 154 -24.41 6.60 1.70
C PRO A 154 -25.88 6.74 2.08
N ALA A 155 -26.48 7.86 1.70
CA ALA A 155 -27.89 8.12 2.00
C ALA A 155 -28.75 7.95 0.75
N GLY A 1 18.73 16.27 -2.28
CA GLY A 1 18.04 17.24 -1.45
C GLY A 1 17.12 18.14 -2.25
N SER A 2 15.83 18.09 -1.96
CA SER A 2 14.85 18.90 -2.67
C SER A 2 13.63 19.16 -1.79
N SER A 3 13.26 20.43 -1.67
CA SER A 3 12.10 20.81 -0.86
C SER A 3 11.11 21.63 -1.68
N GLY A 4 9.86 21.18 -1.70
CA GLY A 4 8.84 21.88 -2.45
C GLY A 4 7.89 20.94 -3.16
N SER A 5 7.36 19.96 -2.44
CA SER A 5 6.45 18.98 -3.01
C SER A 5 5.15 19.65 -3.45
N SER A 6 4.99 19.80 -4.77
CA SER A 6 3.80 20.42 -5.32
C SER A 6 3.54 19.94 -6.75
N GLY A 7 2.31 20.07 -7.20
CA GLY A 7 1.96 19.65 -8.55
C GLY A 7 0.74 20.37 -9.08
N ARG A 8 0.82 20.81 -10.34
CA ARG A 8 -0.29 21.52 -10.97
C ARG A 8 -1.20 20.56 -11.73
N GLU A 9 -0.62 19.48 -12.23
CA GLU A 9 -1.38 18.49 -12.98
C GLU A 9 -2.42 17.82 -12.09
N ARG A 10 -3.22 16.95 -12.68
CA ARG A 10 -4.27 16.24 -11.94
C ARG A 10 -3.67 15.12 -11.10
N ARG A 11 -3.98 15.13 -9.81
CA ARG A 11 -3.47 14.12 -8.88
C ARG A 11 -4.57 13.14 -8.50
N VAL A 12 -5.76 13.66 -8.21
CA VAL A 12 -6.90 12.84 -7.83
C VAL A 12 -7.16 11.76 -8.87
N ALA A 13 -7.35 12.18 -10.12
CA ALA A 13 -7.62 11.25 -11.21
C ALA A 13 -6.40 10.37 -11.49
N SER A 14 -5.22 10.94 -11.32
CA SER A 14 -3.98 10.21 -11.55
C SER A 14 -3.98 8.87 -10.82
N TRP A 15 -4.76 8.80 -9.75
CA TRP A 15 -4.86 7.57 -8.96
C TRP A 15 -5.70 6.54 -9.68
N ALA A 16 -6.04 6.82 -10.93
CA ALA A 16 -6.85 5.90 -11.73
C ALA A 16 -6.05 5.38 -12.91
N VAL A 17 -5.15 6.20 -13.43
CA VAL A 17 -4.31 5.81 -14.57
C VAL A 17 -3.43 4.63 -14.22
N SER A 18 -2.96 4.58 -12.98
CA SER A 18 -2.10 3.49 -12.52
C SER A 18 -2.01 3.48 -11.00
N PHE A 19 -1.33 2.47 -10.46
CA PHE A 19 -1.16 2.34 -9.03
C PHE A 19 -0.13 3.33 -8.50
N GLU A 20 1.10 3.20 -8.99
CA GLU A 20 2.18 4.09 -8.58
C GLU A 20 1.67 5.51 -8.35
N ARG A 21 0.92 6.02 -9.31
CA ARG A 21 0.37 7.37 -9.22
C ARG A 21 -0.38 7.56 -7.90
N LEU A 22 -1.14 6.54 -7.50
CA LEU A 22 -1.90 6.60 -6.26
C LEU A 22 -0.96 6.61 -5.05
N LEU A 23 0.10 5.84 -5.12
CA LEU A 23 1.07 5.76 -4.04
C LEU A 23 1.90 7.05 -3.95
N GLN A 24 2.61 7.36 -5.04
CA GLN A 24 3.43 8.56 -5.09
C GLN A 24 2.73 9.74 -4.42
N ASP A 25 1.42 9.84 -4.63
CA ASP A 25 0.64 10.92 -4.05
C ASP A 25 0.20 10.57 -2.63
N PRO A 26 0.36 11.53 -1.70
CA PRO A 26 0.00 11.34 -0.29
C PRO A 26 -1.51 11.27 -0.09
N VAL A 27 -2.23 12.17 -0.74
CA VAL A 27 -3.68 12.21 -0.64
C VAL A 27 -4.30 10.88 -1.05
N GLY A 28 -3.90 10.39 -2.21
CA GLY A 28 -4.43 9.13 -2.71
C GLY A 28 -4.28 8.01 -1.70
N VAL A 29 -3.13 7.95 -1.04
CA VAL A 29 -2.87 6.93 -0.05
C VAL A 29 -3.72 7.13 1.20
N ARG A 30 -3.74 8.36 1.69
CA ARG A 30 -4.53 8.69 2.88
C ARG A 30 -5.91 8.05 2.82
N TYR A 31 -6.70 8.46 1.83
CA TYR A 31 -8.05 7.92 1.66
C TYR A 31 -8.03 6.39 1.58
N PHE A 32 -7.08 5.87 0.81
CA PHE A 32 -6.94 4.43 0.65
C PHE A 32 -6.89 3.72 2.00
N SER A 33 -6.08 4.25 2.90
CA SER A 33 -5.93 3.66 4.23
C SER A 33 -7.30 3.38 4.85
N ASP A 34 -8.22 4.33 4.69
CA ASP A 34 -9.57 4.20 5.23
C ASP A 34 -10.40 3.26 4.37
N PHE A 35 -10.29 3.41 3.05
CA PHE A 35 -11.03 2.57 2.11
C PHE A 35 -10.81 1.09 2.41
N LEU A 36 -9.54 0.70 2.46
CA LEU A 36 -9.18 -0.69 2.73
C LEU A 36 -9.90 -1.21 3.97
N ARG A 37 -9.87 -0.41 5.03
CA ARG A 37 -10.52 -0.77 6.29
C ARG A 37 -11.91 -1.34 6.03
N LYS A 38 -12.67 -0.67 5.18
CA LYS A 38 -14.03 -1.10 4.85
C LYS A 38 -14.06 -2.60 4.55
N GLU A 39 -13.22 -3.03 3.61
CA GLU A 39 -13.14 -4.43 3.23
C GLU A 39 -12.12 -5.17 4.07
N PHE A 40 -11.65 -4.53 5.13
CA PHE A 40 -10.66 -5.12 6.02
C PHE A 40 -9.40 -5.53 5.25
N SER A 41 -8.90 -4.62 4.42
CA SER A 41 -7.72 -4.88 3.62
C SER A 41 -6.52 -4.09 4.13
N GLU A 42 -6.62 -3.61 5.36
CA GLU A 42 -5.56 -2.83 5.97
C GLU A 42 -4.23 -3.57 5.90
N GLU A 43 -4.24 -4.83 6.32
CA GLU A 43 -3.04 -5.66 6.31
C GLU A 43 -2.44 -5.72 4.91
N ASN A 44 -3.30 -5.85 3.91
CA ASN A 44 -2.85 -5.92 2.52
C ASN A 44 -1.88 -4.79 2.21
N ILE A 45 -2.28 -3.56 2.49
CA ILE A 45 -1.45 -2.39 2.24
C ILE A 45 -0.31 -2.31 3.25
N LEU A 46 -0.63 -2.59 4.51
CA LEU A 46 0.36 -2.55 5.57
C LEU A 46 1.63 -3.31 5.17
N PHE A 47 1.43 -4.47 4.57
CA PHE A 47 2.55 -5.31 4.14
C PHE A 47 3.42 -4.56 3.12
N TRP A 48 2.80 -4.11 2.03
CA TRP A 48 3.51 -3.39 1.00
C TRP A 48 4.28 -2.20 1.58
N GLN A 49 3.61 -1.44 2.43
CA GLN A 49 4.23 -0.28 3.06
C GLN A 49 5.55 -0.66 3.74
N ALA A 50 5.47 -1.63 4.64
CA ALA A 50 6.65 -2.10 5.36
C ALA A 50 7.79 -2.40 4.40
N CYS A 51 7.46 -3.04 3.29
CA CYS A 51 8.46 -3.41 2.28
C CYS A 51 9.07 -2.16 1.65
N GLU A 52 8.21 -1.27 1.16
CA GLU A 52 8.66 -0.03 0.54
C GLU A 52 9.88 0.54 1.26
N TYR A 53 9.87 0.42 2.58
CA TYR A 53 10.97 0.92 3.40
C TYR A 53 12.10 -0.09 3.48
N PHE A 54 11.74 -1.36 3.65
CA PHE A 54 12.73 -2.44 3.73
C PHE A 54 13.50 -2.58 2.43
N ASN A 55 12.77 -2.85 1.35
CA ASN A 55 13.39 -3.01 0.04
C ASN A 55 14.51 -2.00 -0.17
N HIS A 56 14.23 -0.74 0.16
CA HIS A 56 15.21 0.33 0.02
C HIS A 56 16.48 0.01 0.78
N VAL A 57 16.33 -0.60 1.96
CA VAL A 57 17.47 -0.96 2.79
C VAL A 57 18.46 -1.81 2.01
N PRO A 58 19.71 -1.33 1.91
CA PRO A 58 20.78 -2.04 1.21
C PRO A 58 21.22 -3.31 1.93
N ALA A 59 21.73 -4.27 1.17
CA ALA A 59 22.20 -5.53 1.74
C ALA A 59 23.19 -5.28 2.87
N HIS A 60 24.18 -4.43 2.61
CA HIS A 60 25.20 -4.12 3.60
C HIS A 60 24.56 -3.68 4.91
N ASP A 61 23.29 -3.29 4.85
CA ASP A 61 22.57 -2.84 6.03
C ASP A 61 22.15 -4.02 6.89
N LYS A 62 22.80 -5.16 6.68
CA LYS A 62 22.50 -6.37 7.44
C LYS A 62 22.05 -6.02 8.86
N LYS A 63 22.73 -5.07 9.47
CA LYS A 63 22.40 -4.65 10.83
C LYS A 63 20.91 -4.32 10.94
N GLU A 64 20.42 -3.49 10.02
CA GLU A 64 19.01 -3.11 10.02
C GLU A 64 18.15 -4.21 9.42
N LEU A 65 18.56 -4.71 8.26
CA LEU A 65 17.82 -5.77 7.58
C LEU A 65 17.26 -6.77 8.58
N SER A 66 18.15 -7.46 9.28
CA SER A 66 17.75 -8.46 10.27
C SER A 66 16.53 -7.97 11.07
N TYR A 67 16.61 -6.74 11.56
CA TYR A 67 15.52 -6.15 12.33
C TYR A 67 14.23 -6.14 11.53
N ARG A 68 14.26 -5.41 10.41
CA ARG A 68 13.08 -5.30 9.55
C ARG A 68 12.68 -6.66 9.00
N ALA A 69 13.56 -7.24 8.18
CA ALA A 69 13.30 -8.55 7.58
C ALA A 69 12.50 -9.44 8.53
N ARG A 70 13.11 -9.77 9.68
CA ARG A 70 12.45 -10.61 10.66
C ARG A 70 11.12 -10.00 11.10
N GLU A 71 11.12 -8.69 11.34
CA GLU A 71 9.91 -8.00 11.77
C GLU A 71 8.77 -8.22 10.77
N ILE A 72 8.98 -7.78 9.55
CA ILE A 72 7.98 -7.94 8.50
C ILE A 72 7.38 -9.34 8.50
N PHE A 73 8.26 -10.34 8.45
CA PHE A 73 7.82 -11.73 8.45
C PHE A 73 7.02 -12.05 9.71
N SER A 74 7.69 -12.04 10.85
CA SER A 74 7.05 -12.33 12.13
C SER A 74 5.82 -11.45 12.33
N LYS A 75 5.64 -10.49 11.43
CA LYS A 75 4.51 -9.57 11.50
C LYS A 75 3.35 -10.06 10.64
N PHE A 76 3.60 -10.17 9.34
CA PHE A 76 2.58 -10.63 8.41
C PHE A 76 2.73 -12.12 8.11
N LEU A 77 3.95 -12.50 7.73
CA LEU A 77 4.24 -13.91 7.42
C LEU A 77 4.88 -14.61 8.61
N CYS A 78 4.08 -15.40 9.32
CA CYS A 78 4.56 -16.13 10.49
C CYS A 78 3.52 -17.13 10.97
N SER A 79 3.88 -17.90 11.99
CA SER A 79 2.98 -18.90 12.56
C SER A 79 1.98 -18.26 13.51
N LYS A 80 2.42 -17.21 14.19
CA LYS A 80 1.56 -16.51 15.14
C LYS A 80 1.31 -15.08 14.68
N ALA A 81 1.56 -14.80 13.41
CA ALA A 81 1.36 -13.47 12.85
C ALA A 81 -0.04 -12.95 13.16
N THR A 82 -0.10 -11.74 13.69
CA THR A 82 -1.38 -11.13 14.03
C THR A 82 -2.33 -11.14 12.83
N THR A 83 -1.88 -10.58 11.73
CA THR A 83 -2.70 -10.52 10.51
C THR A 83 -1.88 -10.90 9.29
N PRO A 84 -2.06 -12.15 8.81
CA PRO A 84 -1.35 -12.66 7.65
C PRO A 84 -1.80 -12.01 6.35
N VAL A 85 -1.07 -12.24 5.27
CA VAL A 85 -1.40 -11.67 3.97
C VAL A 85 -1.69 -12.77 2.94
N ASN A 86 -2.37 -12.40 1.87
CA ASN A 86 -2.71 -13.35 0.81
C ASN A 86 -1.53 -14.27 0.51
N ILE A 87 -0.34 -13.69 0.42
CA ILE A 87 0.87 -14.45 0.13
C ILE A 87 1.00 -15.63 1.10
N ASP A 88 1.44 -16.77 0.57
CA ASP A 88 1.62 -17.97 1.38
C ASP A 88 3.06 -18.08 1.87
N SER A 89 3.23 -18.23 3.18
CA SER A 89 4.56 -18.35 3.77
C SER A 89 5.16 -19.72 3.50
N GLN A 90 4.56 -20.44 2.55
CA GLN A 90 5.05 -21.76 2.19
C GLN A 90 6.21 -21.68 1.21
N ALA A 91 6.74 -20.47 1.04
CA ALA A 91 7.85 -20.26 0.13
C ALA A 91 9.19 -20.39 0.85
N GLN A 92 9.17 -21.02 2.02
CA GLN A 92 10.37 -21.22 2.81
C GLN A 92 11.14 -19.91 2.95
N LEU A 93 10.43 -18.80 2.98
CA LEU A 93 11.05 -17.49 3.10
C LEU A 93 11.69 -17.32 4.47
N ALA A 94 10.97 -17.71 5.52
CA ALA A 94 11.47 -17.61 6.89
C ALA A 94 12.89 -18.16 6.99
N ASP A 95 13.01 -19.48 6.92
CA ASP A 95 14.31 -20.13 7.01
C ASP A 95 15.40 -19.28 6.35
N ASP A 96 15.00 -18.49 5.37
CA ASP A 96 15.93 -17.61 4.67
C ASP A 96 16.15 -16.32 5.43
N VAL A 97 15.07 -15.58 5.67
CA VAL A 97 15.16 -14.32 6.39
C VAL A 97 15.71 -14.52 7.79
N LEU A 98 15.36 -15.64 8.40
CA LEU A 98 15.82 -15.96 9.75
C LEU A 98 17.35 -16.11 9.77
N ARG A 99 17.86 -16.99 8.92
CA ARG A 99 19.29 -17.22 8.84
C ARG A 99 20.02 -16.03 8.21
N ALA A 100 19.51 -15.59 7.07
CA ALA A 100 20.09 -14.45 6.36
C ALA A 100 19.08 -13.80 5.43
N PRO A 101 18.66 -12.58 5.78
CA PRO A 101 17.68 -11.82 4.99
C PRO A 101 18.26 -11.35 3.66
N HIS A 102 17.40 -10.84 2.79
CA HIS A 102 17.82 -10.35 1.47
C HIS A 102 16.87 -9.27 0.97
N PRO A 103 17.44 -8.12 0.59
CA PRO A 103 16.67 -6.99 0.08
C PRO A 103 16.07 -7.26 -1.30
N ASP A 104 16.54 -8.34 -1.94
CA ASP A 104 16.06 -8.71 -3.26
C ASP A 104 15.00 -9.80 -3.16
N MET A 105 15.25 -10.78 -2.30
CA MET A 105 14.33 -11.89 -2.11
C MET A 105 12.91 -11.37 -1.88
N PHE A 106 12.80 -10.16 -1.37
CA PHE A 106 11.49 -9.55 -1.11
C PHE A 106 10.89 -8.98 -2.38
N LYS A 107 11.73 -8.37 -3.21
CA LYS A 107 11.29 -7.78 -4.47
C LYS A 107 10.12 -8.57 -5.05
N GLU A 108 10.30 -9.87 -5.18
CA GLU A 108 9.27 -10.74 -5.73
C GLU A 108 8.04 -10.75 -4.83
N GLN A 109 8.18 -11.33 -3.65
CA GLN A 109 7.08 -11.40 -2.70
C GLN A 109 6.30 -10.09 -2.66
N GLN A 110 7.00 -9.00 -2.39
CA GLN A 110 6.38 -7.68 -2.32
C GLN A 110 5.43 -7.47 -3.51
N LEU A 111 5.94 -7.71 -4.71
CA LEU A 111 5.15 -7.54 -5.93
C LEU A 111 3.77 -8.20 -5.77
N GLN A 112 3.76 -9.37 -5.14
CA GLN A 112 2.51 -10.09 -4.93
C GLN A 112 1.40 -9.15 -4.48
N ILE A 113 1.64 -8.47 -3.36
CA ILE A 113 0.65 -7.53 -2.82
C ILE A 113 0.34 -6.43 -3.82
N PHE A 114 1.38 -5.82 -4.38
CA PHE A 114 1.22 -4.75 -5.36
C PHE A 114 0.16 -5.12 -6.39
N ASN A 115 0.42 -6.19 -7.14
CA ASN A 115 -0.51 -6.65 -8.17
C ASN A 115 -1.84 -7.10 -7.55
N LEU A 116 -1.74 -7.91 -6.51
CA LEU A 116 -2.93 -8.41 -5.82
C LEU A 116 -4.00 -7.32 -5.72
N MET A 117 -3.71 -6.30 -4.92
CA MET A 117 -4.64 -5.20 -4.73
C MET A 117 -4.88 -4.45 -6.05
N LYS A 118 -3.80 -4.19 -6.77
CA LYS A 118 -3.88 -3.49 -8.05
C LYS A 118 -5.06 -3.99 -8.86
N PHE A 119 -5.37 -5.27 -8.74
CA PHE A 119 -6.49 -5.87 -9.46
C PHE A 119 -7.57 -6.34 -8.50
N ASP A 120 -7.24 -6.38 -7.22
CA ASP A 120 -8.19 -6.81 -6.20
C ASP A 120 -8.88 -5.62 -5.56
N SER A 121 -8.10 -4.79 -4.86
CA SER A 121 -8.64 -3.61 -4.20
C SER A 121 -8.66 -2.41 -5.14
N TYR A 122 -7.47 -1.99 -5.56
CA TYR A 122 -7.35 -0.85 -6.46
C TYR A 122 -8.52 -0.79 -7.44
N THR A 123 -9.02 -1.96 -7.81
CA THR A 123 -10.13 -2.05 -8.75
C THR A 123 -11.44 -1.62 -8.07
N ARG A 124 -11.92 -2.44 -7.15
CA ARG A 124 -13.15 -2.14 -6.43
C ARG A 124 -13.11 -0.74 -5.83
N PHE A 125 -11.93 -0.31 -5.41
CA PHE A 125 -11.75 1.00 -4.83
C PHE A 125 -12.36 2.08 -5.72
N LEU A 126 -11.80 2.23 -6.92
CA LEU A 126 -12.28 3.22 -7.87
C LEU A 126 -13.80 3.13 -8.04
N LYS A 127 -14.32 1.92 -7.94
CA LYS A 127 -15.76 1.70 -8.08
C LYS A 127 -16.52 2.30 -6.89
N SER A 128 -15.89 2.28 -5.72
CA SER A 128 -16.51 2.83 -4.51
C SER A 128 -16.72 4.33 -4.64
N PRO A 129 -17.71 4.85 -3.91
CA PRO A 129 -18.03 6.29 -3.92
C PRO A 129 -16.96 7.12 -3.25
N LEU A 130 -16.43 6.63 -2.14
CA LEU A 130 -15.39 7.34 -1.39
C LEU A 130 -14.41 8.02 -2.35
N TYR A 131 -13.85 7.23 -3.27
CA TYR A 131 -12.90 7.76 -4.24
C TYR A 131 -13.50 8.92 -5.02
N GLN A 132 -14.70 8.73 -5.54
CA GLN A 132 -15.39 9.77 -6.31
C GLN A 132 -15.37 11.09 -5.55
N GLU A 133 -15.59 11.03 -4.25
CA GLU A 133 -15.62 12.21 -3.41
C GLU A 133 -14.58 13.23 -3.89
N CYS A 134 -13.33 12.80 -3.95
CA CYS A 134 -12.24 13.68 -4.38
C CYS A 134 -12.41 14.05 -5.85
N ILE A 135 -12.79 13.08 -6.66
CA ILE A 135 -12.99 13.30 -8.10
C ILE A 135 -13.90 14.50 -8.34
N LEU A 136 -15.17 14.36 -7.94
CA LEU A 136 -16.15 15.43 -8.11
C LEU A 136 -15.53 16.78 -7.78
N ALA A 137 -14.72 16.83 -6.73
CA ALA A 137 -14.06 18.07 -6.32
C ALA A 137 -13.02 18.50 -7.34
N GLU A 138 -12.31 17.53 -7.90
CA GLU A 138 -11.27 17.81 -8.89
C GLU A 138 -11.90 18.23 -10.22
N VAL A 139 -12.83 17.43 -10.72
CA VAL A 139 -13.50 17.72 -11.97
C VAL A 139 -14.32 19.01 -11.88
N GLU A 140 -14.86 19.28 -10.70
CA GLU A 140 -15.65 20.48 -10.48
C GLU A 140 -14.76 21.68 -10.18
N GLY A 141 -13.94 21.55 -9.13
CA GLY A 141 -13.05 22.63 -8.75
C GLY A 141 -13.25 23.08 -7.32
N ARG A 142 -13.44 22.11 -6.42
CA ARG A 142 -13.65 22.41 -5.01
C ARG A 142 -12.63 21.71 -4.14
N ALA A 143 -12.59 22.07 -2.86
CA ALA A 143 -11.66 21.46 -1.93
C ALA A 143 -12.04 20.02 -1.62
N LEU A 144 -11.03 19.19 -1.32
CA LEU A 144 -11.26 17.79 -1.00
C LEU A 144 -11.78 17.63 0.42
N PRO A 145 -12.71 16.67 0.61
CA PRO A 145 -13.30 16.40 1.92
C PRO A 145 -12.31 15.76 2.88
N ASP A 146 -12.81 15.33 4.04
CA ASP A 146 -11.96 14.70 5.05
C ASP A 146 -12.31 13.23 5.20
N SER A 147 -11.36 12.37 4.87
CA SER A 147 -11.56 10.92 4.97
C SER A 147 -12.39 10.57 6.20
N GLN A 148 -11.97 11.07 7.36
CA GLN A 148 -12.67 10.81 8.60
C GLN A 148 -14.14 11.20 8.49
N GLN A 149 -14.41 12.35 7.90
CA GLN A 149 -15.77 12.83 7.72
C GLN A 149 -16.60 11.83 6.92
N VAL A 150 -16.11 11.48 5.74
CA VAL A 150 -16.80 10.52 4.88
C VAL A 150 -17.14 9.24 5.63
N PRO A 151 -18.41 8.83 5.55
CA PRO A 151 -18.90 7.62 6.22
C PRO A 151 -18.34 6.34 5.59
N SER A 152 -18.47 5.23 6.30
CA SER A 152 -17.98 3.95 5.81
C SER A 152 -19.10 3.14 5.17
N SER A 153 -20.26 3.14 5.83
CA SER A 153 -21.42 2.40 5.32
C SER A 153 -22.08 3.16 4.18
N PRO A 154 -22.35 2.45 3.08
CA PRO A 154 -22.99 3.04 1.89
C PRO A 154 -24.45 3.38 2.15
N ALA A 155 -25.10 4.00 1.15
CA ALA A 155 -26.49 4.37 1.27
C ALA A 155 -27.36 3.17 1.61
#